data_9VJ1
#
_entry.id   9VJ1
#
_cell.length_a   1.00
_cell.length_b   1.00
_cell.length_c   1.00
_cell.angle_alpha   90.00
_cell.angle_beta   90.00
_cell.angle_gamma   90.00
#
_symmetry.space_group_name_H-M   'P 1'
#
loop_
_entity.id
_entity.type
_entity.pdbx_description
1 polymer 'Na+,K+-ATPase beta subunit'
2 polymer 'Na, K-ATPase alpha subunit'
3 polymer 'FXYD domain-containing ion transport regulator'
4 branched alpha-D-mannopyranose-(1-3)-[alpha-D-mannopyranose-(1-6)]beta-D-mannopyranose-(1-4)-2-acetamido-2-deoxy-beta-D-glucopyranose-(1-4)-[alpha-L-fucopyranose-(1-6)]2-acetamido-2-deoxy-beta-D-glucopyranose
5 branched 2-acetamido-2-deoxy-beta-D-glucopyranose-(1-2)-alpha-D-mannopyranose-(1-3)-[alpha-D-mannopyranose-(1-6)]beta-D-mannopyranose-(1-4)-2-acetamido-2-deoxy-beta-D-glucopyranose-(1-4)-2-acetamido-2-deoxy-beta-D-glucopyranose
6 branched alpha-D-mannopyranose-(1-3)-beta-D-mannopyranose-(1-4)-2-acetamido-2-deoxy-beta-D-glucopyranose-(1-4)-[alpha-L-fucopyranose-(1-6)]2-acetamido-2-deoxy-beta-D-glucopyranose
7 branched 2-acetamido-2-deoxy-beta-D-glucopyranose-(1-4)-2-acetamido-2-deoxy-beta-D-glucopyranose
8 non-polymer CHOLESTEROL
9 non-polymer 1,2-DIOLEOYL-SN-GLYCERO-3-PHOSPHOCHOLINE
10 non-polymer 'MAGNESIUM ION'
11 non-polymer "ADENOSINE-5'-DIPHOSPHATE"
12 non-polymer 'SODIUM ION'
13 non-polymer palytoxin
#
loop_
_entity_poly.entity_id
_entity_poly.type
_entity_poly.pdbx_seq_one_letter_code
_entity_poly.pdbx_strand_id
1 'polypeptide(L)'
;MARGKSKETDGGWKKFLWDSEKKEFLGRTGSSWFKIFLFYLIFYGCLAGIFIGTIQVLLLTLSDFEPKYQDRVAPPGLSH
APYAIKTEISFSISNPKSYESFVKSMHKLMDLYNESSQAGNSPFEDCSDTPADYIKRGDLDDSQGQKKACRFSRMWLKNC
SGLDDTTYGYAEGKPCVVAKLNRIIGFYPKPLKNTTDLPEELQANYNQYVLPLRCAAKREEDREKIGSIEYFGLGGYAGF
PLQYYPYYGKRLQKKYLQPLLAIQFTNLTQNMELRIECKVYGENIDYSEKDRFRGRFEVKIEVKS
;
D,B
2 'polypeptide(L)'
;MGKGTASDKYEPAATSENATKSKKKGKKDKIDKKRDLDELKKEVSMDDHKLSLDELHNKYGTDLTRGLTNARAKEILARD
GPNSLTPPPTTPEWIKFCRQLFGGFSILLWIGAILCFLAYGIQAATEDEPANDNLYLGVVLSTVVIVTGCFSYYQEAKSS
RIMDSFKNMVPQQALVIRDGEKSTINAEFVVAGDLVEVKGGDRIPADLRIISAHGCKVDNSSLTGESEPQTRSPEFSSEN
PLETRNIAFFSTNCVEGTARGVVVYTGDRTVMGRIATLASGLEVGRTPIAIEIEHFIHIITGVAVFLGVSFFILSLILGY
SWLEAVIFLIGIIVANVPEGLLATVTVCLTLTAKRMARKNCLVKNLEAVETLGSTSTICSDKTGTLTQNRMTVAHMWFDN
QIHEADTTENQSGAAFDKTSATWSALSRIAALCNRAVFQAGQDNVPILKRSVAGDASESALLKCIELCCGSVQGMRDRNP
KIVEIPFNSTNKYQLSIHENEKSSESRYLLVMKGAPERILDRCSTILLNGAEEPLKEDMKEAFQNAYLELGGLGERVLGF
CHFALPEDKYNEGYPFDADEPNFPTTDLCFVGLMAMIDPPRAAVPDAVGKCRSAGIKVIMVTGDHPITAKAIAKGVGIIS
EGNETIEDIAARLNIPIGQVNPRDAKACVVHGSDLKDLSTEVLDDILHYHTEIVFARTSPQQKLIIVEGCQRQGAIVAVT
GDGVNDSPALKKADIGVAMGISGSDVSKQAADMILLDDNFASIVTGVEEGRLIFDNLKKSIAYTLTSNIPEITPFLVFII
GNVPLPLGTVTILCIDLGTDMVPAISLAYEQAESDIMKRQPRNPKTDKLVNERLISMAYGQIGMIQALGGFFSYFVILAE
NGFLPMDLIGKRVRWDDRWISDVEDSFGQQWTYEQRKIVEFTCHTSFFISIVVVQWADLIICKTRRNSIFQQGMKNKILI
FGLFEETALAAFLSYCPGTDVALRMYPLKPSWWFCAFPYSLIIFLYDEMRRFIIRRSPGGWVEQETYY
;
C,A
3 'polypeptide(L)'
;MLGAATGLMVLVAVTQGVWAMDPEGPDNDERFTYDYYRLRVVGLIVAAVLCVIGIIILLAGKCRCKFNQNKRTRSNSGTA
TAQHLLQPGEATEC
;
E,G
#
# COMPACT_ATOMS: atom_id res chain seq x y z
N GLY A 12 27.19 -43.48 -16.19
CA GLY A 12 27.13 -42.13 -16.70
C GLY A 12 26.37 -42.02 -18.01
N TRP A 13 27.06 -42.33 -19.10
CA TRP A 13 26.48 -42.26 -20.44
C TRP A 13 25.09 -42.90 -20.48
N LYS A 14 25.01 -44.18 -20.10
CA LYS A 14 23.74 -44.88 -20.12
C LYS A 14 22.87 -44.57 -18.90
N LYS A 15 23.43 -44.72 -17.69
CA LYS A 15 22.65 -44.46 -16.47
C LYS A 15 22.01 -43.08 -16.47
N PHE A 16 22.70 -42.06 -16.98
CA PHE A 16 22.08 -40.74 -16.98
C PHE A 16 21.00 -40.62 -18.04
N LEU A 17 21.10 -41.38 -19.13
CA LEU A 17 20.08 -41.29 -20.17
C LEU A 17 18.84 -42.09 -19.79
N TRP A 18 19.02 -43.37 -19.46
CA TRP A 18 17.88 -44.19 -19.08
C TRP A 18 18.33 -45.36 -18.24
N ASP A 19 17.84 -45.41 -17.01
CA ASP A 19 18.10 -46.51 -16.10
C ASP A 19 16.77 -47.22 -15.94
N SER A 20 16.79 -48.51 -15.68
CA SER A 20 15.53 -49.23 -15.58
C SER A 20 15.16 -49.67 -14.17
N GLU A 21 15.89 -49.21 -13.15
CA GLU A 21 15.52 -49.60 -11.79
C GLU A 21 14.65 -48.54 -11.15
N LYS A 22 15.06 -47.28 -11.21
CA LYS A 22 14.27 -46.20 -10.66
C LYS A 22 13.32 -45.61 -11.70
N LYS A 23 13.36 -46.13 -12.94
CA LYS A 23 12.51 -45.67 -14.03
C LYS A 23 12.64 -44.16 -14.22
N GLU A 24 13.85 -43.76 -14.64
CA GLU A 24 14.20 -42.36 -14.82
C GLU A 24 14.68 -42.04 -16.23
N PHE A 25 14.29 -40.85 -16.72
CA PHE A 25 14.69 -40.33 -18.03
C PHE A 25 15.30 -38.95 -17.80
N LEU A 26 16.57 -38.81 -18.17
CA LEU A 26 17.34 -37.56 -18.04
C LEU A 26 17.60 -37.20 -16.59
N GLY A 27 17.05 -37.97 -15.65
CA GLY A 27 17.26 -37.68 -14.24
C GLY A 27 16.09 -37.87 -13.29
N ARG A 28 14.85 -37.84 -13.78
CA ARG A 28 13.68 -38.01 -12.92
C ARG A 28 12.80 -39.12 -13.46
N THR A 29 11.78 -39.47 -12.69
CA THR A 29 10.83 -40.51 -13.06
C THR A 29 9.62 -39.86 -13.73
N GLY A 30 8.60 -40.67 -14.01
CA GLY A 30 7.40 -40.18 -14.67
C GLY A 30 6.54 -39.21 -13.89
N SER A 31 6.09 -39.61 -12.70
CA SER A 31 5.23 -38.74 -11.91
C SER A 31 5.91 -37.40 -11.61
N SER A 32 7.24 -37.36 -11.57
CA SER A 32 7.90 -36.09 -11.31
C SER A 32 7.80 -35.17 -12.53
N TRP A 33 8.12 -35.70 -13.72
CA TRP A 33 8.02 -34.88 -14.92
C TRP A 33 6.58 -34.39 -15.09
N PHE A 34 5.60 -35.21 -14.74
CA PHE A 34 4.22 -34.79 -14.87
C PHE A 34 3.88 -33.68 -13.88
N LYS A 35 4.37 -33.78 -12.64
CA LYS A 35 4.07 -32.71 -11.68
C LYS A 35 4.75 -31.40 -12.05
N ILE A 36 6.02 -31.44 -12.45
CA ILE A 36 6.71 -30.21 -12.80
C ILE A 36 6.11 -29.57 -14.06
N PHE A 37 5.81 -30.38 -15.08
CA PHE A 37 5.22 -29.84 -16.29
C PHE A 37 3.86 -29.23 -16.01
N LEU A 38 3.04 -29.91 -15.21
CA LEU A 38 1.73 -29.38 -14.88
C LEU A 38 1.84 -28.06 -14.13
N PHE A 39 2.78 -27.98 -13.18
CA PHE A 39 2.95 -26.76 -12.41
C PHE A 39 3.34 -25.61 -13.32
N TYR A 40 4.33 -25.82 -14.19
CA TYR A 40 4.74 -24.73 -15.07
C TYR A 40 3.64 -24.31 -16.02
N LEU A 41 2.81 -25.25 -16.48
CA LEU A 41 1.72 -24.86 -17.38
C LEU A 41 0.73 -23.97 -16.65
N ILE A 42 0.31 -24.37 -15.45
CA ILE A 42 -0.64 -23.56 -14.70
C ILE A 42 -0.05 -22.20 -14.36
N PHE A 43 1.22 -22.18 -13.95
CA PHE A 43 1.88 -20.93 -13.59
C PHE A 43 1.95 -19.96 -14.78
N TYR A 44 2.45 -20.43 -15.92
CA TYR A 44 2.53 -19.55 -17.08
C TYR A 44 1.14 -19.16 -17.57
N GLY A 45 0.10 -19.87 -17.15
CA GLY A 45 -1.23 -19.48 -17.55
C GLY A 45 -1.70 -18.33 -16.69
N CYS A 46 -1.44 -18.41 -15.38
CA CYS A 46 -1.83 -17.29 -14.52
C CYS A 46 -1.07 -16.03 -14.93
N LEU A 47 0.21 -16.18 -15.26
CA LEU A 47 1.02 -15.05 -15.70
C LEU A 47 0.44 -14.42 -16.97
N ALA A 48 0.11 -15.26 -17.97
CA ALA A 48 -0.43 -14.72 -19.20
C ALA A 48 -1.77 -14.00 -18.97
N GLY A 49 -2.64 -14.60 -18.16
CA GLY A 49 -3.93 -13.98 -17.91
C GLY A 49 -3.81 -12.63 -17.21
N ILE A 50 -2.89 -12.53 -16.24
CA ILE A 50 -2.73 -11.26 -15.55
C ILE A 50 -2.19 -10.19 -16.49
N PHE A 51 -1.21 -10.55 -17.33
CA PHE A 51 -0.68 -9.56 -18.27
C PHE A 51 -1.77 -9.09 -19.23
N ILE A 52 -2.61 -10.01 -19.70
CA ILE A 52 -3.68 -9.63 -20.61
C ILE A 52 -4.69 -8.72 -19.93
N GLY A 53 -4.99 -8.95 -18.65
CA GLY A 53 -5.93 -8.09 -17.96
C GLY A 53 -5.37 -6.69 -17.73
N THR A 54 -4.11 -6.61 -17.29
CA THR A 54 -3.51 -5.31 -17.07
C THR A 54 -3.33 -4.55 -18.38
N ILE A 55 -3.30 -5.25 -19.51
CA ILE A 55 -3.19 -4.55 -20.78
C ILE A 55 -4.57 -4.13 -21.27
N GLN A 56 -5.61 -4.88 -20.89
CA GLN A 56 -6.95 -4.49 -21.30
C GLN A 56 -7.40 -3.23 -20.59
N VAL A 57 -7.06 -3.10 -19.31
CA VAL A 57 -7.43 -1.87 -18.61
C VAL A 57 -6.80 -0.67 -19.28
N LEU A 58 -5.63 -0.86 -19.89
CA LEU A 58 -4.98 0.23 -20.59
C LEU A 58 -5.66 0.50 -21.91
N LEU A 59 -6.10 -0.55 -22.60
CA LEU A 59 -6.82 -0.29 -23.84
C LEU A 59 -8.12 0.44 -23.56
N LEU A 60 -8.62 0.31 -22.34
CA LEU A 60 -9.84 1.01 -21.96
C LEU A 60 -9.54 2.48 -21.72
N THR A 61 -8.65 2.75 -20.76
CA THR A 61 -8.26 4.10 -20.34
C THR A 61 -8.29 5.15 -21.45
N LEU A 62 -7.72 4.82 -22.61
CA LEU A 62 -7.60 5.72 -23.75
C LEU A 62 -8.90 5.87 -24.54
N SER A 63 -8.96 6.97 -25.30
CA SER A 63 -10.07 7.34 -26.17
C SER A 63 -9.77 6.94 -27.62
N ASP A 64 -10.82 6.63 -28.37
CA ASP A 64 -10.65 6.22 -29.75
C ASP A 64 -10.52 7.37 -30.74
N PHE A 65 -10.89 8.59 -30.37
CA PHE A 65 -10.78 9.71 -31.30
C PHE A 65 -9.64 10.66 -30.96
N GLU A 66 -8.84 10.38 -29.93
CA GLU A 66 -7.78 11.36 -29.66
C GLU A 66 -6.63 10.84 -28.82
N PRO A 67 -5.38 10.96 -29.29
CA PRO A 67 -4.24 10.51 -28.48
C PRO A 67 -4.14 11.36 -27.23
N LYS A 68 -3.98 10.68 -26.09
CA LYS A 68 -3.93 11.37 -24.80
C LYS A 68 -2.81 12.41 -24.71
N TYR A 69 -1.70 12.23 -25.43
CA TYR A 69 -0.61 13.19 -25.36
C TYR A 69 -0.22 13.63 -26.77
N GLN A 70 -0.23 14.94 -27.01
CA GLN A 70 0.12 15.52 -28.30
C GLN A 70 1.25 16.53 -28.19
N ASP A 71 2.19 16.31 -27.27
CA ASP A 71 3.30 17.24 -27.14
C ASP A 71 4.51 16.82 -27.94
N ARG A 72 4.61 15.53 -28.30
CA ARG A 72 5.74 15.08 -29.08
C ARG A 72 5.58 15.40 -30.56
N VAL A 73 4.38 15.25 -31.13
CA VAL A 73 4.25 15.60 -32.54
C VAL A 73 3.74 17.02 -32.65
N ALA A 74 4.61 17.99 -32.37
CA ALA A 74 4.31 19.40 -32.45
C ALA A 74 5.59 20.19 -32.23
N PRO A 75 5.89 21.17 -33.08
CA PRO A 75 5.01 21.45 -34.22
C PRO A 75 5.14 20.38 -35.34
N PRO A 76 4.50 20.57 -36.48
CA PRO A 76 4.59 19.55 -37.54
C PRO A 76 5.83 19.63 -38.39
N GLY A 77 6.20 18.48 -38.95
CA GLY A 77 7.34 18.35 -39.82
C GLY A 77 7.04 18.77 -41.24
N LEU A 78 7.93 18.39 -42.15
CA LEU A 78 7.79 18.72 -43.57
C LEU A 78 8.44 17.60 -44.37
N SER A 79 7.63 16.68 -44.90
CA SER A 79 8.18 15.57 -45.65
C SER A 79 8.05 15.80 -47.16
N HIS A 80 8.72 14.94 -47.91
CA HIS A 80 8.71 15.10 -49.35
C HIS A 80 8.82 13.78 -50.09
N ALA A 81 8.35 13.86 -51.33
CA ALA A 81 8.37 12.84 -52.35
C ALA A 81 9.05 13.58 -53.50
N PRO A 82 10.04 12.99 -54.15
CA PRO A 82 10.41 11.60 -53.84
C PRO A 82 11.13 11.26 -52.53
N TYR A 83 11.25 9.94 -52.45
CA TYR A 83 11.89 9.20 -51.37
C TYR A 83 13.37 9.15 -51.70
N ALA A 84 14.13 10.09 -51.15
CA ALA A 84 15.56 10.16 -51.38
C ALA A 84 16.28 9.68 -50.13
N ILE A 85 17.29 8.84 -50.33
CA ILE A 85 18.08 8.27 -49.25
C ILE A 85 19.30 9.17 -49.05
N LYS A 86 19.44 9.72 -47.84
CA LYS A 86 20.50 10.65 -47.42
C LYS A 86 20.16 12.05 -47.89
N THR A 87 18.93 12.27 -48.36
CA THR A 87 18.44 13.55 -48.87
C THR A 87 19.25 13.99 -50.08
N GLU A 88 19.33 13.09 -51.06
CA GLU A 88 20.06 13.35 -52.29
C GLU A 88 19.26 12.81 -53.47
N ILE A 89 19.12 13.63 -54.51
CA ILE A 89 18.40 13.27 -55.72
C ILE A 89 19.40 13.40 -56.86
N SER A 90 20.04 12.30 -57.23
CA SER A 90 21.05 12.27 -58.29
C SER A 90 20.61 11.30 -59.38
N PHE A 91 20.56 11.80 -60.62
CA PHE A 91 20.13 10.97 -61.73
C PHE A 91 20.67 11.52 -63.04
N SER A 92 20.92 10.61 -63.99
CA SER A 92 21.43 10.97 -65.31
C SER A 92 20.27 11.20 -66.27
N ILE A 93 20.40 12.24 -67.12
CA ILE A 93 19.35 12.56 -68.08
C ILE A 93 19.34 11.60 -69.27
N SER A 94 20.35 10.75 -69.41
CA SER A 94 20.39 9.81 -70.52
C SER A 94 19.87 8.43 -70.12
N ASN A 95 20.49 7.81 -69.12
CA ASN A 95 20.09 6.49 -68.66
C ASN A 95 18.70 6.52 -68.03
N PRO A 96 17.70 5.88 -68.62
CA PRO A 96 16.35 5.90 -68.03
C PRO A 96 16.24 5.14 -66.72
N LYS A 97 17.08 4.11 -66.51
CA LYS A 97 17.03 3.31 -65.29
C LYS A 97 17.73 3.98 -64.12
N SER A 98 17.85 5.30 -64.15
CA SER A 98 18.49 6.07 -63.08
C SER A 98 17.49 6.78 -62.19
N TYR A 99 16.39 7.29 -62.74
CA TYR A 99 15.38 7.98 -61.97
C TYR A 99 14.10 7.16 -61.79
N GLU A 100 14.19 5.83 -61.92
CA GLU A 100 13.00 4.99 -61.77
C GLU A 100 12.57 4.90 -60.31
N SER A 101 13.52 4.76 -59.39
CA SER A 101 13.19 4.68 -57.98
C SER A 101 12.49 5.94 -57.49
N PHE A 102 12.76 7.07 -58.14
CA PHE A 102 12.13 8.33 -57.75
C PHE A 102 10.70 8.42 -58.28
N VAL A 103 10.54 8.20 -59.59
CA VAL A 103 9.22 8.27 -60.21
C VAL A 103 8.26 7.29 -59.56
N LYS A 104 8.73 6.07 -59.24
CA LYS A 104 7.83 5.12 -58.60
C LYS A 104 7.26 5.69 -57.31
N SER A 105 8.06 6.46 -56.57
CA SER A 105 7.57 7.06 -55.33
C SER A 105 6.62 8.21 -55.62
N MET A 106 7.08 9.19 -56.40
CA MET A 106 6.25 10.33 -56.77
C MET A 106 4.86 9.84 -57.18
N HIS A 107 4.85 8.84 -58.07
CA HIS A 107 3.61 8.24 -58.53
C HIS A 107 2.83 7.63 -57.37
N LYS A 108 3.50 6.92 -56.46
CA LYS A 108 2.80 6.33 -55.33
C LYS A 108 2.06 7.41 -54.53
N LEU A 109 2.69 8.58 -54.37
CA LEU A 109 2.07 9.65 -53.61
C LEU A 109 0.89 10.27 -54.36
N MET A 110 1.10 10.64 -55.63
CA MET A 110 0.03 11.27 -56.40
C MET A 110 -1.12 10.32 -56.73
N ASP A 111 -0.87 9.00 -56.71
CA ASP A 111 -1.89 8.01 -57.03
C ASP A 111 -3.04 8.01 -56.05
N LEU A 112 -2.93 8.74 -54.94
CA LEU A 112 -4.00 8.82 -53.96
C LEU A 112 -4.94 9.99 -54.17
N TYR A 113 -4.59 10.91 -55.08
CA TYR A 113 -5.41 12.07 -55.38
C TYR A 113 -6.19 11.90 -56.68
N ASN A 114 -6.29 10.68 -57.19
CA ASN A 114 -7.03 10.42 -58.42
C ASN A 114 -8.47 10.89 -58.27
N GLU A 115 -9.00 11.50 -59.33
CA GLU A 115 -10.37 11.99 -59.26
C GLU A 115 -11.36 10.86 -59.04
N SER A 116 -11.09 9.67 -59.59
CA SER A 116 -12.00 8.54 -59.41
C SER A 116 -12.23 8.25 -57.93
N SER A 117 -11.20 8.42 -57.11
CA SER A 117 -11.36 8.20 -55.67
C SER A 117 -12.25 9.28 -55.07
N GLN A 118 -12.05 10.53 -55.48
CA GLN A 118 -12.85 11.66 -55.00
C GLN A 118 -14.07 11.81 -55.90
N ALA A 119 -15.02 10.90 -55.74
CA ALA A 119 -16.22 10.91 -56.55
C ALA A 119 -17.47 10.83 -55.70
N GLY A 120 -18.53 11.45 -56.20
CA GLY A 120 -19.80 11.48 -55.52
C GLY A 120 -19.88 12.60 -54.51
N ASN A 121 -21.02 12.66 -53.84
CA ASN A 121 -21.21 13.69 -52.82
C ASN A 121 -20.45 13.32 -51.55
N SER A 122 -20.37 12.04 -51.25
CA SER A 122 -19.69 11.60 -50.07
C SER A 122 -18.40 10.86 -50.39
N PRO A 123 -17.40 10.94 -49.52
CA PRO A 123 -17.62 11.80 -48.36
C PRO A 123 -16.90 13.11 -48.63
N PHE A 124 -16.67 13.38 -49.92
CA PHE A 124 -15.95 14.55 -50.41
C PHE A 124 -16.89 15.67 -50.84
N GLU A 125 -16.61 16.89 -50.37
CA GLU A 125 -17.40 18.07 -50.71
C GLU A 125 -16.52 19.13 -51.37
N ASP A 126 -17.12 19.91 -52.27
CA ASP A 126 -16.42 20.97 -52.98
C ASP A 126 -16.12 22.16 -52.08
N CYS A 127 -14.90 22.69 -52.21
CA CYS A 127 -14.47 23.83 -51.41
C CYS A 127 -13.93 24.92 -52.34
N SER A 128 -13.82 26.13 -51.78
CA SER A 128 -13.34 27.32 -52.50
C SER A 128 -12.11 27.04 -53.35
N ASP A 129 -12.21 27.39 -54.64
CA ASP A 129 -11.10 27.20 -55.57
C ASP A 129 -9.92 28.11 -55.24
N THR A 130 -10.13 29.12 -54.41
CA THR A 130 -9.17 30.09 -53.93
C THR A 130 -8.98 29.89 -52.43
N PRO A 131 -7.77 30.09 -51.90
CA PRO A 131 -7.55 29.90 -50.46
C PRO A 131 -8.63 30.57 -49.61
N ALA A 132 -9.00 29.91 -48.52
CA ALA A 132 -10.03 30.42 -47.62
C ALA A 132 -9.60 30.18 -46.17
N ASP A 133 -10.53 30.40 -45.25
CA ASP A 133 -10.27 30.24 -43.83
C ASP A 133 -10.57 28.83 -43.35
N TYR A 134 -10.40 28.61 -42.05
CA TYR A 134 -10.65 27.32 -41.43
C TYR A 134 -12.11 26.91 -41.59
N ILE A 135 -12.36 25.63 -41.29
CA ILE A 135 -13.69 25.04 -41.36
C ILE A 135 -13.80 24.06 -40.22
N LYS A 136 -14.75 24.27 -39.32
CA LYS A 136 -14.96 23.42 -38.16
C LYS A 136 -16.21 22.58 -38.38
N ARG A 137 -16.03 21.25 -38.41
CA ARG A 137 -17.12 20.32 -38.63
C ARG A 137 -17.67 19.76 -37.31
N GLY A 138 -17.51 20.49 -36.22
CA GLY A 138 -18.00 20.07 -34.92
C GLY A 138 -16.89 19.71 -33.95
N ASP A 139 -17.27 18.98 -32.91
CA ASP A 139 -16.35 18.55 -31.86
C ASP A 139 -15.74 17.20 -32.24
N LEU A 140 -15.06 16.58 -31.27
CA LEU A 140 -14.43 15.27 -31.48
C LEU A 140 -15.34 14.17 -30.94
N ASP A 141 -16.48 14.02 -31.61
CA ASP A 141 -17.44 13.00 -31.21
C ASP A 141 -17.85 12.12 -32.38
N ASP A 142 -18.83 11.27 -32.12
CA ASP A 142 -19.40 10.38 -33.10
C ASP A 142 -20.84 10.80 -33.38
N SER A 143 -21.26 11.93 -32.79
CA SER A 143 -22.62 12.43 -32.96
C SER A 143 -22.97 12.63 -34.44
N GLN A 144 -22.26 13.52 -35.13
CA GLN A 144 -22.63 13.70 -36.54
C GLN A 144 -21.86 12.79 -37.48
N GLY A 145 -21.68 11.52 -37.15
CA GLY A 145 -21.00 10.58 -38.03
C GLY A 145 -19.69 11.04 -38.66
N GLN A 146 -19.28 10.33 -39.71
CA GLN A 146 -18.06 10.65 -40.44
C GLN A 146 -18.11 12.08 -40.96
N LYS A 147 -17.07 12.86 -40.65
CA LYS A 147 -17.02 14.24 -41.12
C LYS A 147 -16.75 14.26 -42.62
N LYS A 148 -16.70 15.46 -43.20
CA LYS A 148 -16.44 15.64 -44.63
C LYS A 148 -15.16 16.43 -44.84
N ALA A 149 -14.36 15.99 -45.81
CA ALA A 149 -13.09 16.63 -46.14
C ALA A 149 -13.14 17.28 -47.52
N CYS A 150 -12.38 18.37 -47.67
CA CYS A 150 -12.33 19.09 -48.93
C CYS A 150 -11.58 18.32 -50.00
N ARG A 151 -12.03 18.44 -51.24
CA ARG A 151 -11.38 17.77 -52.36
C ARG A 151 -10.11 18.51 -52.77
N PHE A 152 -9.13 17.75 -53.26
CA PHE A 152 -7.86 18.31 -53.74
C PHE A 152 -7.60 17.65 -55.09
N SER A 153 -7.69 18.44 -56.16
CA SER A 153 -7.50 17.92 -57.50
C SER A 153 -6.03 17.83 -57.88
N ARG A 154 -5.73 16.84 -58.72
CA ARG A 154 -4.38 16.62 -59.21
C ARG A 154 -3.93 17.79 -60.08
N MET A 155 -4.72 18.10 -61.11
CA MET A 155 -4.46 19.17 -62.07
C MET A 155 -4.01 20.48 -61.44
N TRP A 156 -4.38 20.74 -60.18
CA TRP A 156 -3.93 21.96 -59.53
C TRP A 156 -2.43 22.10 -59.67
N LEU A 157 -1.70 21.02 -59.48
CA LEU A 157 -0.26 21.02 -59.70
C LEU A 157 -0.14 21.08 -61.21
N LYS A 158 0.43 22.17 -61.73
CA LYS A 158 0.48 22.32 -63.18
C LYS A 158 1.44 21.43 -63.95
N ASN A 159 2.76 21.66 -63.84
CA ASN A 159 3.65 20.83 -64.64
C ASN A 159 4.11 19.56 -63.94
N CYS A 160 3.77 19.33 -62.66
CA CYS A 160 4.17 18.08 -61.99
C CYS A 160 2.90 17.39 -61.53
N SER A 161 2.30 16.60 -62.41
CA SER A 161 1.10 15.86 -62.08
C SER A 161 1.09 14.44 -62.61
N GLY A 162 2.06 14.04 -63.42
CA GLY A 162 2.07 12.70 -63.96
C GLY A 162 0.95 12.42 -64.94
N LEU A 163 0.16 13.42 -65.26
CA LEU A 163 -0.95 13.29 -66.20
C LEU A 163 -0.54 13.63 -67.61
N ASP A 164 0.42 14.55 -67.76
CA ASP A 164 0.94 14.97 -69.06
C ASP A 164 2.29 14.33 -69.34
N ASP A 165 3.25 14.55 -68.45
CA ASP A 165 4.60 14.00 -68.54
C ASP A 165 4.77 13.09 -67.32
N THR A 166 4.36 11.83 -67.50
CA THR A 166 4.40 10.82 -66.43
C THR A 166 5.67 10.90 -65.58
N THR A 167 6.81 11.06 -66.23
CA THR A 167 8.09 11.14 -65.51
C THR A 167 8.13 12.27 -64.49
N TYR A 168 7.34 13.34 -64.72
CA TYR A 168 7.22 14.56 -63.90
C TYR A 168 8.35 15.56 -64.10
N GLY A 169 9.22 15.38 -65.09
CA GLY A 169 10.29 16.34 -65.29
C GLY A 169 11.69 15.79 -65.37
N TYR A 170 11.96 14.72 -64.63
CA TYR A 170 13.26 14.06 -64.57
C TYR A 170 13.80 13.68 -65.95
N ALA A 171 12.92 13.73 -66.97
CA ALA A 171 13.32 13.34 -68.31
C ALA A 171 14.22 14.37 -69.01
N GLU A 172 14.09 15.67 -68.72
CA GLU A 172 14.93 16.62 -69.42
C GLU A 172 15.63 17.61 -68.50
N GLY A 173 16.06 17.16 -67.32
CA GLY A 173 16.77 18.06 -66.41
C GLY A 173 15.95 19.15 -65.77
N LYS A 174 14.72 18.85 -65.38
CA LYS A 174 13.84 19.81 -64.71
C LYS A 174 13.00 19.00 -63.75
N PRO A 175 13.47 18.82 -62.52
CA PRO A 175 12.73 18.01 -61.55
C PRO A 175 11.74 18.80 -60.70
N CYS A 176 10.78 18.05 -60.16
CA CYS A 176 9.76 18.58 -59.28
C CYS A 176 9.91 17.92 -57.91
N VAL A 177 9.39 18.58 -56.90
CA VAL A 177 9.44 18.10 -55.53
C VAL A 177 8.11 18.45 -54.89
N VAL A 178 7.30 17.44 -54.58
CA VAL A 178 6.00 17.65 -53.96
C VAL A 178 6.21 17.66 -52.45
N ALA A 179 6.08 18.83 -51.84
CA ALA A 179 6.23 19.01 -50.41
C ALA A 179 4.89 18.78 -49.73
N LYS A 180 4.96 18.31 -48.48
CA LYS A 180 3.77 18.04 -47.71
C LYS A 180 3.97 18.30 -46.22
N LEU A 181 2.93 18.85 -45.59
CA LEU A 181 2.93 19.18 -44.17
C LEU A 181 2.37 17.99 -43.38
N ASN A 182 3.07 17.61 -42.32
CA ASN A 182 2.67 16.48 -41.50
C ASN A 182 1.31 16.69 -40.84
N ARG A 183 0.41 15.72 -41.05
CA ARG A 183 -0.96 15.74 -40.53
C ARG A 183 -0.99 15.62 -39.01
N ILE A 184 -1.61 16.61 -38.35
CA ILE A 184 -1.76 16.60 -36.89
C ILE A 184 -3.21 16.88 -36.54
N ILE A 185 -3.74 16.11 -35.59
CA ILE A 185 -5.12 16.24 -35.17
C ILE A 185 -5.32 17.56 -34.41
N GLY A 186 -6.37 18.29 -34.81
CA GLY A 186 -6.70 19.56 -34.18
C GLY A 186 -5.65 20.64 -34.30
N PHE A 187 -4.79 20.59 -35.30
CA PHE A 187 -3.76 21.59 -35.48
C PHE A 187 -4.22 22.66 -36.46
N TYR A 188 -4.23 23.91 -36.00
CA TYR A 188 -4.62 25.04 -36.83
C TYR A 188 -3.37 25.77 -37.28
N PRO A 189 -3.08 25.85 -38.58
CA PRO A 189 -1.89 26.58 -39.01
C PRO A 189 -2.11 28.07 -38.89
N LYS A 190 -1.11 28.77 -38.37
CA LYS A 190 -1.19 30.22 -38.17
C LYS A 190 -0.08 30.95 -38.91
N PRO A 191 -0.38 31.65 -39.99
CA PRO A 191 0.67 32.38 -40.71
C PRO A 191 1.03 33.69 -40.05
N LEU A 192 2.21 34.19 -40.42
CA LEU A 192 2.73 35.44 -39.89
C LEU A 192 1.90 36.62 -40.38
N LYS A 193 1.78 37.64 -39.53
CA LYS A 193 1.01 38.83 -39.90
C LYS A 193 1.84 39.84 -40.67
N ASN A 194 1.13 40.79 -41.30
CA ASN A 194 1.64 41.87 -42.16
C ASN A 194 2.47 42.93 -41.43
N THR A 195 2.74 42.81 -40.13
CA THR A 195 3.51 43.82 -39.41
C THR A 195 4.89 44.03 -40.05
N THR A 196 5.52 45.17 -39.72
CA THR A 196 6.84 45.54 -40.25
C THR A 196 7.89 44.45 -40.10
N ASP A 197 7.70 43.50 -39.18
CA ASP A 197 8.65 42.41 -38.99
C ASP A 197 8.09 41.19 -39.69
N LEU A 198 8.77 40.76 -40.73
CA LEU A 198 8.43 39.63 -41.57
C LEU A 198 9.63 39.41 -42.45
N PRO A 199 9.93 38.20 -42.89
CA PRO A 199 11.08 38.00 -43.78
C PRO A 199 10.92 38.80 -45.05
N GLU A 200 12.01 38.89 -45.80
CA GLU A 200 11.98 39.63 -47.06
C GLU A 200 10.99 39.00 -48.03
N GLU A 201 11.24 37.75 -48.38
CA GLU A 201 10.45 36.95 -49.31
C GLU A 201 8.92 37.05 -49.15
N LEU A 202 8.43 36.83 -47.93
CA LEU A 202 7.01 36.78 -47.61
C LEU A 202 6.21 38.05 -47.89
N GLN A 203 6.83 39.22 -47.99
CA GLN A 203 6.07 40.46 -48.18
C GLN A 203 5.08 40.37 -49.34
N ALA A 204 5.54 40.07 -50.55
CA ALA A 204 4.64 39.99 -51.70
C ALA A 204 3.67 38.82 -51.60
N ASN A 205 2.43 39.05 -52.05
CA ASN A 205 1.35 38.05 -52.07
C ASN A 205 1.04 37.51 -50.66
N TYR A 206 0.70 38.43 -49.75
CA TYR A 206 0.38 38.07 -48.37
C TYR A 206 -1.09 37.64 -48.24
N ASN A 207 -1.39 36.46 -48.79
CA ASN A 207 -2.75 35.95 -48.63
C ASN A 207 -2.79 35.35 -47.24
N GLN A 208 -3.52 35.99 -46.33
CA GLN A 208 -3.57 35.51 -44.95
C GLN A 208 -3.90 34.03 -44.88
N TYR A 209 -4.84 33.58 -45.66
CA TYR A 209 -5.27 32.20 -45.70
C TYR A 209 -4.25 31.24 -46.28
N VAL A 210 -3.01 31.60 -46.62
CA VAL A 210 -2.06 30.67 -47.21
C VAL A 210 -0.82 30.58 -46.33
N LEU A 211 -0.38 29.36 -46.04
CA LEU A 211 0.83 29.15 -45.25
C LEU A 211 1.97 29.11 -46.25
N PRO A 212 2.89 30.06 -46.23
CA PRO A 212 3.97 30.10 -47.23
C PRO A 212 5.10 29.10 -47.03
N LEU A 213 5.59 28.60 -48.16
CA LEU A 213 6.70 27.68 -48.26
C LEU A 213 7.68 28.30 -49.24
N ARG A 214 8.94 28.43 -48.83
CA ARG A 214 9.92 29.04 -49.72
C ARG A 214 11.26 28.33 -49.59
N CYS A 215 11.82 27.93 -50.73
CA CYS A 215 13.10 27.24 -50.80
C CYS A 215 14.21 28.22 -51.14
N ALA A 216 15.42 27.87 -50.75
CA ALA A 216 16.60 28.70 -51.01
C ALA A 216 17.84 27.80 -51.00
N ALA A 217 19.01 28.43 -50.99
CA ALA A 217 20.28 27.72 -50.99
C ALA A 217 20.90 27.75 -49.59
N LYS A 218 21.44 26.61 -49.18
CA LYS A 218 22.07 26.52 -47.87
C LYS A 218 23.24 27.47 -47.74
N ARG A 219 24.12 27.49 -48.73
CA ARG A 219 25.29 28.36 -48.71
C ARG A 219 25.07 29.58 -49.60
N GLU A 220 25.83 30.64 -49.30
CA GLU A 220 25.71 31.88 -50.07
C GLU A 220 26.21 31.70 -51.50
N GLU A 221 27.20 30.84 -51.70
CA GLU A 221 27.75 30.62 -53.04
C GLU A 221 26.72 29.97 -53.96
N ASP A 222 26.13 28.86 -53.53
CA ASP A 222 25.16 28.11 -54.33
C ASP A 222 24.02 28.94 -54.89
N ARG A 223 23.74 30.12 -54.32
CA ARG A 223 22.66 30.98 -54.81
C ARG A 223 22.69 31.08 -56.33
N GLU A 224 23.82 31.56 -56.86
CA GLU A 224 24.00 31.76 -58.30
C GLU A 224 23.78 30.48 -59.11
N LYS A 225 24.23 29.33 -58.59
CA LYS A 225 24.09 28.07 -59.31
C LYS A 225 22.68 27.50 -59.31
N ILE A 226 21.77 28.08 -58.54
CA ILE A 226 20.38 27.62 -58.48
C ILE A 226 19.57 28.55 -59.37
N GLY A 227 18.73 27.99 -60.23
CA GLY A 227 17.98 28.80 -61.17
C GLY A 227 16.65 29.37 -60.76
N SER A 228 15.55 28.94 -61.39
CA SER A 228 14.23 29.48 -61.08
C SER A 228 13.36 28.44 -60.39
N ILE A 229 13.09 28.70 -59.11
CA ILE A 229 12.23 27.89 -58.26
C ILE A 229 10.79 28.28 -58.57
N GLU A 230 10.06 27.41 -59.25
CA GLU A 230 8.68 27.67 -59.66
C GLU A 230 7.72 26.82 -58.81
N TYR A 231 7.03 27.46 -57.87
CA TYR A 231 6.08 26.79 -56.99
C TYR A 231 4.69 26.71 -57.61
N PHE A 232 4.07 25.53 -57.49
CA PHE A 232 2.72 25.27 -57.97
C PHE A 232 1.86 24.90 -56.76
N GLY A 233 0.65 25.44 -56.71
CA GLY A 233 -0.20 25.13 -55.58
C GLY A 233 -1.63 25.59 -55.79
N LEU A 234 -2.41 25.52 -54.71
CA LEU A 234 -3.81 25.91 -54.72
C LEU A 234 -3.91 27.42 -54.92
N GLY A 235 -4.55 27.83 -56.01
CA GLY A 235 -4.71 29.24 -56.31
C GLY A 235 -3.49 29.88 -56.95
N GLY A 236 -2.44 29.11 -57.18
CA GLY A 236 -1.22 29.62 -57.78
C GLY A 236 -0.21 30.13 -56.77
N TYR A 237 -0.56 30.13 -55.48
CA TYR A 237 0.32 30.59 -54.43
C TYR A 237 1.29 29.50 -54.00
N ALA A 238 2.36 29.91 -53.34
CA ALA A 238 3.38 28.99 -52.84
C ALA A 238 3.12 28.67 -51.37
N GLY A 239 2.00 27.98 -51.13
CA GLY A 239 1.68 27.64 -49.77
C GLY A 239 0.56 26.64 -49.68
N PHE A 240 0.07 26.48 -48.45
CA PHE A 240 -1.02 25.55 -48.14
C PHE A 240 -2.26 26.33 -47.72
N PRO A 241 -3.41 26.06 -48.33
CA PRO A 241 -4.64 26.76 -47.94
C PRO A 241 -5.12 26.32 -46.56
N LEU A 242 -5.48 27.30 -45.74
CA LEU A 242 -5.93 27.04 -44.38
C LEU A 242 -7.26 26.29 -44.32
N GLN A 243 -8.00 26.21 -45.43
CA GLN A 243 -9.29 25.54 -45.44
C GLN A 243 -9.22 24.03 -45.24
N TYR A 244 -8.06 23.41 -45.45
CA TYR A 244 -7.93 21.97 -45.27
C TYR A 244 -7.64 21.59 -43.83
N TYR A 245 -7.84 22.50 -42.91
CA TYR A 245 -7.59 22.29 -41.49
C TYR A 245 -8.80 22.74 -40.69
N PRO A 246 -8.99 22.18 -39.49
CA PRO A 246 -8.03 21.18 -39.01
C PRO A 246 -8.35 19.75 -39.43
N TYR A 247 -7.44 18.85 -39.06
CA TYR A 247 -7.56 17.43 -39.35
C TYR A 247 -8.23 16.78 -38.16
N TYR A 248 -9.24 15.97 -38.42
CA TYR A 248 -10.00 15.31 -37.36
C TYR A 248 -9.56 13.88 -37.06
N GLY A 249 -8.46 13.42 -37.65
CA GLY A 249 -8.08 12.06 -37.31
C GLY A 249 -8.70 11.04 -38.25
N LYS A 250 -8.02 9.89 -38.35
CA LYS A 250 -8.47 8.81 -39.23
C LYS A 250 -9.88 8.32 -38.89
N ARG A 251 -10.12 8.00 -37.61
CA ARG A 251 -11.42 7.48 -37.21
C ARG A 251 -12.58 8.41 -37.56
N LEU A 252 -12.40 9.72 -37.40
CA LEU A 252 -13.48 10.65 -37.70
C LEU A 252 -13.43 11.25 -39.10
N GLN A 253 -12.37 11.01 -39.87
CA GLN A 253 -12.31 11.60 -41.21
C GLN A 253 -11.64 10.69 -42.24
N LYS A 254 -12.01 9.41 -42.30
CA LYS A 254 -11.39 8.57 -43.32
C LYS A 254 -11.61 9.22 -44.69
N LYS A 255 -10.73 8.89 -45.64
CA LYS A 255 -10.79 9.47 -46.98
C LYS A 255 -10.55 10.98 -46.94
N TYR A 256 -9.50 11.38 -46.24
CA TYR A 256 -9.11 12.77 -46.08
C TYR A 256 -7.82 13.02 -46.85
N LEU A 257 -7.77 14.13 -47.58
CA LEU A 257 -6.60 14.48 -48.37
C LEU A 257 -6.00 15.79 -47.86
N GLN A 258 -4.71 15.78 -47.64
CA GLN A 258 -3.91 16.92 -47.17
C GLN A 258 -3.38 17.70 -48.37
N PRO A 259 -3.30 19.02 -48.28
CA PRO A 259 -2.79 19.81 -49.42
C PRO A 259 -1.36 19.41 -49.75
N LEU A 260 -0.95 19.77 -50.96
CA LEU A 260 0.38 19.46 -51.46
C LEU A 260 0.91 20.68 -52.22
N LEU A 261 2.23 20.81 -52.29
CA LEU A 261 2.82 21.93 -53.02
C LEU A 261 3.92 21.42 -53.92
N ALA A 262 3.83 21.70 -55.22
CA ALA A 262 4.85 21.25 -56.15
C ALA A 262 5.92 22.32 -56.32
N ILE A 263 7.16 21.89 -56.49
CA ILE A 263 8.28 22.82 -56.66
C ILE A 263 9.14 22.36 -57.83
N GLN A 264 9.23 23.18 -58.88
CA GLN A 264 10.05 22.85 -60.04
C GLN A 264 11.34 23.66 -59.96
N PHE A 265 12.48 22.97 -59.99
CA PHE A 265 13.78 23.62 -59.90
C PHE A 265 14.35 23.86 -61.31
N THR A 266 13.66 24.71 -62.08
CA THR A 266 14.12 24.97 -63.43
C THR A 266 15.49 25.65 -63.41
N ASN A 267 16.18 25.56 -64.55
CA ASN A 267 17.50 26.14 -64.76
C ASN A 267 18.49 25.71 -63.68
N LEU A 268 18.74 24.41 -63.63
CA LEU A 268 19.66 23.83 -62.66
C LEU A 268 20.99 23.56 -63.32
N THR A 269 22.07 24.07 -62.72
CA THR A 269 23.41 23.85 -63.26
C THR A 269 23.69 22.35 -63.37
N GLN A 270 24.35 21.96 -64.45
CA GLN A 270 24.65 20.56 -64.70
C GLN A 270 25.98 20.13 -64.08
N ASN A 271 26.03 18.86 -63.66
CA ASN A 271 27.19 18.20 -63.07
C ASN A 271 27.75 18.91 -61.84
N MET A 272 26.88 19.12 -60.84
CA MET A 272 27.32 19.77 -59.61
C MET A 272 26.27 19.63 -58.49
N GLU A 273 26.73 19.20 -57.30
CA GLU A 273 25.85 19.00 -56.16
C GLU A 273 25.34 20.31 -55.58
N LEU A 274 24.01 20.49 -55.60
CA LEU A 274 23.37 21.70 -55.09
C LEU A 274 22.54 21.37 -53.86
N ARG A 275 22.78 22.11 -52.76
CA ARG A 275 22.08 21.95 -51.49
C ARG A 275 20.94 22.96 -51.42
N ILE A 276 19.70 22.48 -51.47
CA ILE A 276 18.52 23.34 -51.45
C ILE A 276 17.74 23.08 -50.16
N GLU A 277 17.52 24.15 -49.38
CA GLU A 277 16.78 24.05 -48.13
C GLU A 277 15.44 24.75 -48.29
N CYS A 278 14.36 24.02 -48.07
CA CYS A 278 13.00 24.56 -48.15
C CYS A 278 12.50 24.81 -46.74
N LYS A 279 11.73 25.90 -46.56
CA LYS A 279 11.25 26.22 -45.22
C LYS A 279 9.87 26.87 -45.25
N VAL A 280 9.01 26.41 -44.31
CA VAL A 280 7.65 26.91 -44.11
C VAL A 280 7.71 27.96 -43.01
N TYR A 281 6.79 28.92 -43.04
CA TYR A 281 6.77 29.98 -42.04
C TYR A 281 5.40 30.04 -41.37
N GLY A 282 5.40 30.40 -40.09
CA GLY A 282 4.15 30.49 -39.35
C GLY A 282 4.39 30.58 -37.85
N GLU A 283 3.34 31.02 -37.15
CA GLU A 283 3.41 31.18 -35.70
C GLU A 283 3.65 29.86 -34.98
N ASN A 284 2.73 28.90 -35.09
CA ASN A 284 2.95 27.65 -34.40
C ASN A 284 3.86 26.72 -35.20
N ILE A 285 4.93 27.28 -35.74
CA ILE A 285 5.92 26.55 -36.53
C ILE A 285 7.28 26.90 -35.90
N ASP A 286 8.04 25.88 -35.54
CA ASP A 286 9.34 26.11 -34.94
C ASP A 286 10.30 25.04 -35.44
N TYR A 287 11.52 25.45 -35.72
CA TYR A 287 12.54 24.55 -36.23
C TYR A 287 13.39 24.01 -35.08
N SER A 288 14.16 22.97 -35.38
CA SER A 288 15.01 22.32 -34.40
C SER A 288 16.37 22.04 -35.01
N GLU A 289 17.43 22.38 -34.29
CA GLU A 289 18.79 22.14 -34.78
C GLU A 289 19.15 20.66 -34.81
N LYS A 290 18.36 19.81 -34.15
CA LYS A 290 18.60 18.37 -34.11
C LYS A 290 17.79 17.62 -35.15
N ASP A 291 16.51 17.98 -35.29
CA ASP A 291 15.62 17.36 -36.27
C ASP A 291 15.63 18.26 -37.50
N ARG A 292 16.23 17.78 -38.58
CA ARG A 292 16.33 18.55 -39.81
C ARG A 292 15.10 18.41 -40.70
N PHE A 293 13.98 17.95 -40.14
CA PHE A 293 12.74 17.79 -40.88
C PHE A 293 11.59 18.50 -40.20
N ARG A 294 11.85 19.22 -39.11
CA ARG A 294 10.83 19.94 -38.35
C ARG A 294 10.64 21.30 -38.99
N GLY A 295 9.58 21.45 -39.77
CA GLY A 295 9.27 22.71 -40.43
C GLY A 295 10.00 22.96 -41.73
N ARG A 296 11.23 22.50 -41.84
CA ARG A 296 12.04 22.68 -43.03
C ARG A 296 12.53 21.32 -43.51
N PHE A 297 13.23 21.34 -44.65
CA PHE A 297 13.79 20.10 -45.17
C PHE A 297 14.94 20.46 -46.11
N GLU A 298 15.85 19.51 -46.27
CA GLU A 298 17.02 19.70 -47.12
C GLU A 298 17.04 18.65 -48.22
N VAL A 299 17.46 19.06 -49.41
CA VAL A 299 17.52 18.18 -50.56
C VAL A 299 18.82 18.46 -51.30
N LYS A 300 19.47 17.40 -51.75
CA LYS A 300 20.69 17.52 -52.52
C LYS A 300 20.32 17.07 -53.93
N ILE A 301 20.46 17.98 -54.90
CA ILE A 301 20.11 17.67 -56.27
C ILE A 301 21.36 17.78 -57.12
N GLU A 302 21.53 16.82 -58.02
CA GLU A 302 22.67 16.79 -58.93
C GLU A 302 22.19 16.10 -60.20
N VAL A 303 21.85 16.90 -61.20
CA VAL A 303 21.38 16.37 -62.49
C VAL A 303 22.63 16.23 -63.35
N LYS A 304 23.31 15.09 -63.20
CA LYS A 304 24.54 14.81 -63.92
C LYS A 304 24.20 14.19 -65.27
N SER A 305 24.60 14.86 -66.35
CA SER A 305 24.33 14.36 -67.69
C SER A 305 25.50 14.64 -68.62
N ASP B 47 81.25 -26.51 5.60
CA ASP B 47 80.93 -26.11 6.95
C ASP B 47 82.15 -26.15 7.87
N ASP B 48 81.91 -25.82 9.15
CA ASP B 48 82.94 -25.80 10.17
C ASP B 48 82.60 -26.79 11.30
N HIS B 49 81.84 -27.82 10.96
CA HIS B 49 81.43 -28.83 11.93
C HIS B 49 82.62 -29.50 12.62
N LYS B 50 83.58 -29.97 11.84
CA LYS B 50 84.76 -30.68 12.38
C LYS B 50 85.64 -29.69 13.12
N LEU B 51 85.21 -29.36 14.33
CA LEU B 51 85.91 -28.43 15.21
C LEU B 51 85.68 -28.90 16.64
N SER B 52 85.88 -28.01 17.59
CA SER B 52 85.68 -28.31 19.01
C SER B 52 84.74 -27.28 19.60
N LEU B 53 84.41 -27.46 20.89
CA LEU B 53 83.54 -26.48 21.52
C LEU B 53 84.33 -25.21 21.82
N ASP B 54 85.62 -25.36 22.08
CA ASP B 54 86.47 -24.22 22.34
C ASP B 54 86.76 -23.46 21.05
N GLU B 55 87.05 -24.18 19.96
CA GLU B 55 87.30 -23.52 18.69
C GLU B 55 86.05 -22.81 18.19
N LEU B 56 84.88 -23.41 18.41
CA LEU B 56 83.63 -22.79 18.00
C LEU B 56 83.38 -21.51 18.78
N HIS B 57 83.47 -21.60 20.11
CA HIS B 57 83.26 -20.42 20.93
C HIS B 57 84.32 -19.37 20.67
N ASN B 58 85.51 -19.79 20.23
CA ASN B 58 86.60 -18.86 19.92
C ASN B 58 86.43 -18.22 18.55
N LYS B 59 85.66 -18.83 17.66
CA LYS B 59 85.48 -18.24 16.35
C LYS B 59 84.30 -17.28 16.32
N TYR B 60 83.16 -17.64 16.91
CA TYR B 60 82.06 -16.69 16.87
C TYR B 60 82.01 -15.80 18.11
N GLY B 61 82.58 -16.27 19.23
CA GLY B 61 82.62 -15.53 20.47
C GLY B 61 81.42 -15.88 21.32
N THR B 62 81.56 -16.75 22.33
CA THR B 62 80.37 -17.07 23.11
C THR B 62 80.70 -17.92 24.34
N ASP B 63 80.01 -17.60 25.44
CA ASP B 63 80.15 -18.33 26.69
C ASP B 63 79.31 -19.60 26.61
N LEU B 64 79.93 -20.76 26.82
CA LEU B 64 79.19 -22.02 26.75
C LEU B 64 78.19 -22.13 27.90
N THR B 65 78.46 -21.49 29.04
CA THR B 65 77.58 -21.58 30.20
C THR B 65 76.84 -20.31 30.52
N ARG B 66 77.19 -19.18 29.91
CA ARG B 66 76.50 -17.92 30.17
C ARG B 66 75.94 -17.27 28.92
N GLY B 67 76.31 -17.73 27.74
CA GLY B 67 75.81 -17.14 26.52
C GLY B 67 76.37 -15.75 26.30
N LEU B 68 75.67 -15.01 25.47
CA LEU B 68 76.05 -13.64 25.14
C LEU B 68 75.42 -12.66 26.11
N THR B 69 75.84 -11.40 25.99
CA THR B 69 75.30 -10.32 26.79
C THR B 69 74.24 -9.62 25.94
N ASN B 70 73.28 -8.99 26.60
CA ASN B 70 72.21 -8.33 25.84
C ASN B 70 72.76 -7.22 24.96
N ALA B 71 73.70 -6.42 25.48
CA ALA B 71 74.26 -5.35 24.67
C ALA B 71 74.99 -5.91 23.46
N ARG B 72 75.75 -6.99 23.66
CA ARG B 72 76.47 -7.62 22.55
C ARG B 72 75.49 -8.25 21.57
N ALA B 73 74.41 -8.85 22.09
CA ALA B 73 73.41 -9.45 21.23
C ALA B 73 72.78 -8.41 20.31
N LYS B 74 72.42 -7.25 20.86
CA LYS B 74 71.84 -6.21 20.04
C LYS B 74 72.87 -5.64 19.06
N GLU B 75 74.14 -5.58 19.48
CA GLU B 75 75.18 -5.09 18.58
C GLU B 75 75.27 -5.97 17.35
N ILE B 76 75.12 -7.28 17.52
CA ILE B 76 75.17 -8.16 16.37
C ILE B 76 73.86 -8.16 15.59
N LEU B 77 72.74 -8.07 16.31
CA LEU B 77 71.42 -8.04 15.67
C LEU B 77 71.35 -6.89 14.69
N ALA B 78 71.88 -5.73 15.09
CA ALA B 78 71.90 -4.59 14.19
C ALA B 78 73.05 -4.68 13.19
N ARG B 79 74.07 -5.49 13.51
CA ARG B 79 75.21 -5.62 12.61
C ARG B 79 74.92 -6.45 11.35
N ASP B 80 74.08 -7.50 11.42
CA ASP B 80 73.91 -8.28 10.19
C ASP B 80 72.48 -8.60 9.73
N GLY B 81 71.46 -7.88 10.17
CA GLY B 81 70.12 -8.16 9.68
C GLY B 81 69.36 -9.29 10.37
N PRO B 82 68.02 -9.17 10.40
CA PRO B 82 67.19 -10.19 11.06
C PRO B 82 67.24 -11.57 10.41
N ASN B 83 66.94 -12.58 11.24
CA ASN B 83 66.93 -13.99 10.86
C ASN B 83 65.63 -14.37 10.14
N SER B 84 65.36 -13.67 9.03
CA SER B 84 64.16 -13.92 8.26
C SER B 84 64.47 -13.88 6.77
N LEU B 85 63.92 -14.84 6.02
CA LEU B 85 64.14 -14.91 4.58
C LEU B 85 63.54 -13.68 3.89
N THR B 86 63.96 -13.45 2.65
CA THR B 86 63.54 -12.31 1.83
C THR B 86 62.42 -12.66 0.85
N PRO B 87 61.52 -11.71 0.61
CA PRO B 87 60.41 -11.95 -0.35
C PRO B 87 60.93 -12.19 -1.75
N PRO B 88 60.16 -12.90 -2.58
CA PRO B 88 60.61 -13.25 -3.94
C PRO B 88 60.11 -12.30 -5.02
N PRO B 89 60.58 -12.50 -6.26
CA PRO B 89 60.15 -11.66 -7.39
C PRO B 89 58.65 -11.70 -7.63
N THR B 90 58.13 -10.63 -8.24
CA THR B 90 56.71 -10.55 -8.50
C THR B 90 56.41 -9.60 -9.64
N THR B 91 55.21 -9.75 -10.17
CA THR B 91 54.77 -8.83 -11.21
C THR B 91 54.14 -7.63 -10.52
N PRO B 92 54.58 -6.41 -10.81
CA PRO B 92 53.98 -5.25 -10.14
C PRO B 92 52.62 -4.95 -10.73
N GLU B 93 52.11 -3.74 -10.49
CA GLU B 93 50.81 -3.36 -11.04
C GLU B 93 50.72 -3.59 -12.55
N TRP B 94 51.84 -3.79 -13.24
CA TRP B 94 51.84 -4.01 -14.68
C TRP B 94 50.92 -5.16 -15.10
N ILE B 95 51.32 -6.38 -14.72
CA ILE B 95 50.50 -7.54 -15.06
C ILE B 95 49.27 -7.62 -14.18
N LYS B 96 49.18 -6.75 -13.17
CA LYS B 96 48.01 -6.72 -12.30
C LYS B 96 46.86 -5.97 -12.94
N PHE B 97 47.18 -4.91 -13.68
CA PHE B 97 46.20 -4.08 -14.36
C PHE B 97 45.88 -4.59 -15.75
N CYS B 98 46.86 -5.20 -16.44
CA CYS B 98 46.54 -5.71 -17.77
C CYS B 98 45.45 -6.78 -17.71
N ARG B 99 45.49 -7.64 -16.69
CA ARG B 99 44.47 -8.67 -16.57
C ARG B 99 43.12 -8.09 -16.18
N GLN B 100 43.11 -6.94 -15.52
CA GLN B 100 41.83 -6.35 -15.10
C GLN B 100 41.16 -5.56 -16.22
N LEU B 101 41.82 -4.49 -16.67
CA LEU B 101 41.24 -3.66 -17.72
C LEU B 101 41.25 -4.31 -19.09
N PHE B 102 42.12 -5.29 -19.33
CA PHE B 102 42.26 -5.95 -20.62
C PHE B 102 42.06 -7.46 -20.54
N GLY B 103 41.02 -7.94 -19.85
CA GLY B 103 40.90 -9.38 -19.74
C GLY B 103 40.16 -10.12 -20.84
N GLY B 104 39.01 -10.72 -20.54
CA GLY B 104 38.33 -11.46 -21.58
C GLY B 104 36.95 -10.93 -21.93
N PHE B 105 36.23 -10.43 -20.95
CA PHE B 105 34.91 -9.90 -21.26
C PHE B 105 35.00 -8.42 -21.60
N SER B 106 35.90 -7.70 -20.94
CA SER B 106 36.09 -6.28 -21.19
C SER B 106 36.62 -6.02 -22.60
N ILE B 107 37.31 -7.00 -23.19
CA ILE B 107 37.88 -6.85 -24.53
C ILE B 107 36.79 -6.46 -25.54
N LEU B 108 35.64 -7.12 -25.47
CA LEU B 108 34.55 -6.80 -26.39
C LEU B 108 34.13 -5.34 -26.22
N LEU B 109 34.03 -4.87 -24.97
CA LEU B 109 33.68 -3.47 -24.74
C LEU B 109 34.73 -2.55 -25.34
N TRP B 110 36.01 -2.95 -25.26
CA TRP B 110 37.07 -2.15 -25.85
C TRP B 110 36.83 -1.99 -27.34
N ILE B 111 36.17 -2.99 -27.93
CA ILE B 111 35.87 -2.88 -29.35
C ILE B 111 34.74 -1.90 -29.57
N GLY B 112 33.63 -2.07 -28.86
CA GLY B 112 32.52 -1.14 -29.01
C GLY B 112 33.02 0.30 -29.02
N ALA B 113 33.93 0.59 -28.08
CA ALA B 113 34.51 1.93 -28.01
C ALA B 113 35.29 2.28 -29.27
N ILE B 114 36.12 1.35 -29.76
CA ILE B 114 36.88 1.64 -30.98
C ILE B 114 35.96 1.96 -32.15
N LEU B 115 35.11 0.99 -32.50
CA LEU B 115 34.16 1.14 -33.59
C LEU B 115 33.48 2.50 -33.55
N CYS B 116 32.83 2.82 -32.42
CA CYS B 116 32.14 4.10 -32.30
C CYS B 116 33.03 5.30 -32.64
N PHE B 117 34.29 5.30 -32.15
CA PHE B 117 35.14 6.44 -32.50
C PHE B 117 35.33 6.55 -34.02
N LEU B 118 35.51 5.39 -34.69
CA LEU B 118 35.67 5.45 -36.15
C LEU B 118 34.39 5.98 -36.82
N ALA B 119 33.25 5.70 -36.19
CA ALA B 119 31.98 6.18 -36.72
C ALA B 119 31.88 7.68 -36.64
N TYR B 120 32.56 8.27 -35.65
CA TYR B 120 32.52 9.72 -35.56
C TYR B 120 33.49 10.37 -36.53
N GLY B 121 34.64 9.73 -36.75
CA GLY B 121 35.62 10.31 -37.65
C GLY B 121 35.14 10.33 -39.10
N ILE B 122 34.57 9.23 -39.57
CA ILE B 122 34.08 9.23 -40.96
C ILE B 122 33.00 10.30 -41.13
N GLN B 123 32.32 10.63 -40.03
CA GLN B 123 31.25 11.63 -39.99
C GLN B 123 31.77 13.06 -40.08
N ALA B 124 32.60 13.46 -39.12
CA ALA B 124 33.13 14.82 -39.10
C ALA B 124 33.99 15.10 -40.32
N ALA B 125 34.73 14.11 -40.80
CA ALA B 125 35.51 14.36 -42.01
C ALA B 125 34.58 14.50 -43.19
N THR B 126 33.53 13.66 -43.26
CA THR B 126 32.66 13.83 -44.41
C THR B 126 31.55 14.88 -44.27
N GLU B 127 30.45 14.53 -43.56
CA GLU B 127 29.25 15.36 -43.41
C GLU B 127 29.40 16.71 -42.68
N ASP B 128 28.84 17.76 -43.30
CA ASP B 128 28.76 19.09 -42.71
C ASP B 128 27.78 19.07 -41.54
N GLU B 129 28.16 19.63 -40.39
CA GLU B 129 27.28 19.62 -39.22
C GLU B 129 26.86 18.19 -38.87
N PRO B 130 27.75 17.41 -38.26
CA PRO B 130 27.40 16.03 -37.88
C PRO B 130 26.61 15.98 -36.57
N ALA B 131 26.45 14.76 -36.06
CA ALA B 131 25.78 14.49 -34.80
C ALA B 131 26.84 14.03 -33.80
N ASN B 132 26.47 13.90 -32.53
CA ASN B 132 27.47 13.50 -31.55
C ASN B 132 27.09 12.29 -30.70
N ASP B 133 26.12 11.47 -31.11
CA ASP B 133 25.81 10.31 -30.27
C ASP B 133 26.96 9.32 -30.21
N ASN B 134 27.81 9.30 -31.24
CA ASN B 134 28.95 8.40 -31.27
C ASN B 134 30.08 8.85 -30.34
N LEU B 135 30.40 10.15 -30.33
CA LEU B 135 31.48 10.61 -29.46
C LEU B 135 31.13 10.37 -28.00
N TYR B 136 29.89 10.69 -27.60
CA TYR B 136 29.54 10.45 -26.21
C TYR B 136 29.37 8.96 -25.94
N LEU B 137 29.04 8.16 -26.96
CA LEU B 137 28.97 6.73 -26.69
C LEU B 137 30.35 6.19 -26.36
N GLY B 138 31.36 6.65 -27.11
CA GLY B 138 32.71 6.20 -26.83
C GLY B 138 33.18 6.68 -25.46
N VAL B 139 32.91 7.96 -25.15
CA VAL B 139 33.30 8.52 -23.86
C VAL B 139 32.61 7.79 -22.71
N VAL B 140 31.44 7.20 -22.96
CA VAL B 140 30.74 6.47 -21.89
C VAL B 140 31.27 5.04 -21.76
N LEU B 141 31.44 4.35 -22.88
CA LEU B 141 31.95 2.98 -22.86
C LEU B 141 33.35 2.89 -22.22
N SER B 142 34.25 3.77 -22.65
CA SER B 142 35.61 3.76 -22.10
C SER B 142 35.57 3.93 -20.59
N THR B 143 34.72 4.84 -20.09
CA THR B 143 34.62 5.05 -18.66
C THR B 143 34.12 3.79 -17.95
N VAL B 144 33.37 2.95 -18.65
CA VAL B 144 32.91 1.73 -17.99
C VAL B 144 34.04 0.71 -17.84
N VAL B 145 34.82 0.50 -18.90
CA VAL B 145 35.90 -0.48 -18.76
C VAL B 145 36.87 -0.02 -17.68
N ILE B 146 37.14 1.29 -17.62
CA ILE B 146 38.07 1.82 -16.63
C ILE B 146 37.55 1.61 -15.20
N VAL B 147 36.27 1.95 -14.94
CA VAL B 147 35.79 1.77 -13.57
C VAL B 147 35.78 0.29 -13.18
N THR B 148 35.12 -0.56 -13.97
CA THR B 148 35.09 -1.99 -13.65
C THR B 148 36.48 -2.45 -13.24
N GLY B 149 37.50 -1.95 -13.95
CA GLY B 149 38.87 -2.30 -13.59
C GLY B 149 39.26 -1.80 -12.21
N CYS B 150 38.93 -0.55 -11.89
CA CYS B 150 39.31 -0.02 -10.57
C CYS B 150 38.61 -0.77 -9.43
N PHE B 151 37.30 -1.01 -9.56
CA PHE B 151 36.58 -1.74 -8.52
C PHE B 151 37.23 -3.10 -8.28
N SER B 152 37.43 -3.86 -9.37
CA SER B 152 38.05 -5.16 -9.24
C SER B 152 39.43 -5.05 -8.58
N TYR B 153 40.18 -3.99 -8.89
CA TYR B 153 41.50 -3.85 -8.29
C TYR B 153 41.38 -3.67 -6.77
N TYR B 154 40.42 -2.86 -6.34
CA TYR B 154 40.20 -2.64 -4.93
C TYR B 154 39.84 -3.92 -4.21
N GLN B 155 39.39 -4.92 -4.97
CA GLN B 155 39.03 -6.19 -4.35
C GLN B 155 40.18 -7.21 -4.35
N GLU B 156 40.90 -7.32 -5.47
CA GLU B 156 42.01 -8.26 -5.57
C GLU B 156 43.09 -7.95 -4.54
N ALA B 157 43.44 -6.67 -4.38
CA ALA B 157 44.47 -6.33 -3.41
C ALA B 157 44.03 -6.68 -1.99
N LYS B 158 42.87 -6.15 -1.58
CA LYS B 158 42.30 -6.38 -0.25
C LYS B 158 42.50 -7.82 0.22
N SER B 159 42.11 -8.78 -0.65
CA SER B 159 42.29 -10.18 -0.26
C SER B 159 43.76 -10.54 -0.09
N SER B 160 44.60 -10.10 -1.05
CA SER B 160 46.03 -10.43 -0.94
C SER B 160 46.66 -9.88 0.34
N ARG B 161 46.06 -8.85 0.94
CA ARG B 161 46.57 -8.24 2.16
C ARG B 161 46.05 -8.90 3.44
N ILE B 162 44.76 -9.28 3.46
CA ILE B 162 44.23 -9.93 4.66
C ILE B 162 44.99 -11.23 4.92
N MET B 163 45.27 -11.98 3.85
CA MET B 163 46.00 -13.23 4.05
C MET B 163 47.37 -12.97 4.66
N ASP B 164 48.06 -11.91 4.22
CA ASP B 164 49.37 -11.59 4.77
C ASP B 164 49.27 -11.21 6.24
N SER B 165 48.13 -10.68 6.66
CA SER B 165 48.01 -10.35 8.07
C SER B 165 47.98 -11.60 8.94
N PHE B 166 47.21 -12.61 8.53
CA PHE B 166 47.15 -13.81 9.37
C PHE B 166 48.51 -14.49 9.56
N LYS B 167 49.49 -14.22 8.69
CA LYS B 167 50.80 -14.85 8.85
C LYS B 167 51.55 -14.31 10.06
N ASN B 168 51.34 -13.05 10.41
CA ASN B 168 52.00 -12.45 11.56
C ASN B 168 51.17 -12.55 12.82
N MET B 169 49.98 -13.13 12.74
CA MET B 169 49.16 -13.30 13.93
C MET B 169 49.80 -14.34 14.85
N VAL B 170 50.18 -15.48 14.27
CA VAL B 170 50.83 -16.60 14.94
C VAL B 170 52.30 -16.61 14.56
N PRO B 171 53.18 -15.78 15.16
CA PRO B 171 54.61 -15.85 14.80
C PRO B 171 55.28 -16.96 15.60
N GLN B 172 56.58 -17.16 15.36
CA GLN B 172 57.34 -18.18 16.07
C GLN B 172 58.37 -17.54 16.98
N GLN B 173 58.36 -17.93 18.25
CA GLN B 173 59.26 -17.40 19.26
C GLN B 173 60.15 -18.52 19.82
N ALA B 174 61.47 -18.35 19.69
CA ALA B 174 62.50 -19.27 20.14
C ALA B 174 62.95 -18.99 21.58
N LEU B 175 63.65 -19.98 22.17
CA LEU B 175 64.18 -19.91 23.54
C LEU B 175 65.70 -19.71 23.52
N VAL B 176 66.12 -18.50 23.88
CA VAL B 176 67.53 -18.09 23.89
C VAL B 176 67.96 -17.78 25.32
N ILE B 177 69.24 -18.06 25.60
CA ILE B 177 69.83 -17.83 26.92
C ILE B 177 70.86 -16.72 26.80
N ARG B 178 70.57 -15.59 27.44
CA ARG B 178 71.46 -14.43 27.44
C ARG B 178 71.75 -14.00 28.87
N ASP B 179 73.01 -13.67 29.14
CA ASP B 179 73.46 -13.25 30.47
C ASP B 179 73.17 -14.33 31.51
N GLY B 180 72.99 -15.56 31.06
CA GLY B 180 72.70 -16.67 31.94
C GLY B 180 71.22 -16.89 32.23
N GLU B 181 70.33 -16.18 31.54
CA GLU B 181 68.90 -16.32 31.77
C GLU B 181 68.17 -16.77 30.50
N LYS B 182 67.08 -17.52 30.72
CA LYS B 182 66.26 -18.06 29.64
C LYS B 182 65.16 -17.07 29.28
N SER B 183 65.02 -16.78 27.99
CA SER B 183 64.00 -15.85 27.51
C SER B 183 63.48 -16.33 26.16
N THR B 184 62.19 -16.11 25.93
CA THR B 184 61.53 -16.51 24.68
C THR B 184 61.31 -15.26 23.85
N ILE B 185 62.04 -15.16 22.74
CA ILE B 185 61.95 -13.99 21.86
C ILE B 185 61.57 -14.43 20.45
N ASN B 186 60.93 -13.51 19.73
CA ASN B 186 60.52 -13.75 18.36
C ASN B 186 61.68 -14.32 17.56
N ALA B 187 61.39 -15.32 16.73
CA ALA B 187 62.44 -15.96 15.93
C ALA B 187 63.29 -14.95 15.16
N GLU B 188 62.75 -13.77 14.90
CA GLU B 188 63.45 -12.71 14.16
C GLU B 188 64.51 -11.98 14.98
N PHE B 189 64.68 -12.29 16.28
CA PHE B 189 65.68 -11.59 17.09
C PHE B 189 66.87 -12.46 17.46
N VAL B 190 66.98 -13.67 16.94
CA VAL B 190 68.11 -14.54 17.25
C VAL B 190 69.30 -14.14 16.41
N VAL B 191 70.49 -14.13 17.01
CA VAL B 191 71.71 -13.76 16.30
C VAL B 191 72.73 -14.89 16.36
N ALA B 192 73.86 -14.70 15.70
CA ALA B 192 74.91 -15.69 15.70
C ALA B 192 75.75 -15.55 16.96
N GLY B 193 75.89 -16.63 17.71
CA GLY B 193 76.69 -16.65 18.92
C GLY B 193 75.92 -16.91 20.21
N ASP B 194 74.67 -16.50 20.31
CA ASP B 194 73.97 -16.74 21.56
C ASP B 194 73.67 -18.23 21.74
N LEU B 195 73.32 -18.57 22.98
CA LEU B 195 73.00 -19.93 23.34
C LEU B 195 71.51 -20.14 23.11
N VAL B 196 71.15 -21.27 22.52
CA VAL B 196 69.75 -21.57 22.23
C VAL B 196 69.43 -22.96 22.74
N GLU B 197 68.30 -23.06 23.44
CA GLU B 197 67.85 -24.33 23.98
C GLU B 197 66.59 -24.75 23.23
N VAL B 198 66.48 -26.05 22.96
CA VAL B 198 65.33 -26.60 22.26
C VAL B 198 64.75 -27.74 23.10
N LYS B 199 63.48 -28.00 22.85
CA LYS B 199 62.70 -29.00 23.55
C LYS B 199 61.80 -29.73 22.56
N GLY B 200 61.62 -31.02 22.78
CA GLY B 200 60.80 -31.84 21.90
C GLY B 200 59.44 -31.25 21.62
N GLY B 201 59.24 -30.82 20.38
CA GLY B 201 57.99 -30.21 19.96
C GLY B 201 58.22 -28.84 19.35
N ASP B 202 59.38 -28.26 19.60
CA ASP B 202 59.73 -26.95 19.08
C ASP B 202 60.53 -27.07 17.79
N ARG B 203 60.72 -25.94 17.12
CA ARG B 203 61.43 -25.86 15.86
C ARG B 203 62.81 -25.23 16.06
N ILE B 204 63.80 -25.80 15.38
CA ILE B 204 65.16 -25.29 15.45
C ILE B 204 65.14 -23.92 14.78
N PRO B 205 65.46 -22.84 15.51
CA PRO B 205 65.40 -21.49 14.92
C PRO B 205 66.39 -21.19 13.80
N ALA B 206 67.68 -21.42 14.04
CA ALA B 206 68.71 -21.17 13.05
C ALA B 206 69.64 -22.36 12.97
N ASP B 207 70.75 -22.24 12.25
CA ASP B 207 71.67 -23.38 12.17
C ASP B 207 72.52 -23.37 13.42
N LEU B 208 72.27 -24.35 14.30
CA LEU B 208 72.93 -24.52 15.58
C LEU B 208 74.04 -25.56 15.52
N ARG B 209 74.90 -25.48 16.53
CA ARG B 209 76.02 -26.40 16.75
C ARG B 209 75.75 -26.95 18.14
N ILE B 210 75.22 -28.16 18.19
CA ILE B 210 74.87 -28.79 19.47
C ILE B 210 76.09 -28.86 20.39
N ILE B 211 75.89 -28.43 21.63
CA ILE B 211 76.93 -28.46 22.65
C ILE B 211 76.59 -29.40 23.80
N SER B 212 75.32 -29.76 23.97
CA SER B 212 74.90 -30.67 25.03
C SER B 212 73.50 -31.15 24.70
N ALA B 213 73.32 -32.48 24.64
CA ALA B 213 72.01 -33.04 24.31
C ALA B 213 71.59 -34.08 25.34
N HIS B 214 70.27 -34.32 25.40
CA HIS B 214 69.70 -35.30 26.32
C HIS B 214 68.68 -36.14 25.53
N GLY B 215 69.17 -37.15 24.83
CA GLY B 215 68.31 -38.01 24.03
C GLY B 215 67.46 -37.21 23.05
N CYS B 216 68.08 -36.26 22.37
CA CYS B 216 67.39 -35.39 21.42
C CYS B 216 67.39 -35.94 20.00
N LYS B 217 66.21 -35.96 19.38
CA LYS B 217 66.01 -36.44 18.02
C LYS B 217 65.36 -35.33 17.20
N VAL B 218 65.70 -35.27 15.91
CA VAL B 218 65.17 -34.24 15.02
C VAL B 218 64.66 -34.87 13.73
N ASP B 219 63.72 -34.18 13.09
CA ASP B 219 63.11 -34.62 11.83
C ASP B 219 63.76 -33.87 10.67
N ASN B 220 64.70 -34.54 9.99
CA ASN B 220 65.42 -33.99 8.86
C ASN B 220 64.83 -34.45 7.52
N SER B 221 63.50 -34.61 7.46
CA SER B 221 62.84 -35.08 6.26
C SER B 221 62.64 -34.00 5.20
N SER B 222 62.25 -32.79 5.60
CA SER B 222 61.94 -31.72 4.64
C SER B 222 63.15 -31.23 3.86
N LEU B 223 64.28 -30.95 4.51
CA LEU B 223 65.43 -30.46 3.72
C LEU B 223 65.79 -31.50 2.67
N THR B 224 66.20 -32.66 3.14
CA THR B 224 66.57 -33.81 2.33
C THR B 224 65.29 -34.62 2.17
N GLY B 225 65.43 -35.94 2.22
CA GLY B 225 64.35 -36.88 2.11
C GLY B 225 64.35 -37.92 3.22
N GLU B 226 64.48 -37.53 4.49
CA GLU B 226 64.52 -38.54 5.55
C GLU B 226 63.12 -38.95 6.01
N SER B 227 63.06 -39.94 6.92
CA SER B 227 61.78 -40.37 7.47
C SER B 227 61.84 -40.53 8.99
N GLU B 228 62.72 -41.41 9.46
CA GLU B 228 62.85 -41.66 10.89
C GLU B 228 63.64 -40.56 11.58
N PRO B 229 63.50 -40.44 12.89
CA PRO B 229 64.22 -39.40 13.64
C PRO B 229 65.71 -39.65 13.86
N GLN B 230 66.54 -38.79 13.25
CA GLN B 230 67.99 -38.86 13.39
C GLN B 230 68.39 -38.15 14.69
N THR B 231 69.14 -38.85 15.57
CA THR B 231 69.54 -38.29 16.86
C THR B 231 70.69 -37.29 16.75
N ARG B 232 70.56 -36.17 17.47
CA ARG B 232 71.55 -35.10 17.50
C ARG B 232 72.43 -35.25 18.74
N SER B 233 73.72 -35.53 18.55
CA SER B 233 74.67 -35.69 19.64
C SER B 233 75.75 -34.61 19.54
N PRO B 234 76.30 -34.17 20.68
CA PRO B 234 77.34 -33.14 20.63
C PRO B 234 78.61 -33.58 19.93
N GLU B 235 78.85 -34.88 19.84
CA GLU B 235 80.04 -35.38 19.17
C GLU B 235 79.85 -35.38 17.66
N PHE B 236 80.98 -35.41 16.94
CA PHE B 236 80.98 -35.40 15.48
C PHE B 236 81.08 -36.83 14.94
N SER B 237 80.43 -37.07 13.80
CA SER B 237 80.49 -38.44 13.27
C SER B 237 80.85 -38.57 11.79
N SER B 238 80.34 -37.69 10.92
CA SER B 238 80.61 -37.81 9.49
C SER B 238 81.16 -36.53 8.90
N GLU B 239 82.00 -36.70 7.87
CA GLU B 239 82.62 -35.58 7.17
C GLU B 239 81.59 -34.70 6.47
N ASN B 240 80.43 -35.25 6.15
CA ASN B 240 79.37 -34.50 5.47
C ASN B 240 78.54 -33.79 6.53
N PRO B 241 78.39 -32.46 6.47
CA PRO B 241 77.61 -31.76 7.51
C PRO B 241 76.17 -32.22 7.61
N LEU B 242 75.56 -32.66 6.51
CA LEU B 242 74.18 -33.11 6.57
C LEU B 242 74.04 -34.44 7.32
N GLU B 243 75.11 -35.22 7.42
CA GLU B 243 75.07 -36.50 8.11
C GLU B 243 75.50 -36.45 9.57
N THR B 244 76.30 -35.46 9.96
CA THR B 244 76.74 -35.38 11.35
C THR B 244 75.56 -35.02 12.27
N ARG B 245 75.74 -35.32 13.56
CA ARG B 245 74.72 -35.09 14.57
C ARG B 245 74.98 -33.88 15.45
N ASN B 246 76.08 -33.17 15.27
CA ASN B 246 76.37 -31.99 16.08
C ASN B 246 75.86 -30.70 15.45
N ILE B 247 74.95 -30.78 14.48
CA ILE B 247 74.41 -29.59 13.84
C ILE B 247 72.90 -29.72 13.69
N ALA B 248 72.18 -28.72 14.18
CA ALA B 248 70.74 -28.63 14.06
C ALA B 248 70.47 -27.75 12.84
N PHE B 249 69.35 -27.97 12.16
CA PHE B 249 69.12 -27.19 10.96
C PHE B 249 67.85 -26.36 10.99
N PHE B 250 67.82 -25.37 10.10
CA PHE B 250 66.70 -24.46 9.95
C PHE B 250 65.49 -25.22 9.41
N SER B 251 64.33 -24.89 9.97
CA SER B 251 63.02 -25.46 9.63
C SER B 251 62.85 -26.90 10.11
N THR B 252 63.81 -27.43 10.86
CA THR B 252 63.66 -28.79 11.37
C THR B 252 62.96 -28.73 12.72
N ASN B 253 62.50 -29.89 13.18
CA ASN B 253 61.78 -29.96 14.44
C ASN B 253 62.38 -31.03 15.34
N CYS B 254 62.42 -30.74 16.64
CA CYS B 254 62.94 -31.66 17.65
C CYS B 254 61.78 -32.56 18.08
N VAL B 255 61.84 -33.83 17.68
CA VAL B 255 60.75 -34.76 18.00
C VAL B 255 60.73 -35.06 19.50
N GLU B 256 61.81 -35.66 20.02
CA GLU B 256 61.87 -36.01 21.44
C GLU B 256 63.23 -35.67 22.01
N GLY B 257 63.22 -35.08 23.21
CA GLY B 257 64.43 -34.71 23.92
C GLY B 257 64.62 -33.20 23.94
N THR B 258 65.69 -32.81 24.63
CA THR B 258 66.07 -31.41 24.77
C THR B 258 67.54 -31.26 24.44
N ALA B 259 67.91 -30.07 23.95
CA ALA B 259 69.31 -29.86 23.59
C ALA B 259 69.67 -28.38 23.66
N ARG B 260 70.97 -28.13 23.64
CA ARG B 260 71.56 -26.80 23.68
C ARG B 260 72.47 -26.64 22.46
N GLY B 261 72.73 -25.40 22.09
CA GLY B 261 73.59 -25.19 20.94
C GLY B 261 73.89 -23.72 20.68
N VAL B 262 75.01 -23.51 20.00
CA VAL B 262 75.48 -22.18 19.62
C VAL B 262 75.06 -21.93 18.18
N VAL B 263 74.42 -20.79 17.93
CA VAL B 263 73.95 -20.45 16.59
C VAL B 263 75.16 -20.20 15.70
N VAL B 264 75.36 -21.07 14.72
CA VAL B 264 76.48 -20.92 13.78
C VAL B 264 76.05 -20.12 12.56
N TYR B 265 74.91 -20.46 11.97
CA TYR B 265 74.41 -19.75 10.80
C TYR B 265 73.07 -19.11 11.10
N THR B 266 72.87 -17.90 10.59
CA THR B 266 71.63 -17.15 10.81
C THR B 266 71.21 -16.46 9.51
N GLY B 267 69.90 -16.17 9.43
CA GLY B 267 69.25 -15.50 8.32
C GLY B 267 69.32 -16.24 7.00
N ASP B 268 69.27 -15.47 5.91
CA ASP B 268 69.31 -16.03 4.57
C ASP B 268 70.56 -16.85 4.29
N ARG B 269 71.60 -16.67 5.10
CA ARG B 269 72.86 -17.40 4.91
C ARG B 269 72.71 -18.85 5.34
N THR B 270 71.50 -19.40 5.22
CA THR B 270 71.21 -20.78 5.59
C THR B 270 71.03 -21.65 4.35
N VAL B 271 71.03 -22.96 4.60
CA VAL B 271 70.91 -23.96 3.54
C VAL B 271 69.60 -23.77 2.78
N MET B 272 68.46 -23.86 3.47
CA MET B 272 67.20 -23.68 2.78
C MET B 272 67.05 -22.28 2.22
N GLY B 273 67.87 -21.33 2.68
CA GLY B 273 67.81 -19.98 2.15
C GLY B 273 68.45 -19.94 0.78
N ARG B 274 69.62 -20.57 0.64
CA ARG B 274 70.25 -20.62 -0.67
C ARG B 274 69.42 -21.45 -1.63
N ILE B 275 68.77 -22.49 -1.12
CA ILE B 275 67.93 -23.33 -1.96
C ILE B 275 66.69 -22.57 -2.41
N ALA B 276 66.18 -21.68 -1.54
CA ALA B 276 64.99 -20.89 -1.81
C ALA B 276 64.99 -20.16 -3.14
N THR B 277 66.14 -20.10 -3.83
CA THR B 277 66.18 -19.46 -5.15
C THR B 277 64.97 -19.89 -5.96
N LEU B 278 64.70 -21.19 -5.95
CA LEU B 278 63.56 -21.78 -6.64
C LEU B 278 62.27 -21.61 -5.85
N ALA B 279 62.31 -21.90 -4.54
CA ALA B 279 61.16 -21.80 -3.65
C ALA B 279 60.41 -20.50 -3.84
N SER B 280 61.15 -19.43 -4.16
CA SER B 280 60.63 -18.09 -4.38
C SER B 280 59.27 -18.12 -5.02
N GLY B 281 59.14 -18.86 -6.12
CA GLY B 281 57.89 -19.01 -6.84
C GLY B 281 56.72 -19.36 -5.94
N LEU B 282 56.80 -20.53 -5.29
CA LEU B 282 55.79 -21.05 -4.37
C LEU B 282 54.57 -21.58 -5.10
N GLU B 283 53.59 -22.06 -4.33
CA GLU B 283 52.39 -22.62 -4.93
C GLU B 283 51.20 -22.39 -4.01
N VAL B 284 50.01 -22.38 -4.61
CA VAL B 284 48.72 -22.12 -3.98
C VAL B 284 47.67 -23.14 -4.44
N GLY B 285 46.40 -22.74 -4.40
CA GLY B 285 45.36 -23.67 -4.82
C GLY B 285 44.01 -23.03 -5.05
N ARG B 286 43.04 -23.91 -5.34
CA ARG B 286 41.65 -23.56 -5.62
C ARG B 286 40.72 -24.45 -4.81
N THR B 287 39.86 -23.83 -4.00
CA THR B 287 38.89 -24.52 -3.16
C THR B 287 37.94 -25.38 -3.99
N PRO B 288 37.17 -26.27 -3.34
CA PRO B 288 36.18 -27.05 -4.12
C PRO B 288 35.21 -26.13 -4.84
N ILE B 289 34.60 -25.21 -4.08
CA ILE B 289 33.65 -24.21 -4.54
C ILE B 289 34.11 -23.61 -5.86
N ALA B 290 35.40 -23.24 -5.93
CA ALA B 290 35.93 -22.64 -7.15
C ALA B 290 35.77 -23.57 -8.35
N ILE B 291 36.19 -24.83 -8.21
CA ILE B 291 36.12 -25.83 -9.27
C ILE B 291 34.66 -26.25 -9.46
N GLU B 292 33.77 -25.68 -8.65
CA GLU B 292 32.33 -25.92 -8.80
C GLU B 292 31.74 -24.87 -9.72
N ILE B 293 32.15 -23.63 -9.44
CA ILE B 293 31.73 -22.50 -10.24
C ILE B 293 32.17 -22.68 -11.68
N GLU B 294 33.48 -22.89 -11.88
CA GLU B 294 33.99 -23.12 -13.24
C GLU B 294 33.11 -24.12 -13.98
N HIS B 295 32.95 -25.31 -13.40
CA HIS B 295 32.10 -26.35 -14.00
C HIS B 295 30.81 -25.75 -14.53
N PHE B 296 30.09 -25.09 -13.62
CA PHE B 296 28.84 -24.45 -14.02
C PHE B 296 29.03 -23.60 -15.27
N ILE B 297 29.95 -22.64 -15.19
CA ILE B 297 30.30 -21.71 -16.26
C ILE B 297 30.46 -22.49 -17.57
N HIS B 298 31.07 -23.67 -17.47
CA HIS B 298 31.27 -24.51 -18.65
C HIS B 298 29.94 -24.95 -19.25
N ILE B 299 29.07 -25.52 -18.41
CA ILE B 299 27.77 -25.96 -18.93
C ILE B 299 27.06 -24.80 -19.60
N ILE B 300 26.88 -23.71 -18.87
CA ILE B 300 26.19 -22.55 -19.42
C ILE B 300 26.79 -22.24 -20.78
N THR B 301 28.12 -22.11 -20.88
CA THR B 301 28.74 -21.84 -22.18
C THR B 301 28.24 -22.81 -23.24
N GLY B 302 28.08 -24.08 -22.88
CA GLY B 302 27.58 -25.04 -23.86
C GLY B 302 26.16 -24.71 -24.30
N VAL B 303 25.31 -24.38 -23.33
CA VAL B 303 23.93 -24.02 -23.63
C VAL B 303 23.89 -22.76 -24.51
N ALA B 304 24.75 -21.79 -24.19
CA ALA B 304 24.82 -20.53 -24.92
C ALA B 304 25.28 -20.72 -26.36
N VAL B 305 26.33 -21.51 -26.58
CA VAL B 305 26.81 -21.71 -27.95
C VAL B 305 25.73 -22.41 -28.78
N PHE B 306 25.03 -23.36 -28.16
CA PHE B 306 23.97 -24.02 -28.91
C PHE B 306 22.95 -22.99 -29.39
N LEU B 307 22.30 -22.32 -28.43
CA LEU B 307 21.30 -21.31 -28.80
C LEU B 307 21.81 -20.34 -29.85
N GLY B 308 23.09 -19.95 -29.79
CA GLY B 308 23.61 -19.04 -30.80
C GLY B 308 23.43 -19.59 -32.20
N VAL B 309 23.89 -20.83 -32.43
CA VAL B 309 23.74 -21.42 -33.76
C VAL B 309 22.27 -21.53 -34.15
N SER B 310 21.41 -21.82 -33.18
CA SER B 310 19.99 -21.93 -33.49
C SER B 310 19.44 -20.58 -33.96
N PHE B 311 19.69 -19.52 -33.19
CA PHE B 311 19.23 -18.18 -33.53
C PHE B 311 19.72 -17.81 -34.92
N PHE B 312 20.78 -18.48 -35.34
CA PHE B 312 21.33 -18.28 -36.68
C PHE B 312 20.42 -18.86 -37.74
N ILE B 313 20.02 -20.13 -37.57
CA ILE B 313 19.14 -20.72 -38.58
C ILE B 313 17.78 -19.99 -38.58
N LEU B 314 17.30 -19.58 -37.42
CA LEU B 314 16.03 -18.87 -37.36
C LEU B 314 16.11 -17.56 -38.15
N SER B 315 17.20 -16.81 -37.95
CA SER B 315 17.36 -15.55 -38.67
C SER B 315 17.36 -15.78 -40.18
N LEU B 316 18.12 -16.76 -40.67
CA LEU B 316 18.14 -16.94 -42.12
C LEU B 316 16.84 -17.52 -42.65
N ILE B 317 16.11 -18.32 -41.85
CA ILE B 317 14.84 -18.81 -42.41
C ILE B 317 13.89 -17.64 -42.49
N LEU B 318 14.17 -16.53 -41.80
CA LEU B 318 13.33 -15.33 -41.85
C LEU B 318 13.91 -14.19 -42.72
N GLY B 319 14.94 -14.45 -43.53
CA GLY B 319 15.50 -13.44 -44.43
C GLY B 319 16.49 -12.38 -43.96
N TYR B 320 17.25 -12.63 -42.90
CA TYR B 320 18.25 -11.66 -42.44
C TYR B 320 19.51 -11.74 -43.30
N SER B 321 20.41 -10.76 -43.16
CA SER B 321 21.64 -10.76 -43.94
C SER B 321 22.66 -11.67 -43.30
N TRP B 322 23.36 -12.48 -44.11
CA TRP B 322 24.37 -13.42 -43.63
C TRP B 322 25.18 -12.78 -42.51
N LEU B 323 25.47 -11.48 -42.65
CA LEU B 323 26.21 -10.76 -41.63
C LEU B 323 25.38 -10.57 -40.36
N GLU B 324 24.09 -10.27 -40.50
CA GLU B 324 23.26 -10.07 -39.32
C GLU B 324 23.14 -11.32 -38.47
N ALA B 325 23.24 -12.49 -39.09
CA ALA B 325 23.15 -13.71 -38.29
C ALA B 325 24.38 -13.94 -37.43
N VAL B 326 25.56 -13.57 -37.93
CA VAL B 326 26.74 -13.76 -37.10
C VAL B 326 26.76 -12.68 -36.02
N ILE B 327 26.26 -11.48 -36.34
CA ILE B 327 26.22 -10.44 -35.33
C ILE B 327 25.32 -10.89 -34.17
N PHE B 328 24.25 -11.61 -34.52
CA PHE B 328 23.35 -12.10 -33.47
C PHE B 328 23.98 -13.25 -32.67
N LEU B 329 24.69 -14.15 -33.36
CA LEU B 329 25.32 -15.25 -32.64
C LEU B 329 26.33 -14.72 -31.61
N ILE B 330 27.13 -13.75 -32.03
CA ILE B 330 28.13 -13.17 -31.12
C ILE B 330 27.45 -12.52 -29.92
N GLY B 331 26.40 -11.73 -30.17
CA GLY B 331 25.74 -11.08 -29.05
C GLY B 331 25.03 -12.02 -28.09
N ILE B 332 24.33 -13.02 -28.61
CA ILE B 332 23.61 -13.95 -27.74
C ILE B 332 24.56 -14.76 -26.87
N ILE B 333 25.64 -15.28 -27.47
CA ILE B 333 26.55 -16.05 -26.62
C ILE B 333 27.17 -15.13 -25.57
N VAL B 334 27.36 -13.84 -25.87
CA VAL B 334 27.92 -12.98 -24.84
C VAL B 334 26.91 -12.71 -23.73
N ALA B 335 25.61 -12.66 -24.06
CA ALA B 335 24.60 -12.37 -23.04
C ALA B 335 24.19 -13.58 -22.21
N ASN B 336 24.52 -14.80 -22.60
CA ASN B 336 24.08 -15.94 -21.79
C ASN B 336 25.09 -16.38 -20.72
N VAL B 337 26.38 -16.10 -20.87
CA VAL B 337 27.43 -16.50 -19.93
C VAL B 337 27.55 -15.54 -18.75
N PRO B 338 27.30 -15.99 -17.50
CA PRO B 338 27.40 -15.08 -16.34
C PRO B 338 28.80 -14.55 -16.06
N GLU B 339 28.84 -13.32 -15.54
CA GLU B 339 30.06 -12.59 -15.22
C GLU B 339 30.15 -12.15 -13.77
N GLY B 340 31.26 -12.50 -13.09
CA GLY B 340 31.52 -12.07 -11.72
C GLY B 340 31.63 -13.19 -10.69
N LEU B 341 30.92 -14.30 -10.91
CA LEU B 341 30.84 -15.43 -9.99
C LEU B 341 32.07 -15.73 -9.15
N LEU B 342 33.25 -15.85 -9.77
CA LEU B 342 34.45 -16.19 -9.02
C LEU B 342 34.95 -15.05 -8.14
N ALA B 343 34.86 -13.79 -8.61
CA ALA B 343 35.34 -12.71 -7.78
C ALA B 343 34.51 -12.62 -6.51
N THR B 344 33.20 -12.81 -6.62
CA THR B 344 32.36 -12.77 -5.42
C THR B 344 32.62 -13.98 -4.54
N VAL B 345 33.06 -15.11 -5.10
CA VAL B 345 33.32 -16.22 -4.21
C VAL B 345 34.61 -16.00 -3.42
N THR B 346 35.64 -15.49 -4.08
CA THR B 346 36.90 -15.24 -3.36
C THR B 346 36.74 -14.13 -2.33
N VAL B 347 36.06 -13.05 -2.70
CA VAL B 347 35.87 -11.95 -1.76
C VAL B 347 35.04 -12.40 -0.56
N CYS B 348 33.94 -13.12 -0.81
CA CYS B 348 33.13 -13.57 0.32
C CYS B 348 33.96 -14.42 1.28
N LEU B 349 34.73 -15.39 0.75
CA LEU B 349 35.55 -16.23 1.62
C LEU B 349 36.55 -15.39 2.42
N THR B 350 37.32 -14.53 1.77
CA THR B 350 38.31 -13.71 2.46
C THR B 350 37.67 -12.90 3.59
N LEU B 351 36.53 -12.28 3.30
CA LEU B 351 35.83 -11.50 4.32
C LEU B 351 35.36 -12.38 5.48
N THR B 352 34.91 -13.60 5.18
CA THR B 352 34.47 -14.48 6.25
C THR B 352 35.65 -14.90 7.13
N ALA B 353 36.80 -15.12 6.52
CA ALA B 353 37.98 -15.49 7.29
C ALA B 353 38.34 -14.37 8.27
N LYS B 354 38.29 -13.12 7.80
CA LYS B 354 38.56 -12.03 8.72
C LYS B 354 37.55 -12.05 9.86
N ARG B 355 36.31 -12.49 9.56
CA ARG B 355 35.30 -12.59 10.61
C ARG B 355 35.65 -13.69 11.61
N MET B 356 36.20 -14.80 11.12
CA MET B 356 36.56 -15.95 11.96
C MET B 356 37.78 -15.69 12.84
N ALA B 357 38.76 -14.94 12.33
CA ALA B 357 39.95 -14.67 13.13
C ALA B 357 39.64 -13.75 14.29
N ARG B 358 38.53 -13.02 14.22
CA ARG B 358 38.11 -12.14 15.29
C ARG B 358 37.43 -12.92 16.40
N LYS B 359 36.83 -14.06 16.06
CA LYS B 359 36.13 -14.92 17.00
C LYS B 359 37.00 -16.07 17.49
N ASN B 360 38.34 -15.91 17.45
CA ASN B 360 39.36 -16.86 17.92
C ASN B 360 39.66 -18.08 17.05
N CYS B 361 39.37 -18.09 15.74
CA CYS B 361 39.62 -19.27 14.88
C CYS B 361 40.51 -18.98 13.65
N LEU B 362 41.85 -19.00 13.78
CA LEU B 362 42.72 -18.68 12.63
C LEU B 362 42.88 -19.85 11.65
N VAL B 363 42.59 -19.63 10.37
CA VAL B 363 42.66 -20.65 9.31
C VAL B 363 43.95 -20.57 8.50
N LYS B 364 44.67 -21.70 8.41
CA LYS B 364 45.91 -21.77 7.63
C LYS B 364 45.68 -21.61 6.13
N ASN B 365 44.44 -21.76 5.65
CA ASN B 365 44.12 -21.63 4.23
C ASN B 365 42.62 -21.41 4.09
N LEU B 366 42.16 -21.20 2.84
CA LEU B 366 40.74 -20.97 2.60
C LEU B 366 39.92 -22.24 2.46
N GLU B 367 40.54 -23.38 2.16
CA GLU B 367 39.74 -24.60 2.06
C GLU B 367 39.13 -24.95 3.41
N ALA B 368 39.78 -24.54 4.50
CA ALA B 368 39.28 -24.81 5.83
C ALA B 368 37.98 -24.05 6.11
N VAL B 369 37.81 -22.86 5.52
CA VAL B 369 36.59 -22.09 5.73
C VAL B 369 35.37 -22.86 5.24
N GLU B 370 35.54 -23.66 4.19
CA GLU B 370 34.43 -24.42 3.62
C GLU B 370 34.22 -25.77 4.32
N THR B 371 35.30 -26.44 4.70
CA THR B 371 35.17 -27.74 5.36
C THR B 371 34.57 -27.62 6.76
N LEU B 372 34.78 -26.49 7.44
CA LEU B 372 34.27 -26.33 8.80
C LEU B 372 32.74 -26.41 8.87
N GLY B 373 32.04 -25.88 7.86
CA GLY B 373 30.59 -25.89 7.89
C GLY B 373 29.98 -27.28 7.84
N SER B 374 30.53 -28.15 6.99
CA SER B 374 30.05 -29.52 6.80
C SER B 374 30.38 -30.46 7.96
N THR B 375 31.01 -29.97 9.02
CA THR B 375 31.43 -30.75 10.18
C THR B 375 30.31 -31.56 10.83
N SER B 376 30.51 -32.88 10.91
CA SER B 376 29.61 -33.86 11.48
C SER B 376 30.06 -34.39 12.85
N THR B 377 31.37 -34.56 13.05
CA THR B 377 31.88 -35.08 14.31
C THR B 377 33.05 -34.25 14.80
N ILE B 378 33.08 -34.01 16.10
CA ILE B 378 34.14 -33.26 16.75
C ILE B 378 34.75 -34.19 17.78
N CYS B 379 36.01 -34.57 17.56
CA CYS B 379 36.73 -35.43 18.49
C CYS B 379 37.57 -34.46 19.29
N SER B 380 37.10 -34.15 20.50
CA SER B 380 37.76 -33.19 21.36
C SER B 380 38.33 -33.86 22.60
N ASP B 381 39.32 -33.20 23.17
CA ASP B 381 39.98 -33.66 24.39
C ASP B 381 39.38 -32.91 25.58
N LYS B 382 39.66 -33.38 26.78
CA LYS B 382 39.07 -32.78 27.98
C LYS B 382 39.95 -31.77 28.71
N THR B 383 41.17 -32.11 29.07
CA THR B 383 42.00 -31.15 29.81
C THR B 383 42.64 -30.19 28.82
N GLY B 384 42.05 -29.00 28.72
CA GLY B 384 42.51 -27.95 27.84
C GLY B 384 41.39 -27.38 26.98
N THR B 385 40.47 -28.22 26.54
CA THR B 385 39.34 -27.79 25.71
C THR B 385 38.07 -27.65 26.54
N LEU B 386 37.62 -28.75 27.14
CA LEU B 386 36.43 -28.69 27.96
C LEU B 386 36.71 -28.03 29.30
N THR B 387 37.97 -28.05 29.75
CA THR B 387 38.39 -27.48 31.01
C THR B 387 39.41 -26.35 30.80
N GLN B 388 39.75 -25.71 31.93
CA GLN B 388 40.64 -24.55 31.99
C GLN B 388 42.10 -24.82 32.36
N ASN B 389 42.44 -25.99 32.92
CA ASN B 389 43.83 -26.26 33.34
C ASN B 389 44.28 -25.26 34.39
N ARG B 390 43.39 -25.01 35.36
CA ARG B 390 43.55 -24.13 36.52
C ARG B 390 43.22 -24.93 37.80
N MET B 391 43.62 -26.22 37.81
CA MET B 391 43.36 -27.22 38.86
C MET B 391 43.84 -26.86 40.28
N THR B 392 43.14 -27.44 41.28
CA THR B 392 43.44 -27.23 42.70
C THR B 392 43.04 -28.41 43.60
N VAL B 393 43.99 -28.83 44.46
CA VAL B 393 43.80 -29.95 45.39
C VAL B 393 42.61 -29.74 46.31
N ALA B 394 41.74 -30.76 46.39
CA ALA B 394 40.57 -30.68 47.25
C ALA B 394 40.57 -31.73 48.36
N HIS B 395 40.77 -33.01 48.02
CA HIS B 395 40.74 -34.07 49.02
C HIS B 395 41.96 -34.96 48.95
N MET B 396 42.55 -35.21 50.11
CA MET B 396 43.69 -36.07 50.24
C MET B 396 43.25 -37.35 50.96
N TRP B 397 43.87 -38.46 50.61
CA TRP B 397 43.54 -39.72 51.24
C TRP B 397 44.80 -40.31 51.84
N PHE B 398 44.68 -40.78 53.07
CA PHE B 398 45.76 -41.41 53.81
C PHE B 398 45.20 -41.90 55.14
N ASP B 399 45.81 -42.93 55.72
CA ASP B 399 45.34 -43.51 56.97
C ASP B 399 43.85 -43.84 56.87
N ASN B 400 43.50 -44.49 55.75
CA ASN B 400 42.15 -44.92 55.39
C ASN B 400 41.12 -43.82 55.62
N GLN B 401 41.56 -42.57 55.68
CA GLN B 401 40.69 -41.44 55.93
C GLN B 401 40.75 -40.41 54.81
N ILE B 402 39.63 -39.74 54.58
CA ILE B 402 39.52 -38.67 53.60
C ILE B 402 39.72 -37.37 54.35
N HIS B 403 40.61 -36.53 53.86
CA HIS B 403 40.93 -35.25 54.48
C HIS B 403 40.68 -34.12 53.50
N GLU B 404 40.11 -33.02 53.99
CA GLU B 404 39.88 -31.87 53.13
C GLU B 404 41.07 -30.94 53.31
N ALA B 405 41.06 -29.82 52.60
CA ALA B 405 42.17 -28.88 52.66
C ALA B 405 41.74 -27.45 52.36
N ASP B 406 42.64 -26.70 51.71
CA ASP B 406 42.40 -25.32 51.31
C ASP B 406 42.20 -24.42 52.54
N THR B 407 43.29 -24.25 53.27
CA THR B 407 43.25 -23.44 54.47
C THR B 407 43.27 -21.95 54.19
N THR B 408 42.32 -21.45 53.38
CA THR B 408 42.16 -20.03 53.04
C THR B 408 43.45 -19.24 53.03
N GLU B 409 44.43 -19.64 52.22
CA GLU B 409 45.72 -18.94 52.12
C GLU B 409 46.28 -18.62 53.52
N ASN B 410 46.19 -19.61 54.41
CA ASN B 410 46.70 -19.41 55.76
C ASN B 410 46.98 -20.77 56.37
N GLN B 411 46.74 -20.89 57.67
CA GLN B 411 46.94 -22.15 58.39
C GLN B 411 45.69 -22.54 59.17
N SER B 412 44.54 -21.99 58.80
CA SER B 412 43.24 -22.25 59.40
C SER B 412 42.53 -23.38 58.68
N GLY B 413 41.20 -23.40 58.77
CA GLY B 413 40.38 -24.39 58.12
C GLY B 413 40.31 -25.72 58.82
N ALA B 414 41.07 -25.91 59.90
CA ALA B 414 41.09 -27.13 60.68
C ALA B 414 41.01 -28.37 59.79
N ALA B 415 41.88 -28.42 58.79
CA ALA B 415 41.87 -29.53 57.85
C ALA B 415 42.25 -30.85 58.51
N PHE B 416 43.53 -31.01 58.83
CA PHE B 416 44.04 -32.23 59.44
C PHE B 416 45.27 -31.85 60.26
N ASP B 417 45.57 -32.64 61.27
CA ASP B 417 46.78 -32.37 62.04
C ASP B 417 47.93 -32.28 61.07
N LYS B 418 48.64 -31.16 61.09
CA LYS B 418 49.78 -31.05 60.19
C LYS B 418 50.90 -31.98 60.65
N THR B 419 50.81 -32.44 61.90
CA THR B 419 51.78 -33.32 62.55
C THR B 419 51.75 -34.76 62.06
N SER B 420 50.68 -35.21 61.42
CA SER B 420 50.57 -36.59 60.95
C SER B 420 51.86 -37.08 60.29
N ALA B 421 52.31 -38.27 60.70
CA ALA B 421 53.52 -38.84 60.12
C ALA B 421 53.31 -39.14 58.64
N THR B 422 52.24 -39.87 58.34
CA THR B 422 51.88 -40.18 56.97
C THR B 422 51.89 -38.91 56.14
N TRP B 423 51.31 -37.84 56.68
CA TRP B 423 51.29 -36.56 55.99
C TRP B 423 52.69 -36.06 55.72
N SER B 424 53.62 -36.23 56.65
CA SER B 424 54.97 -35.77 56.38
C SER B 424 55.51 -36.49 55.16
N ALA B 425 55.32 -37.81 55.12
CA ALA B 425 55.80 -38.58 53.97
C ALA B 425 55.12 -38.12 52.67
N LEU B 426 53.80 -37.91 52.70
CA LEU B 426 53.07 -37.50 51.50
C LEU B 426 53.45 -36.10 51.04
N SER B 427 53.52 -35.16 51.99
CA SER B 427 53.91 -33.79 51.67
C SER B 427 55.31 -33.79 51.08
N ARG B 428 56.19 -34.65 51.61
CA ARG B 428 57.55 -34.73 51.12
C ARG B 428 57.64 -35.31 49.72
N ILE B 429 56.87 -36.36 49.40
CA ILE B 429 57.01 -36.88 48.04
C ILE B 429 56.43 -35.88 47.06
N ALA B 430 55.28 -35.27 47.37
CA ALA B 430 54.73 -34.28 46.45
C ALA B 430 55.76 -33.20 46.20
N ALA B 431 56.31 -32.62 47.27
CA ALA B 431 57.31 -31.57 47.15
C ALA B 431 58.59 -32.03 46.47
N LEU B 432 58.89 -33.33 46.50
CA LEU B 432 60.14 -33.81 45.91
C LEU B 432 60.02 -34.27 44.46
N CYS B 433 59.07 -35.17 44.15
CA CYS B 433 58.92 -35.66 42.79
C CYS B 433 58.47 -34.57 41.82
N ASN B 434 57.90 -33.48 42.34
CA ASN B 434 57.41 -32.38 41.52
C ASN B 434 58.57 -31.70 40.79
N ARG B 435 58.34 -31.32 39.51
CA ARG B 435 59.38 -30.64 38.72
C ARG B 435 59.11 -29.16 38.49
N ALA B 436 57.96 -28.63 38.91
CA ALA B 436 57.67 -27.22 38.70
C ALA B 436 58.38 -26.35 39.74
N VAL B 437 58.44 -25.05 39.45
CA VAL B 437 59.10 -24.08 40.31
C VAL B 437 58.44 -22.71 40.16
N PHE B 438 58.41 -21.96 41.27
CA PHE B 438 57.84 -20.62 41.27
C PHE B 438 58.61 -19.72 40.31
N GLN B 439 57.89 -18.88 39.57
CA GLN B 439 58.53 -17.95 38.65
C GLN B 439 59.28 -16.90 39.45
N ALA B 440 60.53 -16.63 39.07
CA ALA B 440 61.36 -15.65 39.77
C ALA B 440 60.62 -14.34 40.06
N GLY B 441 60.93 -13.72 41.19
CA GLY B 441 60.32 -12.46 41.58
C GLY B 441 58.85 -12.41 41.93
N GLN B 442 58.37 -13.37 42.74
CA GLN B 442 56.98 -13.40 43.18
C GLN B 442 56.92 -13.28 44.70
N ASP B 443 58.02 -12.90 45.33
CA ASP B 443 58.19 -12.73 46.77
C ASP B 443 57.12 -11.83 47.40
N ASN B 444 56.34 -11.15 46.58
CA ASN B 444 55.32 -10.22 47.06
C ASN B 444 53.89 -10.76 46.99
N VAL B 445 53.48 -11.38 45.90
CA VAL B 445 52.12 -11.89 45.75
C VAL B 445 51.83 -13.01 46.77
N PRO B 446 50.58 -13.43 46.93
CA PRO B 446 50.27 -14.50 47.88
C PRO B 446 50.66 -15.86 47.33
N ILE B 447 50.58 -16.87 48.19
CA ILE B 447 50.96 -18.22 47.84
C ILE B 447 50.06 -18.83 46.75
N LEU B 448 48.80 -18.42 46.67
CA LEU B 448 47.98 -19.02 45.63
C LEU B 448 48.01 -18.25 44.31
N LYS B 449 48.10 -16.93 44.36
CA LYS B 449 48.09 -16.14 43.13
C LYS B 449 49.44 -16.00 42.43
N ARG B 450 50.54 -16.68 42.78
CA ARG B 450 51.69 -16.34 41.95
C ARG B 450 51.81 -17.28 40.74
N SER B 451 52.83 -16.99 39.93
CA SER B 451 53.12 -17.67 38.67
C SER B 451 54.12 -18.80 38.84
N VAL B 452 53.82 -19.95 38.21
CA VAL B 452 54.67 -21.14 38.24
C VAL B 452 54.88 -21.64 36.81
N ALA B 453 55.94 -22.43 36.63
CA ALA B 453 56.30 -23.00 35.32
C ALA B 453 56.21 -24.52 35.39
N GLY B 454 55.23 -25.10 34.72
CA GLY B 454 55.09 -26.55 34.72
C GLY B 454 53.65 -26.97 34.49
N ASP B 455 53.45 -28.29 34.46
CA ASP B 455 52.14 -28.89 34.26
C ASP B 455 51.13 -28.28 35.21
N ALA B 456 49.84 -28.35 34.89
CA ALA B 456 48.89 -27.80 35.84
C ALA B 456 48.77 -28.68 37.06
N SER B 457 49.05 -29.97 36.91
CA SER B 457 48.99 -30.89 38.04
C SER B 457 50.08 -30.60 39.06
N GLU B 458 51.30 -30.37 38.57
CA GLU B 458 52.39 -30.07 39.49
C GLU B 458 52.23 -28.70 40.12
N SER B 459 51.58 -27.76 39.43
CA SER B 459 51.39 -26.44 40.04
C SER B 459 50.41 -26.50 41.19
N ALA B 460 49.27 -27.19 41.00
CA ALA B 460 48.33 -27.27 42.11
C ALA B 460 48.98 -27.97 43.30
N LEU B 461 49.80 -28.99 43.02
CA LEU B 461 50.48 -29.71 44.09
C LEU B 461 51.48 -28.83 44.84
N LEU B 462 52.32 -28.11 44.09
CA LEU B 462 53.34 -27.25 44.68
C LEU B 462 52.73 -26.16 45.55
N LYS B 463 51.64 -25.54 45.10
CA LYS B 463 51.05 -24.48 45.91
C LYS B 463 50.46 -25.01 47.21
N CYS B 464 49.80 -26.18 47.16
CA CYS B 464 49.27 -26.69 48.43
C CYS B 464 50.39 -26.96 49.43
N ILE B 465 51.51 -27.52 48.93
CA ILE B 465 52.63 -27.81 49.82
C ILE B 465 53.33 -26.53 50.30
N GLU B 466 53.35 -25.44 49.53
CA GLU B 466 54.02 -24.27 50.08
C GLU B 466 53.12 -23.47 51.01
N LEU B 467 51.81 -23.62 50.89
CA LEU B 467 50.93 -22.88 51.78
C LEU B 467 50.85 -23.50 53.16
N CYS B 468 50.60 -24.81 53.25
CA CYS B 468 50.54 -25.39 54.58
C CYS B 468 51.69 -26.35 54.87
N CYS B 469 52.81 -26.24 54.15
CA CYS B 469 53.96 -27.11 54.39
C CYS B 469 55.35 -26.45 54.29
N GLY B 470 55.53 -25.25 53.71
CA GLY B 470 56.82 -24.58 53.70
C GLY B 470 57.64 -24.69 52.39
N SER B 471 58.66 -23.80 52.32
CA SER B 471 59.61 -23.60 51.21
C SER B 471 60.15 -24.89 50.59
N VAL B 472 59.92 -25.06 49.29
CA VAL B 472 60.32 -26.26 48.60
C VAL B 472 61.82 -26.28 48.25
N GLN B 473 62.42 -25.13 47.95
CA GLN B 473 63.85 -25.11 47.56
C GLN B 473 64.77 -25.72 48.62
N GLY B 474 64.43 -25.61 49.90
CA GLY B 474 65.30 -26.17 50.92
C GLY B 474 64.89 -27.62 51.11
N MET B 475 63.60 -27.88 50.91
CA MET B 475 63.12 -29.24 50.99
C MET B 475 63.79 -30.09 49.93
N ARG B 476 64.10 -29.46 48.80
CA ARG B 476 64.78 -30.07 47.67
C ARG B 476 66.27 -30.12 47.90
N ASP B 477 66.83 -29.17 48.63
CA ASP B 477 68.26 -29.34 48.86
C ASP B 477 68.51 -30.24 50.06
N ARG B 478 67.58 -30.28 51.02
CA ARG B 478 67.72 -31.18 52.17
C ARG B 478 68.07 -32.58 51.68
N ASN B 479 67.38 -33.04 50.61
CA ASN B 479 67.61 -34.33 49.95
C ASN B 479 68.19 -34.11 48.57
N PRO B 480 69.40 -34.58 48.24
CA PRO B 480 69.92 -34.32 46.88
C PRO B 480 69.46 -35.24 45.75
N LYS B 481 68.93 -34.65 44.66
CA LYS B 481 68.45 -35.42 43.52
C LYS B 481 69.60 -36.00 42.71
N ILE B 482 69.66 -37.33 42.63
CA ILE B 482 70.70 -38.05 41.90
C ILE B 482 70.29 -38.33 40.46
N VAL B 483 69.14 -39.01 40.28
CA VAL B 483 68.65 -39.38 38.96
C VAL B 483 67.13 -39.25 38.92
N GLU B 484 66.62 -38.64 37.85
CA GLU B 484 65.20 -38.39 37.64
C GLU B 484 64.75 -38.92 36.29
N ILE B 485 63.59 -39.56 36.24
CA ILE B 485 63.00 -40.05 35.00
C ILE B 485 61.71 -39.26 34.78
N PRO B 486 61.50 -38.68 33.59
CA PRO B 486 60.32 -37.83 33.38
C PRO B 486 59.01 -38.56 33.05
N PHE B 487 57.93 -37.81 33.28
CA PHE B 487 56.57 -38.24 32.98
C PHE B 487 56.46 -38.52 31.47
N ASN B 488 55.35 -39.14 31.08
CA ASN B 488 55.04 -39.48 29.69
C ASN B 488 53.61 -40.00 29.68
N SER B 489 52.91 -39.87 28.56
CA SER B 489 51.53 -40.36 28.50
C SER B 489 51.45 -41.87 28.36
N THR B 490 52.49 -42.50 27.80
CA THR B 490 52.49 -43.94 27.67
C THR B 490 52.86 -44.61 28.98
N ASN B 491 53.76 -43.99 29.74
CA ASN B 491 54.09 -44.58 31.03
C ASN B 491 52.94 -44.32 32.01
N LYS B 492 52.57 -43.04 32.18
CA LYS B 492 51.52 -42.52 33.06
C LYS B 492 52.01 -42.34 34.49
N TYR B 493 53.33 -42.36 34.67
CA TYR B 493 53.90 -42.18 36.00
C TYR B 493 55.21 -41.39 35.90
N GLN B 494 55.58 -40.77 37.02
CA GLN B 494 56.79 -39.95 37.17
C GLN B 494 57.56 -40.48 38.38
N LEU B 495 58.85 -40.73 38.21
CA LEU B 495 59.66 -41.27 39.30
C LEU B 495 61.02 -40.59 39.37
N SER B 496 61.62 -40.71 40.56
CA SER B 496 62.93 -40.13 40.77
C SER B 496 63.49 -40.59 42.11
N ILE B 497 64.81 -40.70 42.17
CA ILE B 497 65.51 -41.11 43.39
C ILE B 497 66.34 -39.95 43.88
N HIS B 498 66.36 -39.79 45.19
CA HIS B 498 67.09 -38.72 45.84
C HIS B 498 67.77 -39.28 47.07
N GLU B 499 68.74 -38.53 47.57
CA GLU B 499 69.42 -38.95 48.77
C GLU B 499 68.49 -38.71 49.96
N ASN B 500 68.77 -39.39 51.07
CA ASN B 500 67.96 -39.25 52.26
C ASN B 500 68.70 -38.32 53.22
N GLU B 501 68.04 -37.23 53.62
CA GLU B 501 68.63 -36.25 54.52
C GLU B 501 68.76 -36.74 55.94
N LYS B 502 68.37 -37.98 56.24
CA LYS B 502 68.52 -38.48 57.60
C LYS B 502 70.02 -38.57 57.88
N SER B 503 70.50 -37.84 58.88
CA SER B 503 71.92 -37.92 59.15
C SER B 503 72.32 -39.27 59.73
N SER B 504 71.33 -40.11 60.08
CA SER B 504 71.58 -41.44 60.62
C SER B 504 71.33 -42.53 59.59
N GLU B 505 70.73 -42.18 58.45
CA GLU B 505 70.44 -43.13 57.38
C GLU B 505 70.96 -42.53 56.08
N SER B 506 71.96 -43.17 55.47
CA SER B 506 72.54 -42.72 54.22
C SER B 506 71.96 -43.45 53.02
N ARG B 507 70.85 -44.16 53.20
CA ARG B 507 70.22 -44.92 52.13
C ARG B 507 69.66 -44.01 51.03
N TYR B 508 68.99 -44.61 50.06
CA TYR B 508 68.41 -43.89 48.94
C TYR B 508 66.90 -43.95 48.98
N LEU B 509 66.27 -42.82 48.66
CA LEU B 509 64.83 -42.71 48.65
C LEU B 509 64.33 -42.69 47.21
N LEU B 510 63.25 -43.42 46.96
CA LEU B 510 62.65 -43.49 45.63
C LEU B 510 61.21 -43.06 45.75
N VAL B 511 60.77 -42.16 44.89
CA VAL B 511 59.39 -41.68 44.93
C VAL B 511 58.81 -41.75 43.53
N MET B 512 57.50 -41.98 43.46
CA MET B 512 56.83 -42.05 42.18
C MET B 512 55.35 -41.71 42.36
N LYS B 513 54.80 -41.07 41.35
CA LYS B 513 53.40 -40.67 41.34
C LYS B 513 52.79 -40.99 39.99
N GLY B 514 51.48 -41.21 39.99
CA GLY B 514 50.83 -41.53 38.74
C GLY B 514 49.36 -41.86 38.93
N ALA B 515 48.75 -42.36 37.86
CA ALA B 515 47.35 -42.73 37.93
C ALA B 515 47.17 -43.78 39.04
N PRO B 516 46.27 -43.56 39.98
CA PRO B 516 46.11 -44.52 41.10
C PRO B 516 46.06 -46.00 40.73
N GLU B 517 45.54 -46.37 39.56
CA GLU B 517 45.47 -47.80 39.22
C GLU B 517 46.85 -48.39 38.96
N ARG B 518 47.68 -47.68 38.17
CA ARG B 518 49.03 -48.17 37.88
C ARG B 518 49.86 -48.31 39.14
N ILE B 519 49.81 -47.30 40.01
CA ILE B 519 50.59 -47.35 41.24
C ILE B 519 50.09 -48.46 42.14
N LEU B 520 48.78 -48.74 42.12
CA LEU B 520 48.30 -49.83 42.96
C LEU B 520 48.92 -51.15 42.51
N ASP B 521 49.12 -51.32 41.19
CA ASP B 521 49.74 -52.57 40.73
C ASP B 521 51.24 -52.66 41.05
N ARG B 522 51.85 -51.64 41.65
CA ARG B 522 53.28 -51.66 41.98
C ARG B 522 53.52 -51.58 43.47
N CYS B 523 52.54 -51.99 44.27
CA CYS B 523 52.66 -51.94 45.71
C CYS B 523 52.13 -53.23 46.30
N SER B 524 52.73 -53.63 47.41
CA SER B 524 52.30 -54.82 48.13
C SER B 524 52.21 -54.50 49.61
N THR B 525 52.52 -53.26 49.97
CA THR B 525 52.49 -52.75 51.32
C THR B 525 51.70 -51.46 51.30
N ILE B 526 51.41 -50.95 52.49
CA ILE B 526 50.67 -49.71 52.64
C ILE B 526 51.18 -49.01 53.87
N LEU B 527 51.54 -47.74 53.72
CA LEU B 527 51.98 -46.96 54.87
C LEU B 527 50.69 -46.60 55.59
N LEU B 528 50.47 -47.23 56.75
CA LEU B 528 49.27 -47.05 57.53
C LEU B 528 49.59 -46.57 58.94
N ASN B 529 49.00 -45.42 59.29
CA ASN B 529 49.13 -44.80 60.62
C ASN B 529 50.59 -44.61 61.01
N GLY B 530 51.49 -44.72 60.03
CA GLY B 530 52.93 -44.57 60.22
C GLY B 530 53.74 -45.81 59.88
N ALA B 531 53.27 -46.98 60.30
CA ALA B 531 53.99 -48.23 60.03
C ALA B 531 53.55 -48.78 58.68
N GLU B 532 54.06 -49.95 58.30
CA GLU B 532 53.63 -50.53 57.05
C GLU B 532 52.73 -51.71 57.36
N GLU B 533 51.87 -52.01 56.42
CA GLU B 533 50.92 -53.11 56.55
C GLU B 533 50.75 -53.62 55.14
N PRO B 534 49.99 -54.65 54.91
CA PRO B 534 49.81 -55.09 53.52
C PRO B 534 48.56 -54.55 52.86
N LEU B 535 48.48 -54.80 51.57
CA LEU B 535 47.34 -54.45 50.75
C LEU B 535 46.59 -55.76 50.59
N LYS B 536 45.60 -55.98 51.45
CA LYS B 536 44.73 -57.14 51.42
C LYS B 536 43.41 -56.63 50.84
N GLU B 537 42.39 -57.47 50.78
CA GLU B 537 41.16 -56.99 50.13
C GLU B 537 40.28 -56.04 50.96
N ASP B 538 40.34 -56.03 52.29
CA ASP B 538 39.47 -55.09 53.01
C ASP B 538 39.84 -53.65 52.67
N MET B 539 41.11 -53.31 52.80
CA MET B 539 41.52 -51.96 52.45
C MET B 539 41.55 -51.76 50.94
N LYS B 540 41.66 -52.84 50.16
CA LYS B 540 41.62 -52.69 48.71
C LYS B 540 40.24 -52.22 48.28
N GLU B 541 39.21 -52.72 48.95
CA GLU B 541 37.86 -52.27 48.62
C GLU B 541 37.62 -50.89 49.19
N ALA B 542 38.23 -50.56 50.34
CA ALA B 542 38.05 -49.20 50.84
C ALA B 542 38.71 -48.20 49.89
N PHE B 543 39.79 -48.62 49.24
CA PHE B 543 40.47 -47.79 48.26
C PHE B 543 39.65 -47.63 46.99
N GLN B 544 38.91 -48.68 46.61
CA GLN B 544 38.06 -48.55 45.43
C GLN B 544 36.90 -47.60 45.69
N ASN B 545 36.26 -47.74 46.86
CA ASN B 545 35.18 -46.82 47.15
C ASN B 545 35.72 -45.40 47.32
N ALA B 546 37.02 -45.27 47.60
CA ALA B 546 37.59 -43.93 47.69
C ALA B 546 37.76 -43.32 46.31
N TYR B 547 38.08 -44.14 45.31
CA TYR B 547 38.19 -43.58 43.97
C TYR B 547 36.85 -43.03 43.51
N LEU B 548 35.77 -43.77 43.75
CA LEU B 548 34.48 -43.21 43.31
C LEU B 548 34.04 -42.02 44.16
N GLU B 549 34.49 -41.94 45.42
CA GLU B 549 34.10 -40.78 46.21
C GLU B 549 34.78 -39.53 45.68
N LEU B 550 36.09 -39.60 45.46
CA LEU B 550 36.81 -38.46 44.93
C LEU B 550 36.50 -38.19 43.46
N GLY B 551 36.20 -39.25 42.70
CA GLY B 551 35.90 -39.11 41.29
C GLY B 551 34.55 -38.48 41.01
N GLY B 552 33.51 -38.90 41.72
CA GLY B 552 32.19 -38.34 41.47
C GLY B 552 32.14 -36.84 41.71
N LEU B 553 33.08 -36.31 42.49
CA LEU B 553 33.15 -34.88 42.78
C LEU B 553 33.72 -34.07 41.63
N GLY B 554 33.93 -34.69 40.47
CA GLY B 554 34.49 -33.97 39.35
C GLY B 554 35.96 -33.66 39.53
N GLU B 555 36.60 -34.26 40.53
CA GLU B 555 37.98 -34.01 40.83
C GLU B 555 38.92 -35.03 40.18
N ARG B 556 40.11 -34.54 39.90
CA ARG B 556 41.23 -35.28 39.32
C ARG B 556 41.94 -35.96 40.48
N VAL B 557 42.35 -37.21 40.32
CA VAL B 557 43.01 -37.92 41.40
C VAL B 557 44.31 -38.57 40.95
N LEU B 558 45.32 -38.50 41.82
CA LEU B 558 46.65 -39.06 41.59
C LEU B 558 47.06 -39.90 42.80
N GLY B 559 47.98 -40.84 42.56
CA GLY B 559 48.50 -41.72 43.59
C GLY B 559 49.95 -41.38 43.83
N PHE B 560 50.37 -41.53 45.09
CA PHE B 560 51.72 -41.21 45.55
C PHE B 560 52.31 -42.35 46.39
N CYS B 561 53.47 -42.86 45.99
CA CYS B 561 54.11 -43.92 46.75
C CYS B 561 55.61 -43.72 46.75
N HIS B 562 56.28 -44.39 47.69
CA HIS B 562 57.72 -44.30 47.80
C HIS B 562 58.27 -45.59 48.38
N PHE B 563 59.60 -45.70 48.37
CA PHE B 563 60.25 -46.89 48.88
C PHE B 563 61.70 -46.57 49.21
N ALA B 564 62.19 -47.22 50.27
CA ALA B 564 63.56 -47.06 50.72
C ALA B 564 64.43 -48.11 50.03
N LEU B 565 65.30 -47.68 49.14
CA LEU B 565 66.15 -48.61 48.44
C LEU B 565 67.21 -49.16 49.40
N PRO B 566 67.40 -50.48 49.45
CA PRO B 566 68.41 -51.04 50.35
C PRO B 566 69.81 -50.61 49.95
N GLU B 567 70.51 -49.94 50.85
CA GLU B 567 71.86 -49.49 50.55
C GLU B 567 72.84 -50.63 50.43
N ASP B 568 72.43 -51.87 50.71
CA ASP B 568 73.33 -53.01 50.58
C ASP B 568 73.37 -53.55 49.17
N LYS B 569 72.27 -53.43 48.43
CA LYS B 569 72.20 -53.86 47.04
C LYS B 569 72.45 -52.72 46.08
N TYR B 570 72.33 -51.48 46.56
CA TYR B 570 72.56 -50.25 45.80
C TYR B 570 73.28 -49.31 46.77
N ASN B 571 74.61 -49.37 46.78
CA ASN B 571 75.41 -48.54 47.67
C ASN B 571 75.31 -47.07 47.29
N GLU B 572 75.91 -46.22 48.14
CA GLU B 572 75.90 -44.78 47.91
C GLU B 572 76.72 -44.38 46.69
N GLY B 573 77.58 -45.26 46.19
CA GLY B 573 78.39 -44.93 45.03
C GLY B 573 77.83 -45.42 43.72
N TYR B 574 76.96 -46.42 43.76
CA TYR B 574 76.39 -46.97 42.55
C TYR B 574 75.51 -45.95 41.82
N PRO B 575 75.71 -45.74 40.51
CA PRO B 575 74.86 -44.82 39.75
C PRO B 575 73.73 -45.55 39.04
N PHE B 576 72.48 -45.18 39.29
CA PHE B 576 71.35 -45.85 38.64
C PHE B 576 70.97 -45.12 37.36
N ASP B 577 71.73 -45.39 36.29
CA ASP B 577 71.44 -44.76 35.01
C ASP B 577 70.06 -45.21 34.53
N ALA B 578 69.30 -44.27 33.96
CA ALA B 578 67.94 -44.55 33.51
C ALA B 578 67.95 -45.34 32.19
N ASP B 579 68.30 -46.63 32.30
CA ASP B 579 68.31 -47.49 31.12
C ASP B 579 67.59 -48.82 31.31
N GLU B 580 67.95 -49.55 32.37
CA GLU B 580 67.44 -50.88 32.71
C GLU B 580 66.70 -50.88 34.05
N PRO B 581 66.14 -52.05 34.50
CA PRO B 581 65.42 -52.04 35.78
C PRO B 581 66.33 -51.94 36.99
N ASN B 582 66.69 -50.72 37.36
CA ASN B 582 67.54 -50.48 38.51
C ASN B 582 66.73 -50.27 39.78
N PHE B 583 65.42 -50.07 39.66
CA PHE B 583 64.57 -49.84 40.81
C PHE B 583 63.43 -50.85 40.80
N PRO B 584 63.04 -51.37 41.95
CA PRO B 584 61.93 -52.32 41.98
C PRO B 584 60.64 -51.61 41.65
N THR B 585 60.10 -51.88 40.46
CA THR B 585 58.86 -51.23 40.08
C THR B 585 57.74 -51.60 41.06
N THR B 586 57.63 -52.88 41.39
CA THR B 586 56.61 -53.33 42.33
C THR B 586 57.16 -53.29 43.76
N ASP B 587 56.39 -53.83 44.70
CA ASP B 587 56.76 -53.89 46.12
C ASP B 587 57.02 -52.51 46.73
N LEU B 588 56.41 -51.46 46.16
CA LEU B 588 56.58 -50.13 46.70
C LEU B 588 55.68 -49.93 47.91
N CYS B 589 55.73 -48.74 48.53
CA CYS B 589 54.90 -48.43 49.68
C CYS B 589 53.98 -47.27 49.31
N PHE B 590 52.70 -47.57 49.13
CA PHE B 590 51.70 -46.56 48.79
C PHE B 590 51.38 -45.74 50.03
N VAL B 591 51.44 -44.41 49.91
CA VAL B 591 51.15 -43.56 51.06
C VAL B 591 49.76 -42.96 50.99
N GLY B 592 49.32 -42.49 49.82
CA GLY B 592 47.99 -41.93 49.73
C GLY B 592 47.65 -41.16 48.48
N LEU B 593 46.35 -41.03 48.21
CA LEU B 593 45.85 -40.32 47.05
C LEU B 593 45.80 -38.81 47.29
N MET B 594 45.78 -38.07 46.18
CA MET B 594 45.69 -36.61 46.19
C MET B 594 44.78 -36.22 45.04
N ALA B 595 43.69 -35.54 45.36
CA ALA B 595 42.69 -35.12 44.38
C ALA B 595 42.65 -33.61 44.22
N MET B 596 42.31 -33.17 43.00
CA MET B 596 42.24 -31.75 42.65
C MET B 596 41.10 -31.50 41.68
N ILE B 597 40.48 -30.31 41.80
CA ILE B 597 39.39 -29.89 40.94
C ILE B 597 39.94 -29.00 39.83
N ASP B 598 39.27 -29.02 38.66
CA ASP B 598 39.53 -28.28 37.43
C ASP B 598 38.12 -28.10 36.86
N PRO B 599 37.61 -26.88 36.78
CA PRO B 599 36.24 -26.71 36.30
C PRO B 599 36.17 -26.58 34.79
N PRO B 600 34.98 -26.70 34.23
CA PRO B 600 34.81 -26.54 32.79
C PRO B 600 34.75 -25.07 32.44
N ARG B 601 34.81 -24.79 31.15
CA ARG B 601 34.72 -23.41 30.72
C ARG B 601 33.26 -22.96 30.85
N ALA B 602 33.06 -21.66 30.89
CA ALA B 602 31.69 -21.18 31.04
C ALA B 602 30.82 -21.57 29.85
N ALA B 603 31.14 -21.04 28.68
CA ALA B 603 30.38 -21.26 27.46
C ALA B 603 30.24 -22.72 27.02
N VAL B 604 31.00 -23.66 27.59
CA VAL B 604 30.97 -25.07 27.14
C VAL B 604 29.57 -25.73 27.16
N PRO B 605 28.77 -25.65 28.23
CA PRO B 605 27.46 -26.33 28.20
C PRO B 605 26.59 -25.92 27.01
N ASP B 606 26.60 -24.64 26.66
CA ASP B 606 25.81 -24.20 25.53
C ASP B 606 26.37 -24.74 24.22
N ALA B 607 27.69 -24.86 24.13
CA ALA B 607 28.30 -25.37 22.92
C ALA B 607 27.88 -26.81 22.65
N VAL B 608 27.92 -27.67 23.68
CA VAL B 608 27.49 -29.04 23.40
C VAL B 608 26.01 -29.06 23.05
N GLY B 609 25.19 -28.19 23.68
CA GLY B 609 23.78 -28.18 23.31
C GLY B 609 23.58 -27.82 21.85
N LYS B 610 24.33 -26.82 21.38
CA LYS B 610 24.24 -26.41 19.98
C LYS B 610 24.65 -27.54 19.06
N CYS B 611 25.68 -28.30 19.45
CA CYS B 611 26.10 -29.43 18.63
C CYS B 611 24.99 -30.46 18.53
N ARG B 612 24.32 -30.74 19.64
CA ARG B 612 23.24 -31.72 19.62
C ARG B 612 22.09 -31.28 18.73
N SER B 613 21.79 -29.98 18.72
CA SER B 613 20.69 -29.54 17.85
C SER B 613 21.09 -29.54 16.39
N ALA B 614 22.38 -29.36 16.09
CA ALA B 614 22.85 -29.33 14.72
C ALA B 614 22.90 -30.71 14.07
N GLY B 615 23.06 -31.75 14.86
CA GLY B 615 23.15 -33.09 14.30
C GLY B 615 24.62 -33.45 14.22
N ILE B 616 25.34 -33.06 15.26
CA ILE B 616 26.78 -33.28 15.37
C ILE B 616 27.06 -34.13 16.61
N LYS B 617 27.91 -35.14 16.44
CA LYS B 617 28.30 -36.05 17.49
C LYS B 617 29.56 -35.55 18.18
N VAL B 618 29.58 -35.59 19.51
CA VAL B 618 30.72 -35.14 20.31
C VAL B 618 31.33 -36.33 21.03
N ILE B 619 32.65 -36.43 20.97
CA ILE B 619 33.40 -37.51 21.61
C ILE B 619 34.48 -36.89 22.49
N MET B 620 34.63 -37.43 23.70
CA MET B 620 35.63 -36.99 24.66
C MET B 620 36.72 -38.04 24.71
N VAL B 621 37.96 -37.63 24.45
CA VAL B 621 39.11 -38.53 24.48
C VAL B 621 40.00 -38.03 25.60
N THR B 622 40.07 -38.80 26.70
CA THR B 622 40.90 -38.34 27.80
C THR B 622 41.77 -39.46 28.36
N GLY B 623 42.83 -39.03 29.04
CA GLY B 623 43.81 -39.87 29.69
C GLY B 623 43.51 -40.17 31.14
N ASP B 624 42.37 -39.72 31.63
CA ASP B 624 41.99 -39.95 33.02
C ASP B 624 41.20 -41.25 33.12
N HIS B 625 40.52 -41.42 34.21
CA HIS B 625 39.74 -42.59 34.57
C HIS B 625 38.31 -42.51 34.04
N PRO B 626 37.66 -43.67 33.86
CA PRO B 626 36.26 -43.65 33.39
C PRO B 626 35.32 -42.90 34.32
N ILE B 627 35.56 -42.87 35.63
CA ILE B 627 34.66 -42.12 36.51
C ILE B 627 34.76 -40.63 36.23
N THR B 628 35.97 -40.08 36.30
CA THR B 628 36.15 -38.66 36.04
C THR B 628 35.69 -38.30 34.64
N ALA B 629 35.87 -39.21 33.68
CA ALA B 629 35.40 -38.95 32.32
C ALA B 629 33.89 -38.84 32.30
N LYS B 630 33.22 -39.91 32.72
CA LYS B 630 31.77 -39.97 32.82
C LYS B 630 31.22 -38.71 33.46
N ALA B 631 31.84 -38.28 34.56
CA ALA B 631 31.45 -37.08 35.29
C ALA B 631 31.53 -35.81 34.45
N ILE B 632 32.74 -35.47 33.99
CA ILE B 632 32.90 -34.28 33.15
C ILE B 632 31.86 -34.31 32.05
N ALA B 633 31.63 -35.50 31.49
CA ALA B 633 30.63 -35.70 30.45
C ALA B 633 29.24 -35.33 30.95
N LYS B 634 28.93 -35.72 32.20
CA LYS B 634 27.63 -35.40 32.79
C LYS B 634 27.43 -33.91 32.92
N GLY B 635 28.50 -33.19 33.18
CA GLY B 635 28.41 -31.75 33.37
C GLY B 635 28.35 -30.94 32.10
N VAL B 636 29.26 -31.20 31.17
CA VAL B 636 29.26 -30.41 29.94
C VAL B 636 28.02 -30.66 29.11
N GLY B 637 27.49 -31.88 29.12
CA GLY B 637 26.32 -32.23 28.34
C GLY B 637 26.56 -33.30 27.30
N ILE B 638 27.76 -33.88 27.25
CA ILE B 638 28.03 -34.95 26.29
C ILE B 638 27.08 -36.11 26.52
N ILE B 639 26.86 -36.45 27.78
CA ILE B 639 25.94 -37.51 28.18
C ILE B 639 24.74 -36.82 28.79
N SER B 640 23.68 -36.65 28.01
CA SER B 640 22.50 -35.98 28.53
C SER B 640 21.73 -36.92 29.46
N GLU B 641 20.75 -36.35 30.15
CA GLU B 641 19.93 -37.11 31.09
C GLU B 641 19.09 -38.15 30.36
N GLY B 642 18.85 -39.27 31.04
CA GLY B 642 18.03 -40.33 30.48
C GLY B 642 18.81 -41.45 29.82
N ASN B 643 19.86 -41.10 29.09
CA ASN B 643 20.65 -42.13 28.45
C ASN B 643 21.48 -42.86 29.49
N GLU B 644 21.55 -44.17 29.35
CA GLU B 644 22.29 -44.98 30.29
C GLU B 644 23.23 -45.91 29.54
N THR B 645 24.16 -46.43 30.28
CA THR B 645 25.16 -47.34 29.77
C THR B 645 24.83 -48.74 30.24
N ILE B 646 25.65 -49.69 29.80
CA ILE B 646 25.45 -51.07 30.19
C ILE B 646 25.63 -51.23 31.69
N GLU B 647 26.62 -50.55 32.28
CA GLU B 647 26.82 -50.64 33.72
C GLU B 647 25.64 -50.05 34.48
N ASP B 648 25.08 -48.96 33.97
CA ASP B 648 23.92 -48.35 34.62
C ASP B 648 22.75 -49.31 34.65
N ILE B 649 22.49 -49.99 33.53
CA ILE B 649 21.39 -50.94 33.48
C ILE B 649 21.69 -52.13 34.37
N ALA B 650 22.94 -52.59 34.40
CA ALA B 650 23.26 -53.70 35.29
C ALA B 650 23.01 -53.30 36.73
N ALA B 651 23.38 -52.08 37.09
CA ALA B 651 23.18 -51.58 38.46
C ALA B 651 21.69 -51.43 38.78
N ARG B 652 20.89 -50.91 37.85
CA ARG B 652 19.47 -50.73 38.11
C ARG B 652 18.77 -52.08 38.22
N LEU B 653 19.00 -52.95 37.24
CA LEU B 653 18.40 -54.27 37.20
C LEU B 653 19.05 -55.25 38.15
N ASN B 654 20.29 -55.00 38.58
CA ASN B 654 21.01 -55.91 39.48
C ASN B 654 21.24 -57.23 38.75
N ILE B 655 21.70 -57.10 37.50
CA ILE B 655 21.98 -58.23 36.60
C ILE B 655 23.42 -58.08 36.14
N PRO B 656 24.08 -59.18 35.77
CA PRO B 656 25.46 -59.05 35.28
C PRO B 656 25.50 -58.20 34.02
N ILE B 657 26.59 -57.47 33.86
CA ILE B 657 26.76 -56.60 32.70
C ILE B 657 26.74 -57.41 31.41
N GLY B 658 27.34 -58.61 31.43
CA GLY B 658 27.35 -59.45 30.24
C GLY B 658 25.97 -59.84 29.75
N GLN B 659 25.03 -60.06 30.68
CA GLN B 659 23.68 -60.46 30.31
C GLN B 659 22.92 -59.35 29.61
N VAL B 660 23.13 -58.09 30.03
CA VAL B 660 22.41 -56.97 29.43
C VAL B 660 22.69 -56.89 27.92
N ASN B 661 21.69 -56.45 27.18
CA ASN B 661 21.77 -56.30 25.73
C ASN B 661 22.59 -55.05 25.40
N PRO B 662 23.63 -55.16 24.57
CA PRO B 662 24.42 -53.96 24.22
C PRO B 662 23.62 -52.91 23.47
N ARG B 663 22.63 -53.31 22.68
CA ARG B 663 21.83 -52.33 21.94
C ARG B 663 20.92 -51.52 22.84
N ASP B 664 20.64 -52.02 24.05
CA ASP B 664 19.77 -51.31 24.98
C ASP B 664 20.33 -49.97 25.45
N ALA B 665 21.64 -49.75 25.34
CA ALA B 665 22.26 -48.52 25.79
C ALA B 665 22.65 -47.61 24.63
N LYS B 666 22.19 -46.36 24.71
CA LYS B 666 22.47 -45.35 23.68
C LYS B 666 23.89 -44.80 23.80
N ALA B 667 24.39 -44.64 25.01
CA ALA B 667 25.72 -44.10 25.26
C ALA B 667 26.63 -45.17 25.84
N CYS B 668 27.94 -44.96 25.67
CA CYS B 668 28.90 -45.93 26.19
C CYS B 668 30.23 -45.27 26.49
N VAL B 669 30.98 -45.89 27.39
CA VAL B 669 32.30 -45.43 27.80
C VAL B 669 33.27 -46.56 27.53
N VAL B 670 34.03 -46.42 26.46
CA VAL B 670 35.01 -47.43 26.06
C VAL B 670 36.35 -47.07 26.70
N HIS B 671 37.00 -48.08 27.26
CA HIS B 671 38.30 -47.89 27.88
C HIS B 671 39.38 -47.93 26.81
N GLY B 672 40.64 -47.99 27.25
CA GLY B 672 41.77 -48.05 26.35
C GLY B 672 42.24 -49.46 26.11
N SER B 673 42.28 -50.28 27.16
CA SER B 673 42.71 -51.67 27.00
C SER B 673 41.80 -52.39 26.01
N ASP B 674 40.49 -52.17 26.16
CA ASP B 674 39.54 -52.80 25.25
C ASP B 674 39.76 -52.28 23.84
N LEU B 675 40.01 -50.97 23.69
CA LEU B 675 40.24 -50.41 22.36
C LEU B 675 41.45 -51.04 21.70
N LYS B 676 42.51 -51.28 22.48
CA LYS B 676 43.70 -51.92 21.92
C LYS B 676 43.37 -53.33 21.45
N ASP B 677 42.62 -54.07 22.27
CA ASP B 677 42.28 -55.44 21.90
C ASP B 677 41.30 -55.54 20.72
N LEU B 678 40.46 -54.53 20.51
CA LEU B 678 39.46 -54.57 19.45
C LEU B 678 40.07 -54.50 18.04
N SER B 679 39.32 -55.04 17.09
CA SER B 679 39.55 -55.12 15.65
C SER B 679 38.80 -53.95 14.99
N THR B 680 38.27 -54.13 13.78
CA THR B 680 37.56 -53.06 13.09
C THR B 680 36.03 -53.15 13.13
N GLU B 681 35.43 -54.34 13.01
CA GLU B 681 33.98 -54.43 13.03
C GLU B 681 33.41 -53.99 14.38
N VAL B 682 34.09 -54.35 15.48
CA VAL B 682 33.62 -53.94 16.79
C VAL B 682 33.63 -52.43 16.92
N LEU B 683 34.68 -51.79 16.40
CA LEU B 683 34.76 -50.33 16.46
C LEU B 683 33.61 -49.72 15.68
N ASP B 684 33.33 -50.28 14.49
CA ASP B 684 32.21 -49.75 13.73
C ASP B 684 30.90 -49.94 14.47
N ASP B 685 30.79 -51.05 15.22
CA ASP B 685 29.58 -51.31 15.99
C ASP B 685 29.35 -50.21 17.02
N ILE B 686 30.40 -49.87 17.78
CA ILE B 686 30.22 -48.83 18.80
C ILE B 686 29.97 -47.47 18.17
N LEU B 687 30.66 -47.14 17.07
CA LEU B 687 30.47 -45.84 16.46
C LEU B 687 29.09 -45.70 15.81
N HIS B 688 28.57 -46.78 15.22
CA HIS B 688 27.28 -46.71 14.56
C HIS B 688 26.12 -46.75 15.55
N TYR B 689 26.15 -47.70 16.49
CA TYR B 689 25.03 -47.87 17.42
C TYR B 689 24.98 -46.83 18.53
N HIS B 690 26.10 -46.37 19.05
CA HIS B 690 26.00 -45.41 20.15
C HIS B 690 25.95 -43.96 19.64
N THR B 691 25.27 -43.12 20.43
CA THR B 691 25.08 -41.69 20.15
C THR B 691 26.07 -40.81 20.92
N GLU B 692 26.41 -41.19 22.16
CA GLU B 692 27.32 -40.45 23.02
C GLU B 692 28.40 -41.44 23.47
N ILE B 693 29.56 -41.37 22.83
CA ILE B 693 30.68 -42.26 23.13
C ILE B 693 31.79 -41.48 23.83
N VAL B 694 32.21 -41.96 25.00
CA VAL B 694 33.30 -41.36 25.77
C VAL B 694 34.43 -42.37 25.83
N PHE B 695 35.65 -41.92 25.63
CA PHE B 695 36.84 -42.78 25.65
C PHE B 695 37.76 -42.33 26.78
N ALA B 696 38.07 -43.27 27.69
CA ALA B 696 38.92 -42.94 28.84
C ALA B 696 40.22 -43.75 28.82
N ARG B 697 41.29 -43.14 29.37
CA ARG B 697 42.59 -43.80 29.41
C ARG B 697 43.03 -44.15 28.00
N THR B 698 43.63 -43.20 27.31
CA THR B 698 44.01 -43.48 25.94
C THR B 698 45.33 -42.84 25.58
N SER B 699 46.22 -43.64 25.05
CA SER B 699 47.52 -43.18 24.61
C SER B 699 47.29 -42.35 23.36
N PRO B 700 48.31 -41.72 22.84
CA PRO B 700 48.11 -40.94 21.62
C PRO B 700 48.03 -41.79 20.36
N GLN B 701 48.79 -42.88 20.30
CA GLN B 701 48.80 -43.76 19.13
C GLN B 701 47.43 -44.35 18.81
N GLN B 702 46.43 -44.07 19.65
CA GLN B 702 45.09 -44.61 19.45
C GLN B 702 44.16 -43.68 18.66
N LYS B 703 44.22 -42.36 18.88
CA LYS B 703 43.39 -41.35 18.21
C LYS B 703 43.11 -41.64 16.73
N LEU B 704 44.16 -42.10 16.02
CA LEU B 704 44.04 -42.40 14.60
C LEU B 704 43.01 -43.49 14.32
N ILE B 705 42.97 -44.53 15.16
CA ILE B 705 42.00 -45.61 14.93
C ILE B 705 40.58 -45.04 15.00
N ILE B 706 40.34 -44.17 15.99
CA ILE B 706 39.02 -43.56 16.15
C ILE B 706 38.68 -42.70 14.93
N VAL B 707 39.65 -41.92 14.46
CA VAL B 707 39.40 -41.07 13.29
C VAL B 707 39.08 -41.92 12.05
N GLU B 708 39.87 -42.98 11.84
CA GLU B 708 39.63 -43.85 10.69
C GLU B 708 38.27 -44.50 10.78
N GLY B 709 37.78 -44.71 12.00
CA GLY B 709 36.46 -45.30 12.14
C GLY B 709 35.41 -44.29 11.78
N CYS B 710 35.62 -43.04 12.21
CA CYS B 710 34.65 -41.99 11.91
C CYS B 710 34.57 -41.70 10.41
N GLN B 711 35.68 -41.81 9.68
CA GLN B 711 35.62 -41.56 8.24
C GLN B 711 35.03 -42.73 7.49
N ARG B 712 35.24 -43.95 7.99
CA ARG B 712 34.70 -45.15 7.37
C ARG B 712 33.20 -45.03 7.19
N GLN B 713 32.55 -44.40 8.18
CA GLN B 713 31.11 -44.19 8.14
C GLN B 713 30.70 -43.27 7.00
N GLY B 714 31.52 -42.25 6.72
CA GLY B 714 31.17 -41.29 5.70
C GLY B 714 30.85 -39.97 6.35
N ALA B 715 31.74 -39.51 7.22
CA ALA B 715 31.54 -38.26 7.93
C ALA B 715 32.83 -37.45 8.01
N ILE B 716 32.65 -36.13 8.11
CA ILE B 716 33.74 -35.16 8.21
C ILE B 716 34.08 -34.97 9.69
N VAL B 717 35.35 -35.09 10.04
CA VAL B 717 35.76 -34.95 11.43
C VAL B 717 36.86 -33.92 11.63
N ALA B 718 36.83 -33.31 12.82
CA ALA B 718 37.78 -32.31 13.28
C ALA B 718 38.36 -32.83 14.60
N VAL B 719 39.66 -32.70 14.76
CA VAL B 719 40.33 -33.19 15.97
C VAL B 719 41.18 -32.10 16.61
N THR B 720 41.17 -32.05 17.95
CA THR B 720 41.94 -31.07 18.72
C THR B 720 43.22 -31.72 19.22
N GLY B 721 44.36 -31.15 18.82
CA GLY B 721 45.65 -31.68 19.19
C GLY B 721 46.61 -30.64 19.75
N ASP B 722 47.51 -31.12 20.62
CA ASP B 722 48.49 -30.25 21.26
C ASP B 722 49.95 -30.69 21.21
N GLY B 723 50.27 -31.99 21.09
CA GLY B 723 51.63 -32.43 21.13
C GLY B 723 52.22 -32.94 19.82
N VAL B 724 53.26 -33.76 19.96
CA VAL B 724 54.01 -34.37 18.86
C VAL B 724 53.32 -35.63 18.36
N ASN B 725 52.83 -36.46 19.27
CA ASN B 725 52.17 -37.68 18.84
C ASN B 725 50.85 -37.39 18.15
N ASP B 726 50.42 -36.14 18.15
CA ASP B 726 49.18 -35.79 17.47
C ASP B 726 49.39 -35.51 15.99
N SER B 727 50.58 -35.06 15.58
CA SER B 727 50.78 -34.75 14.16
C SER B 727 50.15 -35.78 13.22
N PRO B 728 50.36 -37.09 13.36
CA PRO B 728 49.68 -38.03 12.44
C PRO B 728 48.16 -37.83 12.37
N ALA B 729 47.50 -37.82 13.52
CA ALA B 729 46.05 -37.64 13.53
C ALA B 729 45.66 -36.31 12.88
N LEU B 730 46.31 -35.23 13.30
CA LEU B 730 46.03 -33.89 12.77
C LEU B 730 46.15 -33.81 11.26
N LYS B 731 46.71 -34.80 10.59
CA LYS B 731 46.80 -34.69 9.15
C LYS B 731 45.70 -35.50 8.46
N LYS B 732 45.38 -36.66 9.03
CA LYS B 732 44.38 -37.54 8.43
C LYS B 732 42.97 -36.95 8.53
N ALA B 733 42.67 -36.26 9.61
CA ALA B 733 41.33 -35.71 9.81
C ALA B 733 41.01 -34.67 8.75
N ASP B 734 39.78 -34.17 8.77
CA ASP B 734 39.43 -33.16 7.79
C ASP B 734 39.75 -31.77 8.32
N ILE B 735 39.52 -31.51 9.61
CA ILE B 735 39.89 -30.22 10.18
C ILE B 735 40.74 -30.47 11.41
N GLY B 736 42.00 -30.06 11.35
CA GLY B 736 42.89 -30.21 12.46
C GLY B 736 42.87 -28.92 13.25
N VAL B 737 42.42 -28.97 14.49
CA VAL B 737 42.36 -27.80 15.37
C VAL B 737 43.54 -27.93 16.31
N ALA B 738 44.52 -27.03 16.19
CA ALA B 738 45.69 -27.07 17.04
C ALA B 738 45.57 -26.02 18.13
N MET B 739 46.03 -26.36 19.34
CA MET B 739 45.95 -25.38 20.42
C MET B 739 46.95 -24.24 20.20
N GLY B 740 46.49 -23.01 20.42
CA GLY B 740 47.33 -21.84 20.26
C GLY B 740 48.15 -21.51 21.49
N ILE B 741 47.48 -21.54 22.65
CA ILE B 741 48.13 -21.24 23.92
C ILE B 741 49.18 -22.30 24.27
N SER B 742 48.75 -23.56 24.38
CA SER B 742 49.61 -24.67 24.81
C SER B 742 50.19 -25.55 23.70
N GLY B 743 49.89 -25.30 22.43
CA GLY B 743 50.41 -26.16 21.38
C GLY B 743 51.89 -26.00 21.12
N SER B 744 52.39 -26.90 20.28
CA SER B 744 53.79 -26.94 19.86
C SER B 744 53.86 -26.67 18.36
N ASP B 745 55.05 -26.27 17.90
CA ASP B 745 55.24 -25.98 16.49
C ASP B 745 54.76 -27.13 15.61
N VAL B 746 54.93 -28.38 16.07
CA VAL B 746 54.50 -29.53 15.29
C VAL B 746 52.98 -29.53 15.10
N SER B 747 52.24 -29.41 16.20
CA SER B 747 50.78 -29.42 16.12
C SER B 747 50.25 -28.30 15.23
N LYS B 748 50.91 -27.12 15.26
CA LYS B 748 50.42 -26.03 14.44
C LYS B 748 50.78 -26.21 12.97
N GLN B 749 52.00 -26.66 12.66
CA GLN B 749 52.37 -26.86 11.27
C GLN B 749 51.49 -27.92 10.61
N ALA B 750 51.20 -29.00 11.35
CA ALA B 750 50.40 -30.12 10.86
C ALA B 750 48.90 -29.88 10.79
N ALA B 751 48.36 -28.78 11.32
CA ALA B 751 46.91 -28.61 11.29
C ALA B 751 46.44 -27.50 10.34
N ASP B 752 45.13 -27.56 10.07
CA ASP B 752 44.46 -26.61 9.19
C ASP B 752 44.03 -25.35 9.91
N MET B 753 43.73 -25.45 11.19
CA MET B 753 43.32 -24.29 11.96
C MET B 753 44.08 -24.24 13.28
N ILE B 754 44.07 -23.04 13.87
CA ILE B 754 44.74 -22.79 15.13
C ILE B 754 43.75 -22.04 16.02
N LEU B 755 43.41 -22.66 17.15
CA LEU B 755 42.52 -22.07 18.13
C LEU B 755 43.35 -21.10 18.94
N LEU B 756 42.94 -19.83 18.96
CA LEU B 756 43.69 -18.81 19.68
C LEU B 756 43.47 -18.81 21.18
N ASP B 757 42.30 -19.23 21.66
CA ASP B 757 42.02 -19.21 23.08
C ASP B 757 41.93 -20.58 23.77
N ASP B 758 41.97 -21.69 23.02
CA ASP B 758 41.88 -23.04 23.60
C ASP B 758 40.54 -23.24 24.30
N ASN B 759 39.47 -22.82 23.65
CA ASN B 759 38.13 -22.89 24.20
C ASN B 759 37.26 -23.81 23.34
N PHE B 760 36.61 -24.81 23.94
CA PHE B 760 35.74 -25.65 23.12
C PHE B 760 34.63 -24.82 22.53
N ALA B 761 34.15 -23.83 23.30
CA ALA B 761 33.08 -22.95 22.85
C ALA B 761 33.45 -22.18 21.59
N SER B 762 34.74 -21.86 21.41
CA SER B 762 35.15 -21.12 20.22
C SER B 762 34.78 -21.85 18.94
N ILE B 763 34.98 -23.18 18.92
CA ILE B 763 34.72 -24.02 17.75
C ILE B 763 33.29 -23.93 17.21
N VAL B 764 32.30 -24.32 18.01
CA VAL B 764 30.90 -24.29 17.57
C VAL B 764 30.55 -22.94 16.98
N THR B 765 31.07 -21.86 17.57
CA THR B 765 30.79 -20.54 17.00
C THR B 765 31.41 -20.47 15.60
N GLY B 766 32.60 -21.05 15.46
CA GLY B 766 33.24 -21.05 14.16
C GLY B 766 32.44 -21.81 13.11
N VAL B 767 31.85 -22.94 13.48
CA VAL B 767 31.04 -23.68 12.50
C VAL B 767 29.82 -22.84 12.10
N GLU B 768 29.28 -22.05 13.05
CA GLU B 768 28.16 -21.19 12.69
C GLU B 768 28.60 -20.22 11.58
N GLU B 769 29.78 -19.62 11.78
CA GLU B 769 30.31 -18.72 10.77
C GLU B 769 30.57 -19.43 9.45
N GLY B 770 30.89 -20.72 9.51
CA GLY B 770 31.16 -21.48 8.30
C GLY B 770 29.92 -21.77 7.48
N ARG B 771 28.78 -22.00 8.14
CA ARG B 771 27.56 -22.27 7.39
C ARG B 771 26.99 -21.01 6.76
N LEU B 772 27.12 -19.89 7.48
CA LEU B 772 26.60 -18.63 6.95
C LEU B 772 27.20 -18.29 5.58
N ILE B 773 28.49 -18.60 5.36
CA ILE B 773 29.12 -18.30 4.07
C ILE B 773 28.29 -18.89 2.94
N PHE B 774 27.99 -20.18 3.06
CA PHE B 774 27.21 -20.93 2.10
C PHE B 774 25.86 -20.28 1.84
N ASP B 775 25.10 -20.06 2.91
CA ASP B 775 23.78 -19.48 2.78
C ASP B 775 23.82 -18.15 2.01
N ASN B 776 24.72 -17.26 2.42
CA ASN B 776 24.82 -15.96 1.75
C ASN B 776 25.25 -16.10 0.30
N LEU B 777 26.20 -17.00 0.00
CA LEU B 777 26.66 -17.18 -1.38
C LEU B 777 25.52 -17.60 -2.28
N LYS B 778 24.68 -18.52 -1.82
CA LYS B 778 23.55 -18.93 -2.65
C LYS B 778 22.60 -17.77 -2.87
N LYS B 779 22.34 -16.98 -1.82
CA LYS B 779 21.45 -15.83 -1.99
C LYS B 779 21.98 -14.84 -3.03
N SER B 780 23.26 -14.47 -2.92
CA SER B 780 23.85 -13.49 -3.84
C SER B 780 23.82 -13.99 -5.29
N ILE B 781 24.19 -15.26 -5.52
CA ILE B 781 24.16 -15.76 -6.89
C ILE B 781 22.73 -15.74 -7.42
N ALA B 782 21.77 -16.09 -6.57
CA ALA B 782 20.37 -16.08 -6.96
C ALA B 782 19.91 -14.69 -7.35
N TYR B 783 20.39 -13.66 -6.66
CA TYR B 783 19.98 -12.30 -7.01
C TYR B 783 20.60 -11.84 -8.32
N THR B 784 21.85 -12.23 -8.56
CA THR B 784 22.55 -11.80 -9.77
C THR B 784 21.98 -12.43 -11.03
N LEU B 785 21.71 -13.74 -11.02
CA LEU B 785 21.24 -14.42 -12.24
C LEU B 785 19.84 -14.03 -12.73
N THR B 786 18.99 -13.41 -11.91
CA THR B 786 17.62 -13.11 -12.35
C THR B 786 17.54 -12.01 -13.42
N SER B 787 18.39 -10.98 -13.35
CA SER B 787 18.26 -9.90 -14.33
C SER B 787 18.62 -10.32 -15.75
N ASN B 788 19.16 -11.52 -15.96
CA ASN B 788 19.52 -11.94 -17.31
C ASN B 788 18.30 -12.02 -18.23
N ILE B 789 17.16 -12.49 -17.71
CA ILE B 789 15.96 -12.63 -18.55
C ILE B 789 15.43 -11.31 -19.11
N PRO B 790 15.31 -10.22 -18.34
CA PRO B 790 14.77 -8.97 -18.92
C PRO B 790 15.69 -8.31 -19.93
N GLU B 791 17.00 -8.56 -19.87
CA GLU B 791 17.90 -7.94 -20.83
C GLU B 791 17.91 -8.68 -22.16
N ILE B 792 17.64 -9.98 -22.16
CA ILE B 792 17.65 -10.76 -23.40
C ILE B 792 16.29 -10.79 -24.10
N THR B 793 15.17 -10.83 -23.38
CA THR B 793 13.88 -10.89 -24.09
C THR B 793 13.63 -9.75 -25.09
N PRO B 794 14.07 -8.50 -24.87
CA PRO B 794 13.81 -7.46 -25.88
C PRO B 794 14.48 -7.75 -27.21
N PHE B 795 15.74 -8.17 -27.19
CA PHE B 795 16.44 -8.48 -28.44
C PHE B 795 15.82 -9.65 -29.16
N LEU B 796 15.01 -10.45 -28.47
CA LEU B 796 14.35 -11.59 -29.07
C LEU B 796 13.06 -11.18 -29.75
N VAL B 797 12.19 -10.45 -29.05
CA VAL B 797 10.95 -10.03 -29.69
C VAL B 797 11.26 -9.07 -30.84
N PHE B 798 12.27 -8.22 -30.64
CA PHE B 798 12.68 -7.26 -31.67
C PHE B 798 12.99 -7.95 -33.00
N ILE B 799 13.79 -9.02 -32.95
CA ILE B 799 14.15 -9.72 -34.18
C ILE B 799 13.01 -10.62 -34.67
N ILE B 800 12.38 -11.39 -33.78
CA ILE B 800 11.31 -12.29 -34.21
C ILE B 800 10.04 -11.52 -34.58
N GLY B 801 9.39 -10.90 -33.59
CA GLY B 801 8.15 -10.14 -33.71
C GLY B 801 8.24 -8.85 -34.51
N ASN B 802 9.45 -8.32 -34.77
CA ASN B 802 9.66 -7.09 -35.56
C ASN B 802 9.07 -5.82 -34.91
N VAL B 803 9.31 -5.61 -33.63
CA VAL B 803 8.79 -4.42 -32.96
C VAL B 803 9.93 -3.47 -32.59
N PRO B 804 9.64 -2.25 -32.11
CA PRO B 804 10.74 -1.35 -31.71
C PRO B 804 11.47 -1.85 -30.48
N LEU B 805 12.80 -1.76 -30.53
CA LEU B 805 13.72 -2.19 -29.48
C LEU B 805 13.36 -1.66 -28.09
N PRO B 806 12.99 -2.55 -27.15
CA PRO B 806 12.61 -2.11 -25.80
C PRO B 806 13.76 -1.71 -24.87
N LEU B 807 14.94 -2.30 -25.04
CA LEU B 807 16.10 -2.00 -24.20
C LEU B 807 17.30 -1.80 -25.11
N GLY B 808 18.11 -0.77 -24.81
CA GLY B 808 19.26 -0.52 -25.67
C GLY B 808 20.60 -0.76 -25.03
N THR B 809 21.66 -0.14 -25.53
CA THR B 809 22.97 -0.40 -24.94
C THR B 809 23.22 0.44 -23.68
N VAL B 810 22.94 1.74 -23.72
CA VAL B 810 23.19 2.58 -22.55
C VAL B 810 22.34 2.12 -21.36
N THR B 811 21.05 1.89 -21.62
CA THR B 811 20.14 1.47 -20.54
C THR B 811 20.57 0.14 -19.93
N ILE B 812 21.00 -0.81 -20.75
CA ILE B 812 21.43 -2.10 -20.22
C ILE B 812 22.63 -1.91 -19.30
N LEU B 813 23.62 -1.12 -19.75
CA LEU B 813 24.77 -0.87 -18.89
C LEU B 813 24.32 -0.24 -17.57
N CYS B 814 23.26 0.57 -17.61
CA CYS B 814 22.75 1.18 -16.39
C CYS B 814 22.20 0.13 -15.43
N ILE B 815 21.53 -0.89 -15.99
CA ILE B 815 20.96 -1.94 -15.13
C ILE B 815 22.08 -2.73 -14.43
N ASP B 816 23.03 -3.24 -15.22
CA ASP B 816 24.11 -4.04 -14.64
C ASP B 816 24.86 -3.32 -13.52
N LEU B 817 25.25 -2.07 -13.76
CA LEU B 817 26.01 -1.31 -12.78
C LEU B 817 25.17 -0.79 -11.62
N GLY B 818 23.87 -0.62 -11.79
CA GLY B 818 23.07 -0.10 -10.69
C GLY B 818 22.45 -1.08 -9.72
N THR B 819 21.60 -1.97 -10.22
CA THR B 819 20.90 -2.93 -9.38
C THR B 819 21.68 -4.20 -9.10
N ASP B 820 22.84 -4.43 -9.71
CA ASP B 820 23.58 -5.65 -9.48
C ASP B 820 24.89 -5.48 -8.70
N MET B 821 25.35 -4.25 -8.44
CA MET B 821 26.62 -4.12 -7.73
C MET B 821 26.46 -3.92 -6.22
N VAL B 822 25.84 -2.82 -5.80
CA VAL B 822 25.67 -2.54 -4.37
C VAL B 822 24.68 -3.49 -3.69
N PRO B 823 23.48 -3.73 -4.26
CA PRO B 823 22.57 -4.67 -3.57
C PRO B 823 23.19 -6.05 -3.37
N ALA B 824 23.95 -6.50 -4.38
CA ALA B 824 24.61 -7.80 -4.29
C ALA B 824 25.61 -7.80 -3.14
N ILE B 825 26.45 -6.77 -3.06
CA ILE B 825 27.46 -6.69 -1.99
C ILE B 825 26.77 -6.67 -0.63
N SER B 826 25.63 -5.97 -0.53
CA SER B 826 24.94 -5.93 0.76
C SER B 826 24.54 -7.32 1.22
N LEU B 827 24.13 -8.18 0.29
CA LEU B 827 23.73 -9.54 0.69
C LEU B 827 24.82 -10.28 1.47
N ALA B 828 26.09 -10.12 1.10
CA ALA B 828 27.15 -10.81 1.83
C ALA B 828 27.03 -10.58 3.33
N TYR B 829 26.85 -9.32 3.72
CA TYR B 829 26.73 -8.87 5.11
C TYR B 829 25.50 -9.38 5.84
N GLU B 830 24.62 -10.14 5.19
CA GLU B 830 23.42 -10.62 5.88
C GLU B 830 23.73 -11.38 7.15
N GLN B 831 22.75 -11.40 8.06
CA GLN B 831 22.82 -12.08 9.34
C GLN B 831 22.40 -13.52 9.14
N ALA B 832 22.40 -14.30 10.21
CA ALA B 832 22.02 -15.70 10.12
C ALA B 832 20.57 -15.91 10.51
N GLU B 833 19.89 -16.79 9.79
CA GLU B 833 18.52 -17.10 10.13
C GLU B 833 18.56 -17.90 11.43
N SER B 834 17.48 -17.84 12.19
CA SER B 834 17.46 -18.51 13.49
C SER B 834 17.27 -20.02 13.36
N ASP B 835 17.73 -20.57 12.24
CA ASP B 835 17.65 -21.99 11.96
C ASP B 835 19.02 -22.60 11.66
N ILE B 836 20.05 -21.79 11.43
CA ILE B 836 21.41 -22.20 11.08
C ILE B 836 21.96 -23.34 11.91
N MET B 837 21.77 -23.31 13.23
CA MET B 837 22.27 -24.42 14.04
C MET B 837 21.23 -25.50 14.26
N LYS B 838 19.97 -25.22 13.95
CA LYS B 838 18.88 -26.17 14.09
C LYS B 838 18.65 -26.98 12.82
N ARG B 839 19.68 -27.13 12.00
CA ARG B 839 19.57 -27.86 10.75
C ARG B 839 20.75 -28.82 10.61
N GLN B 840 20.47 -29.94 9.96
CA GLN B 840 21.47 -30.97 9.76
C GLN B 840 22.65 -30.46 8.94
N PRO B 841 23.78 -31.17 9.03
CA PRO B 841 24.96 -30.78 8.24
C PRO B 841 24.71 -31.07 6.78
N ARG B 842 25.69 -30.85 5.92
CA ARG B 842 25.49 -31.09 4.51
C ARG B 842 26.44 -32.14 3.99
N ASN B 843 25.96 -32.88 3.00
CA ASN B 843 26.74 -33.90 2.35
C ASN B 843 27.19 -33.26 1.04
N PRO B 844 28.49 -32.96 0.89
CA PRO B 844 28.94 -32.33 -0.35
C PRO B 844 28.61 -33.13 -1.61
N LYS B 845 28.58 -34.45 -1.54
CA LYS B 845 28.27 -35.24 -2.73
C LYS B 845 26.83 -35.00 -3.18
N THR B 846 25.89 -34.98 -2.24
CA THR B 846 24.48 -34.81 -2.59
C THR B 846 24.04 -33.34 -2.71
N ASP B 847 24.62 -32.36 -2.00
CA ASP B 847 24.19 -30.95 -2.06
C ASP B 847 25.26 -29.98 -2.60
N LYS B 848 25.02 -29.39 -3.81
CA LYS B 848 25.94 -28.43 -4.44
C LYS B 848 25.41 -26.99 -4.43
N LEU B 849 26.32 -26.02 -4.68
CA LEU B 849 25.93 -24.61 -4.72
C LEU B 849 25.03 -24.30 -5.91
N VAL B 850 25.46 -24.67 -7.10
CA VAL B 850 24.69 -24.41 -8.31
C VAL B 850 24.15 -25.76 -8.80
N ASN B 851 22.88 -25.98 -8.55
CA ASN B 851 22.15 -27.18 -8.94
C ASN B 851 21.00 -26.77 -9.84
N GLU B 852 20.29 -27.76 -10.35
CA GLU B 852 19.19 -27.51 -11.27
C GLU B 852 18.00 -26.74 -10.67
N ARG B 853 18.04 -26.38 -9.38
CA ARG B 853 16.93 -25.64 -8.76
C ARG B 853 17.13 -24.13 -8.76
N LEU B 854 18.37 -23.66 -8.72
CA LEU B 854 18.62 -22.22 -8.73
C LEU B 854 18.11 -21.63 -10.04
N ILE B 855 18.47 -22.27 -11.15
CA ILE B 855 18.03 -21.83 -12.47
C ILE B 855 16.52 -21.91 -12.58
N SER B 856 15.89 -22.78 -11.79
CA SER B 856 14.44 -22.88 -11.84
C SER B 856 13.79 -21.64 -11.24
N MET B 857 14.31 -21.19 -10.09
CA MET B 857 13.72 -20.00 -9.47
C MET B 857 14.10 -18.71 -10.20
N ALA B 858 15.38 -18.53 -10.53
CA ALA B 858 15.81 -17.29 -11.18
C ALA B 858 15.31 -17.11 -12.61
N TYR B 859 15.75 -17.99 -13.52
CA TYR B 859 15.34 -17.86 -14.91
C TYR B 859 13.84 -18.06 -15.08
N GLY B 860 13.34 -19.24 -14.74
CA GLY B 860 11.95 -19.61 -14.89
C GLY B 860 10.82 -18.86 -14.20
N GLN B 861 10.85 -18.78 -12.86
CA GLN B 861 9.76 -18.15 -12.11
C GLN B 861 9.89 -16.64 -11.87
N ILE B 862 10.99 -16.20 -11.23
CA ILE B 862 11.15 -14.78 -10.90
C ILE B 862 11.48 -13.93 -12.14
N GLY B 863 12.39 -14.41 -12.98
CA GLY B 863 12.79 -13.67 -14.16
C GLY B 863 11.66 -13.28 -15.10
N MET B 864 10.93 -14.28 -15.59
CA MET B 864 9.81 -14.03 -16.50
C MET B 864 8.89 -12.93 -15.98
N ILE B 865 8.81 -12.80 -14.64
CA ILE B 865 7.97 -11.75 -14.07
C ILE B 865 8.62 -10.39 -14.21
N GLN B 866 9.94 -10.30 -13.98
CA GLN B 866 10.51 -8.96 -14.18
C GLN B 866 10.42 -8.54 -15.64
N ALA B 867 10.41 -9.52 -16.55
CA ALA B 867 10.28 -9.22 -17.96
C ALA B 867 8.89 -8.68 -18.29
N LEU B 868 7.85 -9.32 -17.75
CA LEU B 868 6.50 -8.81 -18.01
C LEU B 868 6.32 -7.42 -17.44
N GLY B 869 6.89 -7.17 -16.26
CA GLY B 869 6.77 -5.86 -15.66
C GLY B 869 7.37 -4.77 -16.52
N GLY B 870 8.52 -5.07 -17.17
CA GLY B 870 9.06 -4.02 -18.05
C GLY B 870 8.31 -3.88 -19.35
N PHE B 871 7.69 -4.97 -19.81
CA PHE B 871 6.94 -4.87 -21.05
C PHE B 871 5.67 -4.04 -20.87
N PHE B 872 5.10 -4.04 -19.67
CA PHE B 872 3.92 -3.21 -19.47
C PHE B 872 4.24 -1.73 -19.60
N SER B 873 5.32 -1.27 -18.94
CA SER B 873 5.69 0.14 -19.06
C SER B 873 5.99 0.51 -20.49
N TYR B 874 6.48 -0.44 -21.27
CA TYR B 874 6.73 -0.13 -22.67
C TYR B 874 5.43 0.07 -23.46
N PHE B 875 4.52 -0.91 -23.37
CA PHE B 875 3.24 -0.83 -24.07
C PHE B 875 2.46 0.43 -23.68
N VAL B 876 2.50 0.79 -22.40
CA VAL B 876 1.78 1.96 -21.91
C VAL B 876 2.33 3.25 -22.53
N ILE B 877 3.67 3.39 -22.55
CA ILE B 877 4.22 4.63 -23.12
C ILE B 877 3.81 4.80 -24.56
N LEU B 878 3.85 3.71 -25.34
CA LEU B 878 3.50 3.89 -26.75
C LEU B 878 2.01 4.17 -26.96
N ALA B 879 1.13 3.37 -26.33
CA ALA B 879 -0.30 3.58 -26.52
C ALA B 879 -0.70 5.01 -26.22
N GLU B 880 -0.16 5.60 -25.14
CA GLU B 880 -0.55 6.97 -24.83
C GLU B 880 -0.04 7.97 -25.86
N ASN B 881 1.16 7.79 -26.40
CA ASN B 881 1.68 8.73 -27.36
C ASN B 881 1.10 8.57 -28.76
N GLY B 882 0.14 7.66 -28.96
CA GLY B 882 -0.49 7.46 -30.26
C GLY B 882 -0.29 6.11 -30.91
N PHE B 883 0.78 5.38 -30.59
CA PHE B 883 1.03 4.07 -31.19
C PHE B 883 0.37 2.99 -30.33
N LEU B 884 -0.58 2.25 -30.91
CA LEU B 884 -1.25 1.21 -30.12
C LEU B 884 -0.52 -0.13 -30.20
N PRO B 885 -1.00 -1.20 -29.51
CA PRO B 885 -0.32 -2.49 -29.59
C PRO B 885 -0.53 -3.34 -30.85
N MET B 886 -1.75 -3.38 -31.38
CA MET B 886 -2.01 -4.18 -32.56
C MET B 886 -1.21 -3.67 -33.76
N ASP B 887 -1.10 -2.36 -33.89
CA ASP B 887 -0.38 -1.73 -35.00
C ASP B 887 1.13 -1.85 -34.86
N LEU B 888 1.65 -2.23 -33.70
CA LEU B 888 3.10 -2.31 -33.50
C LEU B 888 3.77 -3.54 -34.13
N ILE B 889 3.04 -4.62 -34.42
CA ILE B 889 3.69 -5.80 -34.98
C ILE B 889 4.06 -5.59 -36.45
N GLY B 890 5.35 -5.38 -36.71
CA GLY B 890 5.86 -5.19 -38.06
C GLY B 890 6.35 -3.81 -38.38
N LYS B 891 6.14 -2.83 -37.50
CA LYS B 891 6.57 -1.48 -37.76
C LYS B 891 8.08 -1.29 -37.67
N ARG B 892 8.84 -2.27 -37.17
CA ARG B 892 10.29 -2.11 -37.04
C ARG B 892 10.95 -1.76 -38.36
N VAL B 893 10.75 -2.57 -39.39
CA VAL B 893 11.35 -2.36 -40.70
C VAL B 893 11.17 -0.90 -41.09
N ARG B 894 9.95 -0.39 -40.92
CA ARG B 894 9.67 1.00 -41.25
C ARG B 894 10.15 1.96 -40.17
N TRP B 895 10.07 1.54 -38.91
CA TRP B 895 10.47 2.38 -37.78
C TRP B 895 11.95 2.80 -37.86
N ASP B 896 12.84 1.83 -38.06
CA ASP B 896 14.28 2.06 -38.10
C ASP B 896 14.83 2.70 -39.38
N ASP B 897 13.97 3.28 -40.22
CA ASP B 897 14.40 3.90 -41.48
C ASP B 897 14.42 5.43 -41.34
N ARG B 898 15.63 5.98 -41.20
CA ARG B 898 15.80 7.43 -41.05
C ARG B 898 15.04 8.23 -42.10
N TRP B 899 14.86 7.65 -43.29
CA TRP B 899 14.25 8.36 -44.40
C TRP B 899 12.71 8.52 -44.35
N ILE B 900 11.95 7.67 -43.64
CA ILE B 900 10.47 7.82 -43.65
C ILE B 900 10.04 8.80 -42.57
N SER B 901 10.01 10.08 -42.91
CA SER B 901 9.55 11.10 -42.00
C SER B 901 8.03 11.15 -41.92
N ASP B 902 7.35 10.29 -42.67
CA ASP B 902 5.90 10.23 -42.73
C ASP B 902 5.25 9.11 -41.92
N VAL B 903 6.01 8.41 -41.07
CA VAL B 903 5.45 7.30 -40.30
C VAL B 903 4.09 7.69 -39.72
N GLU B 904 3.08 6.87 -39.99
CA GLU B 904 1.71 7.11 -39.55
C GLU B 904 1.40 6.26 -38.33
N ASP B 905 0.80 6.86 -37.30
CA ASP B 905 0.46 6.14 -36.09
C ASP B 905 -0.97 5.61 -36.17
N SER B 906 -1.48 5.11 -35.05
CA SER B 906 -2.82 4.55 -35.00
C SER B 906 -3.89 5.61 -35.22
N PHE B 907 -3.83 6.70 -34.46
CA PHE B 907 -4.81 7.78 -34.58
C PHE B 907 -4.68 8.49 -35.92
N GLY B 908 -3.81 7.99 -36.80
CA GLY B 908 -3.60 8.53 -38.12
C GLY B 908 -2.61 9.66 -38.26
N GLN B 909 -2.00 10.13 -37.17
CA GLN B 909 -1.03 11.21 -37.29
C GLN B 909 0.21 10.73 -38.04
N GLN B 910 1.00 11.68 -38.53
CA GLN B 910 2.23 11.38 -39.26
C GLN B 910 3.43 11.85 -38.43
N TRP B 911 4.35 10.93 -38.16
CA TRP B 911 5.54 11.18 -37.36
C TRP B 911 6.81 11.21 -38.20
N THR B 912 7.74 12.08 -37.79
CA THR B 912 9.06 12.25 -38.41
C THR B 912 10.00 11.19 -37.83
N TYR B 913 11.31 11.36 -37.98
CA TYR B 913 12.23 10.35 -37.45
C TYR B 913 12.63 10.57 -36.00
N GLU B 914 12.96 11.80 -35.62
CA GLU B 914 13.34 11.99 -34.22
C GLU B 914 12.13 12.04 -33.31
N GLN B 915 10.98 12.45 -33.83
CA GLN B 915 9.78 12.50 -33.00
C GLN B 915 9.39 11.11 -32.51
N ARG B 916 9.60 10.08 -33.33
CA ARG B 916 9.28 8.73 -32.89
C ARG B 916 10.43 8.11 -32.13
N LYS B 917 11.66 8.53 -32.45
CA LYS B 917 12.78 7.98 -31.68
C LYS B 917 12.71 8.45 -30.23
N ILE B 918 12.18 9.66 -30.00
CA ILE B 918 12.06 10.17 -28.64
C ILE B 918 11.14 9.29 -27.81
N VAL B 919 10.02 8.87 -28.37
CA VAL B 919 9.11 8.01 -27.64
C VAL B 919 9.78 6.67 -27.35
N GLU B 920 10.55 6.16 -28.33
CA GLU B 920 11.26 4.90 -28.07
C GLU B 920 12.22 5.04 -26.90
N PHE B 921 12.94 6.15 -26.85
CA PHE B 921 13.87 6.36 -25.74
C PHE B 921 13.12 6.53 -24.42
N THR B 922 11.93 7.13 -24.45
CA THR B 922 11.17 7.23 -23.23
C THR B 922 10.79 5.85 -22.74
N CYS B 923 10.80 4.88 -23.66
CA CYS B 923 10.54 3.50 -23.28
C CYS B 923 11.78 2.84 -22.69
N HIS B 924 12.96 3.18 -23.21
CA HIS B 924 14.16 2.63 -22.61
C HIS B 924 14.27 3.06 -21.14
N THR B 925 14.03 4.34 -20.89
CA THR B 925 14.09 4.85 -19.51
C THR B 925 13.02 4.20 -18.64
N SER B 926 11.79 4.07 -19.16
CA SER B 926 10.76 3.42 -18.35
C SER B 926 11.12 1.99 -18.02
N PHE B 927 11.57 1.23 -19.02
CA PHE B 927 11.99 -0.15 -18.79
C PHE B 927 12.95 -0.18 -17.61
N PHE B 928 14.01 0.64 -17.71
CA PHE B 928 15.01 0.79 -16.66
C PHE B 928 14.39 0.92 -15.27
N ILE B 929 13.49 1.88 -15.14
CA ILE B 929 12.84 2.11 -13.84
C ILE B 929 12.00 0.91 -13.43
N SER B 930 11.29 0.30 -14.38
CA SER B 930 10.50 -0.87 -14.03
C SER B 930 11.39 -1.98 -13.53
N ILE B 931 12.64 -2.00 -13.97
CA ILE B 931 13.60 -2.99 -13.51
C ILE B 931 14.04 -2.69 -12.10
N VAL B 932 14.33 -1.43 -11.80
CA VAL B 932 14.73 -1.11 -10.42
C VAL B 932 13.57 -1.41 -9.47
N VAL B 933 12.36 -1.07 -9.88
CA VAL B 933 11.17 -1.31 -9.05
C VAL B 933 11.00 -2.81 -8.77
N VAL B 934 11.11 -3.65 -9.82
CA VAL B 934 10.97 -5.08 -9.57
C VAL B 934 12.16 -5.60 -8.76
N GLN B 935 13.33 -5.02 -8.95
CA GLN B 935 14.51 -5.43 -8.18
C GLN B 935 14.26 -5.25 -6.69
N TRP B 936 13.54 -4.18 -6.32
CA TRP B 936 13.21 -3.97 -4.91
C TRP B 936 12.69 -5.28 -4.30
N ALA B 937 11.67 -5.84 -4.96
CA ALA B 937 11.05 -7.08 -4.52
C ALA B 937 12.01 -8.26 -4.54
N ASP B 938 12.73 -8.44 -5.66
CA ASP B 938 13.67 -9.57 -5.73
C ASP B 938 14.69 -9.53 -4.59
N LEU B 939 15.18 -8.33 -4.28
CA LEU B 939 16.15 -8.19 -3.20
C LEU B 939 15.54 -8.53 -1.85
N ILE B 940 14.35 -7.99 -1.56
CA ILE B 940 13.73 -8.30 -0.26
C ILE B 940 13.55 -9.80 -0.11
N ILE B 941 13.01 -10.45 -1.14
CA ILE B 941 12.81 -11.89 -1.02
C ILE B 941 14.13 -12.65 -0.98
N CYS B 942 15.25 -12.04 -1.37
CA CYS B 942 16.50 -12.79 -1.31
C CYS B 942 17.11 -12.89 0.09
N LYS B 943 16.71 -12.04 1.04
CA LYS B 943 17.30 -12.07 2.38
C LYS B 943 17.22 -13.43 3.08
N THR B 944 16.08 -14.11 2.99
CA THR B 944 15.91 -15.39 3.67
C THR B 944 15.36 -16.44 2.71
N ARG B 945 15.73 -17.69 2.94
CA ARG B 945 15.24 -18.78 2.10
C ARG B 945 14.28 -19.72 2.83
N ARG B 946 14.20 -19.65 4.17
CA ARG B 946 13.29 -20.52 4.93
C ARG B 946 12.36 -19.72 5.83
N ASN B 947 12.83 -18.59 6.36
CA ASN B 947 12.01 -17.75 7.22
C ASN B 947 11.47 -16.57 6.44
N SER B 948 10.48 -15.90 7.02
CA SER B 948 9.89 -14.73 6.39
C SER B 948 10.72 -13.50 6.73
N ILE B 949 10.39 -12.37 6.11
CA ILE B 949 11.11 -11.15 6.46
C ILE B 949 10.48 -10.57 7.70
N PHE B 950 9.22 -10.94 7.99
CA PHE B 950 8.59 -10.49 9.21
C PHE B 950 9.27 -11.14 10.41
N GLN B 951 9.80 -12.35 10.21
CA GLN B 951 10.53 -13.08 11.23
C GLN B 951 11.98 -12.61 11.30
N GLN B 952 12.63 -12.52 10.14
CA GLN B 952 14.03 -12.11 10.08
C GLN B 952 14.19 -10.64 10.40
N GLY B 953 13.36 -9.78 9.85
CA GLY B 953 13.59 -8.42 10.23
C GLY B 953 14.43 -7.65 9.23
N MET B 954 14.24 -6.33 9.22
CA MET B 954 14.91 -5.39 8.33
C MET B 954 16.05 -4.67 9.03
N LYS B 955 16.86 -5.39 9.81
CA LYS B 955 17.96 -4.77 10.52
C LYS B 955 19.23 -4.64 9.68
N ASN B 956 19.24 -5.10 8.43
CA ASN B 956 20.43 -4.94 7.58
C ASN B 956 20.42 -3.51 7.05
N LYS B 957 21.46 -2.74 7.39
CA LYS B 957 21.53 -1.35 6.97
C LYS B 957 22.05 -1.18 5.54
N ILE B 958 23.03 -1.98 5.13
CA ILE B 958 23.58 -1.84 3.77
C ILE B 958 22.51 -2.14 2.72
N LEU B 959 21.66 -3.14 2.97
CA LEU B 959 20.61 -3.46 1.99
C LEU B 959 19.65 -2.29 1.83
N ILE B 960 19.32 -1.61 2.93
CA ILE B 960 18.45 -0.46 2.84
C ILE B 960 19.11 0.61 1.99
N PHE B 961 20.37 0.91 2.31
CA PHE B 961 21.18 1.86 1.58
C PHE B 961 21.04 1.60 0.10
N GLY B 962 21.08 0.32 -0.27
CA GLY B 962 20.95 -0.05 -1.66
C GLY B 962 19.60 0.31 -2.27
N LEU B 963 18.52 0.09 -1.53
CA LEU B 963 17.21 0.42 -2.10
C LEU B 963 17.08 1.92 -2.38
N PHE B 964 17.42 2.73 -1.38
CA PHE B 964 17.32 4.18 -1.55
C PHE B 964 18.26 4.70 -2.64
N GLU B 965 19.50 4.20 -2.67
CA GLU B 965 20.46 4.66 -3.66
C GLU B 965 20.03 4.31 -5.09
N GLU B 966 19.58 3.08 -5.33
CA GLU B 966 19.17 2.77 -6.70
C GLU B 966 18.05 3.73 -7.12
N THR B 967 16.96 3.75 -6.36
CA THR B 967 15.86 4.66 -6.67
C THR B 967 16.38 6.04 -7.05
N ALA B 968 17.37 6.53 -6.28
CA ALA B 968 17.95 7.84 -6.58
C ALA B 968 18.64 7.87 -7.95
N LEU B 969 19.36 6.80 -8.31
CA LEU B 969 20.05 6.79 -9.59
C LEU B 969 19.05 6.89 -10.75
N ALA B 970 17.93 6.17 -10.64
CA ALA B 970 16.95 6.22 -11.72
C ALA B 970 16.29 7.59 -11.80
N ALA B 971 15.88 8.15 -10.65
CA ALA B 971 15.24 9.46 -10.68
C ALA B 971 16.20 10.52 -11.22
N PHE B 972 17.47 10.45 -10.81
CA PHE B 972 18.47 11.41 -11.23
C PHE B 972 18.71 11.35 -12.73
N LEU B 973 18.99 10.16 -13.27
CA LEU B 973 19.27 10.06 -14.71
C LEU B 973 18.05 10.40 -15.56
N SER B 974 16.84 10.12 -15.07
CA SER B 974 15.69 10.42 -15.91
C SER B 974 15.38 11.92 -15.91
N TYR B 975 15.55 12.60 -14.78
CA TYR B 975 15.18 14.01 -14.70
C TYR B 975 16.30 15.04 -14.94
N CYS B 976 17.57 14.70 -14.77
CA CYS B 976 18.65 15.68 -14.96
C CYS B 976 18.59 16.34 -16.35
N PRO B 977 18.83 17.67 -16.43
CA PRO B 977 18.82 18.51 -17.67
C PRO B 977 20.09 18.41 -18.51
N GLY B 978 20.25 17.35 -19.26
CA GLY B 978 21.45 17.23 -20.07
C GLY B 978 21.75 15.79 -20.41
N THR B 979 21.15 14.86 -19.67
CA THR B 979 21.32 13.46 -20.00
C THR B 979 20.77 13.19 -21.39
N ASP B 980 19.77 13.99 -21.81
CA ASP B 980 19.18 13.87 -23.14
C ASP B 980 20.26 13.84 -24.20
N VAL B 981 21.09 14.88 -24.22
CA VAL B 981 22.16 15.02 -25.20
C VAL B 981 23.22 13.93 -25.05
N ALA B 982 23.68 13.67 -23.81
CA ALA B 982 24.78 12.74 -23.58
C ALA B 982 24.39 11.26 -23.48
N LEU B 983 23.52 10.88 -22.53
CA LEU B 983 23.20 9.45 -22.36
C LEU B 983 22.00 8.94 -23.16
N ARG B 984 21.06 9.82 -23.57
CA ARG B 984 19.83 9.50 -24.31
C ARG B 984 18.66 9.01 -23.45
N MET B 985 18.52 9.55 -22.25
CA MET B 985 17.41 9.22 -21.36
C MET B 985 16.50 10.44 -21.29
N TYR B 986 15.20 10.23 -21.30
CA TYR B 986 14.26 11.33 -21.27
C TYR B 986 13.40 11.32 -20.01
N PRO B 987 12.86 12.47 -19.63
CA PRO B 987 12.03 12.53 -18.42
C PRO B 987 10.83 11.61 -18.50
N LEU B 988 10.47 11.07 -17.33
CA LEU B 988 9.34 10.17 -17.20
C LEU B 988 8.21 10.90 -16.50
N LYS B 989 7.00 10.79 -17.05
CA LYS B 989 5.88 11.44 -16.43
C LYS B 989 5.48 10.67 -15.17
N PRO B 990 4.74 11.29 -14.25
CA PRO B 990 4.40 10.60 -12.99
C PRO B 990 3.49 9.38 -13.10
N SER B 991 2.51 9.33 -14.00
CA SER B 991 1.66 8.15 -14.02
C SER B 991 2.39 6.87 -14.46
N TRP B 992 3.59 7.01 -15.04
CA TRP B 992 4.34 5.86 -15.54
C TRP B 992 5.12 5.10 -14.47
N TRP B 993 5.73 5.80 -13.50
CA TRP B 993 6.53 5.14 -12.46
C TRP B 993 5.81 3.94 -11.84
N PHE B 994 4.49 4.01 -11.72
CA PHE B 994 3.66 3.00 -11.09
C PHE B 994 3.34 1.76 -11.94
N CYS B 995 3.67 1.75 -13.23
CA CYS B 995 3.34 0.58 -14.06
C CYS B 995 3.96 -0.72 -13.56
N ALA B 996 5.14 -0.67 -12.95
CA ALA B 996 5.79 -1.89 -12.46
C ALA B 996 5.36 -2.34 -11.07
N PHE B 997 4.55 -1.54 -10.38
CA PHE B 997 4.12 -1.87 -9.02
C PHE B 997 3.37 -3.20 -8.86
N PRO B 998 2.40 -3.56 -9.73
CA PRO B 998 1.72 -4.84 -9.53
C PRO B 998 2.64 -6.04 -9.66
N TYR B 999 3.60 -5.97 -10.57
CA TYR B 999 4.54 -7.07 -10.75
C TYR B 999 5.55 -7.14 -9.61
N SER B 1000 5.76 -6.04 -8.89
CA SER B 1000 6.66 -6.07 -7.76
C SER B 1000 5.98 -6.67 -6.54
N LEU B 1001 4.69 -6.42 -6.36
CA LEU B 1001 4.03 -7.02 -5.20
C LEU B 1001 3.82 -8.52 -5.40
N ILE B 1002 3.53 -8.94 -6.64
CA ILE B 1002 3.28 -10.36 -6.87
C ILE B 1002 4.50 -11.22 -6.52
N ILE B 1003 5.71 -10.75 -6.84
CA ILE B 1003 6.91 -11.53 -6.54
C ILE B 1003 7.06 -11.75 -5.04
N PHE B 1004 6.86 -10.68 -4.27
CA PHE B 1004 7.00 -10.78 -2.81
C PHE B 1004 5.99 -11.75 -2.21
N LEU B 1005 4.71 -11.59 -2.56
CA LEU B 1005 3.71 -12.48 -2.00
C LEU B 1005 3.96 -13.93 -2.39
N TYR B 1006 4.37 -14.17 -3.63
CA TYR B 1006 4.63 -15.53 -4.06
C TYR B 1006 5.71 -16.18 -3.22
N ASP B 1007 6.86 -15.51 -3.06
CA ASP B 1007 7.92 -16.12 -2.26
C ASP B 1007 7.48 -16.34 -0.81
N GLU B 1008 6.69 -15.43 -0.24
CA GLU B 1008 6.27 -15.61 1.15
C GLU B 1008 5.47 -16.89 1.31
N MET B 1009 4.48 -17.13 0.44
CA MET B 1009 3.74 -18.38 0.59
C MET B 1009 4.66 -19.58 0.33
N ARG B 1010 5.39 -19.53 -0.79
CA ARG B 1010 6.34 -20.56 -1.20
C ARG B 1010 7.13 -21.05 0.01
N ARG B 1011 7.40 -20.15 0.95
CA ARG B 1011 8.11 -20.47 2.18
C ARG B 1011 7.23 -21.04 3.26
N PHE B 1012 6.00 -20.51 3.40
CA PHE B 1012 5.13 -21.06 4.43
C PHE B 1012 4.94 -22.55 4.21
N ILE B 1013 4.71 -22.92 2.95
CA ILE B 1013 4.55 -24.32 2.58
C ILE B 1013 5.81 -25.12 2.89
N ILE B 1014 6.99 -24.50 2.79
CA ILE B 1014 8.21 -25.24 3.11
C ILE B 1014 8.26 -25.55 4.60
N ARG B 1015 8.13 -24.50 5.42
CA ARG B 1015 8.18 -24.67 6.87
C ARG B 1015 7.21 -25.74 7.36
N ARG B 1016 5.97 -25.73 6.83
CA ARG B 1016 4.99 -26.71 7.31
C ARG B 1016 5.22 -28.13 6.79
N SER B 1017 5.55 -28.32 5.51
CA SER B 1017 5.72 -29.66 4.95
C SER B 1017 7.14 -30.03 4.53
N PRO B 1018 7.96 -30.58 5.42
CA PRO B 1018 9.32 -30.99 5.03
C PRO B 1018 9.31 -32.18 4.09
N GLY B 1019 10.33 -32.24 3.23
CA GLY B 1019 10.43 -33.34 2.29
C GLY B 1019 9.25 -33.45 1.36
N GLY B 1020 8.55 -32.35 1.12
CA GLY B 1020 7.40 -32.34 0.26
C GLY B 1020 7.79 -32.08 -1.18
N TRP B 1021 6.81 -31.64 -1.97
CA TRP B 1021 7.11 -31.37 -3.36
C TRP B 1021 7.84 -30.04 -3.53
N VAL B 1022 7.43 -29.02 -2.77
CA VAL B 1022 8.07 -27.71 -2.87
C VAL B 1022 9.54 -27.80 -2.46
N GLU B 1023 9.83 -28.49 -1.36
CA GLU B 1023 11.23 -28.56 -0.96
C GLU B 1023 12.06 -29.38 -1.95
N GLN B 1024 11.46 -30.41 -2.56
CA GLN B 1024 12.23 -31.19 -3.53
C GLN B 1024 12.51 -30.37 -4.78
N GLU B 1025 11.56 -29.53 -5.19
CA GLU B 1025 11.67 -28.76 -6.43
C GLU B 1025 12.23 -27.34 -6.33
N THR B 1026 11.77 -26.47 -5.43
CA THR B 1026 12.26 -25.08 -5.41
C THR B 1026 13.27 -24.72 -4.32
N TYR B 1027 13.58 -25.57 -3.35
CA TYR B 1027 14.55 -25.18 -2.32
C TYR B 1027 15.97 -25.28 -2.89
N TYR B 1028 16.61 -24.14 -3.14
CA TYR B 1028 17.97 -24.15 -3.67
C TYR B 1028 18.99 -24.16 -2.55
N GLU C 24 -11.23 22.78 -30.14
CA GLU C 24 -11.73 23.68 -29.09
C GLU C 24 -11.34 25.12 -29.39
N GLY C 25 -11.37 25.48 -30.67
CA GLY C 25 -11.03 26.82 -31.08
C GLY C 25 -9.62 26.92 -31.64
N PRO C 26 -9.36 27.96 -32.44
CA PRO C 26 -8.02 28.12 -33.01
C PRO C 26 -6.91 28.23 -31.98
N ASP C 27 -7.12 29.03 -30.93
CA ASP C 27 -6.12 29.23 -29.88
C ASP C 27 -6.16 28.14 -28.82
N ASN C 28 -5.95 26.89 -29.26
CA ASN C 28 -5.93 25.73 -28.37
C ASN C 28 -4.51 25.22 -28.24
N ASP C 29 -3.57 26.16 -28.17
CA ASP C 29 -2.15 25.84 -28.09
C ASP C 29 -1.78 25.06 -26.83
N GLU C 30 -2.55 25.17 -25.75
CA GLU C 30 -2.22 24.45 -24.53
C GLU C 30 -2.18 22.94 -24.77
N ARG C 31 -3.04 22.43 -25.65
CA ARG C 31 -3.09 21.01 -25.95
C ARG C 31 -1.78 20.47 -26.52
N PHE C 32 -0.80 21.34 -26.82
CA PHE C 32 0.49 20.94 -27.36
C PHE C 32 1.66 21.42 -26.49
N THR C 33 1.41 21.70 -25.21
CA THR C 33 2.46 22.18 -24.30
C THR C 33 2.53 21.30 -23.06
N TYR C 34 3.75 21.15 -22.53
CA TYR C 34 3.99 20.35 -21.34
C TYR C 34 5.02 21.07 -20.47
N ASP C 35 4.77 21.08 -19.15
CA ASP C 35 5.66 21.75 -18.20
C ASP C 35 6.76 20.79 -17.71
N TYR C 36 7.72 20.54 -18.59
CA TYR C 36 8.83 19.66 -18.25
C TYR C 36 9.73 20.28 -17.18
N TYR C 37 9.78 21.61 -17.11
CA TYR C 37 10.62 22.29 -16.13
C TYR C 37 10.24 21.90 -14.70
N ARG C 38 8.98 22.08 -14.34
CA ARG C 38 8.52 21.73 -13.00
C ARG C 38 8.76 20.26 -12.71
N LEU C 39 8.56 19.40 -13.72
CA LEU C 39 8.78 17.98 -13.53
C LEU C 39 10.24 17.69 -13.19
N ARG C 40 11.18 18.33 -13.89
CA ARG C 40 12.58 18.12 -13.59
C ARG C 40 12.94 18.63 -12.21
N VAL C 41 12.39 19.79 -11.82
CA VAL C 41 12.68 20.33 -10.50
C VAL C 41 12.25 19.35 -9.42
N VAL C 42 11.01 18.85 -9.50
CA VAL C 42 10.52 17.91 -8.48
C VAL C 42 11.35 16.63 -8.49
N GLY C 43 11.64 16.09 -9.68
CA GLY C 43 12.43 14.86 -9.74
C GLY C 43 13.78 15.02 -9.11
N LEU C 44 14.38 16.20 -9.24
CA LEU C 44 15.68 16.42 -8.64
C LEU C 44 15.57 16.55 -7.12
N ILE C 45 14.54 17.25 -6.64
CA ILE C 45 14.36 17.36 -5.19
C ILE C 45 14.25 15.97 -4.58
N VAL C 46 13.44 15.11 -5.20
CA VAL C 46 13.24 13.76 -4.69
C VAL C 46 14.55 12.97 -4.73
N ALA C 47 15.29 13.05 -5.85
CA ALA C 47 16.54 12.31 -5.93
C ALA C 47 17.49 12.71 -4.80
N ALA C 48 17.62 14.02 -4.58
CA ALA C 48 18.50 14.50 -3.51
C ALA C 48 18.06 14.00 -2.15
N VAL C 49 16.74 13.97 -1.90
CA VAL C 49 16.24 13.51 -0.62
C VAL C 49 16.52 12.02 -0.40
N LEU C 50 16.20 11.19 -1.40
CA LEU C 50 16.43 9.76 -1.25
C LEU C 50 17.92 9.47 -1.02
N CYS C 51 18.79 10.16 -1.76
CA CYS C 51 20.22 9.95 -1.58
C CYS C 51 20.66 10.33 -0.17
N VAL C 52 20.14 11.46 0.35
CA VAL C 52 20.51 11.86 1.70
C VAL C 52 20.09 10.79 2.71
N ILE C 53 18.82 10.35 2.64
CA ILE C 53 18.34 9.31 3.53
C ILE C 53 19.31 8.15 3.52
N GLY C 54 19.76 7.77 2.32
CA GLY C 54 20.71 6.70 2.14
C GLY C 54 22.01 6.90 2.91
N ILE C 55 22.65 8.05 2.73
CA ILE C 55 23.91 8.33 3.43
C ILE C 55 23.70 8.24 4.93
N ILE C 56 22.62 8.85 5.42
CA ILE C 56 22.32 8.87 6.85
C ILE C 56 22.26 7.45 7.41
N ILE C 57 21.54 6.57 6.70
CA ILE C 57 21.39 5.20 7.18
C ILE C 57 22.72 4.43 7.09
N LEU C 58 23.43 4.57 5.97
CA LEU C 58 24.69 3.84 5.78
C LEU C 58 25.75 4.22 6.81
N LEU C 59 25.83 5.49 7.20
CA LEU C 59 26.87 5.92 8.12
C LEU C 59 26.46 6.04 9.58
N ALA C 60 25.18 5.85 9.93
CA ALA C 60 24.75 6.02 11.32
C ALA C 60 25.62 5.29 12.35
N GLY C 61 26.44 6.04 13.07
CA GLY C 61 27.32 5.50 14.10
C GLY C 61 28.80 5.60 13.79
N LYS C 62 29.18 5.82 12.51
CA LYS C 62 30.53 5.87 11.98
C LYS C 62 31.01 4.44 11.72
N CYS C 63 30.06 3.53 11.57
CA CYS C 63 30.31 2.13 11.30
C CYS C 63 29.00 1.44 10.92
N GLY D 12 -51.39 -4.74 -15.60
CA GLY D 12 -50.74 -4.92 -14.31
C GLY D 12 -50.65 -6.37 -13.89
N TRP D 13 -51.76 -6.88 -13.32
CA TRP D 13 -51.83 -8.27 -12.85
C TRP D 13 -51.26 -9.23 -13.88
N LYS D 14 -51.81 -9.22 -15.10
CA LYS D 14 -51.35 -10.12 -16.14
C LYS D 14 -50.07 -9.62 -16.82
N LYS D 15 -50.07 -8.38 -17.32
CA LYS D 15 -48.91 -7.84 -18.01
C LYS D 15 -47.63 -7.96 -17.18
N PHE D 16 -47.71 -7.77 -15.87
CA PHE D 16 -46.48 -7.88 -15.08
C PHE D 16 -46.08 -9.34 -14.89
N LEU D 17 -47.02 -10.27 -14.92
CA LEU D 17 -46.66 -11.67 -14.74
C LEU D 17 -46.13 -12.26 -16.04
N TRP D 18 -46.88 -12.13 -17.13
CA TRP D 18 -46.42 -12.67 -18.40
C TRP D 18 -47.10 -11.95 -19.54
N ASP D 19 -46.30 -11.29 -20.38
CA ASP D 19 -46.79 -10.63 -21.58
C ASP D 19 -46.22 -11.43 -22.73
N SER D 20 -46.90 -11.45 -23.86
CA SER D 20 -46.40 -12.26 -24.96
C SER D 20 -45.86 -11.45 -26.13
N GLU D 21 -45.70 -10.15 -25.99
CA GLU D 21 -45.14 -9.37 -27.09
C GLU D 21 -43.64 -9.19 -26.92
N LYS D 22 -43.20 -8.75 -25.75
CA LYS D 22 -41.78 -8.60 -25.47
C LYS D 22 -41.18 -9.87 -24.89
N LYS D 23 -42.00 -10.91 -24.68
CA LYS D 23 -41.57 -12.19 -24.13
C LYS D 23 -40.83 -11.96 -22.79
N GLU D 24 -41.60 -11.51 -21.81
CA GLU D 24 -41.08 -11.18 -20.49
C GLU D 24 -41.78 -11.94 -19.36
N PHE D 25 -40.98 -12.32 -18.35
CA PHE D 25 -41.48 -13.01 -17.16
C PHE D 25 -40.99 -12.22 -15.95
N LEU D 26 -41.94 -11.73 -15.15
CA LEU D 26 -41.68 -10.94 -13.94
C LEU D 26 -41.08 -9.58 -14.26
N GLY D 27 -40.78 -9.32 -15.53
CA GLY D 27 -40.21 -8.04 -15.91
C GLY D 27 -39.13 -8.02 -16.98
N ARG D 28 -38.43 -9.15 -17.20
CA ARG D 28 -37.39 -9.19 -18.22
C ARG D 28 -37.64 -10.35 -19.16
N THR D 29 -36.83 -10.41 -20.21
CA THR D 29 -36.93 -11.46 -21.22
C THR D 29 -35.96 -12.59 -20.86
N GLY D 30 -35.83 -13.56 -21.76
CA GLY D 30 -34.95 -14.70 -21.54
C GLY D 30 -33.46 -14.42 -21.49
N SER D 31 -32.93 -13.84 -22.57
CA SER D 31 -31.49 -13.55 -22.60
C SER D 31 -31.06 -12.68 -21.44
N SER D 32 -31.94 -11.85 -20.90
CA SER D 32 -31.56 -11.01 -19.76
C SER D 32 -31.41 -11.85 -18.50
N TRP D 33 -32.41 -12.68 -18.21
CA TRP D 33 -32.32 -13.55 -17.04
C TRP D 33 -31.10 -14.43 -17.11
N PHE D 34 -30.76 -14.89 -18.33
CA PHE D 34 -29.59 -15.74 -18.48
C PHE D 34 -28.30 -14.96 -18.22
N LYS D 35 -28.21 -13.72 -18.71
CA LYS D 35 -26.99 -12.96 -18.47
C LYS D 35 -26.83 -12.60 -16.99
N ILE D 36 -27.90 -12.15 -16.33
CA ILE D 36 -27.79 -11.79 -14.92
C ILE D 36 -27.49 -13.01 -14.05
N PHE D 37 -28.16 -14.13 -14.31
CA PHE D 37 -27.91 -15.34 -13.52
C PHE D 37 -26.47 -15.81 -13.72
N LEU D 38 -25.99 -15.80 -14.96
CA LEU D 38 -24.62 -16.23 -15.23
C LEU D 38 -23.61 -15.33 -14.52
N PHE D 39 -23.86 -14.00 -14.55
CA PHE D 39 -22.95 -13.08 -13.90
C PHE D 39 -22.88 -13.34 -12.40
N TYR D 40 -24.05 -13.48 -11.76
CA TYR D 40 -24.05 -13.71 -10.31
C TYR D 40 -23.39 -15.04 -9.96
N LEU D 41 -23.55 -16.07 -10.80
CA LEU D 41 -22.90 -17.35 -10.49
C LEU D 41 -21.39 -17.21 -10.53
N ILE D 42 -20.87 -16.59 -11.60
CA ILE D 42 -19.42 -16.42 -11.71
C ILE D 42 -18.89 -15.54 -10.57
N PHE D 43 -19.61 -14.47 -10.25
CA PHE D 43 -19.19 -13.57 -9.19
C PHE D 43 -19.12 -14.26 -7.84
N TYR D 44 -20.20 -14.95 -7.44
CA TYR D 44 -20.19 -15.64 -6.17
C TYR D 44 -19.18 -16.78 -6.17
N GLY D 45 -18.70 -17.20 -7.34
CA GLY D 45 -17.70 -18.24 -7.36
C GLY D 45 -16.34 -17.62 -7.07
N CYS D 46 -16.06 -16.46 -7.66
CA CYS D 46 -14.78 -15.81 -7.36
C CYS D 46 -14.71 -15.45 -5.88
N LEU D 47 -15.85 -14.97 -5.33
CA LEU D 47 -15.90 -14.63 -3.91
C LEU D 47 -15.62 -15.84 -3.04
N ALA D 48 -16.28 -16.97 -3.33
CA ALA D 48 -16.06 -18.17 -2.52
C ALA D 48 -14.61 -18.65 -2.61
N GLY D 49 -14.03 -18.65 -3.82
CA GLY D 49 -12.65 -19.09 -3.96
C GLY D 49 -11.67 -18.23 -3.20
N ILE D 50 -11.87 -16.91 -3.22
CA ILE D 50 -10.95 -16.03 -2.50
C ILE D 50 -11.07 -16.25 -1.00
N PHE D 51 -12.30 -16.39 -0.49
CA PHE D 51 -12.45 -16.63 0.95
C PHE D 51 -11.77 -17.93 1.35
N ILE D 52 -11.93 -18.98 0.54
CA ILE D 52 -11.31 -20.26 0.86
C ILE D 52 -9.79 -20.15 0.83
N GLY D 53 -9.21 -19.38 -0.09
CA GLY D 53 -7.76 -19.24 -0.11
C GLY D 53 -7.23 -18.46 1.08
N THR D 54 -7.90 -17.36 1.43
CA THR D 54 -7.45 -16.58 2.58
C THR D 54 -7.65 -17.35 3.88
N ILE D 55 -8.53 -18.36 3.89
CA ILE D 55 -8.69 -19.15 5.10
C ILE D 55 -7.66 -20.28 5.11
N GLN D 56 -7.23 -20.74 3.94
CA GLN D 56 -6.22 -21.80 3.91
C GLN D 56 -4.87 -21.27 4.38
N VAL D 57 -4.53 -20.03 4.00
CA VAL D 57 -3.26 -19.48 4.46
C VAL D 57 -3.24 -19.41 5.98
N LEU D 58 -4.43 -19.22 6.58
CA LEU D 58 -4.51 -19.17 8.03
C LEU D 58 -4.39 -20.56 8.61
N LEU D 59 -4.97 -21.57 7.96
CA LEU D 59 -4.80 -22.91 8.49
C LEU D 59 -3.34 -23.33 8.40
N LEU D 60 -2.59 -22.70 7.50
CA LEU D 60 -1.17 -23.00 7.39
C LEU D 60 -0.41 -22.36 8.54
N THR D 61 -0.50 -21.03 8.64
CA THR D 61 0.20 -20.22 9.64
C THR D 61 0.41 -20.90 10.99
N LEU D 62 -0.63 -21.54 11.52
CA LEU D 62 -0.63 -22.19 12.82
C LEU D 62 0.05 -23.55 12.81
N SER D 63 0.46 -23.98 14.00
CA SER D 63 1.12 -25.25 14.29
C SER D 63 0.11 -26.27 14.79
N ASP D 64 0.36 -27.55 14.50
CA ASP D 64 -0.55 -28.61 14.92
C ASP D 64 -0.34 -29.09 16.35
N PHE D 65 0.80 -28.79 16.98
CA PHE D 65 1.02 -29.24 18.34
C PHE D 65 0.91 -28.13 19.37
N GLU D 66 0.60 -26.90 18.97
CA GLU D 66 0.54 -25.88 20.01
C GLU D 66 -0.25 -24.62 19.65
N PRO D 67 -1.24 -24.24 20.47
CA PRO D 67 -1.98 -23.01 20.18
C PRO D 67 -1.05 -21.81 20.27
N LYS D 68 -1.12 -20.95 19.25
CA LYS D 68 -0.25 -19.78 19.19
C LYS D 68 -0.38 -18.85 20.40
N TYR D 69 -1.53 -18.79 21.04
CA TYR D 69 -1.72 -17.91 22.19
C TYR D 69 -2.28 -18.70 23.37
N GLN D 70 -1.58 -18.64 24.50
CA GLN D 70 -1.99 -19.34 25.71
C GLN D 70 -2.13 -18.39 26.90
N ASP D 71 -2.56 -17.16 26.65
CA ASP D 71 -2.73 -16.22 27.75
C ASP D 71 -4.15 -16.21 28.28
N ARG D 72 -5.12 -16.68 27.49
CA ARG D 72 -6.50 -16.69 27.97
C ARG D 72 -6.77 -17.89 28.86
N VAL D 73 -6.24 -19.07 28.56
CA VAL D 73 -6.49 -20.19 29.46
C VAL D 73 -5.33 -20.31 30.43
N ALA D 74 -5.26 -19.39 31.38
CA ALA D 74 -4.23 -19.38 32.41
C ALA D 74 -4.58 -18.31 33.41
N PRO D 75 -4.54 -18.60 34.71
CA PRO D 75 -4.20 -19.97 35.14
C PRO D 75 -5.37 -20.96 34.91
N PRO D 76 -5.26 -22.21 35.36
CA PRO D 76 -6.33 -23.18 35.10
C PRO D 76 -7.49 -23.08 36.07
N GLY D 77 -8.65 -23.52 35.57
CA GLY D 77 -9.86 -23.54 36.36
C GLY D 77 -9.96 -24.76 37.25
N LEU D 78 -11.18 -25.00 37.75
CA LEU D 78 -11.43 -26.13 38.64
C LEU D 78 -12.87 -26.58 38.40
N SER D 79 -13.05 -27.65 37.63
CA SER D 79 -14.39 -28.12 37.34
C SER D 79 -14.76 -29.33 38.20
N HIS D 80 -16.04 -29.68 38.15
CA HIS D 80 -16.50 -30.79 38.96
C HIS D 80 -17.65 -31.55 38.33
N ALA D 81 -17.76 -32.78 38.82
CA ALA D 81 -18.77 -33.75 38.53
C ALA D 81 -19.25 -34.11 39.92
N PRO D 82 -20.57 -34.14 40.17
CA PRO D 82 -21.53 -33.94 39.09
C PRO D 82 -21.73 -32.56 38.47
N TYR D 83 -22.56 -32.66 37.44
CA TYR D 83 -23.03 -31.58 36.59
C TYR D 83 -24.23 -30.96 37.30
N ALA D 84 -23.98 -29.91 38.06
CA ALA D 84 -25.04 -29.22 38.79
C ALA D 84 -25.34 -27.90 38.09
N ILE D 85 -26.63 -27.62 37.93
CA ILE D 85 -27.09 -26.40 37.28
C ILE D 85 -27.33 -25.37 38.36
N LYS D 86 -26.64 -24.23 38.26
CA LYS D 86 -26.66 -23.10 39.20
C LYS D 86 -25.77 -23.41 40.39
N THR D 87 -24.96 -24.47 40.29
CA THR D 87 -24.05 -24.92 41.35
C THR D 87 -24.84 -25.30 42.60
N GLU D 88 -25.82 -26.19 42.41
CA GLU D 88 -26.65 -26.67 43.50
C GLU D 88 -26.88 -28.17 43.33
N ILE D 89 -26.69 -28.90 44.41
CA ILE D 89 -26.88 -30.36 44.44
C ILE D 89 -27.95 -30.62 45.49
N SER D 90 -29.20 -30.74 45.06
CA SER D 90 -30.33 -30.97 45.95
C SER D 90 -31.03 -32.27 45.55
N PHE D 91 -31.17 -33.18 46.51
CA PHE D 91 -31.82 -34.46 46.24
C PHE D 91 -32.37 -35.06 47.52
N SER D 92 -33.46 -35.82 47.36
CA SER D 92 -34.12 -36.49 48.47
C SER D 92 -33.54 -37.88 48.68
N ILE D 93 -33.36 -38.27 49.94
CA ILE D 93 -32.80 -39.59 50.25
C ILE D 93 -33.82 -40.71 50.07
N SER D 94 -35.10 -40.37 49.87
CA SER D 94 -36.13 -41.39 49.68
C SER D 94 -36.43 -41.64 48.22
N ASN D 95 -36.84 -40.61 47.49
CA ASN D 95 -37.17 -40.73 46.08
C ASN D 95 -35.92 -41.06 45.25
N PRO D 96 -35.84 -42.24 44.63
CA PRO D 96 -34.64 -42.57 43.84
C PRO D 96 -34.51 -41.75 42.57
N LYS D 97 -35.62 -41.28 42.00
CA LYS D 97 -35.59 -40.50 40.77
C LYS D 97 -35.23 -39.05 40.99
N SER D 98 -34.53 -38.75 42.08
CA SER D 98 -34.11 -37.40 42.42
C SER D 98 -32.64 -37.16 42.15
N TYR D 99 -31.78 -38.15 42.37
CA TYR D 99 -30.35 -38.02 42.14
C TYR D 99 -29.88 -38.79 40.91
N GLU D 100 -30.78 -39.09 39.97
CA GLU D 100 -30.39 -39.83 38.78
C GLU D 100 -29.56 -38.97 37.83
N SER D 101 -29.96 -37.71 37.65
CA SER D 101 -29.22 -36.81 36.76
C SER D 101 -27.79 -36.62 37.24
N PHE D 102 -27.55 -36.75 38.54
CA PHE D 102 -26.22 -36.59 39.10
C PHE D 102 -25.37 -37.84 38.86
N VAL D 103 -25.89 -39.00 39.26
CA VAL D 103 -25.18 -40.26 39.10
C VAL D 103 -24.83 -40.49 37.63
N LYS D 104 -25.76 -40.19 36.71
CA LYS D 104 -25.45 -40.40 35.30
C LYS D 104 -24.20 -39.62 34.89
N SER D 105 -24.01 -38.43 35.45
CA SER D 105 -22.83 -37.63 35.14
C SER D 105 -21.59 -38.21 35.80
N MET D 106 -21.64 -38.37 37.13
CA MET D 106 -20.52 -38.95 37.87
C MET D 106 -20.00 -40.17 37.14
N HIS D 107 -20.93 -41.06 36.78
CA HIS D 107 -20.61 -42.27 36.04
C HIS D 107 -19.96 -41.95 34.71
N LYS D 108 -20.50 -40.97 33.97
CA LYS D 108 -19.91 -40.61 32.69
C LYS D 108 -18.44 -40.22 32.85
N LEU D 109 -18.13 -39.51 33.93
CA LEU D 109 -16.74 -39.08 34.16
C LEU D 109 -15.85 -40.25 34.55
N MET D 110 -16.27 -41.05 35.53
CA MET D 110 -15.45 -42.17 35.97
C MET D 110 -15.35 -43.29 34.94
N ASP D 111 -16.29 -43.37 34.01
CA ASP D 111 -16.29 -44.41 32.99
C ASP D 111 -15.10 -44.33 32.05
N LEU D 112 -14.30 -43.26 32.13
CA LEU D 112 -13.13 -43.11 31.29
C LEU D 112 -11.85 -43.62 31.95
N TYR D 113 -11.91 -43.96 33.23
CA TYR D 113 -10.75 -44.46 33.97
C TYR D 113 -10.82 -45.97 34.15
N ASN D 114 -11.69 -46.65 33.40
CA ASN D 114 -11.80 -48.11 33.51
C ASN D 114 -10.45 -48.75 33.23
N GLU D 115 -10.12 -49.79 34.01
CA GLU D 115 -8.84 -50.46 33.83
C GLU D 115 -8.74 -51.08 32.44
N SER D 116 -9.85 -51.58 31.89
CA SER D 116 -9.81 -52.19 30.56
C SER D 116 -9.24 -51.22 29.53
N SER D 117 -9.55 -49.92 29.68
CA SER D 117 -9.00 -48.95 28.74
C SER D 117 -7.50 -48.79 28.94
N GLN D 118 -7.05 -48.77 30.20
CA GLN D 118 -5.64 -48.65 30.54
C GLN D 118 -5.05 -50.07 30.60
N ALA D 119 -4.86 -50.67 29.44
CA ALA D 119 -4.33 -52.01 29.38
C ALA D 119 -3.17 -52.11 28.41
N GLY D 120 -2.25 -53.01 28.71
CA GLY D 120 -1.07 -53.24 27.91
C GLY D 120 0.04 -52.28 28.26
N ASN D 121 1.15 -52.42 27.54
CA ASN D 121 2.28 -51.54 27.77
C ASN D 121 2.03 -50.17 27.17
N SER D 122 1.33 -50.12 26.05
CA SER D 122 1.06 -48.87 25.41
C SER D 122 -0.43 -48.51 25.49
N PRO D 123 -0.74 -47.21 25.52
CA PRO D 123 0.39 -46.27 25.55
C PRO D 123 0.57 -45.82 26.99
N PHE D 124 0.05 -46.63 27.90
CA PHE D 124 0.05 -46.38 29.34
C PHE D 124 1.21 -47.06 30.07
N GLU D 125 1.93 -46.30 30.89
CA GLU D 125 3.05 -46.82 31.68
C GLU D 125 2.81 -46.62 33.17
N ASP D 126 3.36 -47.53 33.97
CA ASP D 126 3.20 -47.48 35.42
C ASP D 126 4.06 -46.37 36.03
N CYS D 127 3.47 -45.64 36.99
CA CYS D 127 4.16 -44.56 37.67
C CYS D 127 4.06 -44.76 39.18
N SER D 128 4.92 -44.04 39.90
CA SER D 128 5.01 -44.09 41.35
C SER D 128 3.65 -44.08 42.04
N ASP D 129 3.43 -45.08 42.90
CA ASP D 129 2.18 -45.17 43.64
C ASP D 129 2.03 -44.05 44.66
N THR D 130 3.10 -43.34 44.95
CA THR D 130 3.18 -42.21 45.86
C THR D 130 3.52 -40.96 45.05
N PRO D 131 3.00 -39.79 45.43
CA PRO D 131 3.29 -38.57 44.66
C PRO D 131 4.78 -38.41 44.36
N ALA D 132 5.07 -37.92 43.16
CA ALA D 132 6.45 -37.73 42.72
C ALA D 132 6.57 -36.39 42.00
N ASP D 133 7.73 -36.17 41.36
CA ASP D 133 8.00 -34.93 40.66
C ASP D 133 7.55 -35.00 39.20
N TYR D 134 7.81 -33.92 38.46
CA TYR D 134 7.47 -33.82 37.05
C TYR D 134 8.18 -34.90 36.24
N ILE D 135 7.71 -35.04 35.01
CA ILE D 135 8.27 -36.00 34.06
C ILE D 135 8.19 -35.35 32.68
N LYS D 136 9.35 -35.19 32.04
CA LYS D 136 9.43 -34.55 30.73
C LYS D 136 9.73 -35.62 29.69
N ARG D 137 8.80 -35.79 28.75
CA ARG D 137 8.92 -36.78 27.68
C ARG D 137 9.49 -36.18 26.40
N GLY D 138 10.24 -35.09 26.49
CA GLY D 138 10.84 -34.44 25.35
C GLY D 138 10.23 -33.09 25.03
N ASP D 139 10.48 -32.64 23.81
CA ASP D 139 9.97 -31.36 23.34
C ASP D 139 8.60 -31.53 22.69
N LEU D 140 8.13 -30.49 22.01
CA LEU D 140 6.83 -30.52 21.34
C LEU D 140 7.01 -30.85 19.86
N ASP D 141 7.47 -32.08 19.61
CA ASP D 141 7.69 -32.52 18.25
C ASP D 141 6.99 -33.84 17.97
N ASP D 142 7.27 -34.38 16.80
CA ASP D 142 6.76 -35.66 16.34
C ASP D 142 7.91 -36.64 16.25
N SER D 143 9.11 -36.24 16.68
CA SER D 143 10.29 -37.07 16.61
C SER D 143 10.08 -38.40 17.35
N GLN D 144 9.85 -38.36 18.66
CA GLN D 144 9.66 -39.65 19.34
C GLN D 144 8.20 -40.09 19.38
N GLY D 145 7.45 -39.95 18.29
CA GLY D 145 6.07 -40.43 18.26
C GLY D 145 5.19 -40.05 19.43
N GLN D 146 4.07 -40.76 19.56
CA GLN D 146 3.11 -40.55 20.64
C GLN D 146 3.79 -40.72 22.00
N LYS D 147 3.66 -39.72 22.86
CA LYS D 147 4.26 -39.81 24.18
C LYS D 147 3.49 -40.81 25.04
N LYS D 148 3.94 -41.00 26.27
CA LYS D 148 3.31 -41.94 27.20
C LYS D 148 2.79 -41.20 28.43
N ALA D 149 1.60 -41.55 28.87
CA ALA D 149 0.96 -40.94 30.03
C ALA D 149 0.85 -41.93 31.18
N CYS D 150 0.89 -41.40 32.41
CA CYS D 150 0.81 -42.22 33.61
C CYS D 150 -0.61 -42.75 33.82
N ARG D 151 -0.70 -43.97 34.33
CA ARG D 151 -1.99 -44.59 34.60
C ARG D 151 -2.60 -44.01 35.88
N PHE D 152 -3.93 -43.96 35.91
CA PHE D 152 -4.68 -43.48 37.08
C PHE D 152 -5.78 -44.50 37.32
N SER D 153 -5.66 -45.24 38.42
CA SER D 153 -6.63 -46.27 38.74
C SER D 153 -7.87 -45.72 39.44
N ARG D 154 -9.00 -46.39 39.18
CA ARG D 154 -10.27 -46.00 39.78
C ARG D 154 -10.23 -46.19 41.29
N MET D 155 -9.88 -47.40 41.73
CA MET D 155 -9.80 -47.82 43.12
C MET D 155 -9.11 -46.81 44.02
N TRP D 156 -8.20 -46.00 43.46
CA TRP D 156 -7.52 -45.00 44.29
C TRP D 156 -8.54 -44.18 45.05
N LEU D 157 -9.63 -43.80 44.39
CA LEU D 157 -10.72 -43.12 45.08
C LEU D 157 -11.38 -44.22 45.91
N LYS D 158 -11.32 -44.08 47.23
CA LYS D 158 -11.83 -45.16 48.07
C LYS D 158 -13.34 -45.36 48.12
N ASN D 159 -14.08 -44.45 48.77
CA ASN D 159 -15.51 -44.69 48.86
C ASN D 159 -16.32 -44.10 47.71
N CYS D 160 -15.72 -43.36 46.78
CA CYS D 160 -16.48 -42.82 45.64
C CYS D 160 -15.82 -43.34 44.37
N SER D 161 -16.22 -44.54 43.95
CA SER D 161 -15.68 -45.13 42.73
C SER D 161 -16.73 -45.82 41.87
N GLY D 162 -17.98 -45.95 42.34
CA GLY D 162 -18.99 -46.61 41.57
C GLY D 162 -18.76 -48.09 41.37
N LEU D 163 -17.72 -48.63 42.00
CA LEU D 163 -17.39 -50.05 41.91
C LEU D 163 -18.04 -50.84 43.03
N ASP D 164 -18.21 -50.22 44.19
CA ASP D 164 -18.83 -50.84 45.36
C ASP D 164 -20.27 -50.38 45.52
N ASP D 165 -20.48 -49.07 45.64
CA ASP D 165 -21.79 -48.45 45.79
C ASP D 165 -21.95 -47.56 44.55
N THR D 166 -22.49 -48.18 43.49
CA THR D 166 -22.70 -47.51 42.20
C THR D 166 -23.22 -46.08 42.35
N THR D 167 -24.18 -45.87 43.24
CA THR D 167 -24.74 -44.54 43.46
C THR D 167 -23.69 -43.51 43.87
N TYR D 168 -22.60 -43.95 44.51
CA TYR D 168 -21.46 -43.16 45.01
C TYR D 168 -21.74 -42.46 46.34
N GLY D 169 -22.85 -42.75 47.01
CA GLY D 169 -23.10 -42.09 48.28
C GLY D 169 -24.44 -41.42 48.45
N TYR D 170 -24.98 -40.88 47.35
CA TYR D 170 -26.26 -40.19 47.31
C TYR D 170 -27.40 -41.02 47.90
N ALA D 171 -27.17 -42.32 48.09
CA ALA D 171 -28.20 -43.21 48.60
C ALA D 171 -28.49 -43.03 50.09
N GLU D 172 -27.51 -42.65 50.91
CA GLU D 172 -27.80 -42.52 52.33
C GLU D 172 -27.34 -41.18 52.93
N GLY D 173 -27.45 -40.09 52.18
CA GLY D 173 -27.07 -38.80 52.72
C GLY D 173 -25.58 -38.58 52.94
N LYS D 174 -24.74 -39.07 52.03
CA LYS D 174 -23.30 -38.88 52.11
C LYS D 174 -22.82 -38.77 50.67
N PRO D 175 -22.77 -37.57 50.12
CA PRO D 175 -22.35 -37.41 48.74
C PRO D 175 -20.86 -37.18 48.55
N CYS D 176 -20.42 -37.46 47.32
CA CYS D 176 -19.04 -37.29 46.91
C CYS D 176 -19.02 -36.26 45.80
N VAL D 177 -17.86 -35.65 45.61
CA VAL D 177 -17.63 -34.63 44.59
C VAL D 177 -16.24 -34.85 44.04
N VAL D 178 -16.16 -35.28 42.78
CA VAL D 178 -14.88 -35.53 42.13
C VAL D 178 -14.43 -34.22 41.48
N ALA D 179 -13.40 -33.61 42.06
CA ALA D 179 -12.85 -32.36 41.56
C ALA D 179 -11.77 -32.66 40.53
N LYS D 180 -11.61 -31.73 39.58
CA LYS D 180 -10.63 -31.90 38.52
C LYS D 180 -10.05 -30.56 38.09
N LEU D 181 -8.74 -30.57 37.81
CA LEU D 181 -7.99 -29.41 37.37
C LEU D 181 -7.99 -29.35 35.85
N ASN D 182 -8.30 -28.17 35.31
CA ASN D 182 -8.37 -27.98 33.85
C ASN D 182 -7.03 -28.24 33.17
N ARG D 183 -7.05 -29.12 32.17
CA ARG D 183 -5.88 -29.51 31.40
C ARG D 183 -5.33 -28.36 30.56
N ILE D 184 -4.06 -28.03 30.75
CA ILE D 184 -3.39 -26.98 29.98
C ILE D 184 -2.07 -27.52 29.46
N ILE D 185 -1.79 -27.22 28.19
CA ILE D 185 -0.56 -27.69 27.55
C ILE D 185 0.65 -26.99 28.13
N GLY D 186 1.67 -27.77 28.49
CA GLY D 186 2.90 -27.25 29.04
C GLY D 186 2.77 -26.51 30.36
N PHE D 187 1.73 -26.80 31.14
CA PHE D 187 1.54 -26.14 32.41
C PHE D 187 2.11 -26.98 33.54
N TYR D 188 3.05 -26.40 34.29
CA TYR D 188 3.67 -27.06 35.42
C TYR D 188 3.05 -26.55 36.70
N PRO D 189 2.39 -27.38 37.50
CA PRO D 189 1.82 -26.87 38.76
C PRO D 189 2.92 -26.63 39.78
N LYS D 190 2.83 -25.49 40.46
CA LYS D 190 3.83 -25.11 41.47
C LYS D 190 3.20 -24.89 42.83
N PRO D 191 3.41 -25.79 43.79
CA PRO D 191 2.82 -25.61 45.12
C PRO D 191 3.61 -24.62 45.97
N LEU D 192 2.93 -24.11 46.99
CA LEU D 192 3.51 -23.16 47.93
C LEU D 192 4.62 -23.82 48.76
N LYS D 193 5.64 -23.04 49.10
CA LYS D 193 6.74 -23.56 49.89
C LYS D 193 6.46 -23.49 51.40
N ASN D 194 7.28 -24.22 52.16
CA ASN D 194 7.23 -24.38 53.62
C ASN D 194 7.56 -23.12 54.42
N THR D 195 7.82 -21.97 53.80
CA THR D 195 8.15 -20.76 54.55
C THR D 195 7.05 -20.40 55.56
N THR D 196 7.42 -19.56 56.55
CA THR D 196 6.51 -19.12 57.60
C THR D 196 5.18 -18.58 57.09
N ASP D 197 5.11 -18.15 55.84
CA ASP D 197 3.88 -17.65 55.27
C ASP D 197 3.27 -18.76 54.43
N LEU D 198 2.12 -19.24 54.86
CA LEU D 198 1.37 -20.31 54.25
C LEU D 198 0.04 -20.33 54.99
N PRO D 199 -1.06 -20.72 54.36
CA PRO D 199 -2.33 -20.76 55.09
C PRO D 199 -2.24 -21.71 56.27
N GLU D 200 -3.24 -21.63 57.14
CA GLU D 200 -3.28 -22.49 58.31
C GLU D 200 -3.34 -23.96 57.91
N GLU D 201 -4.40 -24.32 57.19
CA GLU D 201 -4.67 -25.67 56.71
C GLU D 201 -3.49 -26.43 56.10
N LEU D 202 -2.80 -25.80 55.16
CA LEU D 202 -1.71 -26.41 54.40
C LEU D 202 -0.49 -26.87 55.21
N GLN D 203 -0.27 -26.36 56.42
CA GLN D 203 0.92 -26.73 57.19
C GLN D 203 1.12 -28.25 57.28
N ALA D 204 0.13 -28.97 57.81
CA ALA D 204 0.27 -30.42 57.96
C ALA D 204 0.29 -31.13 56.61
N ASN D 205 1.12 -32.18 56.52
CA ASN D 205 1.27 -33.02 55.32
C ASN D 205 1.73 -32.21 54.10
N TYR D 206 2.87 -31.54 54.24
CA TYR D 206 3.42 -30.71 53.16
C TYR D 206 4.23 -31.56 52.18
N ASN D 207 3.53 -32.39 51.41
CA ASN D 207 4.24 -33.17 50.40
C ASN D 207 4.46 -32.21 49.24
N GLN D 208 5.72 -31.81 49.01
CA GLN D 208 6.00 -30.85 47.95
C GLN D 208 5.37 -31.27 46.62
N TYR D 209 5.47 -32.53 46.29
CA TYR D 209 4.93 -33.07 45.05
C TYR D 209 3.40 -33.10 44.99
N VAL D 210 2.62 -32.56 45.93
CA VAL D 210 1.16 -32.61 45.85
C VAL D 210 0.59 -31.20 45.84
N LEU D 211 -0.33 -30.95 44.93
CA LEU D 211 -1.00 -29.65 44.86
C LEU D 211 -2.22 -29.77 45.77
N PRO D 212 -2.29 -29.02 46.86
CA PRO D 212 -3.41 -29.15 47.80
C PRO D 212 -4.71 -28.52 47.35
N LEU D 213 -5.80 -29.20 47.71
CA LEU D 213 -7.18 -28.79 47.47
C LEU D 213 -7.87 -28.86 48.82
N ARG D 214 -8.51 -27.77 49.22
CA ARG D 214 -9.18 -27.77 50.52
C ARG D 214 -10.50 -27.00 50.42
N CYS D 215 -11.57 -27.63 50.89
CA CYS D 215 -12.91 -27.06 50.88
C CYS D 215 -13.24 -26.49 52.26
N ALA D 216 -14.15 -25.52 52.27
CA ALA D 216 -14.58 -24.87 53.50
C ALA D 216 -15.97 -24.30 53.28
N ALA D 217 -16.42 -23.48 54.23
CA ALA D 217 -17.73 -22.85 54.18
C ALA D 217 -17.60 -21.39 53.77
N LYS D 218 -18.50 -20.94 52.89
CA LYS D 218 -18.48 -19.56 52.43
C LYS D 218 -18.69 -18.58 53.58
N ARG D 219 -19.68 -18.84 54.42
CA ARG D 219 -19.98 -17.97 55.54
C ARG D 219 -19.44 -18.57 56.84
N GLU D 220 -19.22 -17.69 57.82
CA GLU D 220 -18.71 -18.13 59.12
C GLU D 220 -19.72 -18.99 59.87
N GLU D 221 -21.01 -18.71 59.69
CA GLU D 221 -22.05 -19.47 60.37
C GLU D 221 -22.07 -20.93 59.92
N ASP D 222 -22.14 -21.15 58.60
CA ASP D 222 -22.23 -22.49 58.02
C ASP D 222 -21.15 -23.46 58.50
N ARG D 223 -20.04 -22.96 59.03
CA ARG D 223 -18.95 -23.82 59.51
C ARG D 223 -19.51 -24.98 60.34
N GLU D 224 -20.22 -24.63 61.41
CA GLU D 224 -20.80 -25.61 62.33
C GLU D 224 -21.72 -26.61 61.64
N LYS D 225 -22.51 -26.15 60.68
CA LYS D 225 -23.46 -27.03 59.99
C LYS D 225 -22.80 -27.97 58.98
N ILE D 226 -21.51 -27.81 58.69
CA ILE D 226 -20.79 -28.68 57.77
C ILE D 226 -20.02 -29.68 58.61
N GLY D 227 -20.10 -30.95 58.26
CA GLY D 227 -19.46 -31.99 59.05
C GLY D 227 -18.02 -32.34 58.76
N SER D 228 -17.75 -33.57 58.31
CA SER D 228 -16.39 -34.01 58.06
C SER D 228 -16.12 -34.19 56.57
N ILE D 229 -15.28 -33.29 56.05
CA ILE D 229 -14.83 -33.29 54.66
C ILE D 229 -13.71 -34.32 54.55
N GLU D 230 -13.99 -35.45 53.92
CA GLU D 230 -13.02 -36.53 53.77
C GLU D 230 -12.52 -36.60 52.32
N TYR D 231 -11.28 -36.16 52.09
CA TYR D 231 -10.67 -36.15 50.77
C TYR D 231 -9.98 -37.48 50.46
N PHE D 232 -10.21 -37.98 49.24
CA PHE D 232 -9.60 -39.20 48.73
C PHE D 232 -8.75 -38.84 47.52
N GLY D 233 -7.57 -39.41 47.44
CA GLY D 233 -6.70 -39.09 46.32
C GLY D 233 -5.51 -40.02 46.22
N LEU D 234 -4.59 -39.64 45.32
CA LEU D 234 -3.38 -40.42 45.09
C LEU D 234 -2.49 -40.36 46.32
N GLY D 235 -2.22 -41.52 46.92
CA GLY D 235 -1.39 -41.58 48.10
C GLY D 235 -2.10 -41.25 49.39
N GLY D 236 -3.40 -40.94 49.32
CA GLY D 236 -4.18 -40.58 50.49
C GLY D 236 -4.19 -39.10 50.79
N TYR D 237 -3.44 -38.30 50.04
CA TYR D 237 -3.37 -36.86 50.24
C TYR D 237 -4.53 -36.16 49.54
N ALA D 238 -4.78 -34.93 49.98
CA ALA D 238 -5.85 -34.11 49.42
C ALA D 238 -5.27 -33.18 48.36
N GLY D 239 -4.82 -33.77 47.26
CA GLY D 239 -4.25 -32.97 46.20
C GLY D 239 -4.02 -33.76 44.93
N PHE D 240 -3.31 -33.11 44.02
CA PHE D 240 -2.97 -33.68 42.72
C PHE D 240 -1.47 -33.94 42.63
N PRO D 241 -1.06 -35.16 42.26
CA PRO D 241 0.37 -35.46 42.15
C PRO D 241 0.98 -34.74 40.95
N LEU D 242 2.13 -34.13 41.18
CA LEU D 242 2.84 -33.39 40.13
C LEU D 242 3.34 -34.27 38.99
N GLN D 243 3.38 -35.58 39.18
CA GLN D 243 3.88 -36.49 38.15
C GLN D 243 3.01 -36.56 36.89
N TYR D 244 1.74 -36.16 36.97
CA TYR D 244 0.86 -36.22 35.80
C TYR D 244 0.99 -34.98 34.92
N TYR D 245 2.04 -34.21 35.12
CA TYR D 245 2.30 -32.99 34.37
C TYR D 245 3.72 -33.00 33.84
N PRO D 246 4.00 -32.27 32.76
CA PRO D 246 2.92 -31.51 32.12
C PRO D 246 2.11 -32.29 31.09
N TYR D 247 1.08 -31.64 30.57
CA TYR D 247 0.21 -32.20 29.54
C TYR D 247 0.76 -31.78 28.20
N TYR D 248 0.89 -32.75 27.28
CA TYR D 248 1.44 -32.49 25.96
C TYR D 248 0.39 -32.25 24.87
N GLY D 249 -0.87 -32.14 25.23
CA GLY D 249 -1.82 -31.90 24.15
C GLY D 249 -2.37 -33.20 23.56
N LYS D 250 -3.56 -33.09 22.98
CA LYS D 250 -4.24 -34.24 22.39
C LYS D 250 -3.41 -34.90 21.29
N ARG D 251 -2.93 -34.12 20.33
CA ARG D 251 -2.17 -34.66 19.20
C ARG D 251 -0.95 -35.46 19.66
N LEU D 252 -0.23 -34.98 20.67
CA LEU D 252 0.97 -35.69 21.11
C LEU D 252 0.74 -36.65 22.28
N GLN D 253 -0.44 -36.67 22.88
CA GLN D 253 -0.66 -37.56 24.02
C GLN D 253 -2.07 -38.14 24.07
N LYS D 254 -2.60 -38.64 22.96
CA LYS D 254 -3.93 -39.22 23.03
C LYS D 254 -3.93 -40.31 24.11
N LYS D 255 -5.11 -40.59 24.67
CA LYS D 255 -5.25 -41.57 25.75
C LYS D 255 -4.49 -41.11 26.99
N TYR D 256 -4.73 -39.86 27.38
CA TYR D 256 -4.11 -39.25 28.55
C TYR D 256 -5.17 -39.04 29.62
N LEU D 257 -4.82 -39.37 30.86
CA LEU D 257 -5.74 -39.23 31.99
C LEU D 257 -5.18 -38.24 33.00
N GLN D 258 -6.01 -37.29 33.39
CA GLN D 258 -5.71 -36.24 34.36
C GLN D 258 -6.09 -36.72 35.76
N PRO D 259 -5.31 -36.36 36.79
CA PRO D 259 -5.66 -36.80 38.14
C PRO D 259 -7.02 -36.28 38.57
N LEU D 260 -7.57 -36.92 39.60
CA LEU D 260 -8.88 -36.57 40.13
C LEU D 260 -8.82 -36.64 41.64
N LEU D 261 -9.71 -35.88 42.30
CA LEU D 261 -9.73 -35.90 43.76
C LEU D 261 -11.16 -36.05 44.23
N ALA D 262 -11.43 -37.06 45.05
CA ALA D 262 -12.78 -37.26 45.55
C ALA D 262 -12.96 -36.56 46.89
N ILE D 263 -14.16 -36.03 47.13
CA ILE D 263 -14.45 -35.33 48.38
C ILE D 263 -15.79 -35.81 48.92
N GLN D 264 -15.77 -36.43 50.10
CA GLN D 264 -17.01 -36.91 50.73
C GLN D 264 -17.39 -35.93 51.83
N PHE D 265 -18.61 -35.41 51.75
CA PHE D 265 -19.10 -34.45 52.74
C PHE D 265 -19.91 -35.17 53.82
N THR D 266 -19.21 -36.02 54.59
CA THR D 266 -19.91 -36.75 55.63
C THR D 266 -20.46 -35.80 56.68
N ASN D 267 -21.44 -36.30 57.44
CA ASN D 267 -22.11 -35.58 58.52
C ASN D 267 -22.64 -34.22 58.06
N LEU D 268 -23.56 -34.27 57.11
CA LEU D 268 -24.17 -33.07 56.55
C LEU D 268 -25.54 -32.85 57.18
N THR D 269 -25.76 -31.64 57.71
CA THR D 269 -27.04 -31.31 58.33
C THR D 269 -28.16 -31.50 57.33
N GLN D 270 -29.29 -32.03 57.80
CA GLN D 270 -30.43 -32.31 56.94
C GLN D 270 -31.37 -31.11 56.83
N ASN D 271 -32.00 -31.00 55.66
CA ASN D 271 -32.98 -29.97 55.31
C ASN D 271 -32.46 -28.54 55.50
N MET D 272 -31.34 -28.23 54.83
CA MET D 272 -30.77 -26.89 54.91
C MET D 272 -29.69 -26.66 53.85
N GLU D 273 -29.79 -25.54 53.13
CA GLU D 273 -28.86 -25.20 52.05
C GLU D 273 -27.48 -24.82 52.61
N LEU D 274 -26.46 -25.58 52.24
CA LEU D 274 -25.09 -25.34 52.68
C LEU D 274 -24.22 -24.93 51.50
N ARG D 275 -23.52 -23.80 51.64
CA ARG D 275 -22.64 -23.23 50.62
C ARG D 275 -21.21 -23.68 50.93
N ILE D 276 -20.63 -24.54 50.09
CA ILE D 276 -19.29 -25.06 50.29
C ILE D 276 -18.39 -24.56 49.15
N GLU D 277 -17.30 -23.91 49.52
CA GLU D 277 -16.34 -23.38 48.54
C GLU D 277 -15.05 -24.17 48.64
N CYS D 278 -14.63 -24.78 47.53
CA CYS D 278 -13.40 -25.54 47.47
C CYS D 278 -12.34 -24.69 46.78
N LYS D 279 -11.09 -24.80 47.25
CA LYS D 279 -10.04 -23.98 46.67
C LYS D 279 -8.69 -24.70 46.63
N VAL D 280 -7.99 -24.56 45.48
CA VAL D 280 -6.66 -25.13 45.24
C VAL D 280 -5.65 -24.03 45.54
N TYR D 281 -4.45 -24.41 45.95
CA TYR D 281 -3.40 -23.46 46.29
C TYR D 281 -2.14 -23.74 45.47
N GLY D 282 -1.43 -22.67 45.13
CA GLY D 282 -0.21 -22.81 44.36
C GLY D 282 0.26 -21.49 43.80
N GLU D 283 1.53 -21.48 43.38
CA GLU D 283 2.14 -20.27 42.84
C GLU D 283 1.47 -19.82 41.55
N ASN D 284 1.50 -20.63 40.50
CA ASN D 284 0.86 -20.17 39.26
C ASN D 284 -0.63 -20.44 39.28
N ILE D 285 -1.26 -20.12 40.40
CA ILE D 285 -2.70 -20.28 40.61
C ILE D 285 -3.20 -18.93 41.11
N ASP D 286 -4.20 -18.37 40.43
CA ASP D 286 -4.74 -17.09 40.83
C ASP D 286 -6.25 -17.11 40.62
N TYR D 287 -6.97 -16.53 41.57
CA TYR D 287 -8.42 -16.50 41.50
C TYR D 287 -8.89 -15.19 40.86
N SER D 288 -10.17 -15.16 40.50
CA SER D 288 -10.77 -14.00 39.85
C SER D 288 -12.13 -13.73 40.46
N GLU D 289 -12.39 -12.46 40.80
CA GLU D 289 -13.67 -12.09 41.38
C GLU D 289 -14.81 -12.17 40.38
N LYS D 290 -14.51 -12.28 39.09
CA LYS D 290 -15.52 -12.37 38.04
C LYS D 290 -15.80 -13.81 37.63
N ASP D 291 -14.75 -14.61 37.48
CA ASP D 291 -14.88 -16.03 37.12
C ASP D 291 -14.83 -16.80 38.43
N ARG D 292 -15.96 -17.40 38.80
CA ARG D 292 -16.05 -18.16 40.04
C ARG D 292 -15.63 -19.61 39.88
N PHE D 293 -14.90 -19.93 38.81
CA PHE D 293 -14.41 -21.26 38.56
C PHE D 293 -12.90 -21.28 38.33
N ARG D 294 -12.24 -20.14 38.46
CA ARG D 294 -10.80 -20.02 38.25
C ARG D 294 -10.09 -20.38 39.56
N GLY D 295 -9.57 -21.60 39.63
CA GLY D 295 -8.86 -22.05 40.81
C GLY D 295 -9.73 -22.60 41.92
N ARG D 296 -10.92 -22.03 42.10
CA ARG D 296 -11.84 -22.46 43.14
C ARG D 296 -13.19 -22.79 42.51
N PHE D 297 -14.11 -23.26 43.35
CA PHE D 297 -15.45 -23.57 42.85
C PHE D 297 -16.40 -23.56 44.03
N GLU D 298 -17.67 -23.31 43.74
CA GLU D 298 -18.71 -23.24 44.75
C GLU D 298 -19.78 -24.29 44.47
N VAL D 299 -20.28 -24.90 45.53
CA VAL D 299 -21.31 -25.92 45.43
C VAL D 299 -22.34 -25.68 46.52
N LYS D 300 -23.61 -25.84 46.16
CA LYS D 300 -24.71 -25.70 47.11
C LYS D 300 -25.25 -27.11 47.31
N ILE D 301 -25.19 -27.60 48.53
CA ILE D 301 -25.67 -28.95 48.81
C ILE D 301 -26.82 -28.85 49.81
N GLU D 302 -27.86 -29.64 49.56
CA GLU D 302 -29.03 -29.67 50.43
C GLU D 302 -29.60 -31.08 50.32
N VAL D 303 -29.28 -31.92 51.29
CA VAL D 303 -29.77 -33.29 51.31
C VAL D 303 -31.06 -33.25 52.12
N LYS D 304 -32.16 -32.94 51.42
CA LYS D 304 -33.47 -32.83 52.04
C LYS D 304 -34.13 -34.21 52.07
N SER D 305 -34.43 -34.69 53.28
CA SER D 305 -35.07 -35.99 53.43
C SER D 305 -36.08 -35.98 54.55
N ASP E 47 -70.68 47.59 8.40
CA ASP E 47 -69.68 48.54 7.92
C ASP E 47 -70.20 49.97 7.93
N ASP E 48 -69.34 50.89 7.49
CA ASP E 48 -69.64 52.31 7.40
C ASP E 48 -69.57 52.81 5.96
N HIS E 49 -69.78 51.89 5.01
CA HIS E 49 -69.70 52.23 3.58
C HIS E 49 -70.66 53.34 3.20
N LYS E 50 -71.93 53.22 3.59
CA LYS E 50 -72.96 54.20 3.24
C LYS E 50 -72.70 55.50 4.00
N LEU E 51 -71.73 56.25 3.50
CA LEU E 51 -71.33 57.52 4.08
C LEU E 51 -70.88 58.42 2.92
N SER E 52 -70.11 59.46 3.24
CA SER E 52 -69.61 60.38 2.24
C SER E 52 -68.10 60.48 2.39
N LEU E 53 -67.46 61.25 1.49
CA LEU E 53 -66.03 61.41 1.62
C LEU E 53 -65.71 62.35 2.77
N ASP E 54 -66.61 63.30 3.03
CA ASP E 54 -66.42 64.21 4.14
C ASP E 54 -66.68 63.52 5.47
N GLU E 55 -67.73 62.71 5.54
CA GLU E 55 -68.02 61.98 6.77
C GLU E 55 -66.91 60.99 7.08
N LEU E 56 -66.36 60.35 6.04
CA LEU E 56 -65.28 59.40 6.23
C LEU E 56 -64.03 60.09 6.75
N HIS E 57 -63.63 61.18 6.07
CA HIS E 57 -62.46 61.92 6.52
C HIS E 57 -62.68 62.54 7.89
N ASN E 58 -63.94 62.82 8.24
CA ASN E 58 -64.25 63.39 9.54
C ASN E 58 -64.30 62.35 10.63
N LYS E 59 -64.47 61.08 10.28
CA LYS E 59 -64.51 60.05 11.31
C LYS E 59 -63.12 59.51 11.61
N TYR E 60 -62.31 59.22 10.59
CA TYR E 60 -60.98 58.72 10.93
C TYR E 60 -59.93 59.83 11.00
N GLY E 61 -60.17 60.95 10.32
CA GLY E 61 -59.27 62.08 10.31
C GLY E 61 -58.30 61.97 9.15
N THR E 62 -58.52 62.67 8.04
CA THR E 62 -57.58 62.53 6.94
C THR E 62 -57.83 63.52 5.82
N ASP E 63 -56.74 64.03 5.26
CA ASP E 63 -56.78 64.96 4.13
C ASP E 63 -56.97 64.16 2.85
N LEU E 64 -58.03 64.49 2.10
CA LEU E 64 -58.27 63.75 0.85
C LEU E 64 -57.20 64.04 -0.19
N THR E 65 -56.56 65.20 -0.13
CA THR E 65 -55.55 65.57 -1.11
C THR E 65 -54.13 65.63 -0.56
N ARG E 66 -53.94 65.56 0.76
CA ARG E 66 -52.61 65.60 1.33
C ARG E 66 -52.31 64.40 2.22
N GLY E 67 -53.32 63.61 2.58
CA GLY E 67 -53.09 62.47 3.43
C GLY E 67 -52.74 62.89 4.85
N LEU E 68 -52.14 61.95 5.57
CA LEU E 68 -51.71 62.18 6.94
C LEU E 68 -50.30 62.74 6.99
N THR E 69 -49.89 63.13 8.19
CA THR E 69 -48.56 63.64 8.44
C THR E 69 -47.74 62.48 8.98
N ASN E 70 -46.42 62.54 8.77
CA ASN E 70 -45.57 61.44 9.23
C ASN E 70 -45.64 61.27 10.75
N ALA E 71 -45.62 62.39 11.48
CA ALA E 71 -45.70 62.30 12.94
C ALA E 71 -47.02 61.67 13.37
N ARG E 72 -48.11 62.08 12.74
CA ARG E 72 -49.42 61.53 13.05
C ARG E 72 -49.50 60.05 12.66
N ALA E 73 -48.89 59.72 11.52
CA ALA E 73 -48.89 58.33 11.06
C ALA E 73 -48.19 57.44 12.08
N LYS E 74 -47.03 57.87 12.57
CA LYS E 74 -46.33 57.06 13.56
C LYS E 74 -47.09 57.03 14.88
N GLU E 75 -47.79 58.12 15.22
CA GLU E 75 -48.57 58.13 16.45
C GLU E 75 -49.64 57.04 16.40
N ILE E 76 -50.25 56.84 15.23
CA ILE E 76 -51.27 55.81 15.13
C ILE E 76 -50.65 54.43 14.99
N LEU E 77 -49.52 54.34 14.26
CA LEU E 77 -48.84 53.06 14.09
C LEU E 77 -48.48 52.47 15.43
N ALA E 78 -48.01 53.30 16.35
CA ALA E 78 -47.69 52.83 17.69
C ALA E 78 -48.95 52.71 18.54
N ARG E 79 -50.01 53.41 18.16
CA ARG E 79 -51.24 53.37 18.94
C ARG E 79 -52.03 52.07 18.79
N ASP E 80 -52.03 51.41 17.60
CA ASP E 80 -52.87 50.21 17.52
C ASP E 80 -52.24 48.94 16.94
N GLY E 81 -50.91 48.81 16.88
CA GLY E 81 -50.33 47.57 16.37
C GLY E 81 -50.21 47.45 14.86
N PRO E 82 -49.19 46.71 14.42
CA PRO E 82 -48.95 46.54 12.96
C PRO E 82 -50.06 45.81 12.22
N ASN E 83 -50.13 46.09 10.92
CA ASN E 83 -51.12 45.52 9.99
C ASN E 83 -50.70 44.12 9.53
N SER E 84 -50.53 43.23 10.51
CA SER E 84 -50.15 41.84 10.21
C SER E 84 -50.92 40.88 11.10
N LEU E 85 -51.40 39.79 10.49
CA LEU E 85 -52.15 38.78 11.22
C LEU E 85 -51.27 38.11 12.28
N THR E 86 -51.92 37.43 13.23
CA THR E 86 -51.26 36.76 14.34
C THR E 86 -51.07 35.26 14.11
N PRO E 87 -49.97 34.70 14.61
CA PRO E 87 -49.70 33.26 14.45
C PRO E 87 -50.76 32.42 15.15
N PRO E 88 -50.96 31.19 14.69
CA PRO E 88 -52.02 30.32 15.25
C PRO E 88 -51.54 29.36 16.32
N PRO E 89 -52.47 28.64 16.96
CA PRO E 89 -52.10 27.65 17.99
C PRO E 89 -51.17 26.55 17.47
N THR E 90 -50.41 25.98 18.41
CA THR E 90 -49.47 24.93 18.03
C THR E 90 -49.13 24.04 19.21
N THR E 91 -48.60 22.89 18.88
CA THR E 91 -48.15 21.98 19.92
C THR E 91 -46.72 22.37 20.29
N PRO E 92 -46.41 22.63 21.55
CA PRO E 92 -45.04 23.02 21.90
C PRO E 92 -44.13 21.80 21.88
N GLU E 93 -42.97 21.91 22.51
CA GLU E 93 -42.04 20.79 22.56
C GLU E 93 -42.69 19.50 23.07
N TRP E 94 -43.88 19.59 23.69
CA TRP E 94 -44.57 18.41 24.22
C TRP E 94 -44.78 17.34 23.17
N ILE E 95 -45.63 17.64 22.18
CA ILE E 95 -45.89 16.67 21.12
C ILE E 95 -44.72 16.62 20.15
N LYS E 96 -43.74 17.51 20.31
CA LYS E 96 -42.57 17.51 19.44
C LYS E 96 -41.56 16.46 19.89
N PHE E 97 -41.45 16.27 21.20
CA PHE E 97 -40.53 15.31 21.79
C PHE E 97 -41.15 13.94 21.94
N CYS E 98 -42.47 13.87 22.18
CA CYS E 98 -43.08 12.54 22.31
C CYS E 98 -42.92 11.75 21.02
N ARG E 99 -43.06 12.40 19.87
CA ARG E 99 -42.92 11.70 18.59
C ARG E 99 -41.47 11.30 18.33
N GLN E 100 -40.52 12.04 18.90
CA GLN E 100 -39.11 11.72 18.66
C GLN E 100 -38.62 10.59 19.55
N LEU E 101 -38.61 10.82 20.86
CA LEU E 101 -38.11 9.82 21.80
C LEU E 101 -39.05 8.63 21.95
N PHE E 102 -40.34 8.77 21.65
CA PHE E 102 -41.33 7.71 21.81
C PHE E 102 -42.06 7.39 20.51
N GLY E 103 -41.36 7.22 19.40
CA GLY E 103 -42.09 6.96 18.17
C GLY E 103 -42.44 5.53 17.83
N GLY E 104 -41.87 4.97 16.76
CA GLY E 104 -42.23 3.61 16.43
C GLY E 104 -41.09 2.61 16.47
N PHE E 105 -39.90 3.05 16.09
CA PHE E 105 -38.78 2.12 16.15
C PHE E 105 -38.10 2.18 17.50
N SER E 106 -38.04 3.38 18.09
CA SER E 106 -37.42 3.54 19.40
C SER E 106 -38.19 2.81 20.50
N ILE E 107 -39.49 2.58 20.29
CA ILE E 107 -40.32 1.89 21.28
C ILE E 107 -39.73 0.52 21.64
N LEU E 108 -39.29 -0.23 20.64
CA LEU E 108 -38.69 -1.53 20.91
C LEU E 108 -37.45 -1.39 21.81
N LEU E 109 -36.63 -0.38 21.53
CA LEU E 109 -35.45 -0.14 22.37
C LEU E 109 -35.88 0.19 23.79
N TRP E 110 -36.98 0.94 23.94
CA TRP E 110 -37.48 1.26 25.28
C TRP E 110 -37.80 -0.02 26.02
N ILE E 111 -38.15 -1.06 25.27
CA ILE E 111 -38.43 -2.33 25.93
C ILE E 111 -37.14 -3.00 26.36
N GLY E 112 -36.18 -3.14 25.44
CA GLY E 112 -34.91 -3.73 25.80
C GLY E 112 -34.41 -3.18 27.12
N ALA E 113 -34.51 -1.85 27.27
CA ALA E 113 -34.09 -1.20 28.50
C ALA E 113 -34.92 -1.66 29.69
N ILE E 114 -36.24 -1.72 29.52
CA ILE E 114 -37.10 -2.16 30.64
C ILE E 114 -36.71 -3.58 31.10
N LEU E 115 -36.83 -4.53 30.18
CA LEU E 115 -36.50 -5.92 30.45
C LEU E 115 -35.19 -6.05 31.22
N CYS E 116 -34.11 -5.48 30.67
CA CYS E 116 -32.81 -5.57 31.34
C CYS E 116 -32.86 -5.07 32.80
N PHE E 117 -33.55 -3.95 33.06
CA PHE E 117 -33.60 -3.51 34.45
C PHE E 117 -34.27 -4.55 35.34
N LEU E 118 -35.34 -5.19 34.84
CA LEU E 118 -35.98 -6.24 35.65
C LEU E 118 -35.05 -7.42 35.88
N ALA E 119 -34.15 -7.66 34.92
CA ALA E 119 -33.19 -8.75 35.04
C ALA E 119 -32.19 -8.45 36.14
N TYR E 120 -31.94 -7.17 36.38
CA TYR E 120 -31.00 -6.84 37.45
C TYR E 120 -31.68 -6.90 38.82
N GLY E 121 -32.95 -6.52 38.88
CA GLY E 121 -33.65 -6.53 40.15
C GLY E 121 -33.86 -7.95 40.69
N ILE E 122 -34.30 -8.86 39.83
CA ILE E 122 -34.51 -10.23 40.31
C ILE E 122 -33.18 -10.82 40.79
N GLN E 123 -32.06 -10.29 40.26
CA GLN E 123 -30.71 -10.71 40.60
C GLN E 123 -30.26 -10.21 41.96
N ALA E 124 -30.23 -8.89 42.14
CA ALA E 124 -29.79 -8.30 43.40
C ALA E 124 -30.69 -8.70 44.54
N ALA E 125 -31.99 -8.82 44.30
CA ALA E 125 -32.85 -9.25 45.38
C ALA E 125 -32.60 -10.71 45.70
N THR E 126 -32.37 -11.54 44.67
CA THR E 126 -32.12 -12.93 45.01
C THR E 126 -30.65 -13.29 45.32
N GLU E 127 -29.82 -13.44 44.28
CA GLU E 127 -28.42 -13.88 44.39
C GLU E 127 -27.44 -12.97 45.14
N ASP E 128 -26.66 -13.59 46.05
CA ASP E 128 -25.58 -12.93 46.77
C ASP E 128 -24.45 -12.61 45.79
N GLU E 129 -23.95 -11.37 45.83
CA GLU E 129 -22.87 -10.98 44.90
C GLU E 129 -23.28 -11.22 43.45
N PRO E 130 -24.13 -10.37 42.90
CA PRO E 130 -24.56 -10.54 41.49
C PRO E 130 -23.54 -9.99 40.51
N ALA E 131 -23.93 -9.91 39.25
CA ALA E 131 -23.13 -9.37 38.16
C ALA E 131 -23.77 -8.05 37.73
N ASN E 132 -23.08 -7.29 36.87
CA ASN E 132 -23.65 -6.00 36.48
C ASN E 132 -23.77 -5.79 34.97
N ASP E 133 -23.74 -6.84 34.15
CA ASP E 133 -23.88 -6.58 32.72
C ASP E 133 -25.25 -6.04 32.37
N ASN E 134 -26.26 -6.34 33.19
CA ASN E 134 -27.62 -5.85 32.94
C ASN E 134 -27.78 -4.38 33.29
N LEU E 135 -27.23 -3.93 34.42
CA LEU E 135 -27.37 -2.53 34.79
C LEU E 135 -26.68 -1.63 33.76
N TYR E 136 -25.47 -2.00 33.33
CA TYR E 136 -24.83 -1.16 32.33
C TYR E 136 -25.49 -1.33 30.97
N LEU E 137 -26.13 -2.47 30.70
CA LEU E 137 -26.82 -2.57 29.42
C LEU E 137 -27.99 -1.59 29.39
N GLY E 138 -28.72 -1.49 30.50
CA GLY E 138 -29.82 -0.55 30.56
C GLY E 138 -29.33 0.88 30.46
N VAL E 139 -28.26 1.20 31.20
CA VAL E 139 -27.69 2.55 31.16
C VAL E 139 -27.20 2.90 29.76
N VAL E 140 -26.82 1.90 28.95
CA VAL E 140 -26.35 2.18 27.60
C VAL E 140 -27.52 2.35 26.63
N LEU E 141 -28.49 1.44 26.70
CA LEU E 141 -29.66 1.50 25.81
C LEU E 141 -30.44 2.81 25.98
N SER E 142 -30.72 3.18 27.25
CA SER E 142 -31.45 4.41 27.50
C SER E 142 -30.74 5.61 26.88
N THR E 143 -29.42 5.66 27.02
CA THR E 143 -28.65 6.76 26.45
C THR E 143 -28.77 6.78 24.93
N VAL E 144 -29.03 5.63 24.31
CA VAL E 144 -29.17 5.65 22.86
C VAL E 144 -30.51 6.24 22.44
N VAL E 145 -31.60 5.84 23.10
CA VAL E 145 -32.88 6.42 22.67
C VAL E 145 -32.87 7.94 22.90
N ILE E 146 -32.25 8.37 23.99
CA ILE E 146 -32.20 9.80 24.30
C ILE E 146 -31.40 10.57 23.24
N VAL E 147 -30.21 10.08 22.87
CA VAL E 147 -29.43 10.83 21.88
C VAL E 147 -30.15 10.86 20.53
N THR E 148 -30.51 9.69 19.98
CA THR E 148 -31.22 9.65 18.70
C THR E 148 -32.31 10.72 18.70
N GLY E 149 -33.00 10.85 19.84
CA GLY E 149 -34.02 11.89 19.92
C GLY E 149 -33.47 13.29 19.80
N CYS E 150 -32.36 13.59 20.49
CA CYS E 150 -31.79 14.94 20.41
C CYS E 150 -31.30 15.27 19.00
N PHE E 151 -30.58 14.35 18.37
CA PHE E 151 -30.10 14.60 17.00
C PHE E 151 -31.28 14.92 16.08
N SER E 152 -32.29 14.04 16.10
CA SER E 152 -33.46 14.28 15.26
C SER E 152 -34.10 15.62 15.57
N TYR E 153 -34.12 16.03 16.84
CA TYR E 153 -34.72 17.31 17.18
C TYR E 153 -33.94 18.46 16.54
N TYR E 154 -32.61 18.37 16.59
CA TYR E 154 -31.78 19.40 15.98
C TYR E 154 -32.00 19.49 14.50
N GLN E 155 -32.57 18.45 13.91
CA GLN E 155 -32.85 18.48 12.47
C GLN E 155 -34.26 18.98 12.12
N GLU E 156 -35.27 18.51 12.87
CA GLU E 156 -36.65 18.92 12.62
C GLU E 156 -36.82 20.43 12.78
N ALA E 157 -36.23 20.99 13.84
CA ALA E 157 -36.37 22.43 14.04
C ALA E 157 -35.72 23.22 12.91
N LYS E 158 -34.43 22.96 12.67
CA LYS E 158 -33.65 23.61 11.62
C LYS E 158 -34.46 23.81 10.35
N SER E 159 -35.10 22.74 9.87
CA SER E 159 -35.90 22.89 8.66
C SER E 159 -37.09 23.83 8.88
N SER E 160 -37.80 23.66 10.01
CA SER E 160 -38.94 24.53 10.27
C SER E 160 -38.56 26.01 10.32
N ARG E 161 -37.30 26.31 10.60
CA ARG E 161 -36.81 27.68 10.69
C ARG E 161 -36.34 28.25 9.35
N ILE E 162 -35.66 27.44 8.54
CA ILE E 162 -35.20 27.94 7.24
C ILE E 162 -36.40 28.34 6.39
N MET E 163 -37.46 27.53 6.43
CA MET E 163 -38.64 27.90 5.64
C MET E 163 -39.21 29.24 6.10
N ASP E 164 -39.23 29.50 7.41
CA ASP E 164 -39.74 30.77 7.91
C ASP E 164 -38.88 31.93 7.45
N SER E 165 -37.59 31.68 7.21
CA SER E 165 -36.75 32.78 6.74
C SER E 165 -37.15 33.20 5.34
N PHE E 166 -37.36 32.24 4.44
CA PHE E 166 -37.72 32.63 3.07
C PHE E 166 -39.01 33.46 2.98
N LYS E 167 -39.87 33.42 4.00
CA LYS E 167 -41.11 34.21 3.95
C LYS E 167 -40.84 35.70 4.08
N ASN E 168 -39.79 36.08 4.81
CA ASN E 168 -39.44 37.48 4.97
C ASN E 168 -38.43 37.96 3.96
N MET E 169 -37.97 37.08 3.08
CA MET E 169 -37.04 37.49 2.04
C MET E 169 -37.75 38.40 1.04
N VAL E 170 -38.92 37.97 0.59
CA VAL E 170 -39.77 38.67 -0.37
C VAL E 170 -40.97 39.24 0.40
N PRO E 171 -40.85 40.38 1.10
CA PRO E 171 -42.03 40.94 1.78
C PRO E 171 -42.86 41.76 0.79
N GLN E 172 -43.97 42.30 1.27
CA GLN E 172 -44.84 43.11 0.42
C GLN E 172 -44.83 44.56 0.89
N GLN E 173 -44.56 45.48 -0.04
CA GLN E 173 -44.48 46.91 0.24
C GLN E 173 -45.54 47.67 -0.56
N ALA E 174 -46.42 48.38 0.16
CA ALA E 174 -47.52 49.18 -0.37
C ALA E 174 -47.10 50.62 -0.68
N LEU E 175 -47.96 51.32 -1.45
CA LEU E 175 -47.74 52.72 -1.85
C LEU E 175 -48.69 53.64 -1.10
N VAL E 176 -48.14 54.40 -0.15
CA VAL E 176 -48.88 55.31 0.71
C VAL E 176 -48.44 56.75 0.43
N ILE E 177 -49.39 57.68 0.58
CA ILE E 177 -49.16 59.10 0.35
C ILE E 177 -49.25 59.83 1.69
N ARG E 178 -48.13 60.37 2.15
CA ARG E 178 -48.07 61.12 3.40
C ARG E 178 -47.45 62.48 3.16
N ASP E 179 -48.03 63.50 3.78
CA ASP E 179 -47.58 64.88 3.64
C ASP E 179 -47.61 65.32 2.18
N GLY E 180 -48.39 64.64 1.36
CA GLY E 180 -48.50 64.95 -0.04
C GLY E 180 -47.50 64.26 -0.94
N GLU E 181 -46.70 63.32 -0.40
CA GLU E 181 -45.70 62.62 -1.18
C GLU E 181 -45.95 61.12 -1.20
N LYS E 182 -45.56 60.49 -2.32
CA LYS E 182 -45.71 59.06 -2.55
C LYS E 182 -44.48 58.31 -2.04
N SER E 183 -44.73 57.28 -1.23
CA SER E 183 -43.65 56.46 -0.68
C SER E 183 -44.10 55.01 -0.62
N THR E 184 -43.16 54.10 -0.83
CA THR E 184 -43.41 52.66 -0.80
C THR E 184 -42.85 52.12 0.51
N ILE E 185 -43.73 51.70 1.41
CA ILE E 185 -43.32 51.17 2.70
C ILE E 185 -43.86 49.77 2.89
N ASN E 186 -43.14 48.99 3.71
CA ASN E 186 -43.54 47.62 4.03
C ASN E 186 -45.00 47.59 4.42
N ALA E 187 -45.73 46.58 3.93
CA ALA E 187 -47.15 46.45 4.23
C ALA E 187 -47.44 46.54 5.72
N GLU E 188 -46.46 46.24 6.57
CA GLU E 188 -46.61 46.28 8.02
C GLU E 188 -46.60 47.69 8.61
N PHE E 189 -46.40 48.74 7.82
CA PHE E 189 -46.37 50.09 8.36
C PHE E 189 -47.57 50.95 7.96
N VAL E 190 -48.58 50.37 7.32
CA VAL E 190 -49.76 51.13 6.93
C VAL E 190 -50.70 51.25 8.13
N VAL E 191 -51.29 52.44 8.30
CA VAL E 191 -52.20 52.66 9.42
C VAL E 191 -53.56 53.11 8.90
N ALA E 192 -54.50 53.30 9.82
CA ALA E 192 -55.83 53.73 9.46
C ALA E 192 -55.84 55.24 9.29
N GLY E 193 -56.29 55.72 8.13
CA GLY E 193 -56.38 57.14 7.85
C GLY E 193 -55.50 57.65 6.72
N ASP E 194 -54.33 57.05 6.50
CA ASP E 194 -53.51 57.57 5.44
C ASP E 194 -54.11 57.27 4.07
N LEU E 195 -53.59 57.96 3.06
CA LEU E 195 -54.02 57.80 1.69
C LEU E 195 -53.19 56.69 1.06
N VAL E 196 -53.85 55.81 0.31
CA VAL E 196 -53.16 54.69 -0.32
C VAL E 196 -53.55 54.64 -1.78
N GLU E 197 -52.56 54.50 -2.65
CA GLU E 197 -52.78 54.42 -4.09
C GLU E 197 -52.45 53.00 -4.54
N VAL E 198 -53.24 52.48 -5.47
CA VAL E 198 -53.05 51.15 -6.01
C VAL E 198 -52.98 51.25 -7.53
N LYS E 199 -52.35 50.25 -8.12
CA LYS E 199 -52.12 50.16 -9.55
C LYS E 199 -52.31 48.71 -9.99
N GLY E 200 -52.87 48.52 -11.18
CA GLY E 200 -53.13 47.20 -11.72
C GLY E 200 -51.93 46.28 -11.65
N GLY E 201 -52.02 45.27 -10.80
CA GLY E 201 -50.95 44.31 -10.61
C GLY E 201 -50.53 44.23 -9.15
N ASP E 202 -50.90 45.23 -8.36
CA ASP E 202 -50.57 45.28 -6.95
C ASP E 202 -51.70 44.71 -6.10
N ARG E 203 -51.42 44.52 -4.82
CA ARG E 203 -52.37 43.96 -3.87
C ARG E 203 -52.88 45.05 -2.93
N ILE E 204 -54.18 45.00 -2.65
CA ILE E 204 -54.81 45.96 -1.75
C ILE E 204 -54.25 45.68 -0.37
N PRO E 205 -53.54 46.64 0.25
CA PRO E 205 -52.92 46.40 1.57
C PRO E 205 -53.87 46.16 2.73
N ALA E 206 -54.82 47.08 2.94
CA ALA E 206 -55.78 46.97 4.03
C ALA E 206 -57.18 47.24 3.49
N ASP E 207 -58.17 47.34 4.37
CA ASP E 207 -59.52 47.62 3.89
C ASP E 207 -59.63 49.11 3.63
N LEU E 208 -59.68 49.46 2.34
CA LEU E 208 -59.75 50.83 1.84
C LEU E 208 -61.16 51.25 1.49
N ARG E 209 -61.34 52.56 1.40
CA ARG E 209 -62.58 53.22 1.03
C ARG E 209 -62.17 54.06 -0.18
N ILE E 210 -62.51 53.56 -1.37
CA ILE E 210 -62.13 54.23 -2.61
C ILE E 210 -62.66 55.66 -2.64
N ILE E 211 -61.78 56.60 -2.97
CA ILE E 211 -62.13 58.00 -3.10
C ILE E 211 -62.00 58.53 -4.51
N SER E 212 -61.27 57.84 -5.38
CA SER E 212 -61.09 58.26 -6.77
C SER E 212 -60.54 57.07 -7.53
N ALA E 213 -61.21 56.68 -8.62
CA ALA E 213 -60.77 55.53 -9.40
C ALA E 213 -60.68 55.89 -10.88
N HIS E 214 -59.87 55.11 -11.62
CA HIS E 214 -59.71 55.31 -13.06
C HIS E 214 -59.79 53.93 -13.73
N GLY E 215 -61.02 53.48 -13.98
CA GLY E 215 -61.24 52.19 -14.61
C GLY E 215 -60.55 51.07 -13.85
N CYS E 216 -60.70 51.08 -12.53
CA CYS E 216 -60.06 50.09 -11.67
C CYS E 216 -60.95 48.88 -11.41
N LYS E 217 -60.37 47.68 -11.60
CA LYS E 217 -61.04 46.40 -11.38
C LYS E 217 -60.25 45.59 -10.37
N VAL E 218 -60.96 44.80 -9.56
CA VAL E 218 -60.32 43.98 -8.54
C VAL E 218 -60.84 42.54 -8.61
N ASP E 219 -60.02 41.61 -8.12
CA ASP E 219 -60.35 40.18 -8.11
C ASP E 219 -60.81 39.79 -6.70
N ASN E 220 -62.13 39.70 -6.52
CA ASN E 220 -62.76 39.34 -5.25
C ASN E 220 -63.13 37.86 -5.20
N SER E 221 -62.32 37.00 -5.82
CA SER E 221 -62.61 35.57 -5.87
C SER E 221 -62.24 34.82 -4.59
N SER E 222 -61.09 35.13 -3.99
CA SER E 222 -60.62 34.40 -2.82
C SER E 222 -61.48 34.60 -1.57
N LEU E 223 -61.85 35.83 -1.22
CA LEU E 223 -62.66 35.98 -0.01
C LEU E 223 -63.95 35.19 -0.17
N THR E 224 -64.74 35.58 -1.14
CA THR E 224 -66.01 34.95 -1.50
C THR E 224 -65.65 33.92 -2.56
N GLY E 225 -66.52 33.80 -3.55
CA GLY E 225 -66.36 32.89 -4.66
C GLY E 225 -66.54 33.56 -6.02
N GLU E 226 -65.92 34.71 -6.28
CA GLU E 226 -66.13 35.38 -7.57
C GLU E 226 -65.20 34.83 -8.66
N SER E 227 -65.40 35.31 -9.89
CA SER E 227 -64.55 34.91 -11.01
C SER E 227 -64.09 36.10 -11.84
N GLU E 228 -65.04 36.84 -12.41
CA GLU E 228 -64.72 37.97 -13.25
C GLU E 228 -64.36 39.20 -12.41
N PRO E 229 -63.67 40.17 -13.01
CA PRO E 229 -63.26 41.37 -12.27
C PRO E 229 -64.36 42.38 -11.98
N GLN E 230 -64.68 42.55 -10.70
CA GLN E 230 -65.68 43.52 -10.24
C GLN E 230 -65.03 44.91 -10.17
N THR E 231 -65.63 45.90 -10.84
CA THR E 231 -65.08 47.26 -10.87
C THR E 231 -65.32 48.05 -9.58
N ARG E 232 -64.28 48.74 -9.11
CA ARG E 232 -64.34 49.55 -7.90
C ARG E 232 -64.55 51.01 -8.27
N SER E 233 -65.70 51.58 -7.89
CA SER E 233 -66.03 52.96 -8.17
C SER E 233 -66.18 53.73 -6.85
N PRO E 234 -65.86 55.02 -6.84
CA PRO E 234 -66.00 55.80 -5.60
C PRO E 234 -67.43 55.92 -5.11
N GLU E 235 -68.41 55.76 -5.99
CA GLU E 235 -69.81 55.85 -5.58
C GLU E 235 -70.26 54.55 -4.92
N PHE E 236 -71.34 54.65 -4.16
CA PHE E 236 -71.91 53.51 -3.44
C PHE E 236 -73.04 52.89 -4.26
N SER E 237 -73.19 51.55 -4.15
CA SER E 237 -74.25 50.92 -4.94
C SER E 237 -75.15 49.96 -4.19
N SER E 238 -74.62 49.14 -3.27
CA SER E 238 -75.44 48.16 -2.57
C SER E 238 -75.29 48.26 -1.07
N GLU E 239 -76.38 47.92 -0.37
CA GLU E 239 -76.42 47.95 1.09
C GLU E 239 -75.45 46.95 1.71
N ASN E 240 -75.09 45.90 0.98
CA ASN E 240 -74.17 44.89 1.47
C ASN E 240 -72.74 45.36 1.19
N PRO E 241 -71.88 45.48 2.20
CA PRO E 241 -70.50 45.96 1.93
C PRO E 241 -69.73 45.09 0.96
N LEU E 242 -69.99 43.78 0.90
CA LEU E 242 -69.27 42.93 -0.02
C LEU E 242 -69.66 43.17 -1.47
N GLU E 243 -70.84 43.76 -1.71
CA GLU E 243 -71.32 44.03 -3.06
C GLU E 243 -71.01 45.43 -3.56
N THR E 244 -70.83 46.41 -2.65
CA THR E 244 -70.54 47.76 -3.09
C THR E 244 -69.15 47.84 -3.72
N ARG E 245 -68.95 48.90 -4.51
CA ARG E 245 -67.70 49.13 -5.23
C ARG E 245 -66.80 50.20 -4.60
N ASN E 246 -67.23 50.85 -3.52
CA ASN E 246 -66.42 51.87 -2.88
C ASN E 246 -65.53 51.32 -1.78
N ILE E 247 -65.32 50.01 -1.73
CA ILE E 247 -64.49 49.40 -0.70
C ILE E 247 -63.56 48.36 -1.31
N ALA E 248 -62.27 48.51 -1.06
CA ALA E 248 -61.25 47.57 -1.49
C ALA E 248 -61.02 46.63 -0.33
N PHE E 249 -60.62 45.39 -0.61
CA PHE E 249 -60.48 44.45 0.49
C PHE E 249 -59.07 43.87 0.62
N PHE E 250 -58.82 43.35 1.82
CA PHE E 250 -57.55 42.72 2.16
C PHE E 250 -57.35 41.45 1.35
N SER E 251 -56.13 41.25 0.88
CA SER E 251 -55.68 40.11 0.09
C SER E 251 -56.24 40.11 -1.34
N THR E 252 -56.93 41.17 -1.74
CA THR E 252 -57.44 41.23 -3.10
C THR E 252 -56.39 41.88 -3.99
N ASN E 253 -56.57 41.76 -5.29
CA ASN E 253 -55.62 42.30 -6.25
C ASN E 253 -56.32 43.16 -7.28
N CYS E 254 -55.67 44.26 -7.67
CA CYS E 254 -56.18 45.17 -8.67
C CYS E 254 -55.74 44.66 -10.03
N VAL E 255 -56.69 44.14 -10.82
CA VAL E 255 -56.36 43.58 -12.12
C VAL E 255 -55.95 44.69 -13.09
N GLU E 256 -56.85 45.62 -13.39
CA GLU E 256 -56.54 46.70 -14.33
C GLU E 256 -57.07 48.02 -13.81
N GLY E 257 -56.25 49.06 -13.93
CA GLY E 257 -56.59 50.40 -13.50
C GLY E 257 -55.82 50.82 -12.26
N THR E 258 -56.07 52.07 -11.86
CA THR E 258 -55.44 52.66 -10.70
C THR E 258 -56.51 53.31 -9.83
N ALA E 259 -56.26 53.36 -8.53
CA ALA E 259 -57.25 53.95 -7.64
C ALA E 259 -56.60 54.50 -6.38
N ARG E 260 -57.38 55.30 -5.65
CA ARG E 260 -56.98 55.92 -4.40
C ARG E 260 -57.99 55.54 -3.34
N GLY E 261 -57.58 55.63 -2.07
CA GLY E 261 -58.51 55.29 -1.01
C GLY E 261 -57.94 55.54 0.37
N VAL E 262 -58.87 55.71 1.31
CA VAL E 262 -58.56 55.95 2.72
C VAL E 262 -58.68 54.61 3.44
N VAL E 263 -57.64 54.24 4.20
CA VAL E 263 -57.64 52.98 4.93
C VAL E 263 -58.69 53.05 6.03
N VAL E 264 -59.74 52.24 5.91
CA VAL E 264 -60.79 52.20 6.92
C VAL E 264 -60.50 51.14 7.97
N TYR E 265 -60.12 49.94 7.54
CA TYR E 265 -59.81 48.85 8.47
C TYR E 265 -58.38 48.40 8.29
N THR E 266 -57.71 48.11 9.41
CA THR E 266 -56.32 47.69 9.40
C THR E 266 -56.10 46.55 10.40
N GLY E 267 -55.05 45.78 10.15
CA GLY E 267 -54.63 44.64 10.96
C GLY E 267 -55.64 43.51 11.04
N ASP E 268 -55.57 42.78 12.15
CA ASP E 268 -56.46 41.63 12.39
C ASP E 268 -57.93 42.01 12.37
N ARG E 269 -58.24 43.29 12.53
CA ARG E 269 -59.62 43.76 12.55
C ARG E 269 -60.22 43.74 11.15
N THR E 270 -59.75 42.82 10.30
CA THR E 270 -60.22 42.68 8.93
C THR E 270 -61.09 41.44 8.78
N VAL E 271 -61.78 41.40 7.63
CA VAL E 271 -62.70 40.31 7.31
C VAL E 271 -61.97 38.97 7.31
N MET E 272 -60.95 38.82 6.46
CA MET E 272 -60.23 37.56 6.44
C MET E 272 -59.51 37.30 7.75
N GLY E 273 -59.35 38.31 8.59
CA GLY E 273 -58.71 38.12 9.88
C GLY E 273 -59.67 37.44 10.82
N ARG E 274 -60.91 37.90 10.86
CA ARG E 274 -61.90 37.24 11.71
C ARG E 274 -62.18 35.85 11.20
N ILE E 275 -62.16 35.67 9.87
CA ILE E 275 -62.39 34.35 9.30
C ILE E 275 -61.24 33.41 9.62
N ALA E 276 -60.02 33.94 9.70
CA ALA E 276 -58.81 33.17 9.98
C ALA E 276 -58.91 32.26 11.19
N THR E 277 -59.94 32.42 12.03
CA THR E 277 -60.11 31.54 13.18
C THR E 277 -59.84 30.10 12.76
N LEU E 278 -60.42 29.71 11.63
CA LEU E 278 -60.24 28.37 11.06
C LEU E 278 -58.92 28.27 10.29
N ALA E 279 -58.61 29.26 9.46
CA ALA E 279 -57.40 29.30 8.65
C ALA E 279 -56.16 28.94 9.46
N SER E 280 -56.17 29.32 10.74
CA SER E 280 -55.10 29.10 11.70
C SER E 280 -54.41 27.78 11.44
N GLY E 281 -55.19 26.70 11.34
CA GLY E 281 -54.68 25.37 11.08
C GLY E 281 -53.73 25.31 9.91
N LEU E 282 -54.22 25.65 8.73
CA LEU E 282 -53.46 25.67 7.47
C LEU E 282 -53.21 24.28 6.92
N GLU E 283 -52.51 24.21 5.79
CA GLU E 283 -52.24 22.93 5.17
C GLU E 283 -50.90 22.98 4.43
N VAL E 284 -50.30 21.81 4.28
CA VAL E 284 -48.99 21.58 3.66
C VAL E 284 -49.04 20.40 2.68
N GLY E 285 -47.90 19.75 2.46
CA GLY E 285 -47.89 18.64 1.54
C GLY E 285 -46.65 17.77 1.62
N ARG E 286 -46.60 16.81 0.68
CA ARG E 286 -45.54 15.82 0.55
C ARG E 286 -45.09 15.75 -0.91
N THR E 287 -43.80 15.97 -1.14
CA THR E 287 -43.20 15.93 -2.48
C THR E 287 -43.38 14.56 -3.13
N PRO E 288 -43.11 14.43 -4.43
CA PRO E 288 -43.19 13.10 -5.05
C PRO E 288 -42.23 12.13 -4.38
N ILE E 289 -40.97 12.54 -4.26
CA ILE E 289 -39.89 11.80 -3.63
C ILE E 289 -40.36 11.14 -2.34
N ALA E 290 -41.08 11.92 -1.52
CA ALA E 290 -41.58 11.40 -0.24
C ALA E 290 -42.48 10.20 -0.45
N ILE E 291 -43.46 10.33 -1.34
CA ILE E 291 -44.42 9.26 -1.63
C ILE E 291 -43.73 8.17 -2.45
N GLU E 292 -42.45 8.37 -2.75
CA GLU E 292 -41.65 7.36 -3.42
C GLU E 292 -40.96 6.49 -2.39
N ILE E 293 -40.40 7.18 -1.40
CA ILE E 293 -39.75 6.51 -0.28
C ILE E 293 -40.73 5.61 0.44
N GLU E 294 -41.86 6.19 0.89
CA GLU E 294 -42.87 5.40 1.57
C GLU E 294 -43.14 4.11 0.80
N HIS E 295 -43.52 4.24 -0.47
CA HIS E 295 -43.77 3.08 -1.33
C HIS E 295 -42.72 2.01 -1.11
N PHE E 296 -41.47 2.41 -1.33
CA PHE E 296 -40.36 1.48 -1.12
C PHE E 296 -40.47 0.76 0.22
N ILE E 297 -40.53 1.56 1.29
CA ILE E 297 -40.63 1.10 2.68
C ILE E 297 -41.71 0.02 2.76
N HIS E 298 -42.81 0.24 2.04
CA HIS E 298 -43.92 -0.71 2.03
C HIS E 298 -43.47 -2.05 1.46
N ILE E 299 -42.88 -2.02 0.27
CA ILE E 299 -42.43 -3.28 -0.34
C ILE E 299 -41.51 -4.02 0.61
N ILE E 300 -40.44 -3.35 1.04
CA ILE E 300 -39.48 -3.97 1.93
C ILE E 300 -40.24 -4.62 3.08
N THR E 301 -41.14 -3.90 3.74
CA THR E 301 -41.92 -4.49 4.83
C THR E 301 -42.57 -5.79 4.39
N GLY E 302 -43.07 -5.84 3.15
CA GLY E 302 -43.68 -7.09 2.68
C GLY E 302 -42.66 -8.21 2.60
N VAL E 303 -41.48 -7.90 2.06
CA VAL E 303 -40.42 -8.88 1.94
C VAL E 303 -39.99 -9.37 3.33
N ALA E 304 -39.89 -8.42 4.27
CA ALA E 304 -39.47 -8.71 5.64
C ALA E 304 -40.46 -9.61 6.38
N VAL E 305 -41.77 -9.30 6.28
CA VAL E 305 -42.76 -10.12 6.97
C VAL E 305 -42.75 -11.54 6.40
N PHE E 306 -42.56 -11.66 5.08
CA PHE E 306 -42.52 -13.00 4.51
C PHE E 306 -41.37 -13.79 5.14
N LEU E 307 -40.15 -13.30 4.95
CA LEU E 307 -38.99 -13.99 5.52
C LEU E 307 -39.18 -14.33 7.00
N GLY E 308 -39.82 -13.44 7.77
CA GLY E 308 -40.03 -13.77 9.18
C GLY E 308 -40.78 -15.07 9.36
N VAL E 309 -41.93 -15.19 8.68
CA VAL E 309 -42.71 -16.44 8.80
C VAL E 309 -41.89 -17.64 8.33
N SER E 310 -41.08 -17.45 7.29
CA SER E 310 -40.27 -18.55 6.80
C SER E 310 -39.27 -19.00 7.85
N PHE E 311 -38.51 -18.05 8.42
CA PHE E 311 -37.52 -18.33 9.44
C PHE E 311 -38.18 -19.06 10.60
N PHE E 312 -39.50 -18.88 10.70
CA PHE E 312 -40.28 -19.57 11.72
C PHE E 312 -40.40 -21.06 11.42
N ILE E 313 -40.82 -21.39 10.19
CA ILE E 313 -40.94 -22.82 9.88
C ILE E 313 -39.57 -23.49 9.91
N LEU E 314 -38.52 -22.78 9.48
CA LEU E 314 -37.18 -23.36 9.51
C LEU E 314 -36.77 -23.69 10.94
N SER E 315 -37.01 -22.76 11.86
CA SER E 315 -36.66 -22.99 13.25
C SER E 315 -37.37 -24.21 13.81
N LEU E 316 -38.69 -24.32 13.58
CA LEU E 316 -39.37 -25.48 14.15
C LEU E 316 -39.01 -26.78 13.43
N ILE E 317 -38.67 -26.73 12.15
CA ILE E 317 -38.29 -28.01 11.54
C ILE E 317 -36.95 -28.43 12.11
N LEU E 318 -36.22 -27.50 12.76
CA LEU E 318 -34.94 -27.83 13.39
C LEU E 318 -35.00 -27.95 14.92
N GLY E 319 -36.20 -28.02 15.52
CA GLY E 319 -36.33 -28.21 16.95
C GLY E 319 -36.23 -27.05 17.95
N TYR E 320 -36.48 -25.81 17.54
CA TYR E 320 -36.43 -24.69 18.47
C TYR E 320 -37.70 -24.63 19.32
N SER E 321 -37.69 -23.80 20.37
CA SER E 321 -38.85 -23.68 21.24
C SER E 321 -39.87 -22.73 20.61
N TRP E 322 -41.16 -23.11 20.65
CA TRP E 322 -42.24 -22.30 20.08
C TRP E 322 -41.99 -20.83 20.36
N LEU E 323 -41.47 -20.53 21.55
CA LEU E 323 -41.16 -19.14 21.91
C LEU E 323 -39.97 -18.61 21.13
N GLU E 324 -38.94 -19.44 20.91
CA GLU E 324 -37.77 -18.98 20.18
C GLU E 324 -38.10 -18.61 18.73
N ALA E 325 -39.12 -19.24 18.16
CA ALA E 325 -39.46 -18.91 16.79
C ALA E 325 -40.13 -17.54 16.68
N VAL E 326 -40.94 -17.17 17.67
CA VAL E 326 -41.55 -15.84 17.58
C VAL E 326 -40.50 -14.79 17.92
N ILE E 327 -39.57 -15.11 18.81
CA ILE E 327 -38.52 -14.15 19.11
C ILE E 327 -37.70 -13.87 17.85
N PHE E 328 -37.50 -14.90 17.04
CA PHE E 328 -36.77 -14.72 15.78
C PHE E 328 -37.57 -13.93 14.76
N LEU E 329 -38.88 -14.20 14.66
CA LEU E 329 -39.70 -13.47 13.69
C LEU E 329 -39.68 -11.98 14.01
N ILE E 330 -39.83 -11.64 15.29
CA ILE E 330 -39.84 -10.23 15.70
C ILE E 330 -38.50 -9.57 15.37
N GLY E 331 -37.39 -10.24 15.67
CA GLY E 331 -36.09 -9.64 15.38
C GLY E 331 -35.79 -9.48 13.90
N ILE E 332 -36.09 -10.50 13.10
CA ILE E 332 -35.80 -10.43 11.67
C ILE E 332 -36.61 -9.33 10.99
N ILE E 333 -37.91 -9.24 11.30
CA ILE E 333 -38.67 -8.18 10.65
C ILE E 333 -38.15 -6.82 11.09
N VAL E 334 -37.64 -6.71 12.33
CA VAL E 334 -37.11 -5.40 12.72
C VAL E 334 -35.81 -5.09 12.00
N ALA E 335 -35.00 -6.10 11.68
CA ALA E 335 -33.72 -5.86 11.02
C ALA E 335 -33.82 -5.68 9.50
N ASN E 336 -34.95 -6.02 8.87
CA ASN E 336 -35.00 -5.85 7.42
C ASN E 336 -35.54 -4.51 6.95
N VAL E 337 -36.34 -3.80 7.75
CA VAL E 337 -36.94 -2.51 7.40
C VAL E 337 -36.00 -1.33 7.63
N PRO E 338 -35.60 -0.59 6.58
CA PRO E 338 -34.67 0.55 6.75
C PRO E 338 -35.23 1.70 7.58
N GLU E 339 -34.32 2.36 8.31
CA GLU E 339 -34.63 3.46 9.21
C GLU E 339 -33.85 4.74 8.87
N GLY E 340 -34.57 5.86 8.72
CA GLY E 340 -33.96 7.17 8.50
C GLY E 340 -34.31 7.82 7.17
N LEU E 341 -34.56 7.03 6.12
CA LEU E 341 -34.82 7.49 4.75
C LEU E 341 -35.53 8.84 4.60
N LEU E 342 -36.67 9.02 5.27
CA LEU E 342 -37.42 10.26 5.11
C LEU E 342 -36.75 11.46 5.79
N ALA E 343 -36.12 11.26 6.95
CA ALA E 343 -35.47 12.41 7.59
C ALA E 343 -34.34 12.93 6.72
N THR E 344 -33.58 12.02 6.10
CA THR E 344 -32.51 12.46 5.23
C THR E 344 -33.07 13.08 3.96
N VAL E 345 -34.26 12.69 3.52
CA VAL E 345 -34.77 13.35 2.32
C VAL E 345 -35.22 14.77 2.62
N THR E 346 -35.90 14.96 3.74
CA THR E 346 -36.35 16.31 4.08
C THR E 346 -35.18 17.23 4.39
N VAL E 347 -34.19 16.74 5.15
CA VAL E 347 -33.04 17.56 5.47
C VAL E 347 -32.26 17.93 4.22
N CYS E 348 -32.02 16.95 3.34
CA CYS E 348 -31.28 17.26 2.12
C CYS E 348 -31.99 18.35 1.32
N LEU E 349 -33.31 18.22 1.12
CA LEU E 349 -34.05 19.23 0.37
C LEU E 349 -33.94 20.61 1.02
N THR E 350 -34.22 20.70 2.32
CA THR E 350 -34.16 22.00 3.01
C THR E 350 -32.78 22.65 2.85
N LEU E 351 -31.73 21.86 3.02
CA LEU E 351 -30.36 22.39 2.86
C LEU E 351 -30.12 22.84 1.43
N THR E 352 -30.64 22.12 0.44
CA THR E 352 -30.44 22.55 -0.94
C THR E 352 -31.17 23.84 -1.22
N ALA E 353 -32.35 24.02 -0.64
CA ALA E 353 -33.10 25.26 -0.84
C ALA E 353 -32.29 26.43 -0.31
N LYS E 354 -31.71 26.28 0.88
CA LYS E 354 -30.88 27.36 1.39
C LYS E 354 -29.74 27.63 0.42
N ARG E 355 -29.24 26.59 -0.25
CA ARG E 355 -28.19 26.79 -1.24
C ARG E 355 -28.69 27.57 -2.45
N MET E 356 -29.94 27.32 -2.87
CA MET E 356 -30.55 27.97 -4.03
C MET E 356 -30.90 29.43 -3.77
N ALA E 357 -31.34 29.75 -2.55
CA ALA E 357 -31.70 31.13 -2.25
C ALA E 357 -30.49 32.03 -2.22
N ARG E 358 -29.30 31.45 -2.05
CA ARG E 358 -28.06 32.22 -2.05
C ARG E 358 -27.61 32.52 -3.47
N LYS E 359 -28.01 31.69 -4.43
CA LYS E 359 -27.67 31.85 -5.83
C LYS E 359 -28.76 32.55 -6.63
N ASN E 360 -29.62 33.32 -5.96
CA ASN E 360 -30.71 34.13 -6.53
C ASN E 360 -32.00 33.39 -6.93
N CYS E 361 -32.31 32.19 -6.43
CA CYS E 361 -33.53 31.47 -6.84
C CYS E 361 -34.46 31.07 -5.66
N LEU E 362 -35.35 31.97 -5.21
CA LEU E 362 -36.22 31.65 -4.06
C LEU E 362 -37.43 30.76 -4.44
N VAL E 363 -37.60 29.62 -3.75
CA VAL E 363 -38.66 28.65 -4.02
C VAL E 363 -39.84 28.80 -3.05
N LYS E 364 -41.05 28.95 -3.61
CA LYS E 364 -42.27 29.07 -2.80
C LYS E 364 -42.60 27.77 -2.03
N ASN E 365 -42.01 26.64 -2.41
CA ASN E 365 -42.26 25.35 -1.75
C ASN E 365 -41.13 24.39 -2.10
N LEU E 366 -41.17 23.19 -1.51
CA LEU E 366 -40.13 22.20 -1.76
C LEU E 366 -40.37 21.36 -3.02
N GLU E 367 -41.60 21.30 -3.52
CA GLU E 367 -41.81 20.52 -4.73
C GLU E 367 -41.06 21.13 -5.90
N ALA E 368 -40.85 22.45 -5.85
CA ALA E 368 -40.12 23.15 -6.91
C ALA E 368 -38.66 22.73 -6.97
N VAL E 369 -38.06 22.39 -5.82
CA VAL E 369 -36.66 21.98 -5.80
C VAL E 369 -36.46 20.73 -6.64
N GLU E 370 -37.46 19.84 -6.69
CA GLU E 370 -37.36 18.61 -7.44
C GLU E 370 -37.74 18.78 -8.91
N THR E 371 -38.75 19.60 -9.21
CA THR E 371 -39.18 19.78 -10.58
C THR E 371 -38.15 20.56 -11.41
N LEU E 372 -37.35 21.42 -10.78
CA LEU E 372 -36.36 22.21 -11.51
C LEU E 372 -35.30 21.34 -12.20
N GLY E 373 -34.90 20.24 -11.58
CA GLY E 373 -33.87 19.39 -12.17
C GLY E 373 -34.30 18.74 -13.47
N SER E 374 -35.54 18.23 -13.52
CA SER E 374 -36.08 17.55 -14.69
C SER E 374 -36.42 18.47 -15.86
N THR E 375 -36.15 19.77 -15.73
CA THR E 375 -36.47 20.78 -16.75
C THR E 375 -35.91 20.47 -18.14
N SER E 376 -36.81 20.41 -19.11
CA SER E 376 -36.53 20.15 -20.52
C SER E 376 -36.64 21.38 -21.41
N THR E 377 -37.57 22.29 -21.14
CA THR E 377 -37.74 23.48 -21.96
C THR E 377 -37.89 24.71 -21.08
N ILE E 378 -37.25 25.79 -21.51
CA ILE E 378 -37.29 27.07 -20.83
C ILE E 378 -37.88 28.06 -21.81
N CYS E 379 -39.07 28.57 -21.51
CA CYS E 379 -39.72 29.57 -22.34
C CYS E 379 -39.41 30.88 -21.64
N SER E 380 -38.43 31.59 -22.17
CA SER E 380 -37.99 32.84 -21.57
C SER E 380 -38.30 34.02 -22.48
N ASP E 381 -38.38 35.19 -21.85
CA ASP E 381 -38.64 36.44 -22.53
C ASP E 381 -37.30 37.14 -22.76
N LYS E 382 -37.30 38.18 -23.60
CA LYS E 382 -36.07 38.87 -23.95
C LYS E 382 -35.79 40.15 -23.16
N THR E 383 -36.71 41.10 -23.13
CA THR E 383 -36.44 42.35 -22.41
C THR E 383 -36.70 42.13 -20.93
N GLY E 384 -35.62 41.92 -20.18
CA GLY E 384 -35.67 41.69 -18.75
C GLY E 384 -34.87 40.47 -18.32
N THR E 385 -34.91 39.42 -19.14
CA THR E 385 -34.18 38.19 -18.84
C THR E 385 -32.88 38.11 -19.63
N LEU E 386 -32.98 38.10 -20.97
CA LEU E 386 -31.79 38.05 -21.79
C LEU E 386 -31.07 39.39 -21.80
N THR E 387 -31.79 40.48 -21.54
CA THR E 387 -31.25 41.83 -21.54
C THR E 387 -31.36 42.48 -20.15
N GLN E 388 -30.79 43.68 -20.07
CA GLN E 388 -30.69 44.47 -18.85
C GLN E 388 -31.74 45.58 -18.66
N ASN E 389 -32.45 46.00 -19.71
CA ASN E 389 -33.43 47.10 -19.58
C ASN E 389 -32.73 48.39 -19.13
N ARG E 390 -31.58 48.66 -19.76
CA ARG E 390 -30.72 49.83 -19.56
C ARG E 390 -30.46 50.49 -20.94
N MET E 391 -31.50 50.49 -21.79
CA MET E 391 -31.51 50.98 -23.19
C MET E 391 -31.08 52.43 -23.40
N THR E 392 -30.54 52.69 -24.62
CA THR E 392 -30.07 54.02 -25.02
C THR E 392 -30.14 54.28 -26.53
N VAL E 393 -30.72 55.43 -26.90
CA VAL E 393 -30.89 55.84 -28.31
C VAL E 393 -29.57 55.88 -29.07
N ALA E 394 -29.53 55.24 -30.23
CA ALA E 394 -28.34 55.24 -31.05
C ALA E 394 -28.52 55.90 -32.41
N HIS E 395 -29.56 55.53 -33.16
CA HIS E 395 -29.78 56.09 -34.49
C HIS E 395 -31.20 56.60 -34.66
N MET E 396 -31.30 57.81 -35.20
CA MET E 396 -32.58 58.43 -35.48
C MET E 396 -32.74 58.49 -37.00
N TRP E 397 -33.97 58.37 -37.46
CA TRP E 397 -34.24 58.44 -38.88
C TRP E 397 -35.25 59.55 -39.13
N PHE E 398 -34.95 60.35 -40.15
CA PHE E 398 -35.81 61.45 -40.57
C PHE E 398 -35.18 62.07 -41.81
N ASP E 399 -36.00 62.70 -42.66
CA ASP E 399 -35.52 63.30 -43.90
C ASP E 399 -34.72 62.27 -44.70
N ASN E 400 -35.29 61.07 -44.80
CA ASN E 400 -34.75 59.90 -45.50
C ASN E 400 -33.28 59.67 -45.15
N GLN E 401 -32.82 60.20 -44.03
CA GLN E 401 -31.44 60.10 -43.62
C GLN E 401 -31.31 59.46 -42.24
N ILE E 402 -30.20 58.74 -42.06
CA ILE E 402 -29.87 58.09 -40.78
C ILE E 402 -28.94 59.05 -40.06
N HIS E 403 -29.26 59.34 -38.81
CA HIS E 403 -28.48 60.25 -37.98
C HIS E 403 -28.01 59.54 -36.73
N GLU E 404 -26.77 59.79 -36.33
CA GLU E 404 -26.27 59.21 -35.10
C GLU E 404 -26.47 60.23 -33.99
N ALA E 405 -26.06 59.87 -32.77
CA ALA E 405 -26.26 60.75 -31.63
C ALA E 405 -25.23 60.52 -30.54
N ASP E 406 -25.66 60.69 -29.30
CA ASP E 406 -24.83 60.50 -28.11
C ASP E 406 -23.68 61.50 -28.08
N THR E 407 -24.06 62.76 -27.87
CA THR E 407 -23.08 63.82 -27.85
C THR E 407 -22.31 63.88 -26.52
N THR E 408 -21.67 62.78 -26.12
CA THR E 408 -20.84 62.68 -24.91
C THR E 408 -21.28 63.60 -23.77
N GLU E 409 -22.52 63.47 -23.31
CA GLU E 409 -23.05 64.29 -22.21
C GLU E 409 -22.71 65.77 -22.42
N ASN E 410 -22.88 66.23 -23.65
CA ASN E 410 -22.59 67.62 -23.95
C ASN E 410 -23.36 68.02 -25.20
N GLN E 411 -22.75 68.88 -26.03
CA GLN E 411 -23.35 69.32 -27.27
C GLN E 411 -22.41 69.12 -28.45
N SER E 412 -21.42 68.24 -28.29
CA SER E 412 -20.43 67.90 -29.30
C SER E 412 -20.88 66.69 -30.12
N GLY E 413 -19.92 65.97 -30.69
CA GLY E 413 -20.21 64.79 -31.48
C GLY E 413 -20.67 65.05 -32.89
N ALA E 414 -20.89 66.31 -33.25
CA ALA E 414 -21.33 66.71 -34.59
C ALA E 414 -22.35 65.73 -35.15
N ALA E 415 -23.39 65.46 -34.36
CA ALA E 415 -24.40 64.52 -34.78
C ALA E 415 -25.21 65.01 -35.98
N PHE E 416 -26.07 65.99 -35.75
CA PHE E 416 -26.92 66.55 -36.80
C PHE E 416 -27.24 67.99 -36.42
N ASP E 417 -27.53 68.81 -37.41
CA ASP E 417 -27.91 70.18 -37.10
C ASP E 417 -29.04 70.14 -36.10
N LYS E 418 -28.86 70.78 -34.95
CA LYS E 418 -29.96 70.77 -33.99
C LYS E 418 -31.11 71.62 -34.49
N THR E 419 -30.84 72.46 -35.50
CA THR E 419 -31.78 73.38 -36.12
C THR E 419 -32.82 72.71 -37.01
N SER E 420 -32.58 71.48 -37.48
CA SER E 420 -33.51 70.80 -38.38
C SER E 420 -34.96 70.95 -37.93
N ALA E 421 -35.83 71.33 -38.87
CA ALA E 421 -37.25 71.48 -38.56
C ALA E 421 -37.85 70.15 -38.15
N THR E 422 -37.65 69.14 -39.02
CA THR E 422 -38.12 67.79 -38.74
C THR E 422 -37.71 67.39 -37.33
N TRP E 423 -36.44 67.66 -36.99
CA TRP E 423 -35.93 67.35 -35.66
C TRP E 423 -36.72 68.06 -34.58
N SER E 424 -37.12 69.32 -34.80
CA SER E 424 -37.90 69.99 -33.78
C SER E 424 -39.18 69.22 -33.54
N ALA E 425 -39.85 68.83 -34.63
CA ALA E 425 -41.09 68.08 -34.48
C ALA E 425 -40.86 66.75 -33.76
N LEU E 426 -39.79 66.03 -34.13
CA LEU E 426 -39.50 64.72 -33.52
C LEU E 426 -39.11 64.85 -32.05
N SER E 427 -38.23 65.81 -31.75
CA SER E 427 -37.81 66.05 -30.38
C SER E 427 -39.02 66.42 -29.53
N ARG E 428 -39.95 67.19 -30.12
CA ARG E 428 -41.15 67.60 -29.41
C ARG E 428 -42.09 66.45 -29.15
N ILE E 429 -42.30 65.55 -30.12
CA ILE E 429 -43.24 64.47 -29.80
C ILE E 429 -42.62 63.54 -28.77
N ALA E 430 -41.34 63.21 -28.91
CA ALA E 430 -40.73 62.35 -27.91
C ALA E 430 -40.90 62.97 -26.52
N ALA E 431 -40.52 64.24 -26.38
CA ALA E 431 -40.64 64.93 -25.10
C ALA E 431 -42.09 65.09 -24.64
N LEU E 432 -43.06 65.04 -25.54
CA LEU E 432 -44.44 65.24 -25.15
C LEU E 432 -45.21 63.95 -24.86
N CYS E 433 -45.19 62.98 -25.77
CA CYS E 433 -45.92 61.72 -25.55
C CYS E 433 -45.33 60.90 -24.41
N ASN E 434 -44.08 61.17 -24.04
CA ASN E 434 -43.40 60.44 -22.97
C ASN E 434 -44.09 60.69 -21.63
N ARG E 435 -44.20 59.63 -20.80
CA ARG E 435 -44.83 59.74 -19.49
C ARG E 435 -43.85 59.68 -18.32
N ALA E 436 -42.57 59.42 -18.57
CA ALA E 436 -41.62 59.34 -17.47
C ALA E 436 -41.18 60.74 -17.02
N VAL E 437 -40.58 60.79 -15.83
CA VAL E 437 -40.11 62.05 -15.24
C VAL E 437 -38.90 61.79 -14.36
N PHE E 438 -37.99 62.77 -14.32
CA PHE E 438 -36.79 62.68 -13.50
C PHE E 438 -37.17 62.56 -12.02
N GLN E 439 -36.46 61.70 -11.30
CA GLN E 439 -36.71 61.54 -9.88
C GLN E 439 -36.30 62.81 -9.15
N ALA E 440 -37.16 63.31 -8.25
CA ALA E 440 -36.88 64.52 -7.51
C ALA E 440 -35.47 64.56 -6.90
N GLY E 441 -34.87 65.74 -6.85
CA GLY E 441 -33.54 65.91 -6.28
C GLY E 441 -32.35 65.32 -7.02
N GLN E 442 -32.27 65.50 -8.33
CA GLN E 442 -31.14 65.02 -9.12
C GLN E 442 -30.42 66.18 -9.79
N ASP E 443 -30.73 67.41 -9.36
CA ASP E 443 -30.18 68.66 -9.87
C ASP E 443 -28.65 68.69 -9.89
N ASN E 444 -28.01 67.71 -9.26
CA ASN E 444 -26.56 67.64 -9.17
C ASN E 444 -25.90 66.65 -10.12
N VAL E 445 -26.42 65.42 -10.23
CA VAL E 445 -25.83 64.41 -11.11
C VAL E 445 -25.89 64.83 -12.57
N PRO E 446 -25.20 64.14 -13.48
CA PRO E 446 -25.25 64.49 -14.89
C PRO E 446 -26.56 64.04 -15.54
N ILE E 447 -26.75 64.48 -16.78
CA ILE E 447 -27.97 64.18 -17.52
C ILE E 447 -28.13 62.68 -17.81
N LEU E 448 -27.03 61.95 -17.95
CA LEU E 448 -27.21 60.53 -18.25
C LEU E 448 -27.29 59.67 -16.99
N LYS E 449 -26.54 60.01 -15.94
CA LYS E 449 -26.56 59.18 -14.74
C LYS E 449 -27.69 59.46 -13.75
N ARG E 450 -28.73 60.26 -14.02
CA ARG E 450 -29.66 60.36 -12.90
C ARG E 450 -30.78 59.31 -13.00
N SER E 451 -31.64 59.34 -11.98
CA SER E 451 -32.74 58.40 -11.79
C SER E 451 -34.06 58.91 -12.36
N VAL E 452 -34.77 58.04 -13.08
CA VAL E 452 -36.06 58.33 -13.69
C VAL E 452 -37.06 57.25 -13.29
N ALA E 453 -38.35 57.58 -13.41
CA ALA E 453 -39.45 56.67 -13.08
C ALA E 453 -40.27 56.39 -14.33
N GLY E 454 -40.20 55.18 -14.85
CA GLY E 454 -40.95 54.83 -16.04
C GLY E 454 -40.28 53.72 -16.82
N ASP E 455 -40.95 53.32 -17.92
CA ASP E 455 -40.46 52.27 -18.80
C ASP E 455 -39.02 52.53 -19.18
N ALA E 456 -38.29 51.50 -19.60
CA ALA E 456 -36.91 51.78 -19.99
C ALA E 456 -36.87 52.51 -21.33
N SER E 457 -37.90 52.32 -22.16
CA SER E 457 -37.97 52.98 -23.44
C SER E 457 -38.16 54.49 -23.27
N GLU E 458 -39.07 54.88 -22.38
CA GLU E 458 -39.30 56.30 -22.16
C GLU E 458 -38.13 56.96 -21.45
N SER E 459 -37.37 56.21 -20.65
CA SER E 459 -36.22 56.81 -19.98
C SER E 459 -35.11 57.12 -20.97
N ALA E 460 -34.79 56.17 -21.87
CA ALA E 460 -33.76 56.46 -22.86
C ALA E 460 -34.16 57.65 -23.71
N LEU E 461 -35.45 57.72 -24.05
CA LEU E 461 -35.95 58.83 -24.86
C LEU E 461 -35.83 60.18 -24.14
N LEU E 462 -36.27 60.22 -22.88
CA LEU E 462 -36.25 61.45 -22.10
C LEU E 462 -34.83 61.98 -21.91
N LYS E 463 -33.88 61.09 -21.64
CA LYS E 463 -32.50 61.56 -21.43
C LYS E 463 -31.91 62.13 -22.71
N CYS E 464 -32.17 61.49 -23.86
CA CYS E 464 -31.60 62.06 -25.09
C CYS E 464 -32.16 63.46 -25.33
N ILE E 465 -33.47 63.63 -25.09
CA ILE E 465 -34.08 64.94 -25.30
C ILE E 465 -33.61 65.98 -24.26
N GLU E 466 -33.28 65.58 -23.04
CA GLU E 466 -32.84 66.63 -22.11
C GLU E 466 -31.37 66.98 -22.31
N LEU E 467 -30.58 66.07 -22.88
CA LEU E 467 -29.17 66.39 -23.07
C LEU E 467 -28.96 67.31 -24.25
N CYS E 468 -29.53 66.97 -25.42
CA CYS E 468 -29.31 67.88 -26.55
C CYS E 468 -30.58 68.60 -26.99
N CYS E 469 -31.57 68.73 -26.10
CA CYS E 469 -32.80 69.44 -26.45
C CYS E 469 -33.43 70.31 -25.33
N GLY E 470 -33.06 70.19 -24.05
CA GLY E 470 -33.58 71.06 -23.01
C GLY E 470 -34.72 70.52 -22.14
N SER E 471 -34.94 71.23 -21.01
CA SER E 471 -35.92 70.96 -19.94
C SER E 471 -37.30 70.56 -20.44
N VAL E 472 -37.74 69.37 -20.03
CA VAL E 472 -39.03 68.85 -20.49
C VAL E 472 -40.22 69.46 -19.74
N GLN E 473 -40.08 69.80 -18.45
CA GLN E 473 -41.23 70.35 -17.69
C GLN E 473 -41.82 71.61 -18.32
N GLY E 474 -41.00 72.43 -18.98
CA GLY E 474 -41.55 73.63 -19.58
C GLY E 474 -42.06 73.28 -20.94
N MET E 475 -41.39 72.31 -21.57
CA MET E 475 -41.83 71.83 -22.87
C MET E 475 -43.22 71.23 -22.75
N ARG E 476 -43.50 70.66 -21.59
CA ARG E 476 -44.79 70.06 -21.25
C ARG E 476 -45.78 71.12 -20.82
N ASP E 477 -45.32 72.20 -20.20
CA ASP E 477 -46.33 73.20 -19.88
C ASP E 477 -46.57 74.12 -21.08
N ARG E 478 -45.56 74.31 -21.93
CA ARG E 478 -45.75 75.13 -23.14
C ARG E 478 -47.02 74.68 -23.85
N ASN E 479 -47.22 73.36 -23.98
CA ASN E 479 -48.41 72.74 -24.57
C ASN E 479 -49.24 72.05 -23.49
N PRO E 480 -50.50 72.42 -23.23
CA PRO E 480 -51.24 71.72 -22.16
C PRO E 480 -51.90 70.39 -22.52
N LYS E 481 -51.60 69.33 -21.74
CA LYS E 481 -52.17 68.00 -21.97
C LYS E 481 -53.64 67.95 -21.58
N ILE E 482 -54.50 67.67 -22.56
CA ILE E 482 -55.95 67.59 -22.36
C ILE E 482 -56.39 66.16 -22.05
N VAL E 483 -56.07 65.21 -22.93
CA VAL E 483 -56.46 63.82 -22.79
C VAL E 483 -55.32 62.91 -23.27
N GLU E 484 -55.02 61.89 -22.47
CA GLU E 484 -53.96 60.92 -22.73
C GLU E 484 -54.48 59.49 -22.66
N ILE E 485 -54.07 58.65 -23.59
CA ILE E 485 -54.44 57.23 -23.61
C ILE E 485 -53.16 56.45 -23.39
N PRO E 486 -53.13 55.50 -22.45
CA PRO E 486 -51.88 54.79 -22.14
C PRO E 486 -51.52 53.62 -23.06
N PHE E 487 -50.23 53.29 -23.01
CA PHE E 487 -49.64 52.17 -23.74
C PHE E 487 -50.32 50.88 -23.28
N ASN E 488 -50.06 49.79 -24.00
CA ASN E 488 -50.60 48.46 -23.73
C ASN E 488 -49.91 47.50 -24.69
N SER E 489 -49.77 46.23 -24.32
CA SER E 489 -49.12 45.28 -25.22
C SER E 489 -50.02 44.85 -26.36
N THR E 490 -51.34 44.91 -26.17
CA THR E 490 -52.25 44.53 -27.23
C THR E 490 -52.40 45.66 -28.24
N ASN E 491 -52.37 46.90 -27.78
CA ASN E 491 -52.43 48.00 -28.73
C ASN E 491 -51.10 48.13 -29.45
N LYS E 492 -50.01 48.28 -28.69
CA LYS E 492 -48.62 48.43 -29.12
C LYS E 492 -48.30 49.88 -29.48
N TYR E 493 -49.16 50.81 -29.06
CA TYR E 493 -48.95 52.22 -29.33
C TYR E 493 -49.43 53.06 -28.15
N GLN E 494 -48.87 54.28 -28.07
CA GLN E 494 -49.17 55.27 -27.03
C GLN E 494 -49.56 56.56 -27.72
N LEU E 495 -50.68 57.16 -27.32
CA LEU E 495 -51.14 58.39 -27.95
C LEU E 495 -51.67 59.38 -26.94
N SER E 496 -51.68 60.64 -27.36
CA SER E 496 -52.18 61.70 -26.49
C SER E 496 -52.32 62.99 -27.28
N ILE E 497 -53.30 63.80 -26.87
CA ILE E 497 -53.55 65.09 -27.52
C ILE E 497 -53.25 66.19 -26.51
N HIS E 498 -52.65 67.26 -27.02
CA HIS E 498 -52.28 68.39 -26.20
C HIS E 498 -52.60 69.66 -26.98
N GLU E 499 -52.64 70.77 -26.25
CA GLU E 499 -52.91 72.03 -26.90
C GLU E 499 -51.65 72.46 -27.65
N ASN E 500 -51.81 73.36 -28.61
CA ASN E 500 -50.69 73.84 -29.39
C ASN E 500 -50.27 75.21 -28.84
N GLU E 501 -49.01 75.33 -28.44
CA GLU E 501 -48.48 76.57 -27.88
C GLU E 501 -48.32 77.66 -28.90
N LYS E 502 -48.66 77.44 -30.17
CA LYS E 502 -48.54 78.50 -31.14
C LYS E 502 -49.53 79.58 -30.77
N SER E 503 -49.04 80.79 -30.50
CA SER E 503 -49.98 81.84 -30.14
C SER E 503 -50.83 82.27 -31.32
N SER E 504 -50.50 81.81 -32.53
CA SER E 504 -51.26 82.13 -33.72
C SER E 504 -52.14 80.97 -34.18
N GLU E 505 -51.97 79.79 -33.59
CA GLU E 505 -52.75 78.61 -33.93
C GLU E 505 -53.25 78.00 -32.63
N SER E 506 -54.57 78.00 -32.45
CA SER E 506 -55.20 77.45 -31.25
C SER E 506 -55.71 76.03 -31.47
N ARG E 507 -55.28 75.38 -32.54
CA ARG E 507 -55.71 74.02 -32.87
C ARG E 507 -55.20 73.01 -31.85
N TYR E 508 -55.47 71.74 -32.11
CA TYR E 508 -55.08 70.65 -31.24
C TYR E 508 -54.02 69.77 -31.89
N LEU E 509 -53.04 69.36 -31.10
CA LEU E 509 -51.96 68.51 -31.57
C LEU E 509 -52.17 67.09 -31.06
N LEU E 510 -51.94 66.12 -31.94
CA LEU E 510 -52.09 64.71 -31.58
C LEU E 510 -50.77 64.03 -31.88
N VAL E 511 -50.27 63.26 -30.92
CA VAL E 511 -49.00 62.56 -31.12
C VAL E 511 -49.18 61.10 -30.71
N MET E 512 -48.42 60.23 -31.39
CA MET E 512 -48.49 58.81 -31.08
C MET E 512 -47.19 58.14 -31.49
N LYS E 513 -46.81 57.14 -30.70
CA LYS E 513 -45.60 56.39 -30.94
C LYS E 513 -45.89 54.90 -30.79
N GLY E 514 -45.10 54.09 -31.47
CA GLY E 514 -45.32 52.66 -31.37
C GLY E 514 -44.42 51.87 -32.30
N ALA E 515 -44.70 50.58 -32.40
CA ALA E 515 -43.91 49.73 -33.28
C ALA E 515 -43.98 50.30 -34.70
N PRO E 516 -42.85 50.53 -35.36
CA PRO E 516 -42.87 51.14 -36.70
C PRO E 516 -43.86 50.55 -37.71
N GLU E 517 -44.18 49.25 -37.63
CA GLU E 517 -45.11 48.68 -38.60
C GLU E 517 -46.54 49.19 -38.39
N ARG E 518 -47.00 49.20 -37.13
CA ARG E 518 -48.35 49.67 -36.84
C ARG E 518 -48.52 51.13 -37.24
N ILE E 519 -47.54 51.97 -36.88
CA ILE E 519 -47.65 53.39 -37.21
C ILE E 519 -47.60 53.60 -38.72
N LEU E 520 -46.85 52.75 -39.45
CA LEU E 520 -46.85 52.91 -40.90
C LEU E 520 -48.25 52.68 -41.45
N ASP E 521 -48.99 51.74 -40.87
CA ASP E 521 -50.36 51.51 -41.38
C ASP E 521 -51.35 52.64 -41.03
N ARG E 522 -50.93 53.66 -40.27
CA ARG E 522 -51.80 54.76 -39.89
C ARG E 522 -51.35 56.09 -40.46
N CYS E 523 -50.60 56.06 -41.54
CA CYS E 523 -50.08 57.27 -42.15
C CYS E 523 -50.25 57.17 -43.66
N SER E 524 -50.48 58.32 -44.28
CA SER E 524 -50.60 58.41 -45.72
C SER E 524 -49.77 59.57 -46.21
N THR E 525 -49.11 60.27 -45.31
CA THR E 525 -48.25 61.40 -45.58
C THR E 525 -46.93 61.16 -44.86
N ILE E 526 -45.97 62.00 -45.16
CA ILE E 526 -44.65 61.92 -44.56
C ILE E 526 -44.11 63.32 -44.40
N LEU E 527 -43.65 63.65 -43.20
CA LEU E 527 -43.06 64.95 -42.96
C LEU E 527 -41.66 64.82 -43.55
N LEU E 528 -41.42 65.47 -44.68
CA LEU E 528 -40.16 65.40 -45.40
C LEU E 528 -39.55 66.78 -45.58
N ASN E 529 -38.32 66.93 -45.09
CA ASN E 529 -37.54 68.16 -45.18
C ASN E 529 -38.29 69.37 -44.66
N GLY E 530 -39.36 69.12 -43.91
CA GLY E 530 -40.20 70.14 -43.31
C GLY E 530 -41.64 70.14 -43.81
N ALA E 531 -41.86 69.96 -45.11
CA ALA E 531 -43.20 69.96 -45.67
C ALA E 531 -43.75 68.53 -45.61
N GLU E 532 -44.94 68.32 -46.14
CA GLU E 532 -45.49 66.97 -46.16
C GLU E 532 -45.44 66.46 -47.59
N GLU E 533 -45.38 65.17 -47.71
CA GLU E 533 -45.32 64.50 -49.00
C GLU E 533 -46.06 63.19 -48.79
N PRO E 534 -46.23 62.36 -49.78
CA PRO E 534 -46.90 61.10 -49.52
C PRO E 534 -45.96 59.94 -49.27
N LEU E 535 -46.57 58.83 -48.88
CA LEU E 535 -45.87 57.58 -48.65
C LEU E 535 -46.19 56.76 -49.90
N LYS E 536 -45.30 56.81 -50.87
CA LYS E 536 -45.40 56.04 -52.10
C LYS E 536 -44.39 54.91 -51.94
N GLU E 537 -44.20 54.09 -52.98
CA GLU E 537 -43.30 52.96 -52.77
C GLU E 537 -41.80 53.25 -52.77
N ASP E 538 -41.31 54.33 -53.38
CA ASP E 538 -39.86 54.54 -53.34
C ASP E 538 -39.39 54.77 -51.91
N MET E 539 -40.03 55.70 -51.20
CA MET E 539 -39.65 55.92 -49.82
C MET E 539 -40.14 54.79 -48.92
N LYS E 540 -41.16 54.05 -49.35
CA LYS E 540 -41.61 52.92 -48.55
C LYS E 540 -40.54 51.84 -48.51
N GLU E 541 -39.85 51.66 -49.63
CA GLU E 541 -38.77 50.69 -49.65
C GLU E 541 -37.54 51.25 -48.93
N ALA E 542 -37.32 52.56 -49.00
CA ALA E 542 -36.19 53.11 -48.25
C ALA E 542 -36.43 52.94 -46.75
N PHE E 543 -37.69 52.99 -46.34
CA PHE E 543 -38.06 52.79 -44.95
C PHE E 543 -37.88 51.33 -44.54
N GLN E 544 -38.15 50.41 -45.45
CA GLN E 544 -37.94 49.00 -45.12
C GLN E 544 -36.46 48.69 -44.96
N ASN E 545 -35.63 49.19 -45.88
CA ASN E 545 -34.22 48.95 -45.73
C ASN E 545 -33.68 49.67 -44.49
N ALA E 546 -34.40 50.69 -44.01
CA ALA E 546 -33.96 51.34 -42.80
C ALA E 546 -34.27 50.48 -41.58
N TYR E 547 -35.37 49.74 -41.61
CA TYR E 547 -35.64 48.86 -40.47
C TYR E 547 -34.55 47.80 -40.35
N LEU E 548 -34.14 47.20 -41.47
CA LEU E 548 -33.08 46.21 -41.31
C LEU E 548 -31.72 46.83 -40.98
N GLU E 549 -31.49 48.10 -41.36
CA GLU E 549 -30.23 48.70 -40.98
C GLU E 549 -30.16 48.92 -39.49
N LEU E 550 -31.21 49.51 -38.91
CA LEU E 550 -31.24 49.74 -37.47
C LEU E 550 -31.43 48.45 -36.69
N GLY E 551 -32.15 47.49 -37.27
CA GLY E 551 -32.40 46.23 -36.58
C GLY E 551 -31.20 45.32 -36.48
N GLY E 552 -30.45 45.18 -37.58
CA GLY E 552 -29.29 44.32 -37.53
C GLY E 552 -28.26 44.75 -36.50
N LEU E 553 -28.29 46.01 -36.09
CA LEU E 553 -27.38 46.55 -35.10
C LEU E 553 -27.75 46.14 -33.68
N GLY E 554 -28.72 45.24 -33.52
CA GLY E 554 -29.12 44.83 -32.19
C GLY E 554 -29.90 45.90 -31.46
N GLU E 555 -30.30 46.94 -32.16
CA GLU E 555 -31.02 48.05 -31.56
C GLU E 555 -32.53 47.91 -31.68
N ARG E 556 -33.19 48.49 -30.68
CA ARG E 556 -34.64 48.57 -30.55
C ARG E 556 -35.09 49.77 -31.34
N VAL E 557 -36.19 49.65 -32.10
CA VAL E 557 -36.65 50.76 -32.91
C VAL E 557 -38.12 51.06 -32.69
N LEU E 558 -38.45 52.36 -32.66
CA LEU E 558 -39.81 52.86 -32.47
C LEU E 558 -40.12 53.90 -33.55
N GLY E 559 -41.41 54.08 -33.80
CA GLY E 559 -41.91 55.03 -34.79
C GLY E 559 -42.63 56.15 -34.06
N PHE E 560 -42.53 57.36 -34.64
CA PHE E 560 -43.10 58.58 -34.07
C PHE E 560 -43.85 59.37 -35.13
N CYS E 561 -45.13 59.65 -34.87
CA CYS E 561 -45.91 60.43 -35.82
C CYS E 561 -46.86 61.36 -35.07
N HIS E 562 -47.35 62.36 -35.79
CA HIS E 562 -48.26 63.33 -35.20
C HIS E 562 -49.20 63.87 -36.27
N PHE E 563 -50.19 64.62 -35.83
CA PHE E 563 -51.16 65.19 -36.76
C PHE E 563 -51.86 66.38 -36.10
N ALA E 564 -52.17 67.37 -36.92
CA ALA E 564 -52.86 68.57 -36.47
C ALA E 564 -54.36 68.35 -36.62
N LEU E 565 -55.07 68.25 -35.51
CA LEU E 565 -56.50 68.04 -35.56
C LEU E 565 -57.20 69.31 -36.04
N PRO E 566 -58.09 69.22 -37.01
CA PRO E 566 -58.78 70.42 -37.51
C PRO E 566 -59.66 71.01 -36.42
N GLU E 567 -59.40 72.27 -36.06
CA GLU E 567 -60.19 72.92 -35.03
C GLU E 567 -61.62 73.20 -35.48
N ASP E 568 -61.96 72.94 -36.74
CA ASP E 568 -63.31 73.16 -37.22
C ASP E 568 -64.22 71.98 -36.93
N LYS E 569 -63.66 70.76 -36.92
CA LYS E 569 -64.41 69.56 -36.61
C LYS E 569 -64.28 69.17 -35.15
N TYR E 570 -63.27 69.71 -34.47
CA TYR E 570 -63.00 69.47 -33.05
C TYR E 570 -62.57 70.84 -32.49
N ASN E 571 -63.54 71.62 -32.03
CA ASN E 571 -63.26 72.94 -31.50
C ASN E 571 -62.45 72.87 -30.20
N GLU E 572 -62.04 74.04 -29.72
CA GLU E 572 -61.26 74.13 -28.48
C GLU E 572 -62.07 73.74 -27.25
N GLY E 573 -63.39 73.69 -27.36
CA GLY E 573 -64.22 73.33 -26.22
C GLY E 573 -64.64 71.88 -26.18
N TYR E 574 -64.60 71.21 -27.34
CA TYR E 574 -65.00 69.81 -27.40
C TYR E 574 -64.06 68.92 -26.59
N PRO E 575 -64.59 68.05 -25.72
CA PRO E 575 -63.74 67.12 -24.98
C PRO E 575 -63.67 65.75 -25.64
N PHE E 576 -62.48 65.28 -25.96
CA PHE E 576 -62.33 63.97 -26.61
C PHE E 576 -62.13 62.88 -25.57
N ASP E 577 -63.24 62.45 -24.96
CA ASP E 577 -63.15 61.38 -23.97
C ASP E 577 -62.65 60.11 -24.63
N ALA E 578 -61.78 59.39 -23.93
CA ALA E 578 -61.17 58.17 -24.45
C ALA E 578 -62.17 57.01 -24.42
N ASP E 579 -63.13 57.06 -25.35
CA ASP E 579 -64.11 55.98 -25.45
C ASP E 579 -64.33 55.45 -26.87
N GLU E 580 -64.60 56.36 -27.81
CA GLU E 580 -64.91 56.07 -29.21
C GLU E 580 -63.86 56.67 -30.15
N PRO E 581 -63.98 56.48 -31.50
CA PRO E 581 -62.97 57.05 -32.40
C PRO E 581 -63.08 58.56 -32.56
N ASN E 582 -62.48 59.29 -31.63
CA ASN E 582 -62.46 60.74 -31.67
C ASN E 582 -61.27 61.30 -32.44
N PHE E 583 -60.28 60.46 -32.74
CA PHE E 583 -59.11 60.90 -33.46
C PHE E 583 -58.91 60.02 -34.69
N PRO E 584 -58.49 60.60 -35.80
CA PRO E 584 -58.27 59.78 -37.00
C PRO E 584 -57.07 58.89 -36.78
N THR E 585 -57.32 57.58 -36.64
CA THR E 585 -56.22 56.67 -36.43
C THR E 585 -55.27 56.71 -37.63
N THR E 586 -55.81 56.67 -38.84
CA THR E 586 -55.00 56.71 -40.04
C THR E 586 -54.81 58.15 -40.50
N ASP E 587 -54.21 58.34 -41.67
CA ASP E 587 -53.97 59.66 -42.26
C ASP E 587 -53.09 60.54 -41.38
N LEU E 588 -52.25 59.94 -40.53
CA LEU E 588 -51.37 60.71 -39.67
C LEU E 588 -50.14 61.14 -40.46
N CYS E 589 -49.23 61.89 -39.81
CA CYS E 589 -48.01 62.35 -40.46
C CYS E 589 -46.82 61.73 -39.74
N PHE E 590 -46.16 60.77 -40.39
CA PHE E 590 -45.00 60.10 -39.83
C PHE E 590 -43.81 61.03 -39.90
N VAL E 591 -43.09 61.22 -38.79
CA VAL E 591 -41.94 62.12 -38.79
C VAL E 591 -40.63 61.34 -38.84
N GLY E 592 -40.51 60.25 -38.08
CA GLY E 592 -39.28 59.50 -38.13
C GLY E 592 -39.06 58.46 -37.04
N LEU E 593 -38.19 57.50 -37.33
CA LEU E 593 -37.87 56.43 -36.41
C LEU E 593 -36.83 56.86 -35.37
N MET E 594 -36.81 56.12 -34.26
CA MET E 594 -35.87 56.35 -33.16
C MET E 594 -35.45 54.98 -32.66
N ALA E 595 -34.15 54.70 -32.71
CA ALA E 595 -33.60 53.42 -32.30
C ALA E 595 -32.72 53.55 -31.05
N MET E 596 -32.71 52.48 -30.25
CA MET E 596 -31.95 52.43 -29.00
C MET E 596 -31.37 51.03 -28.77
N ILE E 597 -30.18 50.99 -28.16
CA ILE E 597 -29.50 49.74 -27.84
C ILE E 597 -29.80 49.36 -26.39
N ASP E 598 -29.79 48.06 -26.11
CA ASP E 598 -30.02 47.37 -24.83
C ASP E 598 -29.13 46.14 -24.96
N PRO E 599 -28.09 45.98 -24.18
CA PRO E 599 -27.22 44.83 -24.34
C PRO E 599 -27.69 43.63 -23.54
N PRO E 600 -27.14 42.46 -23.84
CA PRO E 600 -27.48 41.26 -23.08
C PRO E 600 -26.70 41.23 -21.78
N ARG E 601 -27.08 40.30 -20.92
CA ARG E 601 -26.36 40.16 -19.67
C ARG E 601 -25.03 39.50 -19.96
N ALA E 602 -24.09 39.64 -19.03
CA ALA E 602 -22.79 39.04 -19.27
C ALA E 602 -22.86 37.52 -19.35
N ALA E 603 -23.24 36.90 -18.24
CA ALA E 603 -23.31 35.44 -18.11
C ALA E 603 -24.26 34.73 -19.10
N VAL E 604 -25.14 35.47 -19.81
CA VAL E 604 -26.12 34.83 -20.71
C VAL E 604 -25.53 33.90 -21.78
N PRO E 605 -24.50 34.28 -22.55
CA PRO E 605 -24.00 33.34 -23.58
C PRO E 605 -23.61 31.97 -23.03
N ASP E 606 -22.99 31.94 -21.85
CA ASP E 606 -22.61 30.67 -21.27
C ASP E 606 -23.84 29.87 -20.85
N ALA E 607 -24.87 30.57 -20.37
CA ALA E 607 -26.09 29.88 -19.94
C ALA E 607 -26.75 29.16 -21.11
N VAL E 608 -26.89 29.83 -22.26
CA VAL E 608 -27.51 29.11 -23.37
C VAL E 608 -26.62 27.94 -23.80
N GLY E 609 -25.28 28.11 -23.74
CA GLY E 609 -24.44 26.99 -24.11
C GLY E 609 -24.65 25.79 -23.20
N LYS E 610 -24.76 26.06 -21.89
CA LYS E 610 -25.00 24.99 -20.93
C LYS E 610 -26.32 24.30 -21.21
N CYS E 611 -27.34 25.08 -21.59
CA CYS E 611 -28.63 24.47 -21.90
C CYS E 611 -28.51 23.55 -23.10
N ARG E 612 -27.77 23.96 -24.13
CA ARG E 612 -27.61 23.13 -25.31
C ARG E 612 -26.89 21.83 -24.98
N SER E 613 -25.91 21.88 -24.08
CA SER E 613 -25.22 20.63 -23.75
C SER E 613 -26.07 19.72 -22.87
N ALA E 614 -26.98 20.30 -22.09
CA ALA E 614 -27.83 19.49 -21.21
C ALA E 614 -28.94 18.76 -21.95
N GLY E 615 -29.37 19.28 -23.10
CA GLY E 615 -30.45 18.65 -23.83
C GLY E 615 -31.72 19.40 -23.50
N ILE E 616 -31.59 20.72 -23.40
CA ILE E 616 -32.68 21.62 -23.07
C ILE E 616 -32.90 22.58 -24.22
N LYS E 617 -34.17 22.76 -24.58
CA LYS E 617 -34.58 23.65 -25.66
C LYS E 617 -34.89 25.04 -25.10
N VAL E 618 -34.41 26.08 -25.78
CA VAL E 618 -34.62 27.47 -25.37
C VAL E 618 -35.47 28.18 -26.40
N ILE E 619 -36.49 28.89 -25.93
CA ILE E 619 -37.40 29.64 -26.79
C ILE E 619 -37.45 31.09 -26.31
N MET E 620 -37.40 32.02 -27.26
CA MET E 620 -37.47 33.45 -26.98
C MET E 620 -38.84 33.94 -27.40
N VAL E 621 -39.56 34.55 -26.47
CA VAL E 621 -40.89 35.08 -26.73
C VAL E 621 -40.78 36.59 -26.53
N THR E 622 -40.86 37.35 -27.63
CA THR E 622 -40.73 38.79 -27.49
C THR E 622 -41.80 39.53 -28.28
N GLY E 623 -42.02 40.77 -27.87
CA GLY E 623 -42.95 41.71 -28.45
C GLY E 623 -42.35 42.61 -29.50
N ASP E 624 -41.09 42.40 -29.84
CA ASP E 624 -40.41 43.22 -30.84
C ASP E 624 -40.61 42.59 -32.22
N HIS E 625 -39.80 43.00 -33.15
CA HIS E 625 -39.82 42.60 -34.54
C HIS E 625 -38.97 41.35 -34.78
N PRO E 626 -39.27 40.62 -35.86
CA PRO E 626 -38.47 39.43 -36.17
C PRO E 626 -36.99 39.72 -36.40
N ILE E 627 -36.62 40.90 -36.92
CA ILE E 627 -35.21 41.20 -37.12
C ILE E 627 -34.49 41.31 -35.78
N THR E 628 -35.00 42.19 -34.90
CA THR E 628 -34.37 42.35 -33.59
C THR E 628 -34.38 41.05 -32.81
N ALA E 629 -35.43 40.23 -32.99
CA ALA E 629 -35.48 38.94 -32.31
C ALA E 629 -34.36 38.05 -32.81
N LYS E 630 -34.37 37.78 -34.12
CA LYS E 630 -33.34 36.99 -34.78
C LYS E 630 -31.96 37.39 -34.33
N ALA E 631 -31.71 38.70 -34.27
CA ALA E 631 -30.43 39.26 -33.85
C ALA E 631 -30.06 38.89 -32.41
N ILE E 632 -30.89 39.32 -31.45
CA ILE E 632 -30.61 38.98 -30.06
C ILE E 632 -30.33 37.48 -29.95
N ALA E 633 -31.11 36.69 -30.71
CA ALA E 633 -30.92 35.24 -30.75
C ALA E 633 -29.53 34.88 -31.25
N LYS E 634 -29.06 35.60 -32.28
CA LYS E 634 -27.73 35.35 -32.84
C LYS E 634 -26.64 35.61 -31.81
N GLY E 635 -26.87 36.59 -30.94
CA GLY E 635 -25.88 36.94 -29.96
C GLY E 635 -25.84 36.07 -28.72
N VAL E 636 -27.00 35.83 -28.11
CA VAL E 636 -27.01 35.02 -26.90
C VAL E 636 -26.61 33.58 -27.19
N GLY E 637 -26.98 33.05 -28.35
CA GLY E 637 -26.65 31.68 -28.71
C GLY E 637 -27.87 30.81 -28.95
N ILE E 638 -29.09 31.37 -28.91
CA ILE E 638 -30.28 30.59 -29.17
C ILE E 638 -30.21 29.98 -30.56
N ILE E 639 -29.77 30.78 -31.52
CA ILE E 639 -29.61 30.35 -32.90
C ILE E 639 -28.10 30.25 -33.13
N SER E 640 -27.57 29.03 -33.04
CA SER E 640 -26.14 28.86 -33.24
C SER E 640 -25.79 28.96 -34.72
N GLU E 641 -24.49 29.03 -35.00
CA GLU E 641 -24.01 29.12 -36.37
C GLU E 641 -24.32 27.86 -37.16
N GLY E 642 -24.56 28.05 -38.45
CA GLY E 642 -24.84 26.93 -39.34
C GLY E 642 -26.31 26.66 -39.59
N ASN E 643 -27.12 26.77 -38.55
CA ASN E 643 -28.54 26.55 -38.72
C ASN E 643 -29.15 27.72 -39.47
N GLU E 644 -30.04 27.42 -40.41
CA GLU E 644 -30.67 28.45 -41.20
C GLU E 644 -32.17 28.24 -41.19
N THR E 645 -32.85 29.29 -41.60
CA THR E 645 -34.28 29.31 -41.66
C THR E 645 -34.71 29.22 -43.12
N ILE E 646 -36.03 29.19 -43.32
CA ILE E 646 -36.55 29.10 -44.66
C ILE E 646 -36.19 30.36 -45.45
N GLU E 647 -36.25 31.53 -44.80
CA GLU E 647 -35.88 32.76 -45.51
C GLU E 647 -34.40 32.77 -45.88
N ASP E 648 -33.56 32.23 -44.99
CA ASP E 648 -32.13 32.17 -45.29
C ASP E 648 -31.86 31.32 -46.52
N ILE E 649 -32.53 30.17 -46.60
CA ILE E 649 -32.34 29.29 -47.76
C ILE E 649 -32.91 29.95 -49.00
N ALA E 650 -34.05 30.63 -48.89
CA ALA E 650 -34.60 31.31 -50.06
C ALA E 650 -33.61 32.37 -50.55
N ALA E 651 -33.00 33.09 -49.62
CA ALA E 651 -32.04 34.13 -49.97
C ALA E 651 -30.76 33.54 -50.58
N ARG E 652 -30.27 32.43 -50.04
CA ARG E 652 -29.06 31.82 -50.60
C ARG E 652 -29.33 31.23 -51.98
N LEU E 653 -30.39 30.44 -52.10
CA LEU E 653 -30.77 29.80 -53.34
C LEU E 653 -31.45 30.76 -54.32
N ASN E 654 -31.99 31.88 -53.84
CA ASN E 654 -32.69 32.84 -54.70
C ASN E 654 -33.93 32.15 -55.28
N ILE E 655 -34.66 31.48 -54.40
CA ILE E 655 -35.87 30.73 -54.73
C ILE E 655 -36.98 31.25 -53.82
N PRO E 656 -38.23 31.16 -54.24
CA PRO E 656 -39.33 31.61 -53.37
C PRO E 656 -39.34 30.80 -52.07
N ILE E 657 -39.74 31.47 -50.99
CA ILE E 657 -39.79 30.83 -49.68
C ILE E 657 -40.77 29.66 -49.70
N GLY E 658 -41.89 29.80 -50.42
CA GLY E 658 -42.87 28.72 -50.49
C GLY E 658 -42.32 27.45 -51.11
N GLN E 659 -41.42 27.58 -52.10
CA GLN E 659 -40.86 26.41 -52.77
C GLN E 659 -39.94 25.61 -51.85
N VAL E 660 -39.18 26.29 -50.99
CA VAL E 660 -38.25 25.61 -50.11
C VAL E 660 -38.97 24.62 -49.21
N ASN E 661 -38.30 23.52 -48.89
CA ASN E 661 -38.85 22.46 -48.04
C ASN E 661 -38.80 22.91 -46.58
N PRO E 662 -39.91 22.88 -45.86
CA PRO E 662 -39.89 23.29 -44.44
C PRO E 662 -38.99 22.43 -43.57
N ARG E 663 -38.85 21.14 -43.89
CA ARG E 663 -38.00 20.26 -43.09
C ARG E 663 -36.52 20.59 -43.24
N ASP E 664 -36.14 21.27 -44.33
CA ASP E 664 -34.75 21.62 -44.57
C ASP E 664 -34.17 22.57 -43.53
N ALA E 665 -35.00 23.30 -42.79
CA ALA E 665 -34.52 24.25 -41.80
C ALA E 665 -34.70 23.73 -40.37
N LYS E 666 -33.60 23.76 -39.61
CA LYS E 666 -33.60 23.31 -38.21
C LYS E 666 -34.22 24.34 -37.28
N ALA E 667 -34.00 25.63 -37.56
CA ALA E 667 -34.52 26.71 -36.73
C ALA E 667 -35.57 27.51 -37.49
N CYS E 668 -36.42 28.19 -36.73
CA CYS E 668 -37.47 28.98 -37.36
C CYS E 668 -37.89 30.13 -36.46
N VAL E 669 -38.44 31.18 -37.10
CA VAL E 669 -38.93 32.36 -36.41
C VAL E 669 -40.39 32.51 -36.78
N VAL E 670 -41.26 32.15 -35.85
CA VAL E 670 -42.70 32.24 -36.05
C VAL E 670 -43.19 33.59 -35.56
N HIS E 671 -44.03 34.24 -36.37
CA HIS E 671 -44.57 35.53 -36.02
C HIS E 671 -45.78 35.33 -35.10
N GLY E 672 -46.53 36.40 -34.86
CA GLY E 672 -47.70 36.36 -34.01
C GLY E 672 -48.97 36.20 -34.82
N SER E 673 -49.07 36.89 -35.95
CA SER E 673 -50.26 36.76 -36.79
C SER E 673 -50.43 35.32 -37.24
N ASP E 674 -49.34 34.69 -37.66
CA ASP E 674 -49.40 33.30 -38.08
C ASP E 674 -49.80 32.42 -36.91
N LEU E 675 -49.25 32.69 -35.71
CA LEU E 675 -49.59 31.90 -34.54
C LEU E 675 -51.08 31.98 -34.23
N LYS E 676 -51.66 33.18 -34.38
CA LYS E 676 -53.08 33.33 -34.14
C LYS E 676 -53.88 32.51 -35.14
N ASP E 677 -53.48 32.55 -36.42
CA ASP E 677 -54.20 31.81 -37.45
C ASP E 677 -54.03 30.29 -37.33
N LEU E 678 -52.93 29.82 -36.77
CA LEU E 678 -52.67 28.39 -36.68
C LEU E 678 -53.60 27.66 -35.70
N SER E 679 -53.77 26.36 -35.97
CA SER E 679 -54.53 25.36 -35.24
C SER E 679 -53.58 24.62 -34.30
N THR E 680 -53.79 23.32 -34.06
CA THR E 680 -52.91 22.55 -33.17
C THR E 680 -51.88 21.66 -33.87
N GLU E 681 -52.23 20.99 -34.97
CA GLU E 681 -51.25 20.12 -35.63
C GLU E 681 -50.07 20.92 -36.16
N VAL E 682 -50.32 22.12 -36.70
CA VAL E 682 -49.24 22.96 -37.21
C VAL E 682 -48.29 23.34 -36.09
N LEU E 683 -48.85 23.68 -34.92
CA LEU E 683 -48.02 24.03 -33.78
C LEU E 683 -47.16 22.85 -33.37
N ASP E 684 -47.75 21.66 -33.34
CA ASP E 684 -46.95 20.49 -33.00
C ASP E 684 -45.86 20.26 -34.03
N ASP E 685 -46.14 20.57 -35.30
CA ASP E 685 -45.14 20.41 -36.34
C ASP E 685 -43.92 21.29 -36.08
N ILE E 686 -44.16 22.56 -35.77
CA ILE E 686 -43.03 23.46 -35.53
C ILE E 686 -42.28 23.06 -34.26
N LEU E 687 -43.00 22.68 -33.20
CA LEU E 687 -42.33 22.32 -31.95
C LEU E 687 -41.54 21.02 -32.07
N HIS E 688 -42.04 20.05 -32.84
CA HIS E 688 -41.35 18.77 -32.97
C HIS E 688 -40.17 18.85 -33.94
N TYR E 689 -40.40 19.43 -35.12
CA TYR E 689 -39.35 19.46 -36.15
C TYR E 689 -38.25 20.49 -35.89
N HIS E 690 -38.56 21.66 -35.34
CA HIS E 690 -37.50 22.63 -35.17
C HIS E 690 -36.80 22.49 -33.81
N THR E 691 -35.52 22.84 -33.80
CA THR E 691 -34.64 22.78 -32.62
C THR E 691 -34.50 24.13 -31.92
N GLU E 692 -34.48 25.22 -32.69
CA GLU E 692 -34.35 26.59 -32.16
C GLU E 692 -35.51 27.40 -32.72
N ILE E 693 -36.54 27.61 -31.91
CA ILE E 693 -37.73 28.34 -32.31
C ILE E 693 -37.77 29.69 -31.60
N VAL E 694 -37.90 30.77 -32.38
CA VAL E 694 -38.00 32.12 -31.85
C VAL E 694 -39.38 32.65 -32.23
N PHE E 695 -40.04 33.31 -31.29
CA PHE E 695 -41.37 33.87 -31.51
C PHE E 695 -41.32 35.38 -31.34
N ALA E 696 -41.73 36.10 -32.39
CA ALA E 696 -41.69 37.57 -32.36
C ALA E 696 -43.08 38.17 -32.47
N ARG E 697 -43.26 39.35 -31.84
CA ARG E 697 -44.55 40.03 -31.87
C ARG E 697 -45.61 39.14 -31.28
N THR E 698 -45.74 39.13 -29.97
CA THR E 698 -46.72 38.22 -29.38
C THR E 698 -47.39 38.85 -28.19
N SER E 699 -48.71 38.81 -28.20
CA SER E 699 -49.52 39.33 -27.12
C SER E 699 -49.34 38.37 -25.95
N PRO E 700 -49.88 38.68 -24.80
CA PRO E 700 -49.76 37.76 -23.68
C PRO E 700 -50.70 36.56 -23.77
N GLN E 701 -51.92 36.76 -24.29
CA GLN E 701 -52.90 35.69 -24.40
C GLN E 701 -52.41 34.52 -25.25
N GLN E 702 -51.22 34.63 -25.83
CA GLN E 702 -50.68 33.58 -26.69
C GLN E 702 -49.78 32.58 -25.95
N LYS E 703 -48.95 33.04 -25.00
CA LYS E 703 -48.03 32.20 -24.22
C LYS E 703 -48.59 30.83 -23.83
N LEU E 704 -49.86 30.81 -23.44
CA LEU E 704 -50.53 29.57 -23.03
C LEU E 704 -50.57 28.54 -24.15
N ILE E 705 -50.83 28.97 -25.38
CA ILE E 705 -50.87 28.01 -26.49
C ILE E 705 -49.52 27.34 -26.65
N ILE E 706 -48.44 28.13 -26.54
CA ILE E 706 -47.09 27.58 -26.66
C ILE E 706 -46.81 26.59 -25.53
N VAL E 707 -47.22 26.93 -24.31
CA VAL E 707 -46.99 26.02 -23.18
C VAL E 707 -47.76 24.72 -23.36
N GLU E 708 -49.03 24.82 -23.77
CA GLU E 708 -49.83 23.62 -24.00
C GLU E 708 -49.23 22.76 -25.10
N GLY E 709 -48.52 23.38 -26.04
CA GLY E 709 -47.90 22.61 -27.09
C GLY E 709 -46.69 21.89 -26.53
N CYS E 710 -45.93 22.58 -25.68
CA CYS E 710 -44.75 21.96 -25.10
C CYS E 710 -45.10 20.80 -24.18
N GLN E 711 -46.23 20.86 -23.47
CA GLN E 711 -46.60 19.75 -22.60
C GLN E 711 -47.19 18.59 -23.39
N ARG E 712 -47.87 18.88 -24.50
CA ARG E 712 -48.45 17.85 -25.35
C ARG E 712 -47.38 16.84 -25.75
N GLN E 713 -46.17 17.34 -26.00
CA GLN E 713 -45.05 16.50 -26.39
C GLN E 713 -44.66 15.54 -25.27
N GLY E 714 -44.74 15.99 -24.02
CA GLY E 714 -44.32 15.16 -22.91
C GLY E 714 -43.04 15.72 -22.33
N ALA E 715 -43.06 17.02 -22.03
CA ALA E 715 -41.90 17.69 -21.48
C ALA E 715 -42.28 18.67 -20.37
N ILE E 716 -41.33 18.89 -19.47
CA ILE E 716 -41.48 19.79 -18.33
C ILE E 716 -41.02 21.18 -18.76
N VAL E 717 -41.87 22.19 -18.52
CA VAL E 717 -41.52 23.55 -18.93
C VAL E 717 -41.60 24.56 -17.78
N ALA E 718 -40.75 25.57 -17.90
CA ALA E 718 -40.64 26.69 -16.97
C ALA E 718 -40.83 27.96 -17.78
N VAL E 719 -41.61 28.90 -17.25
CA VAL E 719 -41.89 30.15 -17.96
C VAL E 719 -41.59 31.35 -17.08
N THR E 720 -41.03 32.41 -17.69
CA THR E 720 -40.68 33.64 -17.00
C THR E 720 -41.78 34.68 -17.23
N GLY E 721 -42.39 35.15 -16.16
CA GLY E 721 -43.47 36.12 -16.24
C GLY E 721 -43.31 37.31 -15.31
N ASP E 722 -43.87 38.44 -15.76
CA ASP E 722 -43.80 39.69 -15.01
C ASP E 722 -45.11 40.42 -14.76
N GLY E 723 -46.15 40.28 -15.59
CA GLY E 723 -47.36 41.05 -15.41
C GLY E 723 -48.57 40.27 -14.94
N VAL E 724 -49.74 40.84 -15.25
CA VAL E 724 -51.06 40.32 -14.90
C VAL E 724 -51.52 39.27 -15.90
N ASN E 725 -51.32 39.55 -17.19
CA ASN E 725 -51.75 38.59 -18.19
C ASN E 725 -50.92 37.32 -18.15
N ASP E 726 -49.88 37.29 -17.34
CA ASP E 726 -49.08 36.10 -17.23
C ASP E 726 -49.62 35.12 -16.22
N SER E 727 -50.36 35.59 -15.19
CA SER E 727 -50.87 34.65 -14.18
C SER E 727 -51.40 33.35 -14.77
N PRO E 728 -52.27 33.34 -15.80
CA PRO E 728 -52.72 32.04 -16.34
C PRO E 728 -51.56 31.13 -16.75
N ALA E 729 -50.64 31.64 -17.56
CA ALA E 729 -49.51 30.82 -18.00
C ALA E 729 -48.71 30.32 -16.80
N LEU E 730 -48.35 31.23 -15.89
CA LEU E 730 -47.57 30.90 -14.71
C LEU E 730 -48.18 29.81 -13.86
N LYS E 731 -49.44 29.44 -14.10
CA LYS E 731 -50.00 28.37 -13.29
C LYS E 731 -49.99 27.04 -14.00
N LYS E 732 -50.23 27.07 -15.31
CA LYS E 732 -50.28 25.84 -16.10
C LYS E 732 -48.91 25.20 -16.25
N ALA E 733 -47.85 26.00 -16.35
CA ALA E 733 -46.52 25.45 -16.54
C ALA E 733 -46.08 24.62 -15.34
N ASP E 734 -44.92 24.00 -15.45
CA ASP E 734 -44.44 23.22 -14.32
C ASP E 734 -43.64 24.08 -13.36
N ILE E 735 -42.82 25.00 -13.88
CA ILE E 735 -42.08 25.91 -13.00
C ILE E 735 -42.36 27.32 -13.46
N GLY E 736 -43.01 28.10 -12.60
CA GLY E 736 -43.28 29.48 -12.91
C GLY E 736 -42.19 30.32 -12.30
N VAL E 737 -41.43 31.03 -13.12
CA VAL E 737 -40.35 31.88 -12.66
C VAL E 737 -40.88 33.30 -12.74
N ALA E 738 -41.07 33.94 -11.59
CA ALA E 738 -41.59 35.31 -11.59
C ALA E 738 -40.46 36.29 -11.33
N MET E 739 -40.51 37.45 -12.00
CA MET E 739 -39.44 38.42 -11.79
C MET E 739 -39.55 39.05 -10.41
N GLY E 740 -38.40 39.18 -9.73
CA GLY E 740 -38.36 39.78 -8.40
C GLY E 740 -38.26 41.29 -8.43
N ILE E 741 -37.37 41.79 -9.27
CA ILE E 741 -37.14 43.22 -9.40
C ILE E 741 -38.36 43.93 -9.98
N SER E 742 -38.77 43.52 -11.19
CA SER E 742 -39.87 44.16 -11.93
C SER E 742 -41.23 43.48 -11.84
N GLY E 743 -41.37 42.34 -11.16
CA GLY E 743 -42.66 41.67 -11.12
C GLY E 743 -43.70 42.38 -10.27
N SER E 744 -44.93 41.85 -10.38
CA SER E 744 -46.09 42.35 -9.65
C SER E 744 -46.57 41.27 -8.69
N ASP E 745 -47.34 41.69 -7.69
CA ASP E 745 -47.86 40.75 -6.70
C ASP E 745 -48.55 39.57 -7.37
N VAL E 746 -49.23 39.80 -8.49
CA VAL E 746 -49.93 38.71 -9.19
C VAL E 746 -48.93 37.67 -9.69
N SER E 747 -47.90 38.11 -10.42
CA SER E 747 -46.93 37.18 -10.96
C SER E 747 -46.23 36.38 -9.86
N LYS E 748 -45.97 37.00 -8.71
CA LYS E 748 -45.30 36.27 -7.64
C LYS E 748 -46.25 35.31 -6.94
N GLN E 749 -47.49 35.71 -6.66
CA GLN E 749 -48.41 34.79 -5.99
C GLN E 749 -48.68 33.56 -6.85
N ALA E 750 -48.83 33.77 -8.16
CA ALA E 750 -49.13 32.71 -9.11
C ALA E 750 -47.96 31.80 -9.48
N ALA E 751 -46.72 32.10 -9.09
CA ALA E 751 -45.61 31.25 -9.51
C ALA E 751 -45.00 30.43 -8.38
N ASP E 752 -44.22 29.43 -8.81
CA ASP E 752 -43.53 28.52 -7.90
C ASP E 752 -42.19 29.07 -7.44
N MET E 753 -41.52 29.87 -8.25
CA MET E 753 -40.25 30.44 -7.88
C MET E 753 -40.25 31.93 -8.18
N ILE E 754 -39.30 32.62 -7.53
CA ILE E 754 -39.12 34.04 -7.68
C ILE E 754 -37.64 34.28 -7.92
N LEU E 755 -37.32 34.86 -9.08
CA LEU E 755 -35.96 35.20 -9.45
C LEU E 755 -35.65 36.51 -8.75
N LEU E 756 -34.59 36.52 -7.95
CA LEU E 756 -34.24 37.71 -7.19
C LEU E 756 -33.49 38.77 -8.01
N ASP E 757 -32.74 38.37 -9.03
CA ASP E 757 -31.97 39.32 -9.82
C ASP E 757 -32.46 39.54 -11.24
N ASP E 758 -33.44 38.77 -11.74
CA ASP E 758 -33.95 38.93 -13.11
C ASP E 758 -32.85 38.64 -14.13
N ASN E 759 -32.10 37.57 -13.91
CA ASN E 759 -31.00 37.20 -14.77
C ASN E 759 -31.27 35.83 -15.40
N PHE E 760 -31.17 35.74 -16.74
CA PHE E 760 -31.39 34.42 -17.33
C PHE E 760 -30.34 33.45 -16.84
N ALA E 761 -29.11 33.95 -16.63
CA ALA E 761 -28.02 33.13 -16.14
C ALA E 761 -28.31 32.51 -14.78
N SER E 762 -29.09 33.18 -13.94
CA SER E 762 -29.40 32.64 -12.62
C SER E 762 -30.09 31.27 -12.73
N ILE E 763 -31.03 31.14 -13.66
CA ILE E 763 -31.80 29.91 -13.86
C ILE E 763 -30.96 28.66 -14.09
N VAL E 764 -30.18 28.62 -15.18
CA VAL E 764 -29.36 27.44 -15.49
C VAL E 764 -28.53 27.03 -14.28
N THR E 765 -28.02 28.00 -13.52
CA THR E 765 -27.28 27.63 -12.33
C THR E 765 -28.20 26.92 -11.35
N GLY E 766 -29.44 27.41 -11.26
CA GLY E 766 -30.41 26.77 -10.39
C GLY E 766 -30.69 25.33 -10.78
N VAL E 767 -30.81 25.06 -12.08
CA VAL E 767 -31.07 23.67 -12.49
C VAL E 767 -29.87 22.80 -12.13
N GLU E 768 -28.66 23.37 -12.19
CA GLU E 768 -27.50 22.57 -11.78
C GLU E 768 -27.65 22.15 -10.32
N GLU E 769 -28.06 23.11 -9.48
CA GLU E 769 -28.28 22.82 -8.07
C GLU E 769 -29.41 21.80 -7.89
N GLY E 770 -30.38 21.80 -8.80
CA GLY E 770 -31.49 20.87 -8.69
C GLY E 770 -31.12 19.44 -9.02
N ARG E 771 -30.19 19.24 -9.96
CA ARG E 771 -29.79 17.88 -10.30
C ARG E 771 -28.89 17.28 -9.22
N LEU E 772 -28.02 18.13 -8.64
CA LEU E 772 -27.13 17.63 -7.62
C LEU E 772 -27.87 16.98 -6.45
N ILE E 773 -29.05 17.51 -6.08
CA ILE E 773 -29.81 16.94 -4.96
C ILE E 773 -30.03 15.46 -5.20
N PHE E 774 -30.54 15.13 -6.39
CA PHE E 774 -30.82 13.77 -6.82
C PHE E 774 -29.58 12.89 -6.72
N ASP E 775 -28.51 13.32 -7.36
CA ASP E 775 -27.27 12.53 -7.37
C ASP E 775 -26.81 12.21 -5.94
N ASN E 776 -26.76 13.23 -5.09
CA ASN E 776 -26.31 13.00 -3.71
C ASN E 776 -27.27 12.10 -2.94
N LEU E 777 -28.59 12.27 -3.13
CA LEU E 777 -29.56 11.43 -2.43
C LEU E 777 -29.35 9.96 -2.75
N LYS E 778 -29.14 9.65 -4.04
CA LYS E 778 -28.91 8.26 -4.40
C LYS E 778 -27.64 7.72 -3.75
N LYS E 779 -26.59 8.54 -3.75
CA LYS E 779 -25.33 8.10 -3.13
C LYS E 779 -25.53 7.78 -1.63
N SER E 780 -26.16 8.70 -0.90
CA SER E 780 -26.35 8.50 0.55
C SER E 780 -27.19 7.26 0.85
N ILE E 781 -28.30 7.07 0.12
CA ILE E 781 -29.12 5.88 0.37
C ILE E 781 -28.31 4.63 0.09
N ALA E 782 -27.50 4.66 -0.98
CA ALA E 782 -26.68 3.52 -1.34
C ALA E 782 -25.67 3.20 -0.24
N TYR E 783 -25.13 4.22 0.42
CA TYR E 783 -24.16 3.95 1.49
C TYR E 783 -24.84 3.38 2.72
N THR E 784 -26.04 3.86 3.03
CA THR E 784 -26.75 3.41 4.23
C THR E 784 -27.23 1.97 4.12
N LEU E 785 -27.81 1.58 2.99
CA LEU E 785 -28.36 0.22 2.87
C LEU E 785 -27.34 -0.92 2.85
N THR E 786 -26.05 -0.67 2.60
CA THR E 786 -25.08 -1.78 2.51
C THR E 786 -24.79 -2.46 3.86
N SER E 787 -24.74 -1.70 4.96
CA SER E 787 -24.40 -2.35 6.24
C SER E 787 -25.45 -3.33 6.74
N ASN E 788 -26.63 -3.38 6.12
CA ASN E 788 -27.67 -4.31 6.58
C ASN E 788 -27.21 -5.76 6.49
N ILE E 789 -26.49 -6.13 5.42
CA ILE E 789 -26.06 -7.53 5.23
C ILE E 789 -25.11 -8.03 6.33
N PRO E 790 -24.08 -7.30 6.77
CA PRO E 790 -23.20 -7.84 7.80
C PRO E 790 -23.83 -7.96 9.17
N GLU E 791 -24.88 -7.18 9.46
CA GLU E 791 -25.51 -7.28 10.77
C GLU E 791 -26.48 -8.46 10.84
N ILE E 792 -27.07 -8.87 9.71
CA ILE E 792 -28.03 -9.97 9.72
C ILE E 792 -27.37 -11.33 9.49
N THR E 793 -26.31 -11.44 8.68
CA THR E 793 -25.73 -12.78 8.47
C THR E 793 -25.26 -13.50 9.74
N PRO E 794 -24.74 -12.83 10.78
CA PRO E 794 -24.34 -13.58 11.97
C PRO E 794 -25.50 -14.28 12.66
N PHE E 795 -26.63 -13.59 12.82
CA PHE E 795 -27.78 -14.20 13.46
C PHE E 795 -28.33 -15.37 12.65
N LEU E 796 -27.97 -15.45 11.38
CA LEU E 796 -28.42 -16.52 10.50
C LEU E 796 -27.54 -17.74 10.65
N VAL E 797 -26.22 -17.58 10.54
CA VAL E 797 -25.35 -18.75 10.70
C VAL E 797 -25.45 -19.26 12.13
N PHE E 798 -25.57 -18.36 13.10
CA PHE E 798 -25.69 -18.75 14.50
C PHE E 798 -26.83 -19.74 14.72
N ILE E 799 -28.01 -19.42 14.19
CA ILE E 799 -29.18 -20.29 14.37
C ILE E 799 -29.09 -21.52 13.46
N ILE E 800 -28.77 -21.34 12.17
CA ILE E 800 -28.72 -22.47 11.26
C ILE E 800 -27.51 -23.38 11.53
N GLY E 801 -26.31 -22.88 11.29
CA GLY E 801 -25.03 -23.58 11.46
C GLY E 801 -24.63 -23.90 12.89
N ASN E 802 -25.27 -23.29 13.90
CA ASN E 802 -24.99 -23.55 15.33
C ASN E 802 -23.58 -23.17 15.77
N VAL E 803 -23.11 -21.98 15.40
CA VAL E 803 -21.77 -21.54 15.81
C VAL E 803 -21.86 -20.40 16.82
N PRO E 804 -20.75 -19.96 17.43
CA PRO E 804 -20.82 -18.84 18.38
C PRO E 804 -21.14 -17.53 17.67
N LEU E 805 -22.05 -16.76 18.29
CA LEU E 805 -22.54 -15.47 17.80
C LEU E 805 -21.42 -14.50 17.40
N PRO E 806 -21.33 -14.15 16.11
CA PRO E 806 -20.28 -13.23 15.65
C PRO E 806 -20.48 -11.76 15.96
N LEU E 807 -21.72 -11.29 16.05
CA LEU E 807 -22.04 -9.89 16.33
C LEU E 807 -23.11 -9.84 17.41
N GLY E 808 -22.95 -8.95 18.38
CA GLY E 808 -23.94 -8.89 19.45
C GLY E 808 -24.78 -7.63 19.48
N THR E 809 -25.34 -7.29 20.63
CA THR E 809 -26.19 -6.10 20.65
C THR E 809 -25.37 -4.81 20.79
N VAL E 810 -24.41 -4.75 21.72
CA VAL E 810 -23.63 -3.52 21.90
C VAL E 810 -22.83 -3.20 20.64
N THR E 811 -22.17 -4.21 20.07
CA THR E 811 -21.37 -3.98 18.87
C THR E 811 -22.21 -3.50 17.69
N ILE E 812 -23.41 -4.07 17.53
CA ILE E 812 -24.27 -3.62 16.42
C ILE E 812 -24.64 -2.15 16.60
N LEU E 813 -25.04 -1.78 17.83
CA LEU E 813 -25.36 -0.37 18.06
C LEU E 813 -24.15 0.50 17.73
N CYS E 814 -22.94 -0.01 17.97
CA CYS E 814 -21.75 0.77 17.65
C CYS E 814 -21.62 0.98 16.15
N ILE E 815 -21.96 -0.03 15.36
CA ILE E 815 -21.87 0.11 13.90
C ILE E 815 -22.83 1.16 13.38
N ASP E 816 -24.12 1.03 13.75
CA ASP E 816 -25.13 1.97 13.26
C ASP E 816 -24.79 3.42 13.58
N LEU E 817 -24.41 3.70 14.82
CA LEU E 817 -24.10 5.07 15.24
C LEU E 817 -22.75 5.58 14.75
N GLY E 818 -21.80 4.70 14.46
CA GLY E 818 -20.51 5.18 14.02
C GLY E 818 -20.27 5.38 12.54
N THR E 819 -20.40 4.32 11.76
CA THR E 819 -20.15 4.38 10.33
C THR E 819 -21.35 4.83 9.50
N ASP E 820 -22.53 5.00 10.08
CA ASP E 820 -23.69 5.40 9.30
C ASP E 820 -24.20 6.81 9.56
N MET E 821 -23.70 7.52 10.58
CA MET E 821 -24.22 8.86 10.84
C MET E 821 -23.41 9.99 10.21
N VAL E 822 -22.15 10.14 10.60
CA VAL E 822 -21.31 11.22 10.07
C VAL E 822 -20.91 10.98 8.62
N PRO E 823 -20.44 9.78 8.22
CA PRO E 823 -20.09 9.60 6.80
C PRO E 823 -21.27 9.87 5.87
N ALA E 824 -22.46 9.44 6.31
CA ALA E 824 -23.66 9.67 5.52
C ALA E 824 -23.92 11.16 5.35
N ILE E 825 -23.86 11.91 6.44
CA ILE E 825 -24.11 13.36 6.38
C ILE E 825 -23.08 14.03 5.47
N SER E 826 -21.83 13.56 5.50
CA SER E 826 -20.81 14.16 4.65
C SER E 826 -21.18 14.04 3.19
N LEU E 827 -21.77 12.90 2.80
CA LEU E 827 -22.14 12.72 1.39
C LEU E 827 -23.02 13.84 0.86
N ALA E 828 -23.98 14.34 1.67
CA ALA E 828 -24.85 15.41 1.19
C ALA E 828 -24.04 16.56 0.60
N TYR E 829 -23.01 16.99 1.32
CA TYR E 829 -22.11 18.08 0.96
C TYR E 829 -21.26 17.83 -0.28
N GLU E 830 -21.35 16.65 -0.91
CA GLU E 830 -20.53 16.40 -2.09
C GLU E 830 -20.72 17.43 -3.18
N GLN E 831 -19.68 17.57 -4.01
CA GLN E 831 -19.63 18.47 -5.13
C GLN E 831 -20.28 17.80 -6.34
N ALA E 832 -20.32 18.49 -7.47
CA ALA E 832 -20.92 17.94 -8.66
C ALA E 832 -19.88 17.34 -9.59
N GLU E 833 -20.21 16.20 -10.18
CA GLU E 833 -19.29 15.60 -11.14
C GLU E 833 -19.29 16.50 -12.38
N SER E 834 -18.20 16.46 -13.13
CA SER E 834 -18.09 17.34 -14.29
C SER E 834 -18.90 16.85 -15.48
N ASP E 835 -19.99 16.14 -15.19
CA ASP E 835 -20.89 15.61 -16.19
C ASP E 835 -22.32 16.07 -15.99
N ILE E 836 -22.66 16.65 -14.83
CA ILE E 836 -23.99 17.12 -14.43
C ILE E 836 -24.74 17.89 -15.53
N MET E 837 -24.06 18.81 -16.22
CA MET E 837 -24.76 19.54 -17.27
C MET E 837 -24.59 18.90 -18.64
N LYS E 838 -23.66 17.94 -18.76
CA LYS E 838 -23.40 17.23 -20.01
C LYS E 838 -24.22 15.95 -20.11
N ARG E 839 -25.35 15.90 -19.43
CA ARG E 839 -26.21 14.72 -19.44
C ARG E 839 -27.65 15.13 -19.64
N GLN E 840 -28.38 14.25 -20.32
CA GLN E 840 -29.78 14.48 -20.64
C GLN E 840 -30.63 14.64 -19.38
N PRO E 841 -31.80 15.26 -19.53
CA PRO E 841 -32.70 15.41 -18.38
C PRO E 841 -33.27 14.07 -17.99
N ARG E 842 -34.17 14.02 -17.01
CA ARG E 842 -34.72 12.74 -16.60
C ARG E 842 -36.22 12.72 -16.79
N ASN E 843 -36.70 11.52 -17.09
CA ASN E 843 -38.11 11.27 -17.26
C ASN E 843 -38.57 10.65 -15.95
N PRO E 844 -39.35 11.35 -15.14
CA PRO E 844 -39.78 10.76 -13.86
C PRO E 844 -40.52 9.44 -14.00
N LYS E 845 -41.26 9.23 -15.08
CA LYS E 845 -41.98 7.97 -15.24
C LYS E 845 -41.00 6.81 -15.40
N THR E 846 -39.97 6.99 -16.22
CA THR E 846 -39.01 5.91 -16.47
C THR E 846 -37.87 5.82 -15.44
N ASP E 847 -37.42 6.91 -14.78
CA ASP E 847 -36.29 6.87 -13.83
C ASP E 847 -36.68 7.25 -12.38
N LYS E 848 -36.64 6.29 -11.43
CA LYS E 848 -36.95 6.51 -10.01
C LYS E 848 -35.72 6.47 -9.10
N LEU E 849 -35.88 7.00 -7.87
CA LEU E 849 -34.78 7.00 -6.89
C LEU E 849 -34.43 5.58 -6.43
N VAL E 850 -35.42 4.84 -5.97
CA VAL E 850 -35.20 3.48 -5.50
C VAL E 850 -35.81 2.53 -6.51
N ASN E 851 -34.96 1.93 -7.32
CA ASN E 851 -35.31 0.98 -8.34
C ASN E 851 -34.61 -0.34 -8.04
N GLU E 852 -34.90 -1.35 -8.85
CA GLU E 852 -34.33 -2.68 -8.64
C GLU E 852 -32.81 -2.77 -8.81
N ARG E 853 -32.12 -1.67 -9.13
CA ARG E 853 -30.67 -1.71 -9.29
C ARG E 853 -29.89 -1.32 -8.03
N LEU E 854 -30.48 -0.45 -7.20
CA LEU E 854 -29.79 -0.05 -5.97
C LEU E 854 -29.60 -1.26 -5.07
N ILE E 855 -30.67 -2.04 -4.89
CA ILE E 855 -30.61 -3.24 -4.07
C ILE E 855 -29.66 -4.25 -4.68
N SER E 856 -29.41 -4.17 -5.99
CA SER E 856 -28.47 -5.09 -6.62
C SER E 856 -27.04 -4.76 -6.20
N MET E 857 -26.69 -3.48 -6.19
CA MET E 857 -25.33 -3.13 -5.80
C MET E 857 -25.11 -3.23 -4.28
N ALA E 858 -26.02 -2.69 -3.48
CA ALA E 858 -25.84 -2.71 -2.04
C ALA E 858 -25.95 -4.09 -1.41
N TYR E 859 -27.13 -4.71 -1.47
CA TYR E 859 -27.32 -6.02 -0.85
C TYR E 859 -26.45 -7.08 -1.52
N GLY E 860 -26.68 -7.33 -2.81
CA GLY E 860 -25.97 -8.34 -3.57
C GLY E 860 -24.47 -8.33 -3.76
N GLN E 861 -23.91 -7.26 -4.33
CA GLN E 861 -22.48 -7.20 -4.63
C GLN E 861 -21.58 -6.66 -3.51
N ILE E 862 -21.83 -5.42 -3.05
CA ILE E 862 -20.97 -4.79 -2.04
C ILE E 862 -21.18 -5.42 -0.64
N GLY E 863 -22.44 -5.62 -0.25
CA GLY E 863 -22.74 -6.17 1.05
C GLY E 863 -22.08 -7.50 1.36
N MET E 864 -22.36 -8.51 0.53
CA MET E 864 -21.78 -9.83 0.73
C MET E 864 -20.27 -9.76 0.97
N ILE E 865 -19.61 -8.75 0.41
CA ILE E 865 -18.18 -8.60 0.61
C ILE E 865 -17.87 -8.08 2.00
N GLN E 866 -18.65 -7.10 2.48
CA GLN E 866 -18.35 -6.66 3.84
C GLN E 866 -18.60 -7.78 4.85
N ALA E 867 -19.53 -8.68 4.51
CA ALA E 867 -19.81 -9.81 5.38
C ALA E 867 -18.64 -10.79 5.42
N LEU E 868 -18.08 -11.11 4.24
CA LEU E 868 -16.93 -12.02 4.23
C LEU E 868 -15.75 -11.42 4.97
N GLY E 869 -15.55 -10.12 4.82
CA GLY E 869 -14.44 -9.46 5.51
C GLY E 869 -14.57 -9.59 7.02
N GLY E 870 -15.78 -9.47 7.55
CA GLY E 870 -15.90 -9.63 8.99
C GLY E 870 -15.79 -11.08 9.45
N PHE E 871 -16.18 -12.00 8.58
CA PHE E 871 -16.08 -13.40 8.96
C PHE E 871 -14.63 -13.86 9.03
N PHE E 872 -13.75 -13.26 8.22
CA PHE E 872 -12.35 -13.66 8.30
C PHE E 872 -11.75 -13.29 9.66
N SER E 873 -11.99 -12.05 10.11
CA SER E 873 -11.45 -11.65 11.41
C SER E 873 -11.99 -12.53 12.52
N TYR E 874 -13.21 -13.03 12.35
CA TYR E 874 -13.75 -13.93 13.37
C TYR E 874 -13.02 -15.27 13.39
N PHE E 875 -12.94 -15.92 12.23
CA PHE E 875 -12.26 -17.22 12.13
C PHE E 875 -10.82 -17.14 12.62
N VAL E 876 -10.13 -16.04 12.28
CA VAL E 876 -8.73 -15.89 12.69
C VAL E 876 -8.59 -15.79 14.21
N ILE E 877 -9.45 -14.99 14.86
CA ILE E 877 -9.33 -14.87 16.31
C ILE E 877 -9.50 -16.22 16.98
N LEU E 878 -10.48 -17.01 16.53
CA LEU E 878 -10.67 -18.28 17.21
C LEU E 878 -9.54 -19.27 16.95
N ALA E 879 -9.17 -19.46 15.67
CA ALA E 879 -8.11 -20.42 15.36
C ALA E 879 -6.85 -20.15 16.17
N GLU E 880 -6.47 -18.88 16.32
CA GLU E 880 -5.25 -18.61 17.10
C GLU E 880 -5.41 -18.93 18.58
N ASN E 881 -6.58 -18.67 19.16
CA ASN E 881 -6.76 -18.95 20.58
C ASN E 881 -6.99 -20.42 20.89
N GLY E 882 -6.95 -21.31 19.91
CA GLY E 882 -7.13 -22.73 20.13
C GLY E 882 -8.33 -23.38 19.47
N PHE E 883 -9.39 -22.62 19.16
CA PHE E 883 -10.56 -23.19 18.53
C PHE E 883 -10.42 -23.11 17.01
N LEU E 884 -10.43 -24.26 16.33
CA LEU E 884 -10.27 -24.24 14.88
C LEU E 884 -11.61 -24.12 14.16
N PRO E 885 -11.63 -24.06 12.80
CA PRO E 885 -12.92 -23.95 12.09
C PRO E 885 -13.76 -25.22 11.97
N MET E 886 -13.14 -26.37 11.70
CA MET E 886 -13.91 -27.61 11.56
C MET E 886 -14.63 -27.97 12.85
N ASP E 887 -13.97 -27.77 13.98
CA ASP E 887 -14.53 -28.08 15.29
C ASP E 887 -15.62 -27.10 15.73
N LEU E 888 -15.76 -25.95 15.07
CA LEU E 888 -16.73 -24.95 15.48
C LEU E 888 -18.18 -25.28 15.09
N ILE E 889 -18.43 -26.13 14.09
CA ILE E 889 -19.81 -26.41 13.70
C ILE E 889 -20.52 -27.30 14.72
N GLY E 890 -21.40 -26.70 15.52
CA GLY E 890 -22.17 -27.42 16.52
C GLY E 890 -21.82 -27.12 17.96
N LYS E 891 -20.74 -26.37 18.20
CA LYS E 891 -20.34 -26.06 19.57
C LYS E 891 -21.25 -25.07 20.27
N ARG E 892 -22.17 -24.40 19.55
CA ARG E 892 -23.05 -23.42 20.17
C ARG E 892 -23.81 -23.99 21.36
N VAL E 893 -24.56 -25.06 21.13
CA VAL E 893 -25.37 -25.69 22.18
C VAL E 893 -24.53 -25.83 23.44
N ARG E 894 -23.30 -26.33 23.28
CA ARG E 894 -22.40 -26.50 24.41
C ARG E 894 -21.74 -25.19 24.82
N TRP E 895 -21.45 -24.32 23.85
CA TRP E 895 -20.79 -23.05 24.12
C TRP E 895 -21.60 -22.16 25.06
N ASP E 896 -22.88 -21.97 24.75
CA ASP E 896 -23.77 -21.10 25.52
C ASP E 896 -24.27 -21.65 26.86
N ASP E 897 -23.66 -22.72 27.39
CA ASP E 897 -24.08 -23.33 28.66
C ASP E 897 -23.13 -22.92 29.77
N ARG E 898 -23.59 -21.98 30.62
CA ARG E 898 -22.79 -21.49 31.74
C ARG E 898 -22.20 -22.63 32.59
N TRP E 899 -22.88 -23.77 32.63
CA TRP E 899 -22.45 -24.87 33.49
C TRP E 899 -21.27 -25.72 32.97
N ILE E 900 -20.96 -25.78 31.68
CA ILE E 900 -19.85 -26.64 31.22
C ILE E 900 -18.53 -25.86 31.28
N SER E 901 -17.89 -25.91 32.44
CA SER E 901 -16.59 -25.28 32.62
C SER E 901 -15.47 -26.11 32.02
N ASP E 902 -15.79 -27.26 31.44
CA ASP E 902 -14.84 -28.19 30.86
C ASP E 902 -14.74 -28.14 29.33
N VAL E 903 -15.35 -27.16 28.67
CA VAL E 903 -15.32 -27.09 27.20
C VAL E 903 -13.91 -27.37 26.70
N GLU E 904 -13.78 -28.34 25.79
CA GLU E 904 -12.52 -28.76 25.23
C GLU E 904 -12.33 -28.14 23.84
N ASP E 905 -11.15 -27.59 23.59
CA ASP E 905 -10.86 -26.98 22.30
C ASP E 905 -10.22 -27.99 21.36
N SER E 906 -9.71 -27.50 20.22
CA SER E 906 -9.08 -28.37 19.23
C SER E 906 -7.78 -28.98 19.75
N PHE E 907 -6.88 -28.15 20.26
CA PHE E 907 -5.60 -28.62 20.77
C PHE E 907 -5.79 -29.47 22.03
N GLY E 908 -7.03 -29.72 22.40
CA GLY E 908 -7.39 -30.54 23.54
C GLY E 908 -7.45 -29.85 24.88
N GLN E 909 -7.18 -28.55 24.97
CA GLN E 909 -7.26 -27.86 26.25
C GLN E 909 -8.71 -27.80 26.73
N GLN E 910 -8.89 -27.53 28.02
CA GLN E 910 -10.22 -27.43 28.63
C GLN E 910 -10.46 -25.99 29.06
N TRP E 911 -11.55 -25.40 28.57
CA TRP E 911 -11.92 -24.02 28.85
C TRP E 911 -13.12 -23.90 29.78
N THR E 912 -13.10 -22.87 30.64
CA THR E 912 -14.16 -22.55 31.58
C THR E 912 -15.22 -21.74 30.84
N TYR E 913 -16.11 -21.04 31.57
CA TYR E 913 -17.14 -20.27 30.89
C TYR E 913 -16.72 -18.85 30.52
N GLU E 914 -16.07 -18.12 31.42
CA GLU E 914 -15.68 -16.77 31.03
C GLU E 914 -14.45 -16.76 30.15
N GLN E 915 -13.59 -17.78 30.27
CA GLN E 915 -12.40 -17.83 29.44
C GLN E 915 -12.77 -17.95 27.96
N ARG E 916 -13.84 -18.66 27.63
CA ARG E 916 -14.26 -18.76 26.25
C ARG E 916 -15.14 -17.58 25.84
N LYS E 917 -15.87 -17.02 26.81
CA LYS E 917 -16.68 -15.87 26.46
C LYS E 917 -15.79 -14.68 26.09
N ILE E 918 -14.61 -14.59 26.72
CA ILE E 918 -13.68 -13.50 26.41
C ILE E 918 -13.23 -13.56 24.96
N VAL E 919 -12.91 -14.76 24.46
CA VAL E 919 -12.50 -14.87 23.06
C VAL E 919 -13.67 -14.50 22.14
N GLU E 920 -14.89 -14.90 22.52
CA GLU E 920 -16.04 -14.52 21.70
C GLU E 920 -16.18 -13.00 21.62
N PHE E 921 -15.99 -12.33 22.74
CA PHE E 921 -16.08 -10.87 22.74
C PHE E 921 -14.94 -10.24 21.93
N THR E 922 -13.77 -10.87 21.95
CA THR E 922 -12.68 -10.36 21.13
C THR E 922 -13.06 -10.46 19.66
N CYS E 923 -14.00 -11.35 19.36
CA CYS E 923 -14.49 -11.45 18.00
C CYS E 923 -15.52 -10.38 17.69
N HIS E 924 -16.34 -10.02 18.67
CA HIS E 924 -17.29 -8.94 18.42
C HIS E 924 -16.54 -7.64 18.08
N THR E 925 -15.50 -7.35 18.87
CA THR E 925 -14.71 -6.16 18.62
C THR E 925 -14.00 -6.23 17.27
N SER E 926 -13.42 -7.38 16.94
CA SER E 926 -12.76 -7.49 15.63
C SER E 926 -13.74 -7.28 14.50
N PHE E 927 -14.91 -7.93 14.56
CA PHE E 927 -15.93 -7.75 13.54
C PHE E 927 -16.16 -6.27 13.33
N PHE E 928 -16.45 -5.56 14.43
CA PHE E 928 -16.66 -4.13 14.43
C PHE E 928 -15.60 -3.38 13.61
N ILE E 929 -14.34 -3.63 13.96
CA ILE E 929 -13.24 -2.96 13.25
C ILE E 929 -13.21 -3.36 11.78
N SER E 930 -13.44 -4.64 11.48
CA SER E 930 -13.45 -5.06 10.08
C SER E 930 -14.55 -4.34 9.32
N ILE E 931 -15.60 -3.94 10.02
CA ILE E 931 -16.69 -3.21 9.40
C ILE E 931 -16.27 -1.78 9.11
N VAL E 932 -15.60 -1.14 10.07
CA VAL E 932 -15.14 0.23 9.82
C VAL E 932 -14.14 0.25 8.66
N VAL E 933 -13.25 -0.74 8.64
CA VAL E 933 -12.24 -0.84 7.58
C VAL E 933 -12.90 -1.00 6.23
N VAL E 934 -13.88 -1.91 6.12
CA VAL E 934 -14.54 -2.07 4.82
C VAL E 934 -15.38 -0.82 4.48
N GLN E 935 -15.92 -0.16 5.50
CA GLN E 935 -16.69 1.06 5.26
C GLN E 935 -15.83 2.11 4.59
N TRP E 936 -14.54 2.17 4.97
CA TRP E 936 -13.63 3.11 4.32
C TRP E 936 -13.82 3.04 2.80
N ALA E 937 -13.69 1.82 2.28
CA ALA E 937 -13.82 1.56 0.84
C ALA E 937 -15.21 1.91 0.31
N ASP E 938 -16.26 1.42 0.99
CA ASP E 938 -17.61 1.72 0.52
C ASP E 938 -17.85 3.22 0.40
N LEU E 939 -17.36 3.98 1.38
CA LEU E 939 -17.54 5.42 1.35
C LEU E 939 -16.79 6.06 0.19
N ILE E 940 -15.53 5.68 0.00
CA ILE E 940 -14.76 6.26 -1.11
C ILE E 940 -15.46 6.00 -2.44
N ILE E 941 -15.88 4.74 -2.66
CA ILE E 941 -16.56 4.45 -3.91
C ILE E 941 -17.92 5.14 -4.01
N CYS E 942 -18.49 5.61 -2.90
CA CYS E 942 -19.79 6.26 -3.02
C CYS E 942 -19.73 7.69 -3.54
N LYS E 943 -18.57 8.36 -3.50
CA LYS E 943 -18.48 9.75 -3.93
C LYS E 943 -18.96 10.00 -5.37
N THR E 944 -18.59 9.13 -6.31
CA THR E 944 -18.98 9.32 -7.71
C THR E 944 -19.59 8.05 -8.27
N ARG E 945 -20.51 8.21 -9.23
CA ARG E 945 -21.13 7.06 -9.87
C ARG E 945 -20.74 6.89 -11.33
N ARG E 946 -20.11 7.90 -11.95
CA ARG E 946 -19.70 7.79 -13.35
C ARG E 946 -18.22 8.11 -13.53
N ASN E 947 -17.67 9.00 -12.72
CA ASN E 947 -16.26 9.34 -12.80
C ASN E 947 -15.48 8.62 -11.71
N SER E 948 -14.16 8.62 -11.87
CA SER E 948 -13.30 7.99 -10.88
C SER E 948 -13.02 8.98 -9.76
N ILE E 949 -12.35 8.50 -8.70
CA ILE E 949 -12.00 9.42 -7.63
C ILE E 949 -10.72 10.14 -8.03
N PHE E 950 -9.95 9.55 -8.95
CA PHE E 950 -8.75 10.22 -9.44
C PHE E 950 -9.15 11.44 -10.25
N GLN E 951 -10.33 11.37 -10.90
CA GLN E 951 -10.87 12.47 -11.68
C GLN E 951 -11.57 13.47 -10.77
N GLN E 952 -12.44 12.97 -9.89
CA GLN E 952 -13.20 13.83 -8.99
C GLN E 952 -12.30 14.44 -7.93
N GLY E 953 -11.42 13.67 -7.32
CA GLY E 953 -10.62 14.37 -6.34
C GLY E 953 -11.16 14.22 -4.93
N MET E 954 -10.24 14.35 -3.98
CA MET E 954 -10.49 14.23 -2.54
C MET E 954 -10.59 15.58 -1.87
N LYS E 955 -11.27 16.54 -2.49
CA LYS E 955 -11.41 17.86 -1.91
C LYS E 955 -12.55 17.99 -0.91
N ASN E 956 -13.31 16.93 -0.65
CA ASN E 956 -14.38 17.00 0.35
C ASN E 956 -13.74 16.85 1.72
N LYS E 957 -13.88 17.87 2.56
CA LYS E 957 -13.26 17.84 3.88
C LYS E 957 -14.08 17.07 4.91
N ILE E 958 -15.41 17.18 4.88
CA ILE E 958 -16.24 16.48 5.85
C ILE E 958 -16.08 14.96 5.71
N LEU E 959 -15.98 14.46 4.48
CA LEU E 959 -15.82 13.02 4.28
C LEU E 959 -14.52 12.53 4.89
N ILE E 960 -13.45 13.33 4.76
CA ILE E 960 -12.18 12.95 5.36
C ILE E 960 -12.34 12.87 6.87
N PHE E 961 -12.92 13.93 7.45
CA PHE E 961 -13.21 14.02 8.87
C PHE E 961 -13.84 12.73 9.32
N GLY E 962 -14.77 12.22 8.51
CA GLY E 962 -15.46 10.98 8.86
C GLY E 962 -14.53 9.78 8.89
N LEU E 963 -13.61 9.67 7.93
CA LEU E 963 -12.72 8.51 7.96
C LEU E 963 -11.85 8.49 9.21
N PHE E 964 -11.21 9.63 9.50
CA PHE E 964 -10.34 9.70 10.67
C PHE E 964 -11.12 9.50 11.97
N GLU E 965 -12.29 10.13 12.08
CA GLU E 965 -13.08 10.01 13.31
C GLU E 965 -13.55 8.58 13.55
N GLU E 966 -14.07 7.88 12.53
CA GLU E 966 -14.50 6.51 12.80
C GLU E 966 -13.31 5.70 13.31
N THR E 967 -12.22 5.66 12.52
CA THR E 967 -11.03 4.92 12.95
C THR E 967 -10.72 5.19 14.42
N ALA E 968 -10.83 6.47 14.83
CA ALA E 968 -10.57 6.83 16.22
C ALA E 968 -11.57 6.16 17.17
N LEU E 969 -12.85 6.12 16.79
CA LEU E 969 -13.85 5.51 17.68
C LEU E 969 -13.54 4.04 17.92
N ALA E 970 -13.14 3.33 16.87
CA ALA E 970 -12.85 1.91 17.05
C ALA E 970 -11.59 1.71 17.89
N ALA E 971 -10.53 2.47 17.62
CA ALA E 971 -9.32 2.31 18.41
C ALA E 971 -9.57 2.66 19.87
N PHE E 972 -10.33 3.72 20.11
CA PHE E 972 -10.63 4.15 21.46
C PHE E 972 -11.42 3.11 22.24
N LEU E 973 -12.54 2.64 21.68
CA LEU E 973 -13.35 1.66 22.41
C LEU E 973 -12.63 0.34 22.60
N SER E 974 -11.76 -0.06 21.67
CA SER E 974 -11.09 -1.34 21.86
C SER E 974 -9.99 -1.25 22.91
N TYR E 975 -9.26 -0.13 22.96
CA TYR E 975 -8.13 -0.02 23.88
C TYR E 975 -8.39 0.63 25.24
N CYS E 976 -9.43 1.46 25.39
CA CYS E 976 -9.67 2.14 26.68
C CYS E 976 -9.78 1.14 27.83
N PRO E 977 -9.18 1.45 29.02
CA PRO E 977 -9.16 0.64 30.26
C PRO E 977 -10.44 0.73 31.10
N GLY E 978 -11.48 0.03 30.69
CA GLY E 978 -12.71 0.09 31.46
C GLY E 978 -13.92 -0.27 30.63
N THR E 979 -13.75 -0.21 29.30
CA THR E 979 -14.84 -0.63 28.43
C THR E 979 -15.15 -2.10 28.68
N ASP E 980 -14.14 -2.86 29.11
CA ASP E 980 -14.31 -4.28 29.43
C ASP E 980 -15.51 -4.47 30.35
N VAL E 981 -15.48 -3.81 31.49
CA VAL E 981 -16.54 -3.91 32.50
C VAL E 981 -17.87 -3.36 31.99
N ALA E 982 -17.86 -2.18 31.38
CA ALA E 982 -19.10 -1.51 30.96
C ALA E 982 -19.66 -1.94 29.60
N LEU E 983 -18.91 -1.79 28.51
CA LEU E 983 -19.47 -2.11 27.19
C LEU E 983 -19.24 -3.54 26.71
N ARG E 984 -18.22 -4.26 27.22
CA ARG E 984 -17.83 -5.63 26.84
C ARG E 984 -16.98 -5.74 25.58
N MET E 985 -16.08 -4.79 25.37
CA MET E 985 -15.15 -4.81 24.25
C MET E 985 -13.76 -5.07 24.81
N TYR E 986 -12.98 -5.89 24.12
CA TYR E 986 -11.65 -6.22 24.60
C TYR E 986 -10.57 -5.75 23.65
N PRO E 987 -9.34 -5.55 24.15
CA PRO E 987 -8.25 -5.09 23.28
C PRO E 987 -7.99 -6.03 22.13
N LEU E 988 -7.61 -5.44 21.01
CA LEU E 988 -7.30 -6.17 19.78
C LEU E 988 -5.79 -6.16 19.58
N LYS E 989 -5.23 -7.33 19.27
CA LYS E 989 -3.81 -7.39 19.05
C LYS E 989 -3.50 -6.78 17.68
N PRO E 990 -2.25 -6.38 17.43
CA PRO E 990 -1.93 -5.74 16.14
C PRO E 990 -2.06 -6.58 14.89
N SER E 991 -1.76 -7.89 14.90
CA SER E 991 -1.88 -8.62 13.64
C SER E 991 -3.32 -8.77 13.15
N TRP E 992 -4.31 -8.48 14.00
CA TRP E 992 -5.72 -8.64 13.65
C TRP E 992 -6.29 -7.48 12.85
N TRP E 993 -5.92 -6.23 13.16
CA TRP E 993 -6.47 -5.07 12.46
C TRP E 993 -6.44 -5.22 10.94
N PHE E 994 -5.42 -5.91 10.42
CA PHE E 994 -5.20 -6.10 8.98
C PHE E 994 -6.04 -7.18 8.31
N CYS E 995 -6.80 -8.00 9.06
CA CYS E 995 -7.58 -9.06 8.42
C CYS E 995 -8.59 -8.54 7.40
N ALA E 996 -9.15 -7.35 7.61
CA ALA E 996 -10.15 -6.82 6.67
C ALA E 996 -9.56 -6.07 5.49
N PHE E 997 -8.25 -5.85 5.46
CA PHE E 997 -7.62 -5.10 4.36
C PHE E 997 -7.82 -5.69 2.96
N PRO E 998 -7.70 -7.00 2.72
CA PRO E 998 -7.90 -7.49 1.35
C PRO E 998 -9.32 -7.26 0.83
N TYR E 999 -10.30 -7.39 1.71
CA TYR E 999 -11.68 -7.17 1.31
C TYR E 999 -11.98 -5.69 1.09
N SER E 1000 -11.19 -4.81 1.70
CA SER E 1000 -11.41 -3.39 1.48
C SER E 1000 -10.82 -2.95 0.14
N LEU E 1001 -9.67 -3.53 -0.25
CA LEU E 1001 -9.13 -3.13 -1.54
C LEU E 1001 -9.94 -3.69 -2.70
N ILE E 1002 -10.48 -4.91 -2.53
CA ILE E 1002 -11.25 -5.50 -3.63
C ILE E 1002 -12.47 -4.66 -4.00
N ILE E 1003 -13.16 -4.11 -2.99
CA ILE E 1003 -14.37 -3.31 -3.28
C ILE E 1003 -14.01 -2.08 -4.11
N PHE E 1004 -12.93 -1.40 -3.74
CA PHE E 1004 -12.52 -0.19 -4.46
C PHE E 1004 -12.16 -0.51 -5.91
N LEU E 1005 -11.29 -1.51 -6.12
CA LEU E 1005 -10.90 -1.83 -7.49
C LEU E 1005 -12.09 -2.26 -8.34
N TYR E 1006 -13.01 -3.03 -7.75
CA TYR E 1006 -14.17 -3.47 -8.51
C TYR E 1006 -14.99 -2.28 -9.00
N ASP E 1007 -15.32 -1.35 -8.10
CA ASP E 1007 -16.13 -0.21 -8.55
C ASP E 1007 -15.38 0.62 -9.59
N GLU E 1008 -14.06 0.76 -9.46
CA GLU E 1008 -13.33 1.57 -10.44
C GLU E 1008 -13.47 0.99 -11.84
N MET E 1009 -13.26 -0.32 -12.00
CA MET E 1009 -13.43 -0.88 -13.34
C MET E 1009 -14.88 -0.76 -13.78
N ARG E 1010 -15.81 -1.19 -12.91
CA ARG E 1010 -17.25 -1.14 -13.15
C ARG E 1010 -17.63 0.18 -13.81
N ARG E 1011 -16.91 1.25 -13.45
CA ARG E 1011 -17.11 2.57 -14.02
C ARG E 1011 -16.41 2.78 -15.34
N PHE E 1012 -15.19 2.27 -15.47
CA PHE E 1012 -14.50 2.46 -16.74
C PHE E 1012 -15.34 1.90 -17.87
N ILE E 1013 -15.89 0.70 -17.64
CA ILE E 1013 -16.75 0.06 -18.62
C ILE E 1013 -17.99 0.89 -18.90
N ILE E 1014 -18.49 1.63 -17.92
CA ILE E 1014 -19.66 2.47 -18.15
C ILE E 1014 -19.30 3.61 -19.10
N ARG E 1015 -18.27 4.38 -18.73
CA ARG E 1015 -17.83 5.51 -19.54
C ARG E 1015 -17.60 5.11 -20.99
N ARG E 1016 -16.93 3.97 -21.22
CA ARG E 1016 -16.63 3.57 -22.60
C ARG E 1016 -17.85 3.04 -23.38
N SER E 1017 -18.69 2.20 -22.76
CA SER E 1017 -19.83 1.61 -23.48
C SER E 1017 -21.21 2.06 -23.01
N PRO E 1018 -21.77 3.14 -23.54
CA PRO E 1018 -23.11 3.57 -23.14
C PRO E 1018 -24.19 2.60 -23.63
N GLY E 1019 -25.28 2.53 -22.85
CA GLY E 1019 -26.37 1.65 -23.22
C GLY E 1019 -25.96 0.20 -23.32
N GLY E 1020 -24.91 -0.21 -22.61
CA GLY E 1020 -24.44 -1.56 -22.64
C GLY E 1020 -25.12 -2.41 -21.59
N TRP E 1021 -24.48 -3.52 -21.25
CA TRP E 1021 -25.08 -4.39 -20.23
C TRP E 1021 -24.87 -3.83 -18.84
N VAL E 1022 -23.66 -3.30 -18.57
CA VAL E 1022 -23.37 -2.75 -17.25
C VAL E 1022 -24.30 -1.58 -16.94
N GLU E 1023 -24.49 -0.66 -17.89
CA GLU E 1023 -25.36 0.47 -17.59
C GLU E 1023 -26.81 0.04 -17.43
N GLN E 1024 -27.25 -1.00 -18.16
CA GLN E 1024 -28.61 -1.44 -18.01
C GLN E 1024 -28.83 -2.10 -16.66
N GLU E 1025 -27.82 -2.83 -16.17
CA GLU E 1025 -27.90 -3.59 -14.93
C GLU E 1025 -27.44 -2.91 -13.63
N THR E 1026 -26.23 -2.33 -13.58
CA THR E 1026 -25.75 -1.76 -12.31
C THR E 1026 -25.81 -0.24 -12.15
N TYR E 1027 -26.16 0.55 -13.18
CA TYR E 1027 -26.20 2.01 -12.98
C TYR E 1027 -27.47 2.38 -12.24
N TYR E 1028 -27.34 2.78 -10.97
CA TYR E 1028 -28.50 3.16 -10.18
C TYR E 1028 -28.79 4.65 -10.32
N GLU F 24 9.58 -26.18 27.82
CA GLU F 24 10.86 -25.49 27.81
C GLU F 24 11.34 -25.23 29.24
N GLY F 25 11.08 -26.18 30.12
CA GLY F 25 11.48 -26.04 31.51
C GLY F 25 10.33 -25.63 32.40
N PRO F 26 10.46 -25.91 33.70
CA PRO F 26 9.38 -25.53 34.64
C PRO F 26 9.08 -24.04 34.66
N ASP F 27 10.11 -23.20 34.69
CA ASP F 27 9.93 -21.74 34.74
C ASP F 27 9.73 -21.13 33.35
N ASN F 28 8.68 -21.59 32.68
CA ASN F 28 8.32 -21.09 31.35
C ASN F 28 7.06 -20.25 31.44
N ASP F 29 6.99 -19.46 32.52
CA ASP F 29 5.83 -18.60 32.78
C ASP F 29 5.60 -17.55 31.71
N GLU F 30 6.63 -17.15 30.97
CA GLU F 30 6.45 -16.12 29.94
C GLU F 30 5.42 -16.57 28.90
N ARG F 31 5.38 -17.86 28.59
CA ARG F 31 4.45 -18.39 27.60
C ARG F 31 2.98 -18.15 27.98
N PHE F 32 2.71 -17.64 29.19
CA PHE F 32 1.35 -17.38 29.65
C PHE F 32 1.15 -15.91 30.05
N THR F 33 2.00 -15.00 29.56
CA THR F 33 1.91 -13.59 29.91
C THR F 33 1.81 -12.73 28.65
N TYR F 34 1.07 -11.63 28.75
CA TYR F 34 0.90 -10.70 27.65
C TYR F 34 0.94 -9.27 28.18
N ASP F 35 1.64 -8.38 27.46
CA ASP F 35 1.79 -6.99 27.87
C ASP F 35 0.64 -6.14 27.32
N TYR F 36 -0.53 -6.29 27.94
CA TYR F 36 -1.69 -5.53 27.52
C TYR F 36 -1.54 -4.05 27.83
N TYR F 37 -0.76 -3.71 28.86
CA TYR F 37 -0.55 -2.32 29.25
C TYR F 37 0.04 -1.50 28.10
N ARG F 38 1.18 -1.94 27.56
CA ARG F 38 1.81 -1.22 26.47
C ARG F 38 0.87 -1.12 25.27
N LEU F 39 0.11 -2.19 25.01
CA LEU F 39 -0.82 -2.18 23.90
C LEU F 39 -1.88 -1.09 24.07
N ARG F 40 -2.43 -0.97 25.28
CA ARG F 40 -3.42 0.06 25.53
C ARG F 40 -2.83 1.45 25.39
N VAL F 41 -1.60 1.63 25.90
CA VAL F 41 -0.97 2.94 25.80
C VAL F 41 -0.83 3.35 24.34
N VAL F 42 -0.29 2.46 23.50
CA VAL F 42 -0.10 2.79 22.08
C VAL F 42 -1.45 3.04 21.40
N GLY F 43 -2.45 2.17 21.68
CA GLY F 43 -3.75 2.37 21.06
C GLY F 43 -4.36 3.70 21.41
N LEU F 44 -4.12 4.18 22.63
CA LEU F 44 -4.67 5.46 23.02
C LEU F 44 -3.93 6.60 22.35
N ILE F 45 -2.60 6.50 22.25
CA ILE F 45 -1.84 7.55 21.57
C ILE F 45 -2.35 7.71 20.15
N VAL F 46 -2.54 6.57 19.46
CA VAL F 46 -3.00 6.60 18.07
C VAL F 46 -4.40 7.20 17.99
N ALA F 47 -5.31 6.78 18.88
CA ALA F 47 -6.66 7.33 18.83
C ALA F 47 -6.64 8.85 18.97
N ALA F 48 -5.87 9.34 19.94
CA ALA F 48 -5.79 10.79 20.16
C ALA F 48 -5.25 11.49 18.92
N VAL F 49 -4.25 10.90 18.27
CA VAL F 49 -3.66 11.53 17.08
C VAL F 49 -4.66 11.58 15.94
N LEU F 50 -5.32 10.46 15.64
CA LEU F 50 -6.28 10.46 14.54
C LEU F 50 -7.40 11.46 14.78
N CYS F 51 -7.89 11.52 16.02
CA CYS F 51 -8.95 12.48 16.34
C CYS F 51 -8.48 13.92 16.13
N VAL F 52 -7.24 14.23 16.54
CA VAL F 52 -6.73 15.58 16.35
C VAL F 52 -6.68 15.91 14.87
N ILE F 53 -6.08 15.02 14.06
CA ILE F 53 -6.02 15.24 12.62
C ILE F 53 -7.39 15.59 12.10
N GLY F 54 -8.40 14.86 12.57
CA GLY F 54 -9.78 15.08 12.19
C GLY F 54 -10.27 16.49 12.47
N ILE F 55 -10.10 16.94 13.73
CA ILE F 55 -10.55 18.28 14.09
C ILE F 55 -9.86 19.33 13.22
N ILE F 56 -8.55 19.18 13.03
CA ILE F 56 -7.77 20.12 12.24
C ILE F 56 -8.35 20.24 10.84
N ILE F 57 -8.65 19.11 10.20
CA ILE F 57 -9.18 19.16 8.84
C ILE F 57 -10.60 19.72 8.81
N LEU F 58 -11.46 19.30 9.74
CA LEU F 58 -12.84 19.76 9.75
C LEU F 58 -12.97 21.26 9.97
N LEU F 59 -12.11 21.85 10.80
CA LEU F 59 -12.23 23.28 11.11
C LEU F 59 -11.29 24.20 10.33
N ALA F 60 -10.37 23.68 9.50
CA ALA F 60 -9.42 24.53 8.80
C ALA F 60 -10.07 25.71 8.08
N GLY F 61 -9.91 26.91 8.63
CA GLY F 61 -10.45 28.14 8.06
C GLY F 61 -11.55 28.79 8.88
N LYS F 62 -12.18 28.06 9.80
CA LYS F 62 -13.32 28.46 10.64
C LYS F 62 -14.60 28.28 9.84
N CYS F 63 -14.53 27.43 8.82
CA CYS F 63 -15.66 27.09 7.95
C CYS F 63 -15.29 25.89 7.09
#